data_3L89
#
_entry.id   3L89
#
_cell.length_a   94.530
_cell.length_b   107.710
_cell.length_c   154.100
_cell.angle_alpha   90.01
_cell.angle_beta   90.10
_cell.angle_gamma   104.70
#
_symmetry.space_group_name_H-M   'P 1'
#
loop_
_entity.id
_entity.type
_entity.pdbx_description
1 polymer 'Fiber protein'
2 polymer 'Membrane cofactor protein'
3 non-polymer 2-acetamido-2-deoxy-beta-D-glucopyranose
#
loop_
_entity_poly.entity_id
_entity_poly.type
_entity_poly.pdbx_seq_one_letter_code
_entity_poly.pdbx_strand_id
1 'polypeptide(L)'
;GDICIKDSINTLWTGIKPPPNCQIVENTDTNDGKLTLVLVKNGGLVNGYVSLVGVSDTVNQMFTQKSATIQLRLYFDSSG
NLLTDESNLKIPLKNKSSTATSEAATSSKAFMPSTTAYPFNTTTRDSENYIHGICYYMTSYDRSLVPLNISIMLNSRTIS
SNVAYAIQFEWNLNAKESPESNIATLTTSPFFFSYIREDDN
;
A,B,C,D,E,F,G,H,I,J,K,L
2 'polypeptide(L)'
;CEEPPTFEAMELIGKPKPYYEIGERVDYKCKKGYFYIPPLATHTICDRNHTWLPVSDDACYRETCPYIRDPLNGQAVPAN
GTYEFGYQMHFICNEGYYLIGEEILYCELKGSVAIWSGKPPICEKV
;
M,N,O,P,Q,R,S,T,U,V,W,X
#
loop_
_chem_comp.id
_chem_comp.type
_chem_comp.name
_chem_comp.formula
NAG D-saccharide, beta linking 2-acetamido-2-deoxy-beta-D-glucopyranose 'C8 H15 N O6'
#
# COMPACT_ATOMS: atom_id res chain seq x y z
N ASP A 7 36.85 -21.94 -36.55
CA ASP A 7 37.80 -20.83 -36.53
C ASP A 7 39.13 -21.18 -37.21
N SER A 8 39.43 -20.50 -38.31
CA SER A 8 40.72 -20.62 -39.00
C SER A 8 41.53 -19.33 -38.89
N ILE A 9 42.14 -19.13 -37.72
CA ILE A 9 42.77 -17.85 -37.37
C ILE A 9 41.72 -16.74 -37.39
N ASN A 10 40.99 -16.58 -36.30
CA ASN A 10 39.91 -15.61 -36.25
C ASN A 10 40.20 -14.38 -35.39
N THR A 11 41.04 -14.55 -34.37
CA THR A 11 41.30 -13.48 -33.42
C THR A 11 42.75 -13.01 -33.42
N LEU A 12 42.94 -11.69 -33.40
CA LEU A 12 44.25 -11.10 -33.23
C LEU A 12 44.21 -10.17 -32.02
N TRP A 13 45.01 -10.47 -31.00
CA TRP A 13 44.92 -9.72 -29.75
C TRP A 13 46.25 -9.59 -28.99
N THR A 14 46.18 -8.93 -27.84
CA THR A 14 47.35 -8.77 -26.98
C THR A 14 47.39 -9.89 -25.96
N GLY A 15 46.28 -10.60 -25.85
CA GLY A 15 46.16 -11.66 -24.89
C GLY A 15 45.52 -11.19 -23.60
N ILE A 16 44.91 -12.12 -22.88
CA ILE A 16 44.17 -11.80 -21.67
C ILE A 16 45.09 -11.42 -20.50
N LYS A 17 44.80 -10.29 -19.87
CA LYS A 17 45.52 -9.87 -18.66
C LYS A 17 47.02 -9.84 -18.92
N PRO A 18 47.47 -8.95 -19.81
CA PRO A 18 48.85 -8.88 -20.29
C PRO A 18 49.80 -8.20 -19.31
N PRO A 19 51.12 -8.37 -19.52
CA PRO A 19 52.16 -7.69 -18.74
C PRO A 19 52.29 -6.25 -19.21
N PRO A 20 52.95 -5.39 -18.42
CA PRO A 20 53.17 -4.02 -18.89
C PRO A 20 53.71 -4.07 -20.30
N ASN A 21 52.94 -3.56 -21.26
CA ASN A 21 53.24 -3.79 -22.67
C ASN A 21 53.20 -2.55 -23.55
N CYS A 22 53.23 -1.37 -22.95
CA CYS A 22 53.27 -0.14 -23.73
C CYS A 22 53.76 1.06 -22.95
N GLN A 23 54.18 2.08 -23.69
CA GLN A 23 54.70 3.29 -23.09
C GLN A 23 53.72 4.43 -23.31
N ILE A 24 53.27 5.01 -22.20
CA ILE A 24 52.28 6.08 -22.20
C ILE A 24 52.92 7.45 -21.98
N VAL A 25 53.80 7.52 -20.99
CA VAL A 25 54.53 8.75 -20.71
C VAL A 25 55.44 9.10 -21.90
N GLU A 26 55.44 10.39 -22.26
CA GLU A 26 56.18 10.87 -23.43
C GLU A 26 57.63 10.36 -23.48
N ASN A 27 58.47 10.89 -22.59
CA ASN A 27 59.89 10.50 -22.57
C ASN A 27 60.22 9.44 -21.53
N THR A 28 60.33 8.19 -21.98
CA THR A 28 60.79 7.08 -21.15
C THR A 28 61.00 5.83 -21.99
N ASP A 29 61.48 4.76 -21.36
CA ASP A 29 61.70 3.49 -22.06
C ASP A 29 61.19 2.29 -21.27
N THR A 30 60.62 2.54 -20.09
CA THR A 30 60.01 1.47 -19.31
C THR A 30 58.51 1.43 -19.56
N ASN A 31 57.99 0.24 -19.85
CA ASN A 31 56.58 0.08 -20.13
C ASN A 31 55.74 0.43 -18.91
N ASP A 32 54.78 1.34 -19.07
CA ASP A 32 54.00 1.84 -17.95
C ASP A 32 52.49 1.68 -18.17
N GLY A 33 52.13 0.89 -19.17
CA GLY A 33 50.73 0.66 -19.47
C GLY A 33 50.44 -0.79 -19.81
N LYS A 34 49.26 -1.25 -19.42
CA LYS A 34 48.78 -2.57 -19.81
C LYS A 34 47.61 -2.43 -20.78
N LEU A 35 47.91 -2.43 -22.07
CA LEU A 35 46.89 -2.30 -23.10
C LEU A 35 46.28 -3.65 -23.48
N THR A 36 44.99 -3.81 -23.23
CA THR A 36 44.27 -4.99 -23.70
C THR A 36 43.57 -4.64 -25.00
N LEU A 37 43.98 -5.27 -26.09
CA LEU A 37 43.32 -5.06 -27.37
C LEU A 37 42.91 -6.39 -27.98
N VAL A 38 41.68 -6.47 -28.45
CA VAL A 38 41.19 -7.68 -29.11
C VAL A 38 40.56 -7.29 -30.44
N LEU A 39 41.13 -7.76 -31.54
CA LEU A 39 40.57 -7.53 -32.87
C LEU A 39 40.05 -8.83 -33.47
N VAL A 40 38.78 -8.85 -33.88
CA VAL A 40 38.17 -10.05 -34.40
C VAL A 40 37.62 -9.89 -35.81
N LYS A 41 37.97 -10.83 -36.68
CA LYS A 41 37.47 -10.82 -38.06
C LYS A 41 36.00 -11.21 -38.07
N ASN A 42 35.20 -10.44 -38.79
CA ASN A 42 33.76 -10.67 -38.87
C ASN A 42 33.20 -10.08 -40.16
N GLY A 43 33.03 -10.92 -41.17
CA GLY A 43 32.56 -10.44 -42.46
C GLY A 43 33.56 -9.50 -43.11
N GLY A 44 33.09 -8.32 -43.51
CA GLY A 44 33.97 -7.31 -44.07
C GLY A 44 34.48 -6.37 -42.99
N LEU A 45 34.08 -6.65 -41.76
CA LEU A 45 34.38 -5.77 -40.63
C LEU A 45 35.33 -6.41 -39.63
N VAL A 46 35.87 -5.59 -38.73
CA VAL A 46 36.61 -6.09 -37.57
C VAL A 46 35.91 -5.61 -36.32
N ASN A 47 35.71 -6.50 -35.36
CA ASN A 47 35.17 -6.09 -34.06
C ASN A 47 36.30 -5.78 -33.10
N GLY A 48 36.18 -4.66 -32.39
CA GLY A 48 37.24 -4.21 -31.52
C GLY A 48 36.82 -4.17 -30.07
N TYR A 49 37.79 -4.44 -29.20
CA TYR A 49 37.61 -4.38 -27.74
C TYR A 49 38.92 -3.83 -27.20
N VAL A 50 38.85 -2.69 -26.52
CA VAL A 50 40.08 -2.07 -26.03
C VAL A 50 39.93 -1.43 -24.65
N SER A 51 40.69 -1.93 -23.68
CA SER A 51 40.73 -1.34 -22.34
C SER A 51 42.18 -1.00 -21.98
N LEU A 52 42.36 -0.06 -21.04
CA LEU A 52 43.70 0.35 -20.64
C LEU A 52 43.87 0.33 -19.13
N VAL A 53 45.05 -0.08 -18.66
CA VAL A 53 45.36 -0.08 -17.24
C VAL A 53 46.71 0.59 -16.97
N GLY A 54 46.76 1.43 -15.94
CA GLY A 54 47.97 2.15 -15.60
C GLY A 54 48.91 1.34 -14.73
N VAL A 55 50.20 1.36 -15.07
CA VAL A 55 51.19 0.60 -14.31
C VAL A 55 52.11 1.51 -13.48
N SER A 56 52.69 2.53 -14.12
CA SER A 56 53.62 3.44 -13.45
C SER A 56 52.92 4.39 -12.48
N ASP A 57 53.70 5.01 -11.60
CA ASP A 57 53.13 5.96 -10.67
C ASP A 57 52.76 7.24 -11.41
N THR A 58 53.67 7.72 -12.26
CA THR A 58 53.42 8.96 -12.98
C THR A 58 52.12 8.87 -13.80
N VAL A 59 51.86 7.70 -14.38
CA VAL A 59 50.62 7.52 -15.13
C VAL A 59 49.43 7.49 -14.19
N ASN A 60 49.56 6.78 -13.07
CA ASN A 60 48.47 6.67 -12.12
C ASN A 60 48.25 7.94 -11.30
N GLN A 61 48.96 8.99 -11.67
CA GLN A 61 48.76 10.30 -11.04
C GLN A 61 48.03 11.23 -12.00
N MET A 62 47.92 10.82 -13.25
CA MET A 62 47.36 11.68 -14.30
C MET A 62 45.97 12.18 -13.97
N PHE A 63 45.21 11.38 -13.23
CA PHE A 63 43.83 11.74 -12.90
C PHE A 63 43.69 12.50 -11.57
N THR A 64 44.78 13.11 -11.11
CA THR A 64 44.70 14.07 -10.02
C THR A 64 44.57 15.47 -10.61
N GLN A 65 44.55 15.54 -11.94
CA GLN A 65 44.36 16.79 -12.66
C GLN A 65 42.90 16.92 -13.09
N LYS A 66 42.48 18.15 -13.39
CA LYS A 66 41.13 18.38 -13.91
C LYS A 66 40.99 17.74 -15.28
N SER A 67 42.12 17.54 -15.96
CA SER A 67 42.11 16.98 -17.29
C SER A 67 43.46 16.41 -17.66
N ALA A 68 43.43 15.30 -18.39
CA ALA A 68 44.64 14.69 -18.92
C ALA A 68 44.35 14.08 -20.27
N THR A 69 45.37 13.53 -20.89
CA THR A 69 45.23 12.93 -22.21
C THR A 69 46.24 11.80 -22.39
N ILE A 70 45.78 10.70 -22.96
CA ILE A 70 46.65 9.56 -23.21
C ILE A 70 46.51 9.12 -24.68
N GLN A 71 47.62 8.99 -25.37
CA GLN A 71 47.59 8.62 -26.78
C GLN A 71 48.57 7.51 -27.13
N LEU A 72 48.05 6.32 -27.42
CA LEU A 72 48.86 5.22 -27.90
C LEU A 72 48.64 5.01 -29.38
N ARG A 73 49.70 4.99 -30.16
CA ARG A 73 49.57 4.71 -31.59
C ARG A 73 50.34 3.47 -32.01
N LEU A 74 49.65 2.60 -32.76
CA LEU A 74 50.25 1.37 -33.27
C LEU A 74 50.47 1.49 -34.78
N TYR A 75 51.67 1.14 -35.22
CA TYR A 75 51.98 1.10 -36.64
C TYR A 75 52.24 -0.32 -37.10
N PHE A 76 51.99 -0.59 -38.38
CA PHE A 76 52.17 -1.93 -38.92
C PHE A 76 52.91 -1.88 -40.27
N ASP A 77 53.60 -2.97 -40.61
CA ASP A 77 54.27 -3.08 -41.90
C ASP A 77 53.27 -3.54 -42.94
N SER A 78 53.74 -3.83 -44.15
CA SER A 78 52.85 -4.27 -45.22
C SER A 78 52.26 -5.65 -44.93
N SER A 79 52.88 -6.37 -44.00
CA SER A 79 52.47 -7.73 -43.65
C SER A 79 51.36 -7.71 -42.62
N GLY A 80 51.28 -6.63 -41.86
CA GLY A 80 50.28 -6.49 -40.81
C GLY A 80 50.88 -6.75 -39.44
N ASN A 81 52.21 -6.66 -39.36
CA ASN A 81 52.90 -6.91 -38.11
C ASN A 81 53.30 -5.63 -37.41
N LEU A 82 53.14 -5.61 -36.10
CA LEU A 82 53.47 -4.44 -35.31
C LEU A 82 54.92 -4.01 -35.55
N LEU A 83 55.12 -2.74 -35.90
CA LEU A 83 56.46 -2.19 -35.94
C LEU A 83 56.78 -1.71 -34.54
N THR A 84 57.26 -2.62 -33.72
CA THR A 84 57.41 -2.38 -32.30
C THR A 84 58.27 -1.15 -31.97
N ASP A 85 59.11 -0.74 -32.91
CA ASP A 85 60.05 0.36 -32.68
C ASP A 85 59.35 1.71 -32.66
N GLU A 86 58.45 1.91 -33.62
CA GLU A 86 57.76 3.19 -33.80
C GLU A 86 56.52 3.32 -32.92
N SER A 87 55.97 2.19 -32.49
CA SER A 87 54.69 2.16 -31.79
C SER A 87 54.81 2.39 -30.29
N ASN A 88 53.73 2.85 -29.67
CA ASN A 88 53.69 2.96 -28.21
C ASN A 88 53.42 1.60 -27.60
N LEU A 89 52.95 0.68 -28.44
CA LEU A 89 52.75 -0.71 -28.03
C LEU A 89 54.04 -1.44 -28.31
N LYS A 90 54.63 -2.01 -27.26
CA LYS A 90 55.98 -2.55 -27.36
C LYS A 90 56.02 -4.08 -27.47
N ILE A 91 54.85 -4.71 -27.57
CA ILE A 91 54.79 -6.16 -27.73
C ILE A 91 53.84 -6.55 -28.84
N PRO A 92 54.33 -7.32 -29.82
CA PRO A 92 53.56 -7.67 -31.02
C PRO A 92 52.24 -8.33 -30.66
N LEU A 93 51.26 -8.18 -31.54
CA LEU A 93 49.99 -8.86 -31.37
C LEU A 93 50.19 -10.32 -31.75
N LYS A 94 49.26 -11.17 -31.30
CA LYS A 94 49.33 -12.60 -31.60
C LYS A 94 47.92 -13.16 -31.78
N ASN A 95 47.81 -14.26 -32.53
CA ASN A 95 46.53 -14.92 -32.70
C ASN A 95 46.15 -15.72 -31.45
N LYS A 96 44.88 -16.08 -31.34
CA LYS A 96 44.41 -16.82 -30.20
C LYS A 96 44.73 -18.30 -30.37
N SER A 97 45.04 -18.69 -31.60
CA SER A 97 45.48 -20.07 -31.91
C SER A 97 46.64 -20.52 -31.01
N SER A 107 49.65 -14.06 -42.76
CA SER A 107 49.63 -12.62 -42.57
C SER A 107 48.55 -12.17 -41.57
N SER A 108 48.79 -11.03 -40.93
CA SER A 108 47.79 -10.40 -40.07
C SER A 108 47.11 -9.31 -40.88
N LYS A 109 47.49 -9.20 -42.15
CA LYS A 109 46.95 -8.18 -43.05
C LYS A 109 45.42 -8.15 -43.00
N ALA A 110 44.81 -9.32 -42.85
CA ALA A 110 43.36 -9.42 -42.84
C ALA A 110 42.72 -8.57 -41.75
N PHE A 111 43.48 -8.28 -40.70
CA PHE A 111 42.95 -7.56 -39.54
C PHE A 111 43.12 -6.04 -39.64
N MET A 112 44.01 -5.58 -40.50
CA MET A 112 44.30 -4.15 -40.63
C MET A 112 43.11 -3.35 -41.14
N PRO A 113 43.12 -2.04 -40.92
CA PRO A 113 42.09 -1.15 -41.44
C PRO A 113 42.25 -0.94 -42.94
N SER A 114 41.21 -1.22 -43.72
CA SER A 114 41.23 -1.02 -45.17
C SER A 114 41.86 0.31 -45.58
N THR A 115 42.68 0.27 -46.61
CA THR A 115 43.35 1.47 -47.10
C THR A 115 42.42 2.30 -47.96
N THR A 116 41.44 1.66 -48.56
CA THR A 116 40.46 2.37 -49.39
C THR A 116 39.36 2.99 -48.53
N ALA A 117 39.13 2.40 -47.35
CA ALA A 117 38.12 2.88 -46.43
C ALA A 117 38.63 4.05 -45.60
N TYR A 118 39.81 3.88 -45.01
CA TYR A 118 40.44 4.93 -44.24
C TYR A 118 41.83 5.16 -44.82
N PRO A 119 41.90 5.99 -45.87
CA PRO A 119 43.11 6.22 -46.66
C PRO A 119 44.25 6.82 -45.83
N PHE A 120 45.44 6.86 -46.42
CA PHE A 120 46.54 7.63 -45.88
C PHE A 120 46.59 8.93 -46.66
N ASN A 121 46.32 10.04 -45.99
CA ASN A 121 46.23 11.32 -46.70
C ASN A 121 47.44 12.22 -46.50
N THR A 122 47.43 13.35 -47.21
CA THR A 122 48.45 14.39 -47.12
C THR A 122 47.88 15.79 -46.79
N THR A 123 47.12 15.87 -45.69
CA THR A 123 46.61 17.14 -45.19
C THR A 123 46.06 17.02 -43.78
N ARG A 125 43.67 14.74 -43.00
CA ARG A 125 43.21 13.76 -42.01
C ARG A 125 41.69 13.66 -42.02
N ASP A 126 41.13 13.24 -43.16
CA ASP A 126 39.69 12.97 -43.29
C ASP A 126 39.01 12.78 -41.95
N SER A 127 37.90 13.49 -41.74
CA SER A 127 37.09 13.27 -40.57
C SER A 127 36.54 11.85 -40.64
N GLU A 128 36.57 11.31 -41.86
CA GLU A 128 36.04 9.97 -42.13
C GLU A 128 36.93 8.88 -41.58
N ASN A 129 38.07 9.26 -41.03
CA ASN A 129 39.05 8.29 -40.54
C ASN A 129 39.01 8.06 -39.04
N TYR A 130 38.22 8.86 -38.34
CA TYR A 130 38.16 8.74 -36.89
C TYR A 130 36.93 7.95 -36.46
N ILE A 131 37.06 7.20 -35.39
CA ILE A 131 35.91 6.66 -34.68
C ILE A 131 35.85 7.43 -33.36
N HIS A 132 34.64 7.78 -32.92
CA HIS A 132 34.52 8.54 -31.69
C HIS A 132 33.50 7.92 -30.76
N GLY A 133 33.78 7.98 -29.46
CA GLY A 133 32.85 7.45 -28.47
C GLY A 133 33.23 7.85 -27.04
N ILE A 134 32.59 7.20 -26.07
CA ILE A 134 32.88 7.48 -24.67
C ILE A 134 32.98 6.21 -23.85
N CYS A 135 34.09 6.04 -23.15
CA CYS A 135 34.20 5.02 -22.11
C CYS A 135 34.37 5.70 -20.75
N TYR A 136 34.53 4.91 -19.70
CA TYR A 136 34.45 5.47 -18.35
C TYR A 136 35.55 5.05 -17.40
N TYR A 137 35.86 5.92 -16.45
CA TYR A 137 36.82 5.63 -15.40
C TYR A 137 36.09 5.50 -14.07
N MET A 138 36.39 4.44 -13.32
CA MET A 138 35.78 4.28 -12.00
C MET A 138 36.69 4.84 -10.92
N THR A 139 36.19 5.81 -10.15
CA THR A 139 37.01 6.42 -9.11
C THR A 139 37.44 5.38 -8.09
N SER A 140 38.36 5.77 -7.23
CA SER A 140 38.91 4.83 -6.27
C SER A 140 38.02 4.74 -5.05
N TYR A 141 37.53 5.88 -4.59
CA TYR A 141 36.88 5.94 -3.29
C TYR A 141 35.39 5.58 -3.29
N ASP A 142 34.64 6.07 -4.28
CA ASP A 142 33.21 5.81 -4.31
C ASP A 142 32.71 5.14 -5.60
N ARG A 143 33.64 4.63 -6.40
CA ARG A 143 33.30 3.88 -7.62
C ARG A 143 32.51 4.69 -8.65
N SER A 144 32.26 5.97 -8.37
CA SER A 144 31.48 6.81 -9.28
C SER A 144 32.14 6.89 -10.66
N LEU A 145 31.38 7.31 -11.67
CA LEU A 145 31.87 7.29 -13.04
C LEU A 145 32.32 8.64 -13.58
N VAL A 146 33.39 8.62 -14.36
CA VAL A 146 33.92 9.82 -15.00
C VAL A 146 34.11 9.56 -16.49
N PRO A 147 33.41 10.31 -17.34
CA PRO A 147 33.48 10.10 -18.79
C PRO A 147 34.87 10.39 -19.34
N LEU A 148 35.41 9.45 -20.11
CA LEU A 148 36.64 9.70 -20.87
C LEU A 148 36.31 9.69 -22.36
N ASN A 149 36.80 10.67 -23.09
CA ASN A 149 36.58 10.71 -24.52
C ASN A 149 37.55 9.82 -25.25
N ILE A 150 37.03 8.77 -25.87
CA ILE A 150 37.86 7.87 -26.65
C ILE A 150 37.75 8.23 -28.13
N SER A 151 38.88 8.15 -28.83
CA SER A 151 38.87 8.39 -30.27
C SER A 151 39.94 7.56 -30.97
N ILE A 152 39.52 6.84 -32.02
CA ILE A 152 40.40 5.95 -32.75
C ILE A 152 40.61 6.42 -34.17
N MET A 153 41.82 6.84 -34.49
CA MET A 153 42.15 7.25 -35.85
C MET A 153 42.71 6.06 -36.62
N LEU A 154 42.11 5.76 -37.76
CA LEU A 154 42.54 4.65 -38.59
C LEU A 154 43.39 5.16 -39.74
N ASN A 155 44.62 4.63 -39.84
CA ASN A 155 45.55 5.09 -40.86
C ASN A 155 45.68 6.61 -40.86
N SER A 156 45.59 7.22 -42.04
CA SER A 156 45.55 8.68 -42.18
C SER A 156 46.88 9.38 -42.07
N ARG A 157 47.76 8.87 -41.21
CA ARG A 157 49.02 9.54 -40.91
C ARG A 157 50.15 8.54 -40.75
N THR A 158 51.13 8.62 -41.65
CA THR A 158 52.30 7.73 -41.62
C THR A 158 53.54 8.51 -41.19
N ILE A 159 54.45 7.86 -40.47
CA ILE A 159 55.61 8.54 -39.91
C ILE A 159 56.95 7.95 -40.37
N SER A 160 56.88 6.90 -41.18
CA SER A 160 58.07 6.19 -41.63
C SER A 160 57.81 5.46 -42.94
N SER A 161 58.89 5.09 -43.63
CA SER A 161 58.77 4.36 -44.87
C SER A 161 58.22 2.94 -44.65
N ASN A 162 58.33 2.45 -43.42
CA ASN A 162 57.92 1.09 -43.09
C ASN A 162 56.41 0.95 -42.94
N VAL A 163 55.77 2.04 -42.51
CA VAL A 163 54.36 2.02 -42.14
C VAL A 163 53.43 1.72 -43.32
N ALA A 164 52.49 0.81 -43.09
CA ALA A 164 51.54 0.43 -44.13
C ALA A 164 50.12 0.43 -43.57
N TYR A 165 50.02 0.44 -42.24
CA TYR A 165 48.74 0.46 -41.56
C TYR A 165 48.94 1.13 -40.20
N ALA A 166 47.92 1.82 -39.71
CA ALA A 166 48.05 2.51 -38.43
C ALA A 166 46.75 2.60 -37.65
N ILE A 167 46.84 2.36 -36.35
CA ILE A 167 45.71 2.53 -35.46
C ILE A 167 46.14 3.39 -34.28
N GLN A 168 45.40 4.45 -34.01
CA GLN A 168 45.74 5.36 -32.92
C GLN A 168 44.60 5.49 -31.92
N PHE A 169 44.90 5.15 -30.66
CA PHE A 169 43.92 5.29 -29.58
C PHE A 169 44.23 6.54 -28.78
N GLU A 170 43.21 7.35 -28.50
CA GLU A 170 43.39 8.55 -27.69
C GLU A 170 42.31 8.73 -26.63
N TRP A 171 42.69 8.56 -25.37
CA TRP A 171 41.77 8.80 -24.26
C TRP A 171 41.92 10.22 -23.74
N ASN A 172 40.80 10.84 -23.40
CA ASN A 172 40.82 12.22 -22.93
C ASN A 172 39.97 12.50 -21.70
N LEU A 173 40.62 12.94 -20.63
CA LEU A 173 39.92 13.37 -19.43
C LEU A 173 39.67 14.85 -19.53
N ASN A 174 38.49 15.26 -19.07
CA ASN A 174 38.15 16.67 -19.01
C ASN A 174 36.94 16.87 -18.11
N ALA A 175 37.17 17.34 -16.90
CA ALA A 175 36.11 17.45 -15.90
C ALA A 175 36.21 18.73 -15.09
N LYS A 176 35.08 19.15 -14.53
CA LYS A 176 35.01 20.37 -13.73
C LYS A 176 36.05 20.33 -12.61
N GLU A 177 36.29 19.14 -12.07
CA GLU A 177 37.34 18.95 -11.06
C GLU A 177 37.97 17.56 -11.15
N SER A 178 39.17 17.41 -10.63
CA SER A 178 39.91 16.16 -10.74
C SER A 178 39.19 15.01 -10.08
N PRO A 179 39.23 13.82 -10.71
CA PRO A 179 38.61 12.60 -10.21
C PRO A 179 39.27 12.10 -8.92
N GLU A 180 40.60 12.10 -8.91
CA GLU A 180 41.36 11.60 -7.77
C GLU A 180 42.09 12.73 -7.04
N SER A 181 42.43 12.48 -5.77
CA SER A 181 43.24 13.42 -5.01
C SER A 181 44.62 12.82 -4.74
N ASN A 182 44.70 11.50 -4.77
CA ASN A 182 45.99 10.81 -4.66
C ASN A 182 46.20 9.89 -5.85
N ILE A 183 47.31 9.16 -5.87
CA ILE A 183 47.60 8.29 -7.00
C ILE A 183 46.79 7.00 -6.91
N ALA A 184 46.29 6.55 -8.05
CA ALA A 184 45.44 5.36 -8.08
C ALA A 184 45.37 4.75 -9.48
N THR A 185 45.27 3.44 -9.53
CA THR A 185 45.37 2.70 -10.80
C THR A 185 44.36 3.14 -11.85
N LEU A 186 44.86 3.82 -12.88
CA LEU A 186 44.03 4.27 -14.00
C LEU A 186 43.55 3.07 -14.81
N THR A 187 42.25 3.00 -15.05
CA THR A 187 41.64 1.91 -15.80
C THR A 187 40.52 2.43 -16.65
N THR A 188 40.59 2.23 -17.96
CA THR A 188 39.50 2.68 -18.83
C THR A 188 38.52 1.56 -19.10
N SER A 189 37.25 1.86 -18.94
CA SER A 189 36.17 0.94 -19.30
C SER A 189 36.45 0.41 -20.69
N PRO A 190 36.08 -0.86 -20.93
CA PRO A 190 36.20 -1.43 -22.27
C PRO A 190 35.37 -0.63 -23.28
N PHE A 191 36.00 -0.22 -24.38
CA PHE A 191 35.29 0.49 -25.43
C PHE A 191 35.25 -0.36 -26.69
N PHE A 192 34.04 -0.62 -27.18
CA PHE A 192 33.88 -1.48 -28.36
C PHE A 192 33.78 -0.66 -29.64
N PHE A 193 34.33 -1.19 -30.72
CA PHE A 193 34.31 -0.50 -32.01
C PHE A 193 34.33 -1.48 -33.17
N SER A 194 34.25 -0.94 -34.39
CA SER A 194 34.30 -1.74 -35.61
C SER A 194 34.77 -0.91 -36.79
N TYR A 195 35.53 -1.53 -37.68
CA TYR A 195 35.94 -0.84 -38.89
C TYR A 195 35.98 -1.79 -40.08
N ILE A 196 35.97 -1.21 -41.27
CA ILE A 196 36.04 -1.98 -42.50
C ILE A 196 37.47 -2.45 -42.69
N ARG A 197 37.66 -3.76 -42.76
CA ARG A 197 39.01 -4.33 -42.78
C ARG A 197 39.56 -4.56 -44.18
N GLU A 198 40.89 -4.57 -44.26
CA GLU A 198 41.60 -4.96 -45.47
C GLU A 198 41.30 -6.43 -45.73
N ASP A 199 41.79 -6.96 -46.84
CA ASP A 199 41.47 -8.34 -47.21
C ASP A 199 42.43 -8.91 -48.26
N ILE B 9 28.71 -16.04 -48.29
CA ILE B 9 27.91 -14.83 -48.27
C ILE B 9 27.70 -14.33 -46.84
N ASN B 10 28.63 -13.53 -46.34
CA ASN B 10 28.58 -13.07 -44.95
C ASN B 10 28.27 -11.60 -44.79
N THR B 11 28.64 -10.80 -45.79
CA THR B 11 28.49 -9.36 -45.69
C THR B 11 27.53 -8.78 -46.72
N LEU B 12 26.67 -7.87 -46.27
CA LEU B 12 25.81 -7.11 -47.18
C LEU B 12 26.07 -5.64 -46.94
N TRP B 13 26.53 -4.92 -47.96
CA TRP B 13 26.94 -3.53 -47.76
C TRP B 13 26.74 -2.63 -48.99
N THR B 14 27.11 -1.35 -48.84
CA THR B 14 27.02 -0.40 -49.93
C THR B 14 28.34 -0.38 -50.68
N GLY B 15 29.36 -0.98 -50.06
CA GLY B 15 30.69 -0.97 -50.61
C GLY B 15 31.53 0.18 -50.07
N ILE B 16 32.84 -0.01 -50.09
CA ILE B 16 33.77 0.96 -49.53
C ILE B 16 33.89 2.23 -50.38
N LYS B 17 33.74 3.38 -49.72
CA LYS B 17 33.95 4.66 -50.38
C LYS B 17 33.07 4.78 -51.62
N PRO B 18 31.74 4.79 -51.43
CA PRO B 18 30.76 4.75 -52.52
C PRO B 18 30.53 6.10 -53.20
N PRO B 19 29.89 6.07 -54.38
CA PRO B 19 29.51 7.28 -55.12
C PRO B 19 28.28 7.90 -54.48
N PRO B 20 27.97 9.16 -54.80
CA PRO B 20 26.73 9.75 -54.26
C PRO B 20 25.58 8.79 -54.49
N ASN B 21 24.99 8.26 -53.42
CA ASN B 21 24.09 7.12 -53.54
C ASN B 21 22.79 7.26 -52.79
N CYS B 22 22.45 8.47 -52.37
CA CYS B 22 21.17 8.68 -51.69
C CYS B 22 20.72 10.13 -51.69
N GLN B 23 19.44 10.33 -51.44
CA GLN B 23 18.85 11.67 -51.44
C GLN B 23 18.46 12.05 -50.02
N ILE B 24 18.97 13.20 -49.57
CA ILE B 24 18.73 13.67 -48.21
C ILE B 24 17.76 14.83 -48.19
N VAL B 25 17.80 15.66 -49.22
CA VAL B 25 16.89 16.81 -49.24
C VAL B 25 15.59 16.44 -49.94
N GLU B 26 14.48 16.92 -49.37
CA GLU B 26 13.17 16.71 -49.98
C GLU B 26 13.11 17.36 -51.37
N ASN B 27 12.49 16.65 -52.31
CA ASN B 27 12.36 17.14 -53.68
C ASN B 27 13.69 17.47 -54.34
N THR B 28 14.53 16.46 -54.52
CA THR B 28 15.69 16.57 -55.38
C THR B 28 15.71 15.40 -56.35
N ASP B 29 16.60 15.47 -57.33
CA ASP B 29 16.68 14.47 -58.38
C ASP B 29 18.15 14.13 -58.59
N THR B 30 18.98 14.66 -57.70
CA THR B 30 20.43 14.46 -57.75
C THR B 30 20.90 13.95 -56.39
N ASN B 31 21.34 12.69 -56.34
CA ASN B 31 21.88 12.12 -55.11
C ASN B 31 22.85 13.09 -54.45
N ASP B 32 22.62 13.39 -53.17
CA ASP B 32 23.41 14.39 -52.46
C ASP B 32 24.05 13.84 -51.18
N GLY B 33 24.05 12.52 -51.04
CA GLY B 33 24.63 11.87 -49.88
C GLY B 33 25.41 10.63 -50.22
N LYS B 34 26.49 10.40 -49.47
CA LYS B 34 27.28 9.18 -49.60
C LYS B 34 27.10 8.33 -48.35
N LEU B 35 26.12 7.43 -48.38
CA LEU B 35 25.86 6.55 -47.25
C LEU B 35 26.70 5.28 -47.28
N THR B 36 27.56 5.12 -46.29
CA THR B 36 28.29 3.88 -46.12
C THR B 36 27.54 3.01 -45.11
N LEU B 37 27.04 1.87 -45.56
CA LEU B 37 26.38 0.93 -44.66
C LEU B 37 26.98 -0.45 -44.82
N VAL B 38 27.28 -1.09 -43.70
CA VAL B 38 27.82 -2.44 -43.71
C VAL B 38 27.02 -3.29 -42.73
N LEU B 39 26.34 -4.31 -43.24
CA LEU B 39 25.58 -5.24 -42.40
C LEU B 39 26.22 -6.62 -42.44
N VAL B 40 26.55 -7.17 -41.28
CA VAL B 40 27.23 -8.45 -41.22
C VAL B 40 26.45 -9.49 -40.42
N LYS B 41 26.29 -10.68 -40.99
CA LYS B 41 25.64 -11.79 -40.30
C LYS B 41 26.54 -12.34 -39.20
N ASN B 42 25.97 -12.51 -38.01
CA ASN B 42 26.71 -12.99 -36.86
C ASN B 42 25.77 -13.66 -35.87
N GLY B 43 25.71 -14.99 -35.92
CA GLY B 43 24.79 -15.73 -35.06
C GLY B 43 23.34 -15.41 -35.36
N GLY B 44 22.58 -15.03 -34.34
CA GLY B 44 21.21 -14.62 -34.52
C GLY B 44 21.10 -13.13 -34.72
N LEU B 45 22.26 -12.47 -34.72
CA LEU B 45 22.32 -11.01 -34.79
C LEU B 45 22.92 -10.50 -36.10
N VAL B 46 22.78 -9.20 -36.34
CA VAL B 46 23.48 -8.53 -37.44
C VAL B 46 24.32 -7.42 -36.83
N ASN B 47 25.58 -7.32 -37.24
CA ASN B 47 26.42 -6.22 -36.83
C ASN B 47 26.34 -5.10 -37.84
N GLY B 48 26.20 -3.86 -37.36
CA GLY B 48 25.99 -2.73 -38.23
C GLY B 48 27.09 -1.71 -38.12
N TYR B 49 27.38 -1.06 -39.24
CA TYR B 49 28.35 0.01 -39.31
C TYR B 49 27.76 1.03 -40.28
N VAL B 50 27.55 2.26 -39.82
CA VAL B 50 26.93 3.26 -40.70
C VAL B 50 27.51 4.67 -40.53
N SER B 51 28.08 5.19 -41.61
CA SER B 51 28.57 6.58 -41.62
C SER B 51 27.93 7.34 -42.77
N LEU B 52 27.91 8.66 -42.68
CA LEU B 52 27.31 9.49 -43.72
C LEU B 52 28.22 10.63 -44.15
N VAL B 53 28.23 10.93 -45.44
CA VAL B 53 29.00 12.04 -45.98
C VAL B 53 28.15 12.92 -46.89
N GLY B 54 28.28 14.23 -46.73
CA GLY B 54 27.50 15.18 -47.51
C GLY B 54 28.13 15.48 -48.85
N VAL B 55 27.31 15.49 -49.89
CA VAL B 55 27.79 15.74 -51.25
C VAL B 55 27.36 17.11 -51.79
N SER B 56 26.06 17.41 -51.68
CA SER B 56 25.53 18.68 -52.21
C SER B 56 25.93 19.86 -51.34
N ASP B 57 25.75 21.06 -51.88
CA ASP B 57 26.04 22.26 -51.12
C ASP B 57 24.94 22.48 -50.08
N THR B 58 23.69 22.35 -50.49
CA THR B 58 22.58 22.55 -49.58
C THR B 58 22.70 21.64 -48.34
N VAL B 59 23.15 20.41 -48.53
CA VAL B 59 23.35 19.50 -47.41
C VAL B 59 24.52 19.95 -46.56
N ASN B 60 25.61 20.36 -47.21
CA ASN B 60 26.81 20.76 -46.47
C ASN B 60 26.67 22.15 -45.84
N GLN B 61 25.47 22.72 -45.93
CA GLN B 61 25.17 23.97 -45.26
C GLN B 61 24.33 23.73 -44.01
N MET B 62 23.81 22.52 -43.88
CA MET B 62 22.86 22.21 -42.81
C MET B 62 23.42 22.52 -41.44
N PHE B 63 24.73 22.40 -41.28
CA PHE B 63 25.35 22.60 -39.99
C PHE B 63 25.80 24.04 -39.75
N THR B 64 25.24 24.98 -40.50
CA THR B 64 25.41 26.40 -40.19
C THR B 64 24.25 26.85 -39.31
N GLN B 65 23.37 25.91 -39.02
CA GLN B 65 22.23 26.15 -38.13
C GLN B 65 22.54 25.64 -36.73
N LYS B 66 21.79 26.14 -35.74
CA LYS B 66 21.93 25.65 -34.38
C LYS B 66 21.50 24.18 -34.31
N SER B 67 20.67 23.77 -35.25
CA SER B 67 20.14 22.40 -35.25
C SER B 67 19.61 22.02 -36.62
N ALA B 68 19.82 20.77 -36.97
CA ALA B 68 19.29 20.23 -38.22
C ALA B 68 18.92 18.77 -38.00
N THR B 69 18.36 18.15 -39.03
CA THR B 69 17.95 16.76 -38.94
C THR B 69 18.04 16.09 -40.30
N ILE B 70 18.56 14.87 -40.32
CA ILE B 70 18.69 14.11 -41.55
C ILE B 70 18.09 12.72 -41.35
N GLN B 71 17.18 12.34 -42.26
CA GLN B 71 16.51 11.04 -42.14
C GLN B 71 16.51 10.25 -43.45
N LEU B 72 17.26 9.16 -43.47
CA LEU B 72 17.28 8.25 -44.61
C LEU B 72 16.53 6.98 -44.22
N ARG B 73 15.56 6.58 -45.03
CA ARG B 73 14.86 5.33 -44.77
C ARG B 73 14.97 4.35 -45.93
N LEU B 74 15.33 3.11 -45.61
CA LEU B 74 15.47 2.06 -46.60
C LEU B 74 14.33 1.07 -46.48
N TYR B 75 13.70 0.74 -47.60
CA TYR B 75 12.66 -0.28 -47.62
C TYR B 75 13.11 -1.49 -48.42
N PHE B 76 12.55 -2.64 -48.10
CA PHE B 76 12.93 -3.88 -48.79
C PHE B 76 11.69 -4.70 -49.15
N ASP B 77 11.80 -5.52 -50.19
CA ASP B 77 10.72 -6.43 -50.58
C ASP B 77 10.79 -7.70 -49.75
N SER B 78 9.97 -8.69 -50.09
CA SER B 78 9.94 -9.92 -49.30
C SER B 78 11.22 -10.71 -49.49
N SER B 79 11.99 -10.35 -50.52
CA SER B 79 13.21 -11.06 -50.85
C SER B 79 14.40 -10.52 -50.07
N GLY B 80 14.28 -9.27 -49.64
CA GLY B 80 15.36 -8.61 -48.91
C GLY B 80 16.12 -7.64 -49.79
N ASN B 81 15.51 -7.27 -50.91
CA ASN B 81 16.13 -6.37 -51.87
C ASN B 81 15.61 -4.95 -51.75
N LEU B 82 16.52 -3.99 -51.83
CA LEU B 82 16.17 -2.59 -51.72
C LEU B 82 15.11 -2.23 -52.74
N LEU B 83 14.02 -1.63 -52.27
CA LEU B 83 13.03 -1.04 -53.17
C LEU B 83 13.50 0.37 -53.46
N THR B 84 14.37 0.47 -54.46
CA THR B 84 15.08 1.71 -54.74
C THR B 84 14.16 2.91 -54.98
N ASP B 85 12.91 2.63 -55.35
CA ASP B 85 11.97 3.70 -55.70
C ASP B 85 11.47 4.46 -54.47
N GLU B 86 11.14 3.69 -53.41
CA GLU B 86 10.56 4.27 -52.19
C GLU B 86 11.62 4.78 -51.21
N SER B 87 12.84 4.24 -51.32
CA SER B 87 13.89 4.52 -50.35
C SER B 87 14.67 5.81 -50.65
N ASN B 88 15.30 6.36 -49.61
CA ASN B 88 16.20 7.49 -49.79
C ASN B 88 17.56 6.99 -50.30
N LEU B 89 17.79 5.69 -50.16
CA LEU B 89 18.98 5.06 -50.70
C LEU B 89 18.65 4.62 -52.11
N LYS B 90 19.40 5.14 -53.08
CA LYS B 90 19.04 4.95 -54.47
C LYS B 90 19.88 3.90 -55.20
N ILE B 91 20.71 3.18 -54.46
CA ILE B 91 21.53 2.13 -55.06
C ILE B 91 21.48 0.87 -54.20
N PRO B 92 21.08 -0.25 -54.81
CA PRO B 92 20.89 -1.52 -54.09
C PRO B 92 22.12 -1.91 -53.30
N LEU B 93 21.91 -2.69 -52.24
CA LEU B 93 23.03 -3.21 -51.48
C LEU B 93 23.59 -4.39 -52.25
N LYS B 94 24.80 -4.80 -51.93
CA LYS B 94 25.45 -5.92 -52.58
C LYS B 94 26.32 -6.69 -51.60
N ASN B 95 26.54 -7.96 -51.87
CA ASN B 95 27.42 -8.77 -51.02
C ASN B 95 28.88 -8.43 -51.29
N LYS B 96 29.76 -8.84 -50.38
CA LYS B 96 31.19 -8.55 -50.54
C LYS B 96 31.83 -9.59 -51.47
N SER B 97 31.12 -10.68 -51.69
CA SER B 97 31.54 -11.71 -52.64
C SER B 97 31.86 -11.12 -54.02
N SER B 107 18.95 -15.05 -51.50
CA SER B 107 18.22 -13.97 -50.85
C SER B 107 19.09 -13.15 -49.89
N SER B 108 18.71 -11.88 -49.69
CA SER B 108 19.32 -11.05 -48.68
C SER B 108 18.44 -11.06 -47.44
N LYS B 109 17.38 -11.86 -47.49
CA LYS B 109 16.43 -11.98 -46.39
C LYS B 109 17.15 -12.22 -45.06
N ALA B 110 18.23 -13.00 -45.09
CA ALA B 110 18.97 -13.32 -43.88
C ALA B 110 19.47 -12.09 -43.13
N PHE B 111 19.61 -10.97 -43.84
CA PHE B 111 20.17 -9.74 -43.27
C PHE B 111 19.12 -8.79 -42.69
N MET B 112 17.86 -8.95 -43.11
CA MET B 112 16.79 -8.07 -42.66
C MET B 112 16.51 -8.17 -41.15
N PRO B 113 15.86 -7.14 -40.60
CA PRO B 113 15.46 -7.15 -39.19
C PRO B 113 14.28 -8.07 -38.96
N SER B 114 14.43 -9.04 -38.04
CA SER B 114 13.35 -9.97 -37.70
C SER B 114 11.99 -9.30 -37.56
N THR B 115 10.96 -9.93 -38.10
CA THR B 115 9.61 -9.39 -38.05
C THR B 115 8.97 -9.66 -36.69
N THR B 116 9.43 -10.72 -36.03
CA THR B 116 8.93 -11.06 -34.71
C THR B 116 9.63 -10.23 -33.62
N ALA B 117 10.84 -9.78 -33.91
CA ALA B 117 11.60 -8.97 -32.97
C ALA B 117 11.20 -7.50 -33.02
N TYR B 118 11.13 -6.97 -34.23
CA TYR B 118 10.70 -5.60 -34.44
C TYR B 118 9.56 -5.62 -35.44
N PRO B 119 8.33 -5.86 -34.94
CA PRO B 119 7.12 -6.05 -35.74
C PRO B 119 6.77 -4.84 -36.59
N PHE B 120 5.81 -5.03 -37.48
CA PHE B 120 5.20 -3.91 -38.19
C PHE B 120 3.89 -3.64 -37.50
N ASN B 121 3.77 -2.49 -36.85
CA ASN B 121 2.57 -2.19 -36.09
C ASN B 121 1.60 -1.29 -36.85
N THR B 122 0.32 -1.39 -36.52
CA THR B 122 -0.68 -0.53 -37.13
C THR B 122 -1.26 0.40 -36.06
N THR B 123 -1.21 -0.06 -34.81
CA THR B 123 -1.64 0.70 -33.65
C THR B 123 -0.60 1.76 -33.24
N THR B 124 0.46 1.30 -32.58
CA THR B 124 1.51 2.21 -32.08
C THR B 124 2.84 2.08 -32.85
N ARG B 125 3.87 2.71 -32.30
CA ARG B 125 5.23 2.54 -32.81
C ARG B 125 6.14 2.05 -31.70
N ASP B 126 6.05 0.76 -31.37
CA ASP B 126 6.80 0.18 -30.25
C ASP B 126 8.11 0.92 -29.99
N SER B 127 8.32 1.34 -28.75
CA SER B 127 9.59 1.91 -28.37
C SER B 127 10.64 0.82 -28.54
N GLU B 128 10.17 -0.42 -28.58
CA GLU B 128 11.04 -1.59 -28.67
C GLU B 128 11.66 -1.73 -30.05
N ASN B 129 11.26 -0.85 -30.97
CA ASN B 129 11.71 -0.94 -32.36
C ASN B 129 12.82 0.02 -32.71
N TYR B 130 13.18 0.90 -31.79
CA TYR B 130 14.22 1.87 -32.06
C TYR B 130 15.53 1.44 -31.44
N ILE B 131 16.63 1.77 -32.10
CA ILE B 131 17.95 1.74 -31.48
C ILE B 131 18.38 3.18 -31.33
N HIS B 132 18.99 3.52 -30.19
CA HIS B 132 19.39 4.90 -29.93
C HIS B 132 20.85 5.00 -29.49
N GLY B 133 21.51 6.05 -29.95
CA GLY B 133 22.91 6.25 -29.60
C GLY B 133 23.43 7.61 -29.99
N ILE B 134 24.73 7.80 -29.90
CA ILE B 134 25.35 9.06 -30.30
C ILE B 134 26.61 8.87 -31.12
N CYS B 135 26.65 9.50 -32.29
CA CYS B 135 27.89 9.63 -33.04
C CYS B 135 28.29 11.11 -33.13
N TYR B 136 29.38 11.40 -33.82
CA TYR B 136 29.95 12.74 -33.73
C TYR B 136 30.31 13.37 -35.07
N TYR B 137 30.25 14.70 -35.10
CA TYR B 137 30.69 15.47 -36.25
C TYR B 137 31.95 16.24 -35.91
N MET B 138 32.95 16.17 -36.79
CA MET B 138 34.18 16.92 -36.59
C MET B 138 34.12 18.25 -37.33
N THR B 139 34.27 19.35 -36.60
CA THR B 139 34.19 20.67 -37.22
C THR B 139 35.28 20.81 -38.25
N SER B 140 35.18 21.86 -39.06
CA SER B 140 36.11 22.07 -40.14
C SER B 140 37.37 22.76 -39.64
N TYR B 141 37.21 23.74 -38.77
CA TYR B 141 38.32 24.61 -38.40
C TYR B 141 39.21 24.08 -37.27
N ASP B 142 38.62 23.52 -36.22
CA ASP B 142 39.43 23.08 -35.09
C ASP B 142 39.23 21.60 -34.73
N ARG B 143 38.58 20.85 -35.62
CA ARG B 143 38.40 19.42 -35.45
C ARG B 143 37.61 19.03 -34.19
N SER B 144 37.12 20.02 -33.44
CA SER B 144 36.38 19.74 -32.19
C SER B 144 35.14 18.89 -32.47
N LEU B 145 34.58 18.28 -31.43
CA LEU B 145 33.47 17.34 -31.62
C LEU B 145 32.08 17.91 -31.29
N VAL B 146 31.10 17.52 -32.08
CA VAL B 146 29.72 17.93 -31.86
C VAL B 146 28.83 16.70 -31.89
N PRO B 147 28.14 16.42 -30.78
CA PRO B 147 27.32 15.22 -30.68
C PRO B 147 26.14 15.26 -31.64
N LEU B 148 25.94 14.19 -32.39
CA LEU B 148 24.75 14.02 -33.21
C LEU B 148 23.93 12.86 -32.66
N ASN B 149 22.62 13.06 -32.53
CA ASN B 149 21.78 11.98 -32.05
C ASN B 149 21.42 11.05 -33.18
N ILE B 150 21.87 9.82 -33.08
CA ILE B 150 21.52 8.83 -34.08
C ILE B 150 20.39 7.95 -33.55
N SER B 151 19.46 7.60 -34.43
CA SER B 151 18.39 6.69 -34.05
C SER B 151 17.95 5.81 -35.22
N ILE B 152 17.90 4.51 -34.99
CA ILE B 152 17.57 3.54 -36.04
C ILE B 152 16.25 2.83 -35.75
N MET B 153 15.23 3.09 -36.56
CA MET B 153 13.96 2.43 -36.41
C MET B 153 13.93 1.19 -37.30
N LEU B 154 13.63 0.04 -36.70
CA LEU B 154 13.56 -1.21 -37.43
C LEU B 154 12.11 -1.57 -37.72
N ASN B 155 11.80 -1.79 -39.00
CA ASN B 155 10.44 -2.10 -39.44
C ASN B 155 9.43 -1.07 -38.94
N SER B 156 8.35 -1.55 -38.32
CA SER B 156 7.39 -0.68 -37.64
C SER B 156 6.34 -0.01 -38.53
N ARG B 157 6.76 0.80 -39.48
CA ARG B 157 5.84 1.47 -40.38
C ARG B 157 6.11 1.05 -41.82
N THR B 158 5.11 1.18 -42.70
CA THR B 158 5.25 0.76 -44.09
C THR B 158 4.42 1.64 -45.04
N ILE B 159 5.02 2.09 -46.14
CA ILE B 159 4.33 3.03 -47.04
C ILE B 159 4.00 2.45 -48.42
N SER B 160 3.94 1.12 -48.50
CA SER B 160 3.73 0.46 -49.77
C SER B 160 3.32 -1.00 -49.58
N SER B 161 2.56 -1.54 -50.53
CA SER B 161 2.22 -2.95 -50.51
C SER B 161 3.46 -3.82 -50.72
N ASN B 162 4.51 -3.21 -51.27
CA ASN B 162 5.74 -3.92 -51.60
C ASN B 162 6.62 -4.18 -50.39
N VAL B 163 6.53 -3.29 -49.40
CA VAL B 163 7.44 -3.30 -48.27
C VAL B 163 7.28 -4.53 -47.39
N ALA B 164 8.41 -5.13 -47.02
CA ALA B 164 8.42 -6.33 -46.19
C ALA B 164 9.43 -6.18 -45.06
N TYR B 165 10.32 -5.21 -45.21
CA TYR B 165 11.33 -4.93 -44.20
C TYR B 165 11.69 -3.47 -44.31
N ALA B 166 12.07 -2.85 -43.20
CA ALA B 166 12.44 -1.44 -43.24
C ALA B 166 13.50 -1.07 -42.19
N ILE B 167 14.43 -0.24 -42.62
CA ILE B 167 15.44 0.32 -41.73
C ILE B 167 15.48 1.83 -41.93
N GLN B 168 15.37 2.58 -40.84
CA GLN B 168 15.36 4.02 -40.93
C GLN B 168 16.46 4.64 -40.07
N PHE B 169 17.33 5.41 -40.70
CA PHE B 169 18.40 6.11 -39.99
C PHE B 169 18.01 7.58 -39.82
N GLU B 170 18.19 8.11 -38.62
CA GLU B 170 17.90 9.52 -38.36
C GLU B 170 18.98 10.21 -37.52
N TRP B 171 19.72 11.11 -38.16
CA TRP B 171 20.73 11.91 -37.46
C TRP B 171 20.12 13.23 -37.03
N ASN B 172 20.50 13.69 -35.84
CA ASN B 172 19.96 14.93 -35.30
C ASN B 172 20.97 15.86 -34.66
N LEU B 173 21.10 17.05 -35.23
CA LEU B 173 21.94 18.07 -34.65
C LEU B 173 21.10 18.94 -33.72
N ASN B 174 21.68 19.29 -32.58
CA ASN B 174 21.04 20.20 -31.65
C ASN B 174 22.06 20.74 -30.68
N ALA B 175 22.46 22.00 -30.87
CA ALA B 175 23.52 22.60 -30.09
C ALA B 175 23.23 24.06 -29.73
N LYS B 176 23.87 24.53 -28.66
CA LYS B 176 23.67 25.89 -28.18
C LYS B 176 23.93 26.89 -29.30
N GLU B 177 24.89 26.58 -30.17
CA GLU B 177 25.17 27.39 -31.35
C GLU B 177 25.67 26.53 -32.52
N SER B 178 25.53 27.06 -33.74
CA SER B 178 25.88 26.29 -34.93
C SER B 178 27.34 25.91 -34.95
N PRO B 179 27.64 24.69 -35.43
CA PRO B 179 29.01 24.15 -35.54
C PRO B 179 29.82 24.89 -36.59
N GLU B 180 29.22 25.16 -37.75
CA GLU B 180 29.91 25.82 -38.84
C GLU B 180 29.38 27.22 -39.10
N SER B 181 30.19 28.06 -39.74
CA SER B 181 29.75 29.39 -40.13
C SER B 181 29.66 29.47 -41.65
N ASN B 182 30.39 28.59 -42.33
CA ASN B 182 30.29 28.49 -43.78
C ASN B 182 29.96 27.05 -44.18
N ILE B 183 29.90 26.78 -45.48
CA ILE B 183 29.55 25.44 -45.93
C ILE B 183 30.76 24.52 -45.82
N ALA B 184 30.54 23.29 -45.39
CA ALA B 184 31.62 22.33 -45.18
C ALA B 184 31.12 20.89 -45.16
N THR B 185 31.93 19.98 -45.67
CA THR B 185 31.52 18.59 -45.87
C THR B 185 31.02 17.91 -44.59
N LEU B 186 29.71 17.69 -44.52
CA LEU B 186 29.07 16.98 -43.43
C LEU B 186 29.50 15.51 -43.41
N THR B 187 29.99 15.07 -42.26
CA THR B 187 30.44 13.69 -42.08
C THR B 187 30.08 13.18 -40.69
N THR B 188 29.33 12.10 -40.62
CA THR B 188 28.98 11.53 -39.33
C THR B 188 29.96 10.42 -38.95
N SER B 189 30.47 10.51 -37.73
CA SER B 189 31.27 9.44 -37.15
C SER B 189 30.55 8.11 -37.38
N PRO B 190 31.34 7.04 -37.61
CA PRO B 190 30.77 5.70 -37.73
C PRO B 190 30.01 5.34 -36.46
N PHE B 191 28.76 4.90 -36.61
CA PHE B 191 27.96 4.44 -35.48
C PHE B 191 27.69 2.96 -35.61
N PHE B 192 28.07 2.20 -34.59
CA PHE B 192 27.91 0.75 -34.64
C PHE B 192 26.62 0.32 -33.96
N PHE B 193 25.99 -0.72 -34.47
CA PHE B 193 24.75 -1.22 -33.89
C PHE B 193 24.58 -2.71 -34.15
N SER B 194 23.50 -3.28 -33.60
CA SER B 194 23.19 -4.69 -33.78
C SER B 194 21.70 -4.94 -33.59
N TYR B 195 21.14 -5.86 -34.37
CA TYR B 195 19.75 -6.22 -34.20
C TYR B 195 19.54 -7.71 -34.45
N ILE B 196 18.42 -8.21 -33.95
CA ILE B 196 18.04 -9.60 -34.16
C ILE B 196 17.55 -9.78 -35.59
N ARG B 197 18.21 -10.65 -36.35
CA ARG B 197 17.93 -10.76 -37.77
C ARG B 197 16.91 -11.84 -38.10
N GLU B 198 16.25 -11.66 -39.24
CA GLU B 198 15.38 -12.67 -39.81
C GLU B 198 16.23 -13.88 -40.19
N ASP B 199 15.60 -14.95 -40.65
CA ASP B 199 16.34 -16.18 -40.94
C ASP B 199 15.59 -17.17 -41.83
N ASP B 200 15.55 -16.92 -43.13
CA ASP B 200 14.81 -17.84 -44.03
C ASP B 200 15.28 -19.30 -43.92
N ASN B 201 14.39 -20.25 -43.61
CA ASN B 201 12.95 -20.05 -43.32
C ASN B 201 12.20 -18.99 -44.13
N SER C 8 27.01 -24.38 -36.32
CA SER C 8 27.52 -25.21 -35.24
C SER C 8 27.41 -24.49 -33.89
N ILE C 9 26.17 -24.35 -33.39
CA ILE C 9 25.88 -23.70 -32.11
C ILE C 9 26.61 -22.36 -31.96
N ASN C 10 26.02 -21.30 -32.51
CA ASN C 10 26.67 -19.99 -32.49
C ASN C 10 26.03 -18.97 -31.56
N THR C 11 24.73 -19.12 -31.32
CA THR C 11 23.99 -18.14 -30.54
C THR C 11 23.43 -18.73 -29.25
N LEU C 12 23.56 -17.99 -28.16
CA LEU C 12 22.92 -18.33 -26.89
C LEU C 12 22.07 -17.15 -26.46
N TRP C 13 20.75 -17.35 -26.34
CA TRP C 13 19.86 -16.24 -26.08
C TRP C 13 18.62 -16.59 -25.26
N THR C 14 17.78 -15.59 -25.00
CA THR C 14 16.52 -15.78 -24.30
C THR C 14 15.41 -16.05 -25.29
N GLY C 15 15.70 -15.79 -26.55
CA GLY C 15 14.71 -15.94 -27.60
C GLY C 15 13.99 -14.63 -27.90
N ILE C 16 13.48 -14.52 -29.11
CA ILE C 16 12.84 -13.29 -29.56
C ILE C 16 11.47 -13.07 -28.91
N LYS C 17 11.26 -11.87 -28.38
CA LYS C 17 9.97 -11.49 -27.82
C LYS C 17 9.50 -12.51 -26.78
N PRO C 18 10.24 -12.62 -25.66
CA PRO C 18 10.01 -13.64 -24.64
C PRO C 18 8.86 -13.32 -23.69
N PRO C 19 8.38 -14.32 -22.93
CA PRO C 19 7.36 -14.16 -21.91
C PRO C 19 7.98 -13.52 -20.68
N PRO C 20 7.16 -13.00 -19.74
CA PRO C 20 7.72 -12.48 -18.50
C PRO C 20 8.69 -13.50 -17.92
N ASN C 21 9.97 -13.15 -17.85
CA ASN C 21 11.00 -14.15 -17.58
C ASN C 21 12.01 -13.77 -16.52
N CYS C 22 11.71 -12.74 -15.74
CA CYS C 22 12.62 -12.35 -14.66
C CYS C 22 11.93 -11.51 -13.59
N GLN C 23 12.57 -11.45 -12.43
CA GLN C 23 12.05 -10.69 -11.30
C GLN C 23 12.94 -9.49 -11.04
N ILE C 24 12.33 -8.31 -11.07
CA ILE C 24 13.08 -7.07 -10.89
C ILE C 24 12.79 -6.49 -9.53
N VAL C 25 11.51 -6.39 -9.18
CA VAL C 25 11.13 -5.98 -7.83
C VAL C 25 11.66 -6.99 -6.82
N GLU C 26 12.56 -6.53 -5.96
CA GLU C 26 13.10 -7.38 -4.91
C GLU C 26 11.95 -7.97 -4.08
N ASN C 27 12.03 -9.26 -3.80
CA ASN C 27 10.98 -9.94 -3.04
C ASN C 27 9.62 -9.83 -3.72
N THR C 28 9.50 -10.44 -4.90
CA THR C 28 8.26 -10.40 -5.67
C THR C 28 7.68 -11.80 -5.82
N ASP C 29 6.39 -11.89 -6.14
CA ASP C 29 5.74 -13.18 -6.28
C ASP C 29 5.71 -13.69 -7.72
N THR C 30 5.77 -12.77 -8.69
CA THR C 30 5.66 -13.12 -10.10
C THR C 30 6.78 -12.50 -10.93
N ASN C 31 7.09 -13.12 -12.07
CA ASN C 31 8.00 -12.51 -13.03
C ASN C 31 7.41 -11.20 -13.55
N ASP C 32 8.17 -10.12 -13.43
CA ASP C 32 7.67 -8.79 -13.78
C ASP C 32 8.52 -8.08 -14.83
N GLY C 33 9.41 -8.83 -15.47
CA GLY C 33 10.27 -8.28 -16.49
C GLY C 33 10.44 -9.19 -17.69
N LYS C 34 10.55 -8.58 -18.86
CA LYS C 34 10.85 -9.32 -20.07
C LYS C 34 12.26 -8.96 -20.54
N LEU C 35 13.23 -9.75 -20.11
CA LEU C 35 14.62 -9.54 -20.51
C LEU C 35 14.98 -10.23 -21.83
N THR C 36 15.33 -9.42 -22.83
CA THR C 36 15.84 -9.97 -24.08
C THR C 36 17.35 -9.92 -24.02
N LEU C 37 17.98 -11.09 -24.05
CA LEU C 37 19.44 -11.16 -24.08
C LEU C 37 19.89 -12.05 -25.23
N VAL C 38 20.87 -11.58 -25.99
CA VAL C 38 21.44 -12.36 -27.08
C VAL C 38 22.94 -12.34 -26.96
N LEU C 39 23.55 -13.51 -26.73
CA LEU C 39 25.00 -13.62 -26.68
C LEU C 39 25.50 -14.44 -27.87
N VAL C 40 26.44 -13.87 -28.63
CA VAL C 40 26.94 -14.52 -29.83
C VAL C 40 28.45 -14.75 -29.80
N LYS C 41 28.87 -15.98 -30.12
CA LYS C 41 30.30 -16.30 -30.19
C LYS C 41 30.91 -15.66 -31.42
N ASN C 42 32.06 -15.01 -31.22
CA ASN C 42 32.75 -14.32 -32.30
C ASN C 42 34.23 -14.20 -31.97
N GLY C 43 35.02 -15.12 -32.52
CA GLY C 43 36.44 -15.14 -32.23
C GLY C 43 36.72 -15.44 -30.77
N GLY C 44 37.51 -14.59 -30.13
CA GLY C 44 37.79 -14.75 -28.72
C GLY C 44 36.82 -13.93 -27.88
N LEU C 45 35.88 -13.28 -28.58
CA LEU C 45 34.93 -12.38 -27.94
C LEU C 45 33.49 -12.90 -27.99
N VAL C 46 32.62 -12.27 -27.21
CA VAL C 46 31.18 -12.51 -27.31
C VAL C 46 30.52 -11.18 -27.63
N ASN C 47 29.61 -11.17 -28.60
CA ASN C 47 28.82 -9.98 -28.87
C ASN C 47 27.53 -10.02 -28.10
N GLY C 48 27.17 -8.91 -27.47
CA GLY C 48 26.00 -8.86 -26.61
C GLY C 48 24.95 -7.90 -27.11
N TYR C 49 23.69 -8.25 -26.84
CA TYR C 49 22.55 -7.41 -27.17
C TYR C 49 21.57 -7.60 -26.03
N VAL C 50 21.23 -6.52 -25.35
CA VAL C 50 20.35 -6.62 -24.18
C VAL C 50 19.36 -5.47 -24.07
N SER C 51 18.08 -5.80 -24.13
CA SER C 51 17.02 -4.82 -23.89
C SER C 51 16.09 -5.31 -22.77
N LEU C 52 15.37 -4.39 -22.13
CA LEU C 52 14.47 -4.74 -21.03
C LEU C 52 13.08 -4.13 -21.20
N VAL C 53 12.06 -4.90 -20.85
CA VAL C 53 10.68 -4.43 -20.90
C VAL C 53 9.96 -4.70 -19.59
N GLY C 54 9.21 -3.72 -19.11
CA GLY C 54 8.49 -3.82 -17.85
C GLY C 54 7.14 -4.50 -18.00
N VAL C 55 6.85 -5.42 -17.10
CA VAL C 55 5.59 -6.16 -17.16
C VAL C 55 4.62 -5.77 -16.04
N SER C 56 5.10 -5.76 -14.80
CA SER C 56 4.25 -5.42 -13.65
C SER C 56 3.91 -3.93 -13.59
N ASP C 57 2.92 -3.59 -12.78
CA ASP C 57 2.56 -2.20 -12.59
C ASP C 57 3.59 -1.49 -11.75
N THR C 58 4.00 -2.13 -10.64
CA THR C 58 4.99 -1.53 -9.76
C THR C 58 6.27 -1.19 -10.52
N VAL C 59 6.68 -2.04 -11.46
CA VAL C 59 7.86 -1.76 -12.26
C VAL C 59 7.61 -0.63 -13.23
N ASN C 60 6.44 -0.65 -13.86
CA ASN C 60 6.11 0.40 -14.82
C ASN C 60 5.75 1.73 -14.16
N GLN C 61 5.93 1.81 -12.85
CA GLN C 61 5.74 3.06 -12.13
C GLN C 61 7.07 3.65 -11.73
N MET C 62 8.14 2.87 -11.87
CA MET C 62 9.46 3.26 -11.41
C MET C 62 9.90 4.60 -11.98
N PHE C 63 9.48 4.88 -13.21
CA PHE C 63 9.90 6.10 -13.89
C PHE C 63 8.97 7.30 -13.65
N THR C 64 8.19 7.25 -12.57
CA THR C 64 7.46 8.42 -12.12
C THR C 64 8.29 9.12 -11.06
N GLN C 65 9.47 8.55 -10.79
CA GLN C 65 10.42 9.13 -9.86
C GLN C 65 11.50 9.91 -10.61
N LYS C 66 12.19 10.81 -9.92
CA LYS C 66 13.32 11.53 -10.52
C LYS C 66 14.44 10.55 -10.85
N SER C 67 14.45 9.42 -10.15
CA SER C 67 15.53 8.45 -10.32
C SER C 67 15.11 7.09 -9.81
N ALA C 68 15.54 6.05 -10.52
CA ALA C 68 15.30 4.68 -10.07
C ALA C 68 16.50 3.84 -10.48
N THR C 69 16.46 2.57 -10.09
CA THR C 69 17.55 1.66 -10.40
C THR C 69 17.02 0.23 -10.55
N ILE C 70 17.51 -0.47 -11.56
CA ILE C 70 17.10 -1.84 -11.82
C ILE C 70 18.34 -2.72 -11.99
N GLN C 71 18.40 -3.81 -11.24
CA GLN C 71 19.56 -4.69 -11.27
C GLN C 71 19.19 -6.16 -11.38
N LEU C 72 19.45 -6.75 -12.54
CA LEU C 72 19.26 -8.19 -12.77
C LEU C 72 20.62 -8.86 -12.79
N ARG C 73 20.80 -9.90 -11.98
CA ARG C 73 22.06 -10.65 -12.01
C ARG C 73 21.85 -12.12 -12.37
N LEU C 74 22.64 -12.61 -13.31
CA LEU C 74 22.56 -14.00 -13.75
C LEU C 74 23.77 -14.76 -13.25
N TYR C 75 23.53 -15.92 -12.65
CA TYR C 75 24.62 -16.79 -12.23
C TYR C 75 24.61 -18.08 -13.05
N PHE C 76 25.77 -18.71 -13.17
CA PHE C 76 25.89 -19.94 -13.96
C PHE C 76 26.73 -20.97 -13.21
N ASP C 77 26.49 -22.25 -13.50
CA ASP C 77 27.28 -23.34 -12.92
C ASP C 77 28.56 -23.53 -13.72
N SER C 78 29.32 -24.57 -13.40
CA SER C 78 30.59 -24.80 -14.10
C SER C 78 30.34 -25.20 -15.54
N SER C 79 29.11 -25.58 -15.85
CA SER C 79 28.75 -26.04 -17.19
C SER C 79 28.37 -24.87 -18.09
N GLY C 80 27.95 -23.78 -17.48
CA GLY C 80 27.53 -22.59 -18.23
C GLY C 80 26.02 -22.48 -18.27
N ASN C 81 25.36 -23.18 -17.37
CA ASN C 81 23.90 -23.19 -17.32
C ASN C 81 23.37 -22.28 -16.23
N LEU C 82 22.31 -21.55 -16.56
CA LEU C 82 21.70 -20.63 -15.61
C LEU C 82 21.33 -21.36 -14.34
N LEU C 83 21.78 -20.84 -13.21
CA LEU C 83 21.30 -21.32 -11.91
C LEU C 83 20.03 -20.54 -11.61
N THR C 84 18.91 -21.04 -12.11
CA THR C 84 17.67 -20.30 -12.10
C THR C 84 17.22 -19.88 -10.71
N ASP C 85 17.71 -20.57 -9.69
CA ASP C 85 17.29 -20.32 -8.31
C ASP C 85 17.86 -19.03 -7.75
N GLU C 86 19.15 -18.80 -8.00
CA GLU C 86 19.86 -17.65 -7.47
C GLU C 86 19.70 -16.39 -8.33
N SER C 87 19.38 -16.57 -9.61
CA SER C 87 19.36 -15.47 -10.56
C SER C 87 18.04 -14.72 -10.59
N ASN C 88 18.09 -13.47 -11.06
CA ASN C 88 16.88 -12.68 -11.28
C ASN C 88 16.22 -13.11 -12.59
N LEU C 89 16.98 -13.80 -13.43
CA LEU C 89 16.46 -14.38 -14.65
C LEU C 89 15.96 -15.78 -14.31
N LYS C 90 14.68 -16.03 -14.55
CA LYS C 90 14.05 -17.23 -14.07
C LYS C 90 13.82 -18.28 -15.15
N ILE C 91 14.34 -18.04 -16.35
CA ILE C 91 14.21 -19.00 -17.43
C ILE C 91 15.55 -19.19 -18.12
N PRO C 92 16.02 -20.44 -18.20
CA PRO C 92 17.33 -20.76 -18.75
C PRO C 92 17.52 -20.19 -20.15
N LEU C 93 18.76 -19.93 -20.52
CA LEU C 93 19.07 -19.51 -21.87
C LEU C 93 19.04 -20.74 -22.77
N LYS C 94 18.92 -20.52 -24.08
CA LYS C 94 18.87 -21.61 -25.04
C LYS C 94 19.57 -21.21 -26.33
N ASN C 95 20.05 -22.19 -27.07
CA ASN C 95 20.67 -21.91 -28.36
C ASN C 95 19.62 -21.60 -29.42
N LYS C 96 20.05 -21.03 -30.53
CA LYS C 96 19.12 -20.68 -31.60
C LYS C 96 18.84 -21.90 -32.47
N SER C 97 19.68 -22.93 -32.31
CA SER C 97 19.48 -24.21 -32.99
C SER C 97 18.09 -24.78 -32.74
N SER C 107 28.05 -27.96 -23.88
CA SER C 107 28.17 -26.95 -22.85
C SER C 107 27.91 -25.54 -23.40
N SER C 108 27.46 -24.65 -22.52
CA SER C 108 27.32 -23.23 -22.84
C SER C 108 28.54 -22.50 -22.31
N LYS C 109 29.48 -23.24 -21.75
CA LYS C 109 30.70 -22.70 -21.20
C LYS C 109 31.38 -21.73 -22.17
N ALA C 110 31.34 -22.05 -23.45
CA ALA C 110 31.97 -21.22 -24.47
C ALA C 110 31.47 -19.79 -24.46
N PHE C 111 30.28 -19.56 -23.92
CA PHE C 111 29.67 -18.23 -23.94
C PHE C 111 29.96 -17.40 -22.70
N MET C 112 30.37 -18.06 -21.62
CA MET C 112 30.63 -17.38 -20.35
C MET C 112 31.78 -16.38 -20.44
N PRO C 113 31.82 -15.42 -19.50
CA PRO C 113 32.93 -14.46 -19.41
C PRO C 113 34.19 -15.12 -18.85
N SER C 114 35.29 -15.03 -19.59
CA SER C 114 36.56 -15.62 -19.17
C SER C 114 36.88 -15.33 -17.71
N THR C 115 37.39 -16.35 -17.01
CA THR C 115 37.73 -16.22 -15.60
C THR C 115 39.07 -15.51 -15.43
N THR C 116 39.92 -15.61 -16.46
CA THR C 116 41.22 -14.96 -16.42
C THR C 116 41.10 -13.50 -16.80
N ALA C 117 40.06 -13.18 -17.58
CA ALA C 117 39.85 -11.82 -18.05
C ALA C 117 39.12 -10.99 -17.00
N TYR C 118 38.05 -11.55 -16.47
CA TYR C 118 37.28 -10.90 -15.44
C TYR C 118 37.18 -11.87 -14.26
N PRO C 119 38.22 -11.89 -13.43
CA PRO C 119 38.38 -12.84 -12.32
C PRO C 119 37.24 -12.77 -11.30
N PHE C 120 37.22 -13.73 -10.39
CA PHE C 120 36.37 -13.65 -9.21
C PHE C 120 37.27 -13.23 -8.07
N ASN C 121 37.06 -12.02 -7.56
CA ASN C 121 37.93 -11.49 -6.53
C ASN C 121 37.35 -11.64 -5.12
N THR C 122 38.23 -11.63 -4.13
CA THR C 122 37.80 -11.76 -2.75
C THR C 122 38.04 -10.45 -1.98
N THR C 123 38.71 -9.50 -2.64
CA THR C 123 39.09 -8.24 -2.02
C THR C 123 38.80 -7.01 -2.89
N THR C 124 39.58 -6.84 -3.97
CA THR C 124 39.63 -5.59 -4.75
C THR C 124 38.34 -5.13 -5.47
N ARG C 125 37.60 -6.07 -6.07
CA ARG C 125 36.44 -5.73 -6.90
C ARG C 125 36.88 -4.89 -8.12
N ASP C 126 37.67 -5.51 -8.99
CA ASP C 126 38.34 -4.84 -10.11
C ASP C 126 37.44 -3.91 -10.92
N SER C 127 37.92 -2.69 -11.16
CA SER C 127 37.23 -1.78 -12.06
C SER C 127 37.30 -2.39 -13.45
N GLU C 128 38.24 -3.32 -13.62
CA GLU C 128 38.46 -3.98 -14.90
C GLU C 128 37.36 -4.97 -15.26
N ASN C 129 36.43 -5.17 -14.33
CA ASN C 129 35.36 -6.15 -14.50
C ASN C 129 34.04 -5.58 -14.96
N TYR C 130 33.94 -4.26 -15.02
CA TYR C 130 32.70 -3.62 -15.40
C TYR C 130 32.74 -3.18 -16.85
N ILE C 131 31.61 -3.25 -17.52
CA ILE C 131 31.44 -2.56 -18.79
C ILE C 131 30.47 -1.41 -18.52
N HIS C 132 30.73 -0.25 -19.11
CA HIS C 132 29.89 0.91 -18.86
C HIS C 132 29.42 1.57 -20.14
N GLY C 133 28.18 2.05 -20.15
CA GLY C 133 27.64 2.72 -21.31
C GLY C 133 26.32 3.43 -21.03
N ILE C 134 25.64 3.85 -22.10
CA ILE C 134 24.36 4.50 -21.96
C ILE C 134 23.35 4.03 -23.00
N CYS C 135 22.20 3.56 -22.54
CA CYS C 135 21.05 3.33 -23.41
C CYS C 135 19.92 4.28 -23.04
N TYR C 136 18.79 4.19 -23.74
CA TYR C 136 17.78 5.23 -23.63
C TYR C 136 16.36 4.74 -23.40
N TYR C 137 15.57 5.56 -22.71
CA TYR C 137 14.15 5.29 -22.50
C TYR C 137 13.34 6.28 -23.31
N MET C 138 12.34 5.78 -24.05
CA MET C 138 11.46 6.66 -24.79
C MET C 138 10.20 6.97 -23.98
N THR C 139 9.95 8.25 -23.72
CA THR C 139 8.79 8.62 -22.93
C THR C 139 7.51 8.17 -23.62
N SER C 140 6.41 8.23 -22.88
CA SER C 140 5.14 7.76 -23.41
C SER C 140 4.46 8.81 -24.26
N TYR C 141 4.51 10.07 -23.81
CA TYR C 141 3.71 11.12 -24.44
C TYR C 141 4.35 11.81 -25.65
N ASP C 142 5.64 12.09 -25.59
CA ASP C 142 6.28 12.78 -26.71
C ASP C 142 7.50 12.04 -27.29
N ARG C 143 7.67 10.78 -26.93
CA ARG C 143 8.73 9.94 -27.47
C ARG C 143 10.14 10.46 -27.19
N SER C 144 10.27 11.57 -26.47
CA SER C 144 11.58 12.14 -26.18
C SER C 144 12.48 11.14 -25.45
N LEU C 145 13.78 11.41 -25.43
CA LEU C 145 14.75 10.44 -24.88
C LEU C 145 15.27 10.79 -23.49
N VAL C 146 15.44 9.76 -22.67
CA VAL C 146 15.97 9.91 -21.33
C VAL C 146 17.11 8.92 -21.12
N PRO C 147 18.32 9.44 -20.87
CA PRO C 147 19.50 8.58 -20.72
C PRO C 147 19.40 7.66 -19.51
N LEU C 148 19.64 6.37 -19.71
CA LEU C 148 19.76 5.42 -18.60
C LEU C 148 21.19 4.93 -18.54
N ASN C 149 21.76 4.91 -17.35
CA ASN C 149 23.13 4.40 -17.20
C ASN C 149 23.13 2.88 -17.13
N ILE C 150 23.73 2.25 -18.12
CA ILE C 150 23.82 0.81 -18.10
C ILE C 150 25.22 0.41 -17.64
N SER C 151 25.30 -0.65 -16.84
CA SER C 151 26.58 -1.17 -16.42
C SER C 151 26.54 -2.68 -16.21
N ILE C 152 27.50 -3.38 -16.82
CA ILE C 152 27.55 -4.84 -16.79
C ILE C 152 28.78 -5.33 -16.05
N MET C 153 28.56 -5.96 -14.90
CA MET C 153 29.66 -6.53 -14.14
C MET C 153 29.86 -7.98 -14.52
N LEU C 154 31.06 -8.33 -14.93
CA LEU C 154 31.38 -9.70 -15.33
C LEU C 154 32.06 -10.45 -14.20
N ASN C 155 31.53 -11.62 -13.87
CA ASN C 155 32.07 -12.42 -12.80
C ASN C 155 32.25 -11.56 -11.55
N SER C 156 33.46 -11.57 -11.01
CA SER C 156 33.85 -10.68 -9.91
C SER C 156 33.41 -11.12 -8.51
N ARG C 157 32.14 -11.45 -8.33
CA ARG C 157 31.64 -11.77 -7.00
C ARG C 157 30.66 -12.94 -6.99
N THR C 158 31.06 -14.05 -6.36
CA THR C 158 30.21 -15.22 -6.24
C THR C 158 29.47 -15.23 -4.92
N ILE C 159 28.22 -15.72 -4.93
CA ILE C 159 27.40 -15.74 -3.70
C ILE C 159 27.06 -17.13 -3.20
N SER C 160 27.48 -18.16 -3.91
CA SER C 160 27.11 -19.55 -3.57
C SER C 160 28.15 -20.53 -4.11
N SER C 161 28.20 -21.71 -3.52
CA SER C 161 29.18 -22.71 -3.94
C SER C 161 28.98 -23.17 -5.39
N ASN C 162 27.77 -22.98 -5.91
CA ASN C 162 27.42 -23.44 -7.25
C ASN C 162 27.97 -22.54 -8.34
N VAL C 163 28.12 -21.26 -8.02
CA VAL C 163 28.44 -20.24 -9.01
C VAL C 163 29.82 -20.41 -9.62
N ALA C 164 29.90 -20.31 -10.95
CA ALA C 164 31.16 -20.46 -11.66
C ALA C 164 31.33 -19.37 -12.68
N TYR C 165 30.23 -18.68 -12.97
CA TYR C 165 30.24 -17.55 -13.90
C TYR C 165 29.11 -16.60 -13.51
N ALA C 166 29.29 -15.32 -13.76
CA ALA C 166 28.25 -14.37 -13.40
C ALA C 166 28.21 -13.15 -14.31
N ILE C 167 27.01 -12.75 -14.68
CA ILE C 167 26.79 -11.52 -15.43
C ILE C 167 25.73 -10.69 -14.72
N GLN C 168 26.03 -9.42 -14.46
CA GLN C 168 25.09 -8.54 -13.77
C GLN C 168 24.78 -7.30 -14.59
N PHE C 169 23.50 -7.10 -14.86
CA PHE C 169 23.06 -5.92 -15.59
C PHE C 169 22.45 -4.92 -14.60
N GLU C 170 22.83 -3.65 -14.72
CA GLU C 170 22.29 -2.61 -13.86
C GLU C 170 21.93 -1.33 -14.62
N TRP C 171 20.62 -1.07 -14.73
CA TRP C 171 20.14 0.15 -15.36
C TRP C 171 19.90 1.20 -14.29
N ASN C 172 20.22 2.46 -14.61
CA ASN C 172 20.07 3.54 -13.65
C ASN C 172 19.46 4.81 -14.19
N LEU C 173 18.31 5.18 -13.65
CA LEU C 173 17.68 6.44 -14.00
C LEU C 173 18.18 7.51 -13.06
N ASN C 174 18.40 8.71 -13.59
CA ASN C 174 18.77 9.85 -12.78
C ASN C 174 18.60 11.13 -13.59
N ALA C 175 17.52 11.86 -13.30
CA ALA C 175 17.19 13.04 -14.08
C ALA C 175 16.68 14.18 -13.20
N LYS C 176 16.80 15.40 -13.72
CA LYS C 176 16.36 16.60 -13.01
C LYS C 176 14.90 16.48 -12.57
N GLU C 177 14.10 15.81 -13.39
CA GLU C 177 12.72 15.53 -13.04
C GLU C 177 12.24 14.22 -13.65
N SER C 178 11.19 13.64 -13.08
CA SER C 178 10.72 12.33 -13.52
C SER C 178 10.25 12.35 -14.97
N PRO C 179 10.55 11.27 -15.71
CA PRO C 179 10.17 11.10 -17.11
C PRO C 179 8.66 10.98 -17.28
N GLU C 180 8.03 10.17 -16.44
CA GLU C 180 6.59 9.92 -16.53
C GLU C 180 5.84 10.53 -15.36
N SER C 181 4.54 10.76 -15.56
CA SER C 181 3.68 11.24 -14.48
C SER C 181 2.69 10.15 -14.08
N ASN C 182 2.43 9.22 -15.00
CA ASN C 182 1.61 8.06 -14.70
C ASN C 182 2.37 6.78 -15.02
N ILE C 183 1.73 5.64 -14.86
CA ILE C 183 2.40 4.36 -15.10
C ILE C 183 2.45 4.08 -16.59
N ALA C 184 3.58 3.54 -17.06
CA ALA C 184 3.78 3.30 -18.48
C ALA C 184 4.91 2.30 -18.73
N THR C 185 4.75 1.49 -19.77
CA THR C 185 5.65 0.38 -20.02
C THR C 185 7.12 0.78 -20.13
N LEU C 186 7.90 0.42 -19.12
CA LEU C 186 9.34 0.65 -19.10
C LEU C 186 10.05 -0.19 -20.15
N THR C 187 10.83 0.46 -21.01
CA THR C 187 11.56 -0.23 -22.07
C THR C 187 12.93 0.41 -22.24
N THR C 188 13.98 -0.38 -22.11
CA THR C 188 15.31 0.15 -22.32
C THR C 188 15.79 -0.10 -23.74
N SER C 189 16.28 0.95 -24.38
CA SER C 189 16.93 0.83 -25.68
C SER C 189 17.91 -0.33 -25.65
N PRO C 190 18.06 -1.02 -26.79
CA PRO C 190 19.05 -2.09 -26.90
C PRO C 190 20.45 -1.53 -26.65
N PHE C 191 21.18 -2.17 -25.74
CA PHE C 191 22.57 -1.80 -25.47
C PHE C 191 23.51 -2.91 -25.90
N PHE C 192 24.45 -2.58 -26.77
CA PHE C 192 25.37 -3.58 -27.30
C PHE C 192 26.66 -3.60 -26.52
N PHE C 193 27.23 -4.78 -26.35
CA PHE C 193 28.50 -4.93 -25.63
C PHE C 193 29.31 -6.11 -26.13
N SER C 194 30.51 -6.29 -25.58
CA SER C 194 31.39 -7.39 -25.93
C SER C 194 32.35 -7.70 -24.79
N TYR C 195 32.64 -8.98 -24.59
CA TYR C 195 33.62 -9.34 -23.59
C TYR C 195 34.46 -10.54 -24.04
N ILE C 196 35.60 -10.72 -23.40
CA ILE C 196 36.48 -11.84 -23.70
C ILE C 196 35.89 -13.10 -23.10
N ARG C 197 35.63 -14.09 -23.94
CA ARG C 197 34.90 -15.28 -23.50
C ARG C 197 35.81 -16.42 -23.07
N GLU C 198 35.27 -17.27 -22.21
CA GLU C 198 35.91 -18.52 -21.82
C GLU C 198 36.00 -19.40 -23.06
N ASP C 199 36.62 -20.56 -22.93
CA ASP C 199 36.82 -21.43 -24.09
C ASP C 199 37.18 -22.88 -23.74
N ASP C 200 36.17 -23.67 -23.38
CA ASP C 200 36.30 -25.12 -23.18
C ASP C 200 37.66 -25.58 -22.65
N ASP D 7 15.49 74.23 15.80
CA ASP D 7 15.15 72.81 15.70
C ASP D 7 14.27 72.36 16.87
N SER D 8 13.02 72.84 16.90
CA SER D 8 12.06 72.45 17.93
C SER D 8 11.73 70.96 17.83
N ILE D 9 12.12 70.20 18.85
CA ILE D 9 12.08 68.73 18.81
C ILE D 9 11.98 68.18 17.38
N ASN D 10 13.12 67.76 16.83
CA ASN D 10 13.17 67.35 15.43
C ASN D 10 13.47 65.87 15.21
N THR D 11 13.88 65.18 16.27
CA THR D 11 14.29 63.79 16.15
C THR D 11 13.62 62.90 17.17
N LEU D 12 13.08 61.79 16.71
CA LEU D 12 12.53 60.76 17.58
C LEU D 12 13.31 59.47 17.35
N TRP D 13 13.97 58.96 18.37
CA TRP D 13 14.83 57.79 18.19
C TRP D 13 14.95 56.90 19.42
N THR D 14 15.70 55.81 19.26
CA THR D 14 15.93 54.86 20.34
C THR D 14 17.14 55.30 21.13
N GLY D 15 17.89 56.24 20.58
CA GLY D 15 19.11 56.69 21.20
C GLY D 15 20.30 55.90 20.67
N ILE D 16 21.46 56.54 20.65
CA ILE D 16 22.65 55.92 20.10
C ILE D 16 23.13 54.75 20.96
N LYS D 17 23.53 53.67 20.29
CA LYS D 17 24.13 52.51 20.96
C LYS D 17 23.26 52.04 22.13
N PRO D 18 22.05 51.57 21.82
CA PRO D 18 21.04 51.20 22.81
C PRO D 18 21.36 49.89 23.50
N PRO D 19 20.83 49.70 24.71
CA PRO D 19 20.89 48.46 25.48
C PRO D 19 19.77 47.52 25.03
N PRO D 20 20.01 46.20 25.08
CA PRO D 20 19.03 45.23 24.59
C PRO D 20 17.61 45.73 24.81
N ASN D 21 16.90 46.02 23.73
CA ASN D 21 15.65 46.78 23.82
C ASN D 21 14.45 46.20 23.05
N CYS D 22 14.54 44.95 22.62
CA CYS D 22 13.43 44.33 21.89
C CYS D 22 13.53 42.83 21.89
N GLN D 23 12.39 42.19 21.73
CA GLN D 23 12.31 40.74 21.76
C GLN D 23 12.06 40.22 20.35
N ILE D 24 13.00 39.39 19.88
CA ILE D 24 12.96 38.82 18.54
C ILE D 24 12.41 37.39 18.51
N VAL D 25 13.01 36.50 19.31
CA VAL D 25 12.60 35.11 19.37
C VAL D 25 11.13 34.98 19.78
N GLU D 26 10.42 34.04 19.13
CA GLU D 26 8.99 33.82 19.34
C GLU D 26 8.54 34.14 20.77
N ASN D 27 8.89 33.27 21.70
CA ASN D 27 8.57 33.49 23.10
C ASN D 27 9.81 33.57 23.99
N THR D 28 9.95 34.67 24.72
CA THR D 28 11.02 34.79 25.70
C THR D 28 10.76 35.88 26.75
N ASP D 29 11.47 35.78 27.87
CA ASP D 29 11.28 36.67 29.01
C ASP D 29 12.27 37.83 28.96
N THR D 30 13.29 37.68 28.12
CA THR D 30 14.41 38.62 28.08
C THR D 30 14.46 39.36 26.75
N ASN D 31 15.12 40.51 26.74
CA ASN D 31 15.37 41.21 25.49
C ASN D 31 16.59 40.61 24.78
N ASP D 32 16.46 40.38 23.49
CA ASP D 32 17.47 39.66 22.73
C ASP D 32 17.96 40.41 21.48
N GLY D 33 17.56 41.67 21.36
CA GLY D 33 17.93 42.45 20.20
C GLY D 33 18.15 43.91 20.52
N LYS D 34 19.17 44.49 19.91
CA LYS D 34 19.43 45.91 20.03
C LYS D 34 18.97 46.61 18.74
N LEU D 35 17.80 47.23 18.79
CA LEU D 35 17.30 47.95 17.63
C LEU D 35 17.64 49.45 17.66
N THR D 36 18.49 49.89 16.73
CA THR D 36 18.76 51.31 16.57
C THR D 36 17.77 51.88 15.55
N LEU D 37 16.97 52.84 15.97
CA LEU D 37 16.01 53.44 15.06
C LEU D 37 15.99 54.96 15.21
N VAL D 38 16.22 55.67 14.12
CA VAL D 38 16.17 57.12 14.13
C VAL D 38 15.13 57.64 13.16
N LEU D 39 14.16 58.39 13.66
CA LEU D 39 13.15 59.01 12.81
C LEU D 39 13.30 60.53 12.88
N VAL D 40 13.37 61.18 11.72
CA VAL D 40 13.63 62.61 11.66
C VAL D 40 12.56 63.38 10.88
N LYS D 41 11.98 64.41 11.49
CA LYS D 41 11.03 65.28 10.82
C LYS D 41 11.73 66.07 9.71
N ASN D 42 11.29 65.87 8.49
CA ASN D 42 11.88 66.56 7.35
C ASN D 42 10.81 66.91 6.31
N GLY D 43 10.25 68.09 6.43
CA GLY D 43 9.15 68.49 5.56
C GLY D 43 7.93 67.62 5.77
N GLY D 44 7.22 67.32 4.68
CA GLY D 44 6.06 66.45 4.75
C GLY D 44 6.41 64.99 5.00
N LEU D 45 7.69 64.65 4.89
CA LEU D 45 8.13 63.27 5.07
C LEU D 45 8.83 63.07 6.40
N VAL D 46 9.22 61.82 6.64
CA VAL D 46 10.12 61.48 7.73
C VAL D 46 11.33 60.78 7.10
N ASN D 47 12.51 60.97 7.69
CA ASN D 47 13.69 60.25 7.23
C ASN D 47 14.03 59.14 8.21
N GLY D 48 14.11 57.91 7.71
CA GLY D 48 14.30 56.75 8.56
C GLY D 48 15.68 56.11 8.47
N TYR D 49 16.19 55.72 9.63
CA TYR D 49 17.46 55.03 9.74
C TYR D 49 17.21 53.84 10.66
N VAL D 50 17.60 52.64 10.24
CA VAL D 50 17.33 51.46 11.07
C VAL D 50 18.35 50.35 10.90
N SER D 51 18.93 49.92 12.01
CA SER D 51 19.85 48.79 12.04
C SER D 51 19.53 47.89 13.22
N LEU D 52 19.98 46.64 13.15
CA LEU D 52 19.67 45.66 14.19
C LEU D 52 20.91 44.90 14.62
N VAL D 53 21.01 44.60 15.91
CA VAL D 53 22.09 43.78 16.43
C VAL D 53 21.52 42.69 17.33
N GLY D 54 21.99 41.47 17.15
CA GLY D 54 21.54 40.36 17.96
C GLY D 54 22.24 40.25 19.28
N VAL D 55 21.50 39.81 20.30
CA VAL D 55 22.09 39.61 21.62
C VAL D 55 22.05 38.13 22.02
N SER D 56 20.85 37.56 22.11
CA SER D 56 20.69 36.17 22.54
C SER D 56 21.37 35.21 21.58
N ASP D 57 21.98 34.17 22.15
CA ASP D 57 22.63 33.15 21.34
C ASP D 57 21.68 32.53 20.32
N THR D 58 20.42 32.36 20.70
CA THR D 58 19.43 31.81 19.79
C THR D 58 19.27 32.69 18.56
N VAL D 59 19.37 34.01 18.74
CA VAL D 59 19.26 34.94 17.63
C VAL D 59 20.53 34.93 16.79
N ASN D 60 21.68 34.91 17.45
CA ASN D 60 22.95 34.92 16.74
C ASN D 60 23.26 33.59 16.06
N GLN D 61 22.43 32.58 16.33
CA GLN D 61 22.55 31.30 15.66
C GLN D 61 21.66 31.24 14.43
N MET D 62 20.81 32.24 14.26
CA MET D 62 19.85 32.25 13.17
C MET D 62 20.52 32.14 11.81
N PHE D 63 21.68 32.78 11.67
CA PHE D 63 22.38 32.79 10.38
C PHE D 63 23.31 31.60 10.18
N THR D 64 23.01 30.48 10.81
CA THR D 64 23.70 29.22 10.54
C THR D 64 22.82 28.36 9.64
N GLN D 65 21.65 28.90 9.30
CA GLN D 65 20.73 28.26 8.37
C GLN D 65 20.81 28.94 7.01
N LYS D 66 20.21 28.32 6.00
CA LYS D 66 20.20 28.89 4.67
C LYS D 66 19.23 30.07 4.59
N SER D 67 18.28 30.10 5.53
CA SER D 67 17.30 31.17 5.54
C SER D 67 16.84 31.48 6.96
N ALA D 68 16.32 32.70 7.16
CA ALA D 68 15.79 33.10 8.45
C ALA D 68 14.92 34.34 8.29
N THR D 69 14.08 34.60 9.29
CA THR D 69 13.20 35.76 9.27
C THR D 69 13.17 36.43 10.64
N ILE D 70 13.21 37.76 10.63
CA ILE D 70 13.11 38.54 11.85
C ILE D 70 12.04 39.60 11.66
N GLN D 71 11.10 39.68 12.60
CA GLN D 71 9.99 40.61 12.47
C GLN D 71 9.70 41.37 13.76
N LEU D 72 10.18 42.61 13.83
CA LEU D 72 9.83 43.51 14.92
C LEU D 72 8.66 44.36 14.48
N ARG D 73 7.68 44.54 15.36
CA ARG D 73 6.57 45.43 15.04
C ARG D 73 6.27 46.36 16.20
N LEU D 74 6.18 47.65 15.89
CA LEU D 74 5.92 48.69 16.88
C LEU D 74 4.52 49.24 16.70
N TYR D 75 3.76 49.31 17.79
CA TYR D 75 2.44 49.90 17.74
C TYR D 75 2.43 51.18 18.56
N PHE D 76 1.65 52.16 18.13
CA PHE D 76 1.57 53.45 18.81
C PHE D 76 0.13 53.80 19.16
N ASP D 77 -0.05 54.68 20.15
CA ASP D 77 -1.39 55.11 20.56
C ASP D 77 -1.77 56.40 19.85
N SER D 78 -2.90 56.97 20.24
CA SER D 78 -3.39 58.20 19.62
C SER D 78 -2.34 59.31 19.66
N SER D 79 -1.48 59.27 20.67
CA SER D 79 -0.51 60.33 20.91
C SER D 79 0.85 60.06 20.27
N GLY D 80 1.03 58.85 19.76
CA GLY D 80 2.25 58.50 19.08
C GLY D 80 3.32 57.91 19.98
N ASN D 81 2.93 57.56 21.20
CA ASN D 81 3.86 56.95 22.13
C ASN D 81 3.84 55.44 21.94
N LEU D 82 4.99 54.81 22.14
CA LEU D 82 5.10 53.37 21.95
C LEU D 82 4.15 52.61 22.89
N LEU D 83 3.43 51.65 22.34
CA LEU D 83 2.64 50.73 23.16
C LEU D 83 3.55 49.58 23.53
N THR D 84 4.39 49.82 24.52
CA THR D 84 5.47 48.91 24.88
C THR D 84 5.04 47.46 25.12
N ASP D 85 3.78 47.24 25.50
CA ASP D 85 3.33 45.90 25.83
C ASP D 85 2.93 45.05 24.62
N GLU D 86 2.31 45.69 23.63
CA GLU D 86 1.87 45.00 22.43
C GLU D 86 2.99 44.84 21.41
N SER D 87 4.03 45.66 21.54
CA SER D 87 5.08 45.76 20.54
C SER D 87 6.29 44.88 20.81
N ASN D 88 7.07 44.58 19.77
CA ASN D 88 8.29 43.83 19.91
C ASN D 88 9.38 44.70 20.51
N LEU D 89 9.22 46.00 20.35
CA LEU D 89 10.16 46.96 20.94
C LEU D 89 9.70 47.26 22.34
N LYS D 90 10.58 47.06 23.31
CA LYS D 90 10.19 47.09 24.71
C LYS D 90 10.66 48.31 25.49
N ILE D 91 11.22 49.30 24.79
CA ILE D 91 11.62 50.57 25.40
C ILE D 91 11.12 51.74 24.57
N PRO D 92 10.49 52.72 25.22
CA PRO D 92 9.89 53.85 24.50
C PRO D 92 10.90 54.58 23.63
N LEU D 93 10.41 55.41 22.72
CA LEU D 93 11.28 56.27 21.94
C LEU D 93 11.35 57.62 22.63
N LYS D 94 12.51 58.27 22.54
CA LYS D 94 12.70 59.58 23.14
C LYS D 94 13.11 60.59 22.09
N ASN D 95 12.93 61.88 22.37
CA ASN D 95 13.45 62.92 21.49
C ASN D 95 14.92 63.15 21.81
N LYS D 96 15.63 63.81 20.90
CA LYS D 96 17.05 64.08 21.09
C LYS D 96 17.23 65.25 22.06
N SER D 97 16.20 66.10 22.12
CA SER D 97 16.16 67.22 23.06
C SER D 97 16.39 66.77 24.51
N SER D 107 4.16 64.18 23.24
CA SER D 107 3.28 64.65 22.17
C SER D 107 3.84 64.34 20.77
N SER D 108 4.69 63.31 20.70
CA SER D 108 5.37 62.95 19.46
C SER D 108 4.50 62.16 18.49
N LYS D 109 3.50 62.85 17.95
CA LYS D 109 2.57 62.25 16.99
C LYS D 109 2.99 62.63 15.58
N ALA D 110 3.63 63.78 15.45
CA ALA D 110 4.07 64.27 14.15
C ALA D 110 4.96 63.27 13.43
N PHE D 111 5.59 62.38 14.19
CA PHE D 111 6.53 61.42 13.62
C PHE D 111 5.84 60.17 13.05
N MET D 112 4.56 60.00 13.35
CA MET D 112 3.83 58.83 12.90
C MET D 112 3.64 58.83 11.38
N PRO D 113 3.36 57.65 10.80
CA PRO D 113 3.06 57.53 9.38
C PRO D 113 1.60 57.91 9.11
N SER D 114 1.39 58.84 8.19
CA SER D 114 0.04 59.29 7.84
C SER D 114 -0.98 58.14 7.70
N THR D 115 -2.11 58.29 8.36
CA THR D 115 -3.20 57.34 8.28
C THR D 115 -3.94 57.55 6.95
N THR D 116 -3.73 58.71 6.36
CA THR D 116 -4.31 59.02 5.06
C THR D 116 -3.48 58.38 3.96
N ALA D 117 -2.17 58.46 4.13
CA ALA D 117 -1.21 57.94 3.16
C ALA D 117 -1.12 56.41 3.21
N TYR D 118 -0.99 55.88 4.43
CA TYR D 118 -0.90 54.45 4.63
C TYR D 118 -1.96 54.04 5.62
N PRO D 119 -3.20 53.87 5.13
CA PRO D 119 -4.40 53.61 5.94
C PRO D 119 -4.37 52.26 6.65
N PHE D 120 -5.31 52.07 7.58
CA PHE D 120 -5.51 50.75 8.17
C PHE D 120 -6.57 50.04 7.35
N ASN D 121 -6.61 48.72 7.43
CA ASN D 121 -7.47 47.94 6.52
C ASN D 121 -8.39 46.92 7.14
N THR D 122 -9.47 46.64 6.39
CA THR D 122 -10.33 45.47 6.59
C THR D 122 -10.07 44.46 5.45
N THR D 123 -8.88 43.88 5.44
CA THR D 123 -8.45 42.91 4.42
C THR D 123 -7.85 43.57 3.17
N ARG D 125 -4.07 44.14 3.83
CA ARG D 125 -2.67 44.37 3.53
C ARG D 125 -2.49 45.15 2.23
N ASP D 126 -3.05 46.35 2.17
CA ASP D 126 -2.89 47.18 1.00
C ASP D 126 -1.42 47.21 0.56
N SER D 127 -1.18 46.82 -0.70
CA SER D 127 0.18 46.75 -1.25
C SER D 127 0.90 48.09 -1.22
N GLU D 128 0.12 49.18 -1.23
CA GLU D 128 0.69 50.52 -1.27
C GLU D 128 1.29 50.92 0.07
N ASN D 129 1.11 50.06 1.07
CA ASN D 129 1.55 50.34 2.44
C ASN D 129 2.93 49.80 2.80
N TYR D 130 3.55 49.08 1.89
CA TYR D 130 4.86 48.49 2.17
C TYR D 130 5.96 49.33 1.56
N ILE D 131 7.08 49.45 2.27
CA ILE D 131 8.32 49.93 1.69
C ILE D 131 9.25 48.73 1.55
N HIS D 132 9.98 48.64 0.45
CA HIS D 132 10.86 47.49 0.24
C HIS D 132 12.26 47.90 -0.12
N GLY D 133 13.23 47.04 0.23
CA GLY D 133 14.63 47.30 -0.08
C GLY D 133 15.55 46.18 0.31
N ILE D 134 16.85 46.45 0.30
CA ILE D 134 17.84 45.44 0.63
C ILE D 134 18.98 46.00 1.45
N CYS D 135 19.15 45.48 2.67
CA CYS D 135 20.36 45.76 3.45
C CYS D 135 21.26 44.53 3.50
N TYR D 136 22.38 44.63 4.22
CA TYR D 136 23.40 43.59 4.13
C TYR D 136 23.97 43.12 5.47
N TYR D 137 24.40 41.86 5.49
CA TYR D 137 25.04 41.26 6.66
C TYR D 137 26.49 40.91 6.33
N MET D 138 27.41 41.32 7.19
CA MET D 138 28.82 41.00 6.96
C MET D 138 29.20 39.72 7.70
N THR D 139 29.70 38.73 6.97
CA THR D 139 30.06 37.46 7.59
C THR D 139 31.19 37.63 8.57
N SER D 140 31.26 36.72 9.53
CA SER D 140 32.22 36.80 10.62
C SER D 140 33.65 36.57 10.19
N TYR D 141 33.85 35.61 9.28
CA TYR D 141 35.20 35.17 8.94
C TYR D 141 35.90 36.02 7.88
N ASP D 142 35.24 36.26 6.75
CA ASP D 142 35.89 36.97 5.65
C ASP D 142 35.21 38.30 5.29
N ARG D 143 34.17 38.66 6.03
CA ARG D 143 33.51 39.96 5.85
C ARG D 143 32.72 40.09 4.54
N SER D 144 32.62 39.01 3.78
CA SER D 144 31.85 39.03 2.54
C SER D 144 30.41 39.49 2.80
N LEU D 145 29.75 40.03 1.78
CA LEU D 145 28.40 40.57 1.95
C LEU D 145 27.29 39.56 1.66
N VAL D 146 26.20 39.63 2.43
CA VAL D 146 25.05 38.74 2.25
C VAL D 146 23.73 39.52 2.25
N PRO D 147 23.04 39.54 1.11
CA PRO D 147 21.80 40.31 0.92
C PRO D 147 20.68 39.93 1.88
N LEU D 148 20.18 40.90 2.64
CA LEU D 148 19.01 40.69 3.48
C LEU D 148 17.83 41.45 2.90
N ASN D 149 16.68 40.82 2.81
CA ASN D 149 15.49 41.49 2.29
C ASN D 149 14.75 42.22 3.39
N ILE D 150 14.83 43.55 3.38
CA ILE D 150 14.14 44.36 4.37
C ILE D 150 12.86 44.90 3.80
N SER D 151 11.79 44.83 4.58
CA SER D 151 10.53 45.42 4.18
C SER D 151 9.79 46.00 5.38
N ILE D 152 9.37 47.25 5.24
CA ILE D 152 8.70 47.97 6.32
C ILE D 152 7.23 48.18 5.99
N MET D 153 6.35 47.66 6.84
CA MET D 153 4.91 47.85 6.65
C MET D 153 4.40 49.00 7.52
N LEU D 154 3.77 49.98 6.89
CA LEU D 154 3.21 51.11 7.61
C LEU D 154 1.73 50.90 7.88
N ASN D 155 1.35 50.92 9.16
CA ASN D 155 -0.03 50.70 9.54
C ASN D 155 -0.56 49.44 8.86
N SER D 156 -1.68 49.56 8.17
CA SER D 156 -2.31 48.43 7.48
C SER D 156 -3.08 47.49 8.41
N ARG D 157 -2.39 46.88 9.37
CA ARG D 157 -3.04 46.01 10.34
C ARG D 157 -2.97 46.56 11.74
N THR D 158 -3.98 46.26 12.53
CA THR D 158 -4.06 46.68 13.91
C THR D 158 -4.55 45.49 14.71
N ILE D 159 -4.13 45.37 15.96
CA ILE D 159 -4.46 44.18 16.75
C ILE D 159 -5.06 44.50 18.13
N SER D 160 -5.31 45.78 18.40
CA SER D 160 -5.84 46.19 19.69
C SER D 160 -6.62 47.50 19.54
N SER D 161 -7.49 47.78 20.50
CA SER D 161 -8.25 49.03 20.51
C SER D 161 -7.33 50.23 20.76
N ASN D 162 -6.16 49.96 21.32
CA ASN D 162 -5.21 51.01 21.67
C ASN D 162 -4.43 51.53 20.47
N VAL D 163 -4.18 50.66 19.50
CA VAL D 163 -3.30 50.97 18.38
C VAL D 163 -3.84 52.08 17.51
N ALA D 164 -2.98 53.03 17.18
CA ALA D 164 -3.36 54.17 16.35
C ALA D 164 -2.38 54.32 15.19
N TYR D 165 -1.22 53.70 15.34
CA TYR D 165 -0.16 53.77 14.34
C TYR D 165 0.68 52.51 14.43
N ALA D 166 1.22 52.06 13.30
CA ALA D 166 2.03 50.85 13.29
C ALA D 166 3.21 50.90 12.33
N ILE D 167 4.35 50.41 12.79
CA ILE D 167 5.52 50.25 11.94
C ILE D 167 6.08 48.84 12.14
N GLN D 168 6.13 48.07 11.07
CA GLN D 168 6.58 46.69 11.13
C GLN D 168 7.81 46.45 10.26
N PHE D 169 8.95 46.24 10.90
CA PHE D 169 10.21 45.95 10.21
C PHE D 169 10.38 44.45 10.04
N GLU D 170 10.64 43.99 8.81
CA GLU D 170 10.85 42.56 8.57
C GLU D 170 12.12 42.30 7.75
N TRP D 171 13.14 41.74 8.40
CA TRP D 171 14.35 41.32 7.70
C TRP D 171 14.20 39.88 7.26
N ASN D 172 14.87 39.51 6.17
CA ASN D 172 14.74 38.16 5.67
C ASN D 172 15.99 37.64 4.98
N LEU D 173 16.51 36.53 5.50
CA LEU D 173 17.64 35.86 4.88
C LEU D 173 17.13 34.79 3.94
N ASN D 174 17.83 34.63 2.82
CA ASN D 174 17.51 33.58 1.87
C ASN D 174 18.65 33.38 0.89
N ALA D 175 19.54 32.46 1.20
CA ALA D 175 20.73 32.25 0.40
C ALA D 175 20.84 30.81 -0.07
N LYS D 176 21.77 30.55 -0.98
CA LYS D 176 22.02 29.22 -1.49
C LYS D 176 22.63 28.36 -0.39
N GLU D 177 23.40 28.99 0.49
CA GLU D 177 23.98 28.30 1.64
C GLU D 177 24.10 29.24 2.83
N SER D 178 24.13 28.67 4.04
CA SER D 178 24.18 29.45 5.27
C SER D 178 25.43 30.33 5.37
N PRO D 179 25.24 31.58 5.81
CA PRO D 179 26.32 32.57 5.94
C PRO D 179 27.35 32.18 6.99
N GLU D 180 26.87 31.61 8.10
CA GLU D 180 27.75 31.21 9.19
C GLU D 180 27.71 29.71 9.44
N SER D 181 28.75 29.20 10.07
CA SER D 181 28.78 27.81 10.49
C SER D 181 28.67 27.74 12.01
N ASN D 182 28.86 28.89 12.66
CA ASN D 182 28.81 28.97 14.11
C ASN D 182 28.07 30.21 14.59
N ILE D 183 28.02 30.40 15.91
CA ILE D 183 27.37 31.56 16.49
C ILE D 183 28.14 32.81 16.14
N ALA D 184 27.42 33.81 15.65
CA ALA D 184 28.05 35.07 15.27
C ALA D 184 27.09 36.24 15.50
N THR D 185 27.61 37.31 16.08
CA THR D 185 26.81 38.49 16.34
C THR D 185 26.08 38.96 15.08
N LEU D 186 24.76 38.83 15.09
CA LEU D 186 23.96 39.24 13.94
C LEU D 186 23.89 40.76 13.88
N THR D 187 24.23 41.33 12.73
CA THR D 187 24.14 42.78 12.54
C THR D 187 23.65 43.09 11.14
N THR D 188 22.54 43.82 11.05
CA THR D 188 22.05 44.22 9.74
C THR D 188 22.55 45.63 9.42
N SER D 189 23.01 45.81 8.19
CA SER D 189 23.47 47.11 7.71
C SER D 189 22.39 48.15 7.87
N PRO D 190 22.79 49.40 8.13
CA PRO D 190 21.86 50.53 8.18
C PRO D 190 21.02 50.58 6.90
N PHE D 191 19.71 50.59 7.06
CA PHE D 191 18.81 50.72 5.92
C PHE D 191 17.98 52.01 6.03
N PHE D 192 18.17 52.92 5.08
CA PHE D 192 17.48 54.20 5.13
C PHE D 192 16.16 54.17 4.36
N PHE D 193 15.18 54.92 4.84
CA PHE D 193 13.87 54.97 4.22
C PHE D 193 13.20 56.32 4.44
N SER D 194 11.96 56.44 3.97
CA SER D 194 11.17 57.65 4.14
C SER D 194 9.68 57.38 3.92
N TYR D 195 8.84 58.00 4.73
CA TYR D 195 7.40 57.90 4.53
C TYR D 195 6.71 59.24 4.72
N ILE D 196 5.51 59.35 4.17
CA ILE D 196 4.67 60.53 4.35
C ILE D 196 4.17 60.53 5.78
N ARG D 197 4.38 61.64 6.49
CA ARG D 197 4.09 61.67 7.92
C ARG D 197 2.77 62.35 8.26
N GLU D 198 2.32 62.13 9.49
CA GLU D 198 1.07 62.67 10.00
C GLU D 198 1.21 64.16 10.33
N ASP D 199 0.09 64.88 10.25
CA ASP D 199 0.08 66.32 10.54
C ASP D 199 0.12 66.63 12.04
N ILE E 9 7.35 77.52 3.54
CA ILE E 9 7.07 76.55 2.49
C ILE E 9 8.25 75.59 2.28
N ASN E 10 8.11 74.37 2.78
CA ASN E 10 9.21 73.41 2.78
C ASN E 10 8.96 72.17 1.92
N THR E 11 7.73 71.98 1.50
CA THR E 11 7.38 70.77 0.75
C THR E 11 6.63 71.09 -0.54
N LEU E 12 7.08 70.46 -1.63
CA LEU E 12 6.37 70.55 -2.89
C LEU E 12 5.95 69.14 -3.28
N TRP E 13 4.65 68.91 -3.43
CA TRP E 13 4.17 67.55 -3.70
C TRP E 13 2.87 67.49 -4.52
N THR E 14 2.45 66.26 -4.81
CA THR E 14 1.21 66.01 -5.54
C THR E 14 0.05 65.95 -4.57
N GLY E 15 0.37 65.88 -3.29
CA GLY E 15 -0.64 65.70 -2.26
C GLY E 15 -0.91 64.23 -1.99
N ILE E 16 -1.31 63.93 -0.76
CA ILE E 16 -1.50 62.56 -0.33
C ILE E 16 -2.70 61.92 -1.05
N LYS E 17 -2.52 60.67 -1.46
CA LYS E 17 -3.61 59.89 -2.05
C LYS E 17 -4.30 60.67 -3.16
N PRO E 18 -3.56 60.94 -4.24
CA PRO E 18 -4.02 61.76 -5.36
C PRO E 18 -5.02 61.05 -6.25
N PRO E 19 -5.86 61.83 -6.94
CA PRO E 19 -6.80 61.35 -7.97
C PRO E 19 -6.07 61.20 -9.30
N PRO E 20 -6.48 60.23 -10.12
CA PRO E 20 -5.81 59.95 -11.40
C PRO E 20 -5.23 61.22 -12.01
N ASN E 21 -3.91 61.33 -12.06
CA ASN E 21 -3.27 62.61 -12.34
C ASN E 21 -2.16 62.59 -13.38
N CYS E 22 -2.09 61.53 -14.16
CA CYS E 22 -1.07 61.46 -15.20
C CYS E 22 -1.40 60.42 -16.25
N GLN E 23 -0.86 60.63 -17.45
CA GLN E 23 -1.14 59.75 -18.58
C GLN E 23 0.09 58.90 -18.89
N ILE E 24 -0.10 57.59 -18.93
CA ILE E 24 1.01 56.68 -19.10
C ILE E 24 1.08 56.13 -20.52
N VAL E 25 -0.07 55.75 -21.07
CA VAL E 25 -0.08 55.12 -22.39
C VAL E 25 -0.15 56.11 -23.53
N GLU E 26 0.71 55.90 -24.52
CA GLU E 26 0.87 56.79 -25.68
C GLU E 26 -0.30 57.74 -25.92
N ASN E 27 -1.34 57.25 -26.57
CA ASN E 27 -2.49 58.07 -26.93
C ASN E 27 -3.68 57.83 -26.02
N THR E 28 -4.01 58.84 -25.22
CA THR E 28 -5.07 58.69 -24.23
C THR E 28 -5.88 59.97 -24.01
N ASP E 29 -7.18 59.80 -23.81
CA ASP E 29 -8.10 60.90 -23.56
C ASP E 29 -8.15 61.23 -22.08
N THR E 30 -8.01 60.18 -21.27
CA THR E 30 -8.11 60.31 -19.81
C THR E 30 -6.81 59.99 -19.08
N ASN E 31 -6.80 60.30 -17.78
CA ASN E 31 -5.67 59.98 -16.91
C ASN E 31 -5.75 58.53 -16.45
N ASP E 32 -4.61 57.85 -16.47
CA ASP E 32 -4.59 56.41 -16.20
C ASP E 32 -3.59 56.03 -15.11
N GLY E 33 -3.05 57.03 -14.42
CA GLY E 33 -2.09 56.76 -13.37
C GLY E 33 -2.19 57.71 -12.19
N LYS E 34 -1.99 57.17 -11.00
CA LYS E 34 -1.92 57.99 -9.81
C LYS E 34 -0.47 58.10 -9.36
N LEU E 35 0.16 59.24 -9.66
CA LEU E 35 1.54 59.45 -9.25
C LEU E 35 1.65 60.24 -7.94
N THR E 36 2.12 59.56 -6.89
CA THR E 36 2.43 60.23 -5.64
C THR E 36 3.89 60.70 -5.68
N LEU E 37 4.09 62.01 -5.58
CA LEU E 37 5.45 62.57 -5.57
C LEU E 37 5.63 63.63 -4.50
N VAL E 38 6.59 63.41 -3.62
CA VAL E 38 6.90 64.38 -2.58
C VAL E 38 8.33 64.88 -2.72
N LEU E 39 8.50 66.19 -2.87
CA LEU E 39 9.82 66.80 -2.91
C LEU E 39 10.00 67.72 -1.70
N VAL E 40 11.08 67.53 -0.96
CA VAL E 40 11.30 68.29 0.28
C VAL E 40 12.62 69.05 0.30
N LYS E 41 12.55 70.36 0.56
CA LYS E 41 13.77 71.17 0.70
C LYS E 41 14.55 70.75 1.94
N ASN E 42 15.78 70.28 1.72
CA ASN E 42 16.63 69.83 2.83
C ASN E 42 18.08 70.20 2.57
N GLY E 43 18.48 71.38 3.05
CA GLY E 43 19.83 71.88 2.79
C GLY E 43 20.04 72.16 1.32
N GLY E 44 21.25 71.87 0.83
CA GLY E 44 21.54 72.04 -0.59
C GLY E 44 20.88 71.00 -1.47
N LEU E 45 20.31 69.96 -0.86
CA LEU E 45 19.68 68.88 -1.62
C LEU E 45 18.16 68.98 -1.58
N VAL E 46 17.53 68.03 -2.27
CA VAL E 46 16.10 67.79 -2.14
C VAL E 46 15.96 66.32 -1.77
N ASN E 47 14.95 65.99 -0.96
CA ASN E 47 14.64 64.61 -0.64
C ASN E 47 13.42 64.17 -1.41
N GLY E 48 13.57 63.08 -2.17
CA GLY E 48 12.51 62.63 -3.06
C GLY E 48 11.82 61.36 -2.60
N TYR E 49 10.50 61.34 -2.77
CA TYR E 49 9.68 60.18 -2.49
C TYR E 49 8.78 60.01 -3.70
N VAL E 50 8.70 58.80 -4.24
CA VAL E 50 7.88 58.58 -5.44
C VAL E 50 7.33 57.16 -5.57
N SER E 51 6.01 57.07 -5.72
CA SER E 51 5.33 55.79 -5.96
C SER E 51 4.29 55.97 -7.05
N LEU E 52 3.88 54.86 -7.66
CA LEU E 52 2.94 54.91 -8.77
C LEU E 52 1.85 53.87 -8.61
N VAL E 53 0.63 54.24 -9.00
CA VAL E 53 -0.49 53.31 -9.00
C VAL E 53 -1.22 53.38 -10.33
N GLY E 54 -1.54 52.23 -10.89
CA GLY E 54 -2.23 52.17 -12.17
C GLY E 54 -3.73 52.29 -12.04
N VAL E 55 -4.35 52.94 -13.01
CA VAL E 55 -5.80 53.09 -13.03
C VAL E 55 -6.42 52.35 -14.20
N SER E 56 -6.06 52.75 -15.42
CA SER E 56 -6.62 52.16 -16.63
C SER E 56 -6.30 50.66 -16.73
N ASP E 57 -7.28 49.89 -17.21
CA ASP E 57 -7.08 48.46 -17.37
C ASP E 57 -5.89 48.15 -18.27
N THR E 58 -5.66 48.99 -19.27
CA THR E 58 -4.54 48.80 -20.17
C THR E 58 -3.22 48.87 -19.39
N VAL E 59 -3.16 49.75 -18.40
CA VAL E 59 -1.97 49.88 -17.57
C VAL E 59 -1.84 48.71 -16.60
N ASN E 60 -2.95 48.32 -15.99
CA ASN E 60 -2.93 47.23 -15.03
C ASN E 60 -2.75 45.87 -15.69
N GLN E 61 -2.80 45.85 -17.01
CA GLN E 61 -2.53 44.63 -17.77
C GLN E 61 -1.06 44.53 -18.17
N MET E 62 -0.32 45.61 -17.96
CA MET E 62 1.07 45.67 -18.38
C MET E 62 1.91 44.55 -17.77
N PHE E 63 1.62 44.20 -16.53
CA PHE E 63 2.41 43.19 -15.82
C PHE E 63 1.90 41.78 -16.05
N THR E 64 1.26 41.55 -17.20
CA THR E 64 0.93 40.19 -17.62
C THR E 64 1.94 39.72 -18.65
N GLN E 65 2.90 40.61 -18.96
CA GLN E 65 3.99 40.31 -19.86
C GLN E 65 5.26 40.04 -19.06
N LYS E 66 6.28 39.52 -19.73
CA LYS E 66 7.55 39.27 -19.05
C LYS E 66 8.31 40.57 -18.80
N SER E 67 7.95 41.61 -19.57
CA SER E 67 8.61 42.90 -19.43
C SER E 67 7.65 44.04 -19.74
N ALA E 68 7.97 45.22 -19.22
CA ALA E 68 7.19 46.42 -19.51
C ALA E 68 7.98 47.66 -19.14
N THR E 69 7.56 48.81 -19.67
CA THR E 69 8.21 50.08 -19.38
C THR E 69 7.19 51.19 -19.15
N ILE E 70 7.45 52.01 -18.15
CA ILE E 70 6.60 53.15 -17.86
C ILE E 70 7.48 54.38 -17.76
N GLN E 71 7.11 55.44 -18.49
CA GLN E 71 7.93 56.66 -18.51
C GLN E 71 7.11 57.94 -18.36
N LEU E 72 7.09 58.48 -17.14
CA LEU E 72 6.48 59.79 -16.90
C LEU E 72 7.57 60.82 -16.94
N ARG E 73 7.31 61.95 -17.60
CA ARG E 73 8.27 63.03 -17.62
C ARG E 73 7.61 64.37 -17.34
N LEU E 74 8.17 65.10 -16.38
CA LEU E 74 7.64 66.40 -15.98
C LEU E 74 8.57 67.51 -16.46
N TYR E 75 7.99 68.52 -17.09
CA TYR E 75 8.76 69.68 -17.50
C TYR E 75 8.30 70.89 -16.69
N PHE E 76 9.23 71.79 -16.41
CA PHE E 76 8.95 72.98 -15.62
C PHE E 76 9.39 74.26 -16.36
N ASP E 77 8.78 75.38 -16.02
CA ASP E 77 9.14 76.65 -16.64
C ASP E 77 10.19 77.39 -15.81
N SER E 78 10.50 78.62 -16.20
CA SER E 78 11.51 79.41 -15.50
C SER E 78 11.21 79.52 -14.01
N SER E 79 9.92 79.46 -13.67
CA SER E 79 9.47 79.69 -12.30
C SER E 79 9.34 78.39 -11.49
N GLY E 80 9.45 77.25 -12.18
CA GLY E 80 9.40 75.97 -11.51
C GLY E 80 8.01 75.36 -11.42
N ASN E 81 7.06 75.95 -12.14
CA ASN E 81 5.70 75.44 -12.17
C ASN E 81 5.58 74.38 -13.25
N LEU E 82 4.74 73.39 -13.01
CA LEU E 82 4.57 72.31 -13.98
C LEU E 82 4.06 72.84 -15.31
N LEU E 83 4.68 72.39 -16.39
CA LEU E 83 4.16 72.66 -17.73
C LEU E 83 3.19 71.54 -18.07
N THR E 84 1.98 71.66 -17.53
CA THR E 84 1.00 70.58 -17.56
C THR E 84 0.70 70.02 -18.95
N ASP E 85 0.91 70.81 -19.99
CA ASP E 85 0.57 70.38 -21.35
C ASP E 85 1.64 69.52 -22.01
N GLU E 86 2.91 69.83 -21.76
CA GLU E 86 4.01 69.08 -22.33
C GLU E 86 4.32 67.81 -21.53
N SER E 87 3.89 67.79 -20.28
CA SER E 87 4.30 66.74 -19.34
C SER E 87 3.31 65.58 -19.28
N ASN E 88 3.80 64.42 -18.80
CA ASN E 88 2.94 63.26 -18.57
C ASN E 88 2.08 63.48 -17.33
N LEU E 89 2.55 64.31 -16.42
CA LEU E 89 1.82 64.66 -15.22
C LEU E 89 0.88 65.79 -15.56
N LYS E 90 -0.40 65.59 -15.31
CA LYS E 90 -1.43 66.52 -15.80
C LYS E 90 -2.07 67.40 -14.72
N ILE E 91 -1.51 67.37 -13.51
CA ILE E 91 -1.99 68.23 -12.43
C ILE E 91 -0.81 68.89 -11.74
N PRO E 92 -0.89 70.21 -11.54
CA PRO E 92 0.23 70.96 -10.96
C PRO E 92 0.66 70.40 -9.61
N LEU E 93 1.84 70.81 -9.16
CA LEU E 93 2.28 70.47 -7.82
C LEU E 93 1.91 71.62 -6.90
N LYS E 94 1.57 71.30 -5.65
CA LYS E 94 1.23 72.32 -4.67
C LYS E 94 2.16 72.24 -3.45
N ASN E 95 2.27 73.32 -2.70
CA ASN E 95 2.97 73.26 -1.43
C ASN E 95 2.07 72.66 -0.35
N LYS E 96 2.66 72.24 0.76
CA LYS E 96 1.88 71.66 1.85
C LYS E 96 1.21 72.77 2.66
N SER E 97 1.78 73.96 2.59
CA SER E 97 1.22 75.14 3.23
C SER E 97 -0.23 75.39 2.78
N THR E 106 3.46 78.45 -5.57
CA THR E 106 3.86 79.82 -5.90
C THR E 106 5.38 80.03 -5.75
N SER E 107 6.03 80.47 -6.83
CA SER E 107 7.47 80.77 -6.86
C SER E 107 8.36 79.57 -6.48
N SER E 108 7.83 78.37 -6.68
CA SER E 108 8.51 77.14 -6.26
C SER E 108 9.59 76.71 -7.25
N LYS E 109 10.66 77.49 -7.30
CA LYS E 109 11.81 77.22 -8.16
C LYS E 109 12.89 76.53 -7.35
N ALA E 110 12.94 76.83 -6.06
CA ALA E 110 13.95 76.28 -5.17
C ALA E 110 13.97 74.76 -5.21
N PHE E 111 12.84 74.16 -5.59
CA PHE E 111 12.70 72.70 -5.59
C PHE E 111 13.25 72.03 -6.84
N MET E 112 13.55 72.83 -7.86
CA MET E 112 14.06 72.30 -9.12
C MET E 112 15.45 71.71 -8.98
N PRO E 113 15.85 70.85 -9.93
CA PRO E 113 17.20 70.27 -9.94
C PRO E 113 18.19 71.25 -10.56
N SER E 114 19.26 71.55 -9.84
CA SER E 114 20.28 72.48 -10.33
C SER E 114 20.65 72.28 -11.81
N THR E 115 20.63 73.38 -12.57
CA THR E 115 21.03 73.37 -13.96
C THR E 115 22.54 73.31 -14.05
N THR E 116 23.20 73.67 -12.94
CA THR E 116 24.65 73.61 -12.86
C THR E 116 25.08 72.16 -12.59
N ALA E 117 24.33 71.50 -11.71
CA ALA E 117 24.63 70.14 -11.29
C ALA E 117 24.25 69.12 -12.35
N TYR E 118 23.03 69.27 -12.88
CA TYR E 118 22.53 68.39 -13.92
C TYR E 118 22.09 69.23 -15.11
N PRO E 119 23.05 69.63 -15.95
CA PRO E 119 22.86 70.59 -17.05
C PRO E 119 21.98 70.03 -18.16
N PHE E 120 21.57 70.91 -19.07
CA PHE E 120 20.89 70.46 -20.28
C PHE E 120 21.95 70.24 -21.35
N ASN E 121 21.64 69.43 -22.36
CA ASN E 121 22.65 69.04 -23.32
C ASN E 121 22.33 69.34 -24.79
N THR E 122 23.31 69.90 -25.47
CA THR E 122 23.26 70.12 -26.91
C THR E 122 23.71 68.84 -27.62
N THR E 123 24.50 68.04 -26.90
CA THR E 123 24.99 66.76 -27.43
C THR E 123 24.08 65.58 -27.05
N THR E 124 24.63 64.62 -26.30
CA THR E 124 23.84 63.46 -25.84
C THR E 124 23.51 63.60 -24.35
N ARG E 125 22.73 62.64 -23.84
CA ARG E 125 22.30 62.63 -22.45
C ARG E 125 23.45 62.28 -21.49
N ASP E 126 24.03 63.32 -20.88
CA ASP E 126 25.14 63.17 -19.93
C ASP E 126 24.85 62.10 -18.86
N SER E 127 25.73 61.11 -18.77
CA SER E 127 25.55 59.99 -17.84
C SER E 127 25.46 60.44 -16.38
N GLU E 128 26.04 61.59 -16.09
CA GLU E 128 26.08 62.11 -14.73
C GLU E 128 24.73 62.66 -14.28
N ASN E 129 23.78 62.67 -15.21
CA ASN E 129 22.45 63.25 -14.97
C ASN E 129 21.40 62.25 -14.51
N TYR E 130 21.75 60.97 -14.48
CA TYR E 130 20.79 59.95 -14.13
C TYR E 130 20.96 59.52 -12.67
N ILE E 131 19.84 59.25 -12.02
CA ILE E 131 19.84 58.55 -10.74
C ILE E 131 19.28 57.16 -11.00
N HIS E 132 19.86 56.14 -10.39
CA HIS E 132 19.42 54.77 -10.62
C HIS E 132 19.16 54.03 -9.32
N GLY E 133 18.26 53.05 -9.39
CA GLY E 133 17.94 52.24 -8.24
C GLY E 133 16.94 51.14 -8.54
N ILE E 134 16.41 50.52 -7.49
CA ILE E 134 15.44 49.44 -7.65
C ILE E 134 14.30 49.52 -6.65
N CYS E 135 13.06 49.66 -7.15
CA CYS E 135 11.89 49.49 -6.30
C CYS E 135 11.17 48.18 -6.63
N TYR E 136 10.06 47.91 -5.97
CA TYR E 136 9.46 46.59 -6.06
C TYR E 136 7.95 46.57 -6.30
N TYR E 137 7.49 45.50 -6.92
CA TYR E 137 6.07 45.28 -7.15
C TYR E 137 5.61 44.04 -6.40
N MET E 138 4.52 44.15 -5.65
CA MET E 138 3.97 43.00 -4.95
C MET E 138 2.89 42.31 -5.76
N THR E 139 3.09 41.02 -6.05
CA THR E 139 2.14 40.28 -6.86
C THR E 139 0.80 40.18 -6.16
N SER E 140 -0.25 40.00 -6.96
CA SER E 140 -1.61 40.02 -6.48
C SER E 140 -1.95 38.79 -5.65
N TYR E 141 -1.45 37.63 -6.06
CA TYR E 141 -1.87 36.38 -5.45
C TYR E 141 -1.11 36.00 -4.18
N ASP E 142 0.21 36.02 -4.22
CA ASP E 142 1.00 35.56 -3.07
C ASP E 142 1.89 36.65 -2.48
N ARG E 143 1.79 37.86 -3.00
CA ARG E 143 2.52 39.00 -2.46
C ARG E 143 4.04 38.95 -2.62
N SER E 144 4.54 37.96 -3.36
CA SER E 144 5.98 37.85 -3.62
C SER E 144 6.52 39.12 -4.26
N LEU E 145 7.81 39.37 -4.12
CA LEU E 145 8.41 40.61 -4.62
C LEU E 145 8.97 40.48 -6.04
N VAL E 146 8.84 41.55 -6.83
CA VAL E 146 9.33 41.57 -8.20
C VAL E 146 10.11 42.86 -8.48
N PRO E 147 11.41 42.75 -8.73
CA PRO E 147 12.30 43.90 -8.92
C PRO E 147 11.93 44.77 -10.12
N LEU E 148 11.71 46.06 -9.86
CA LEU E 148 11.50 47.03 -10.93
C LEU E 148 12.70 47.97 -11.02
N ASN E 149 13.18 48.20 -12.22
CA ASN E 149 14.31 49.10 -12.41
C ASN E 149 13.84 50.55 -12.55
N ILE E 150 14.09 51.34 -11.52
CA ILE E 150 13.72 52.74 -11.55
C ILE E 150 14.93 53.60 -11.89
N SER E 151 14.74 54.54 -12.79
CA SER E 151 15.79 55.52 -13.11
C SER E 151 15.22 56.90 -13.36
N ILE E 152 15.78 57.89 -12.69
CA ILE E 152 15.30 59.26 -12.77
C ILE E 152 16.32 60.14 -13.51
N MET E 153 15.90 60.72 -14.63
CA MET E 153 16.77 61.61 -15.38
C MET E 153 16.49 63.07 -15.04
N LEU E 154 17.52 63.79 -14.62
CA LEU E 154 17.39 65.20 -14.26
C LEU E 154 17.82 66.12 -15.40
N ASN E 155 16.94 67.05 -15.76
CA ASN E 155 17.16 67.95 -16.88
C ASN E 155 17.66 67.20 -18.12
N SER E 156 18.88 67.53 -18.57
CA SER E 156 19.53 66.82 -19.68
C SER E 156 18.92 67.06 -21.06
N ARG E 157 17.61 66.87 -21.19
CA ARG E 157 16.94 67.04 -22.48
C ARG E 157 15.68 67.90 -22.41
N THR E 158 15.67 68.99 -23.16
CA THR E 158 14.49 69.86 -23.27
C THR E 158 13.83 69.68 -24.64
N ILE E 159 12.52 69.86 -24.70
CA ILE E 159 11.78 69.67 -25.94
C ILE E 159 10.78 70.81 -26.19
N SER E 160 11.20 72.02 -25.86
CA SER E 160 10.35 73.19 -26.05
C SER E 160 11.07 74.42 -25.56
N SER E 161 10.60 75.59 -26.00
CA SER E 161 11.18 76.85 -25.58
C SER E 161 10.78 77.19 -24.15
N ASN E 162 9.70 76.55 -23.69
CA ASN E 162 9.16 76.82 -22.36
C ASN E 162 9.92 76.12 -21.25
N VAL E 163 10.48 74.96 -21.56
CA VAL E 163 11.10 74.11 -20.56
C VAL E 163 12.33 74.76 -19.93
N ALA E 164 12.40 74.68 -18.61
CA ALA E 164 13.52 75.25 -17.86
C ALA E 164 14.08 74.21 -16.91
N TYR E 165 13.29 73.19 -16.62
CA TYR E 165 13.69 72.12 -15.72
C TYR E 165 12.98 70.84 -16.14
N ALA E 166 13.59 69.70 -15.87
CA ALA E 166 12.97 68.44 -16.24
C ALA E 166 13.26 67.31 -15.26
N ILE E 167 12.23 66.53 -14.96
CA ILE E 167 12.39 65.31 -14.18
C ILE E 167 11.68 64.16 -14.89
N GLN E 168 12.43 63.10 -15.21
CA GLN E 168 11.90 61.98 -15.96
C GLN E 168 12.02 60.68 -15.19
N PHE E 169 10.88 60.16 -14.71
CA PHE E 169 10.84 58.89 -14.00
C PHE E 169 10.62 57.74 -14.98
N GLU E 170 11.45 56.71 -14.90
CA GLU E 170 11.28 55.54 -15.76
C GLU E 170 11.36 54.23 -14.99
N TRP E 171 10.21 53.57 -14.84
CA TRP E 171 10.15 52.24 -14.25
C TRP E 171 10.32 51.19 -15.34
N ASN E 172 10.88 50.05 -14.98
CA ASN E 172 11.09 49.01 -15.96
C ASN E 172 11.00 47.60 -15.41
N LEU E 173 10.09 46.81 -15.97
CA LEU E 173 9.96 45.41 -15.61
C LEU E 173 10.78 44.56 -16.55
N ASN E 174 11.40 43.52 -16.01
CA ASN E 174 12.15 42.59 -16.83
C ASN E 174 12.43 41.33 -16.06
N ALA E 175 11.55 40.34 -16.22
CA ALA E 175 11.66 39.11 -15.46
C ALA E 175 11.73 37.90 -16.38
N LYS E 176 12.01 36.74 -15.78
CA LYS E 176 12.06 35.48 -16.52
C LYS E 176 10.67 35.08 -16.95
N GLU E 177 9.68 35.44 -16.14
CA GLU E 177 8.28 35.19 -16.48
C GLU E 177 7.38 36.28 -15.91
N SER E 178 6.22 36.47 -16.55
CA SER E 178 5.29 37.54 -16.17
C SER E 178 4.82 37.40 -14.73
N PRO E 179 4.76 38.53 -14.00
CA PRO E 179 4.34 38.59 -12.60
C PRO E 179 2.87 38.21 -12.41
N GLU E 180 2.01 38.65 -13.34
CA GLU E 180 0.59 38.39 -13.26
C GLU E 180 0.09 37.58 -14.44
N SER E 181 -1.05 36.92 -14.25
CA SER E 181 -1.69 36.21 -15.35
C SER E 181 -2.97 36.93 -15.75
N ASN E 182 -3.36 37.88 -14.92
CA ASN E 182 -4.59 38.65 -15.15
C ASN E 182 -4.41 40.11 -14.78
N ILE E 183 -5.48 40.88 -14.93
CA ILE E 183 -5.45 42.29 -14.59
C ILE E 183 -5.25 42.47 -13.09
N ALA E 184 -4.30 43.31 -12.73
CA ALA E 184 -4.02 43.57 -11.33
C ALA E 184 -3.54 45.01 -11.13
N THR E 185 -4.06 45.66 -10.11
CA THR E 185 -3.67 47.04 -9.81
C THR E 185 -2.16 47.17 -9.72
N LEU E 186 -1.57 47.88 -10.67
CA LEU E 186 -0.14 48.11 -10.69
C LEU E 186 0.26 49.10 -9.60
N THR E 187 1.20 48.71 -8.74
CA THR E 187 1.70 49.58 -7.70
C THR E 187 3.21 49.41 -7.54
N THR E 188 3.95 50.50 -7.71
CA THR E 188 5.40 50.46 -7.48
C THR E 188 5.72 50.92 -6.06
N SER E 189 6.59 50.17 -5.40
CA SER E 189 7.05 50.50 -4.06
C SER E 189 7.62 51.91 -4.02
N PRO E 190 7.45 52.60 -2.88
CA PRO E 190 8.06 53.92 -2.67
C PRO E 190 9.55 53.86 -2.94
N PHE E 191 10.04 54.72 -3.83
CA PHE E 191 11.47 54.80 -4.11
C PHE E 191 12.01 56.17 -3.73
N PHE E 192 12.93 56.19 -2.75
CA PHE E 192 13.47 57.46 -2.25
C PHE E 192 14.73 57.87 -2.98
N PHE E 193 14.91 59.17 -3.15
CA PHE E 193 16.09 59.69 -3.85
C PHE E 193 16.47 61.08 -3.35
N SER E 194 17.47 61.67 -3.99
CA SER E 194 17.95 63.00 -3.63
C SER E 194 18.77 63.61 -4.74
N TYR E 195 18.60 64.89 -4.97
CA TYR E 195 19.43 65.59 -5.95
C TYR E 195 19.86 66.96 -5.44
N ILE E 196 20.91 67.49 -6.04
CA ILE E 196 21.37 68.84 -5.77
C ILE E 196 20.36 69.83 -6.37
N ARG E 197 19.88 70.74 -5.54
CA ARG E 197 18.78 71.62 -5.96
C ARG E 197 19.24 73.02 -6.36
N GLU E 198 18.34 73.72 -7.05
CA GLU E 198 18.60 75.07 -7.57
C GLU E 198 18.56 76.10 -6.44
N ASP E 199 19.28 77.20 -6.61
CA ASP E 199 19.33 78.28 -5.61
C ASP E 199 18.10 79.20 -5.68
N ASP E 200 17.92 80.04 -4.66
CA ASP E 200 16.92 81.12 -4.68
C ASP E 200 15.48 80.66 -4.47
N SER F 8 20.82 79.34 9.00
CA SER F 8 22.17 79.00 9.43
C SER F 8 22.83 77.91 8.56
N ILE F 9 24.15 77.81 8.67
CA ILE F 9 24.97 76.83 7.95
C ILE F 9 24.41 75.40 8.05
N ASN F 10 23.80 74.94 6.97
CA ASN F 10 23.11 73.65 6.98
C ASN F 10 23.73 72.59 6.07
N THR F 11 24.63 73.02 5.19
CA THR F 11 25.21 72.10 4.21
C THR F 11 26.73 72.15 4.19
N LEU F 12 27.35 70.98 4.21
CA LEU F 12 28.79 70.87 4.05
C LEU F 12 29.05 70.03 2.81
N TRP F 13 29.73 70.59 1.82
CA TRP F 13 29.92 69.87 0.56
C TRP F 13 31.20 70.21 -0.19
N THR F 14 31.41 69.54 -1.33
CA THR F 14 32.57 69.78 -2.17
C THR F 14 32.26 70.89 -3.13
N GLY F 15 30.98 71.22 -3.24
CA GLY F 15 30.54 72.20 -4.22
C GLY F 15 30.12 71.53 -5.51
N ILE F 16 29.19 72.15 -6.22
CA ILE F 16 28.65 71.58 -7.43
C ILE F 16 29.68 71.55 -8.55
N LYS F 17 29.71 70.45 -9.29
CA LYS F 17 30.57 70.31 -10.46
C LYS F 17 32.01 70.71 -10.13
N PRO F 18 32.66 69.94 -9.25
CA PRO F 18 34.00 70.25 -8.74
C PRO F 18 35.09 69.97 -9.75
N PRO F 19 36.24 70.66 -9.62
CA PRO F 19 37.46 70.43 -10.39
C PRO F 19 38.24 69.28 -9.79
N PRO F 20 38.96 68.51 -10.62
CA PRO F 20 39.70 67.33 -10.14
C PRO F 20 40.20 67.53 -8.72
N ASN F 21 39.65 66.78 -7.76
CA ASN F 21 39.84 67.10 -6.34
C ASN F 21 40.23 65.93 -5.45
N CYS F 22 40.66 64.83 -6.03
CA CYS F 22 41.08 63.67 -5.24
C CYS F 22 41.95 62.70 -6.02
N GLN F 23 42.79 61.98 -5.30
CA GLN F 23 43.71 61.04 -5.92
C GLN F 23 43.24 59.62 -5.67
N ILE F 24 43.00 58.88 -6.76
CA ILE F 24 42.53 57.52 -6.66
C ILE F 24 43.69 56.55 -6.75
N VAL F 25 44.37 56.55 -7.90
CA VAL F 25 45.52 55.68 -8.11
C VAL F 25 46.61 56.02 -7.11
N GLU F 26 47.11 55.02 -6.39
CA GLU F 26 48.21 55.22 -5.46
C GLU F 26 49.47 55.69 -6.17
N ASN F 27 50.21 56.59 -5.54
CA ASN F 27 51.44 57.15 -6.11
C ASN F 27 51.22 57.96 -7.40
N THR F 28 50.04 58.55 -7.53
CA THR F 28 49.77 59.41 -8.69
C THR F 28 50.39 60.78 -8.47
N ASP F 29 50.51 61.54 -9.55
CA ASP F 29 51.14 62.85 -9.49
C ASP F 29 50.13 63.98 -9.42
N THR F 30 49.10 63.91 -10.26
CA THR F 30 48.04 64.91 -10.25
C THR F 30 46.70 64.31 -9.83
N ASN F 31 45.78 65.15 -9.38
CA ASN F 31 44.43 64.70 -9.03
C ASN F 31 43.76 64.03 -10.23
N ASP F 32 43.12 62.88 -9.98
CA ASP F 32 42.60 62.06 -11.06
C ASP F 32 41.12 61.72 -10.91
N GLY F 33 40.46 62.34 -9.94
CA GLY F 33 39.05 62.09 -9.71
C GLY F 33 38.27 63.30 -9.27
N LYS F 34 37.05 63.42 -9.77
CA LYS F 34 36.14 64.47 -9.33
C LYS F 34 35.12 63.87 -8.39
N LEU F 35 35.29 64.08 -7.09
CA LEU F 35 34.35 63.59 -6.09
C LEU F 35 33.30 64.63 -5.70
N THR F 36 32.05 64.40 -6.06
CA THR F 36 30.95 65.25 -5.60
C THR F 36 30.40 64.67 -4.30
N LEU F 37 30.48 65.44 -3.23
CA LEU F 37 29.97 64.97 -1.95
C LEU F 37 29.17 66.05 -1.25
N VAL F 38 27.92 65.74 -0.92
CA VAL F 38 27.07 66.67 -0.20
C VAL F 38 26.62 66.07 1.12
N LEU F 39 26.94 66.75 2.22
CA LEU F 39 26.48 66.33 3.54
C LEU F 39 25.54 67.39 4.11
N VAL F 40 24.35 66.97 4.56
CA VAL F 40 23.32 67.91 5.03
C VAL F 40 22.84 67.61 6.45
N LYS F 41 22.89 68.62 7.31
CA LYS F 41 22.37 68.48 8.67
C LYS F 41 20.86 68.30 8.64
N ASN F 42 20.39 67.17 9.14
CA ASN F 42 18.96 66.89 9.17
C ASN F 42 18.58 66.12 10.44
N GLY F 43 18.20 66.87 11.47
CA GLY F 43 17.92 66.27 12.77
C GLY F 43 19.16 65.64 13.38
N GLY F 44 18.98 64.52 14.06
CA GLY F 44 20.09 63.79 14.63
C GLY F 44 20.95 63.09 13.59
N LEU F 45 20.48 63.03 12.35
CA LEU F 45 21.21 62.36 11.28
C LEU F 45 21.89 63.35 10.34
N VAL F 46 22.59 62.80 9.37
CA VAL F 46 23.09 63.56 8.24
C VAL F 46 22.56 62.87 6.98
N ASN F 47 22.26 63.65 5.95
CA ASN F 47 21.86 63.07 4.66
C ASN F 47 23.01 63.15 3.68
N GLY F 48 23.39 62.02 3.12
CA GLY F 48 24.55 61.95 2.27
C GLY F 48 24.24 61.75 0.80
N TYR F 49 24.98 62.45 -0.05
CA TYR F 49 24.89 62.32 -1.50
C TYR F 49 26.32 62.20 -1.99
N VAL F 50 26.60 61.21 -2.83
CA VAL F 50 27.97 61.01 -3.30
C VAL F 50 28.06 60.36 -4.67
N SER F 51 28.77 61.01 -5.57
CA SER F 51 29.04 60.46 -6.90
C SER F 51 30.50 60.69 -7.26
N LEU F 52 31.01 59.94 -8.23
CA LEU F 52 32.42 60.02 -8.60
C LEU F 52 32.58 60.08 -10.11
N VAL F 53 33.53 60.89 -10.56
CA VAL F 53 33.87 60.95 -11.99
C VAL F 53 35.37 60.82 -12.17
N GLY F 54 35.78 59.99 -13.13
CA GLY F 54 37.19 59.76 -13.39
C GLY F 54 37.80 60.82 -14.31
N VAL F 55 39.06 61.15 -14.05
CA VAL F 55 39.76 62.12 -14.87
C VAL F 55 40.94 61.47 -15.61
N SER F 56 41.89 60.92 -14.85
CA SER F 56 43.07 60.31 -15.45
C SER F 56 42.72 59.10 -16.33
N ASP F 57 43.43 58.97 -17.44
CA ASP F 57 43.21 57.84 -18.34
C ASP F 57 43.38 56.51 -17.63
N THR F 58 44.31 56.45 -16.68
CA THR F 58 44.52 55.22 -15.93
C THR F 58 43.25 54.84 -15.15
N VAL F 59 42.54 55.84 -14.66
CA VAL F 59 41.29 55.59 -13.92
C VAL F 59 40.18 55.21 -14.87
N ASN F 60 40.08 55.92 -15.99
CA ASN F 60 39.03 55.64 -16.95
C ASN F 60 39.24 54.34 -17.71
N GLN F 61 40.41 53.75 -17.53
CA GLN F 61 40.70 52.44 -18.12
C GLN F 61 40.35 51.32 -17.15
N MET F 62 40.03 51.68 -15.91
CA MET F 62 39.78 50.69 -14.88
C MET F 62 38.66 49.73 -15.26
N PHE F 63 37.64 50.25 -15.93
CA PHE F 63 36.48 49.45 -16.30
C PHE F 63 36.63 48.71 -17.63
N THR F 64 37.87 48.40 -18.01
CA THR F 64 38.12 47.54 -19.15
C THR F 64 38.47 46.15 -18.64
N GLN F 65 38.45 46.00 -17.32
CA GLN F 65 38.68 44.74 -16.66
C GLN F 65 37.35 44.18 -16.16
N LYS F 66 37.34 42.92 -15.76
CA LYS F 66 36.13 42.30 -15.23
C LYS F 66 35.82 42.83 -13.82
N SER F 67 36.85 43.35 -13.16
CA SER F 67 36.68 43.85 -11.80
C SER F 67 37.61 45.02 -11.52
N ALA F 68 37.25 45.84 -10.55
CA ALA F 68 38.09 46.96 -10.12
C ALA F 68 37.65 47.46 -8.76
N THR F 69 38.53 48.20 -8.10
CA THR F 69 38.21 48.77 -6.79
C THR F 69 38.68 50.20 -6.70
N ILE F 70 37.85 51.05 -6.10
CA ILE F 70 38.22 52.43 -5.87
C ILE F 70 37.97 52.76 -4.40
N GLN F 71 38.98 53.33 -3.73
CA GLN F 71 38.85 53.62 -2.30
C GLN F 71 39.35 55.01 -1.93
N LEU F 72 38.44 55.95 -1.77
CA LEU F 72 38.76 57.27 -1.25
C LEU F 72 38.51 57.27 0.24
N ARG F 73 39.42 57.85 1.01
CA ARG F 73 39.19 57.96 2.43
C ARG F 73 39.51 59.36 2.93
N LEU F 74 38.56 59.95 3.67
CA LEU F 74 38.70 61.30 4.21
C LEU F 74 38.91 61.23 5.71
N TYR F 75 39.92 61.94 6.20
CA TYR F 75 40.15 62.05 7.63
C TYR F 75 39.91 63.48 8.08
N PHE F 76 39.40 63.64 9.30
CA PHE F 76 39.09 64.95 9.84
C PHE F 76 39.77 65.15 11.19
N ASP F 77 39.97 66.41 11.58
CA ASP F 77 40.58 66.73 12.87
C ASP F 77 39.52 66.97 13.93
N SER F 78 39.95 67.41 15.11
CA SER F 78 39.05 67.63 16.22
C SER F 78 37.92 68.57 15.84
N SER F 79 38.20 69.47 14.89
CA SER F 79 37.27 70.52 14.51
C SER F 79 36.38 70.14 13.32
N GLY F 80 36.70 69.02 12.68
CA GLY F 80 35.91 68.52 11.58
C GLY F 80 36.34 69.01 10.22
N ASN F 81 37.52 69.62 10.18
CA ASN F 81 38.07 70.09 8.91
C ASN F 81 38.86 68.98 8.26
N LEU F 82 38.85 68.95 6.93
CA LEU F 82 39.54 67.90 6.20
C LEU F 82 41.04 67.93 6.50
N LEU F 83 41.61 66.77 6.79
CA LEU F 83 43.06 66.64 6.87
C LEU F 83 43.59 66.33 5.48
N THR F 84 43.69 67.39 4.67
CA THR F 84 43.95 67.27 3.25
C THR F 84 45.18 66.42 2.90
N ASP F 85 46.15 66.33 3.82
CA ASP F 85 47.39 65.62 3.51
C ASP F 85 47.31 64.10 3.70
N GLU F 86 46.56 63.67 4.70
CA GLU F 86 46.40 62.25 4.99
C GLU F 86 45.32 61.61 4.12
N SER F 87 44.43 62.44 3.59
CA SER F 87 43.23 61.95 2.91
C SER F 87 43.39 61.83 1.39
N ASN F 88 42.54 61.00 0.78
CA ASN F 88 42.51 60.87 -0.68
C ASN F 88 41.86 62.09 -1.33
N LEU F 89 41.02 62.78 -0.56
CA LEU F 89 40.39 64.01 -1.01
C LEU F 89 41.36 65.14 -0.72
N LYS F 90 41.69 65.93 -1.75
CA LYS F 90 42.76 66.90 -1.64
C LYS F 90 42.29 68.36 -1.60
N ILE F 91 41.00 68.58 -1.50
CA ILE F 91 40.46 69.94 -1.37
C ILE F 91 39.43 69.97 -0.25
N PRO F 92 39.54 70.96 0.65
CA PRO F 92 38.67 71.04 1.82
C PRO F 92 37.19 71.05 1.44
N LEU F 93 36.34 70.82 2.42
CA LEU F 93 34.91 70.96 2.22
C LEU F 93 34.50 72.36 2.66
N LYS F 94 33.52 72.94 1.99
CA LYS F 94 33.02 74.27 2.33
C LYS F 94 31.53 74.22 2.64
N ASN F 95 31.03 75.22 3.35
CA ASN F 95 29.60 75.33 3.55
C ASN F 95 28.98 75.99 2.33
N LYS F 96 27.65 75.88 2.20
CA LYS F 96 26.96 76.48 1.06
C LYS F 96 26.78 77.98 1.30
N SER F 97 26.80 78.37 2.57
CA SER F 97 26.75 79.78 2.95
C SER F 97 27.85 80.61 2.26
N SER F 107 34.26 75.64 11.86
CA SER F 107 33.70 74.97 13.03
C SER F 107 32.73 73.85 12.64
N SER F 108 32.90 73.28 11.44
CA SER F 108 32.00 72.26 10.90
C SER F 108 32.25 70.87 11.47
N LYS F 109 31.96 70.72 12.76
CA LYS F 109 32.12 69.45 13.46
C LYS F 109 30.79 68.72 13.52
N ALA F 110 29.71 69.49 13.56
CA ALA F 110 28.37 68.95 13.63
C ALA F 110 28.10 67.94 12.52
N PHE F 111 28.84 68.04 11.42
CA PHE F 111 28.61 67.19 10.26
C PHE F 111 29.33 65.84 10.35
N MET F 112 30.23 65.70 11.31
CA MET F 112 30.97 64.46 11.48
C MET F 112 30.07 63.29 11.94
N PRO F 113 30.54 62.06 11.72
CA PRO F 113 29.84 60.87 12.20
C PRO F 113 30.11 60.63 13.68
N SER F 114 29.05 60.50 14.47
CA SER F 114 29.19 60.27 15.90
C SER F 114 30.24 59.24 16.27
N THR F 115 31.13 59.60 17.19
CA THR F 115 32.15 58.70 17.70
C THR F 115 31.50 57.72 18.67
N THR F 116 30.31 58.07 19.14
CA THR F 116 29.56 57.20 20.04
C THR F 116 28.85 56.13 19.21
N ALA F 117 28.31 56.56 18.07
CA ALA F 117 27.55 55.69 17.18
C ALA F 117 28.47 54.77 16.40
N TYR F 118 29.50 55.35 15.80
CA TYR F 118 30.45 54.59 15.02
C TYR F 118 31.84 54.85 15.57
N PRO F 119 32.20 54.15 16.65
CA PRO F 119 33.43 54.35 17.43
C PRO F 119 34.69 54.02 16.65
N PHE F 120 35.84 54.39 17.18
CA PHE F 120 37.11 53.95 16.63
C PHE F 120 37.50 52.67 17.35
N ASN F 121 38.37 51.87 16.73
CA ASN F 121 38.66 50.56 17.29
C ASN F 121 40.14 50.28 17.56
N THR F 122 40.39 49.79 18.77
CA THR F 122 41.70 49.30 19.17
C THR F 122 41.87 47.91 18.58
N THR F 123 40.78 47.16 18.61
CA THR F 123 40.78 45.74 18.21
C THR F 123 40.48 45.50 16.72
N THR F 124 39.26 45.04 16.41
CA THR F 124 38.90 44.68 15.03
C THR F 124 37.73 45.48 14.44
N ARG F 125 37.93 45.95 13.20
CA ARG F 125 36.93 46.71 12.42
C ARG F 125 35.47 46.33 12.71
N ASP F 126 34.80 47.11 13.55
CA ASP F 126 33.43 46.83 13.98
C ASP F 126 32.45 46.80 12.80
N SER F 127 31.75 45.69 12.64
CA SER F 127 30.82 45.51 11.52
C SER F 127 29.68 46.52 11.54
N GLU F 128 29.38 47.06 12.71
CA GLU F 128 28.28 48.00 12.86
C GLU F 128 28.63 49.37 12.30
N ASN F 129 29.88 49.53 11.86
CA ASN F 129 30.39 50.80 11.37
C ASN F 129 30.31 51.00 9.86
N TYR F 130 29.86 49.98 9.14
CA TYR F 130 29.80 50.06 7.70
C TYR F 130 28.39 50.37 7.24
N ILE F 131 28.27 51.18 6.20
CA ILE F 131 27.03 51.31 5.46
C ILE F 131 27.22 50.61 4.12
N HIS F 132 26.21 49.89 3.65
CA HIS F 132 26.36 49.17 2.39
C HIS F 132 25.23 49.44 1.42
N GLY F 133 25.51 49.32 0.13
CA GLY F 133 24.51 49.53 -0.89
C GLY F 133 25.04 49.29 -2.30
N ILE F 134 24.26 49.70 -3.29
CA ILE F 134 24.63 49.49 -4.68
C ILE F 134 24.29 50.69 -5.55
N CYS F 135 25.31 51.29 -6.16
CA CYS F 135 25.09 52.28 -7.21
C CYS F 135 25.46 51.71 -8.59
N TYR F 136 25.33 52.51 -9.63
CA TYR F 136 25.43 51.97 -10.98
C TYR F 136 26.33 52.75 -11.93
N TYR F 137 26.88 52.05 -12.92
CA TYR F 137 27.68 52.66 -13.96
C TYR F 137 27.00 52.47 -15.30
N MET F 138 26.86 53.54 -16.07
CA MET F 138 26.28 53.45 -17.40
C MET F 138 27.37 53.26 -18.47
N THR F 139 27.26 52.17 -19.24
CA THR F 139 28.27 51.88 -20.25
C THR F 139 28.27 52.96 -21.32
N SER F 140 29.41 53.10 -21.99
CA SER F 140 29.62 54.15 -22.97
C SER F 140 28.82 53.95 -24.24
N TYR F 141 28.74 52.71 -24.70
CA TYR F 141 28.15 52.42 -26.00
C TYR F 141 26.63 52.30 -26.03
N ASP F 142 26.06 51.49 -25.14
CA ASP F 142 24.61 51.28 -25.16
C ASP F 142 23.88 51.74 -23.89
N ARG F 143 24.63 52.33 -22.96
CA ARG F 143 24.04 52.89 -21.75
C ARG F 143 23.48 51.87 -20.76
N SER F 144 23.68 50.58 -21.04
CA SER F 144 23.23 49.52 -20.14
C SER F 144 23.80 49.74 -18.73
N LEU F 145 23.11 49.18 -17.72
CA LEU F 145 23.52 49.38 -16.32
C LEU F 145 24.46 48.30 -15.79
N VAL F 146 25.41 48.70 -14.95
CA VAL F 146 26.37 47.77 -14.35
C VAL F 146 26.50 48.03 -12.86
N PRO F 147 26.09 47.07 -12.04
CA PRO F 147 26.07 47.17 -10.57
C PRO F 147 27.44 47.40 -9.95
N LEU F 148 27.59 48.50 -9.22
CA LEU F 148 28.79 48.77 -8.43
C LEU F 148 28.50 48.60 -6.95
N ASN F 149 29.37 47.89 -6.24
CA ASN F 149 29.18 47.71 -4.81
C ASN F 149 29.79 48.87 -4.01
N ILE F 150 28.94 49.72 -3.46
CA ILE F 150 29.43 50.84 -2.67
C ILE F 150 29.32 50.50 -1.19
N SER F 151 30.37 50.83 -0.46
CA SER F 151 30.34 50.67 0.99
C SER F 151 31.11 51.80 1.68
N ILE F 152 30.46 52.43 2.65
CA ILE F 152 31.02 53.55 3.38
C ILE F 152 31.36 53.17 4.82
N MET F 153 32.62 53.29 5.18
CA MET F 153 33.05 52.98 6.54
C MET F 153 33.17 54.25 7.37
N LEU F 154 32.48 54.29 8.50
CA LEU F 154 32.51 55.45 9.38
C LEU F 154 33.49 55.23 10.51
N ASN F 155 34.44 56.15 10.65
CA ASN F 155 35.43 56.05 11.70
C ASN F 155 36.05 54.67 11.75
N SER F 156 35.98 54.03 12.92
CA SER F 156 36.50 52.67 13.10
C SER F 156 38.02 52.59 13.16
N ARG F 157 38.69 53.10 12.13
CA ARG F 157 40.16 53.06 12.06
C ARG F 157 40.79 54.43 11.83
N THR F 158 41.59 54.86 12.79
CA THR F 158 42.39 56.07 12.65
C THR F 158 43.83 55.68 12.33
N ILE F 159 44.55 56.57 11.64
CA ILE F 159 45.91 56.25 11.21
C ILE F 159 46.94 57.33 11.57
N SER F 160 46.54 58.28 12.41
CA SER F 160 47.42 59.39 12.78
C SER F 160 46.91 60.10 14.02
N SER F 161 47.81 60.76 14.74
CA SER F 161 47.43 61.46 15.96
C SER F 161 46.44 62.58 15.67
N ASN F 162 46.42 63.05 14.44
CA ASN F 162 45.57 64.16 14.05
C ASN F 162 44.12 63.77 13.83
N VAL F 163 43.91 62.53 13.40
CA VAL F 163 42.59 62.07 12.99
C VAL F 163 41.61 62.04 14.14
N ALA F 164 40.41 62.57 13.90
CA ALA F 164 39.35 62.61 14.91
C ALA F 164 38.06 62.06 14.34
N TYR F 165 37.99 61.99 13.01
CA TYR F 165 36.82 61.49 12.32
C TYR F 165 37.25 60.90 10.99
N ALA F 166 36.51 59.91 10.50
CA ALA F 166 36.86 59.28 9.24
C ALA F 166 35.67 58.82 8.42
N ILE F 167 35.72 59.07 7.12
CA ILE F 167 34.73 58.56 6.19
C ILE F 167 35.46 57.92 5.00
N GLN F 168 35.20 56.63 4.78
CA GLN F 168 35.90 55.88 3.73
C GLN F 168 34.90 55.32 2.71
N PHE F 169 34.92 55.88 1.51
CA PHE F 169 34.06 55.41 0.44
C PHE F 169 34.79 54.35 -0.38
N GLU F 170 34.14 53.21 -0.62
CA GLU F 170 34.74 52.15 -1.44
C GLU F 170 33.78 51.62 -2.49
N TRP F 171 34.04 51.95 -3.75
CA TRP F 171 33.29 51.40 -4.87
C TRP F 171 33.95 50.12 -5.34
N ASN F 172 33.15 49.21 -5.88
CA ASN F 172 33.71 47.94 -6.32
C ASN F 172 33.00 47.34 -7.53
N LEU F 173 33.76 47.12 -8.60
CA LEU F 173 33.24 46.45 -9.78
C LEU F 173 33.52 44.96 -9.67
N ASN F 174 32.57 44.16 -10.14
CA ASN F 174 32.75 42.72 -10.19
C ASN F 174 31.71 42.09 -11.09
N ALA F 175 32.05 41.92 -12.37
CA ALA F 175 31.11 41.40 -13.34
C ALA F 175 31.63 40.15 -14.02
N LYS F 176 30.76 39.50 -14.77
CA LYS F 176 31.13 38.30 -15.52
C LYS F 176 32.07 38.68 -16.66
N GLU F 177 31.90 39.89 -17.19
CA GLU F 177 32.78 40.41 -18.22
C GLU F 177 32.93 41.92 -18.09
N SER F 178 34.04 42.45 -18.60
CA SER F 178 34.34 43.88 -18.51
C SER F 178 33.29 44.76 -19.18
N PRO F 179 32.91 45.86 -18.51
CA PRO F 179 31.90 46.81 -19.00
C PRO F 179 32.34 47.53 -20.27
N GLU F 180 33.62 47.88 -20.34
CA GLU F 180 34.17 48.62 -21.47
C GLU F 180 35.26 47.84 -22.18
N SER F 181 35.49 48.18 -23.45
CA SER F 181 36.59 47.58 -24.18
C SER F 181 37.66 48.64 -24.42
N ASN F 182 37.31 49.90 -24.14
CA ASN F 182 38.23 51.01 -24.32
C ASN F 182 38.11 52.03 -23.20
N ILE F 183 38.89 53.11 -23.30
CA ILE F 183 38.86 54.16 -22.31
C ILE F 183 37.51 54.86 -22.32
N ALA F 184 36.93 55.01 -21.14
CA ALA F 184 35.63 55.66 -21.02
C ALA F 184 35.51 56.39 -19.69
N THR F 185 35.00 57.61 -19.73
CA THR F 185 34.82 58.40 -18.53
C THR F 185 34.07 57.61 -17.47
N LEU F 186 34.75 57.29 -16.39
CA LEU F 186 34.14 56.56 -15.28
C LEU F 186 33.22 57.47 -14.48
N THR F 187 31.97 57.04 -14.31
CA THR F 187 31.00 57.80 -13.52
C THR F 187 30.15 56.86 -12.70
N THR F 188 30.17 57.05 -11.39
CA THR F 188 29.29 56.27 -10.52
C THR F 188 28.01 57.03 -10.24
N SER F 189 26.89 56.33 -10.36
CA SER F 189 25.58 56.90 -10.06
C SER F 189 25.54 57.48 -8.64
N PRO F 190 24.76 58.56 -8.46
CA PRO F 190 24.56 59.14 -7.13
C PRO F 190 24.09 58.08 -6.15
N PHE F 191 24.79 57.94 -5.03
CA PHE F 191 24.40 57.01 -3.98
C PHE F 191 24.09 57.74 -2.70
N PHE F 192 22.83 57.67 -2.25
CA PHE F 192 22.40 58.40 -1.07
C PHE F 192 22.55 57.55 0.19
N PHE F 193 22.87 58.20 1.30
CA PHE F 193 23.03 57.51 2.57
C PHE F 193 22.66 58.40 3.74
N SER F 194 22.86 57.90 4.96
CA SER F 194 22.60 58.65 6.19
C SER F 194 23.33 58.03 7.37
N TYR F 195 23.86 58.86 8.25
CA TYR F 195 24.45 58.37 9.48
C TYR F 195 24.08 59.24 10.67
N ILE F 196 24.21 58.66 11.87
CA ILE F 196 24.02 59.39 13.11
C ILE F 196 25.18 60.36 13.29
N ARG F 197 24.87 61.63 13.48
CA ARG F 197 25.92 62.65 13.50
C ARG F 197 26.33 63.08 14.89
N GLU F 198 27.47 63.77 14.95
CA GLU F 198 28.05 64.23 16.20
C GLU F 198 27.28 65.44 16.74
N ASP F 199 27.32 65.64 18.06
CA ASP F 199 26.66 66.77 18.69
C ASP F 199 27.40 68.08 18.47
N ASP F 200 26.64 69.17 18.38
CA ASP F 200 27.12 70.46 17.85
C ASP F 200 28.23 71.14 18.65
N ASN F 201 28.82 70.41 19.59
CA ASN F 201 29.97 70.91 20.33
C ASN F 201 31.23 71.02 19.48
N SER G 8 -18.67 -12.83 11.74
CA SER G 8 -20.08 -13.23 11.78
C SER G 8 -21.03 -12.02 11.77
N ILE G 9 -22.31 -12.30 11.53
CA ILE G 9 -23.38 -11.31 11.69
C ILE G 9 -23.87 -11.33 13.13
N ASN G 10 -24.30 -10.17 13.63
CA ASN G 10 -24.62 -10.04 15.05
C ASN G 10 -25.79 -9.13 15.39
N THR G 11 -26.68 -8.90 14.44
CA THR G 11 -27.89 -8.14 14.71
C THR G 11 -29.13 -8.94 14.31
N LEU G 12 -29.96 -9.25 15.30
CA LEU G 12 -31.23 -9.93 15.04
C LEU G 12 -32.37 -9.00 15.40
N TRP G 13 -33.17 -8.59 14.42
CA TRP G 13 -34.20 -7.59 14.68
C TRP G 13 -35.49 -7.79 13.90
N THR G 14 -36.43 -6.88 14.11
CA THR G 14 -37.71 -6.90 13.40
C THR G 14 -37.58 -6.10 12.12
N GLY G 15 -36.47 -5.37 12.02
CA GLY G 15 -36.25 -4.47 10.91
C GLY G 15 -36.79 -3.10 11.25
N ILE G 16 -36.31 -2.08 10.56
CA ILE G 16 -36.72 -0.72 10.85
C ILE G 16 -38.12 -0.42 10.33
N LYS G 17 -38.91 0.27 11.14
CA LYS G 17 -40.23 0.78 10.72
C LYS G 17 -41.11 -0.34 10.16
N PRO G 18 -41.33 -1.39 10.96
CA PRO G 18 -42.02 -2.61 10.51
C PRO G 18 -43.50 -2.40 10.29
N PRO G 19 -44.11 -3.21 9.42
CA PRO G 19 -45.54 -3.23 9.15
C PRO G 19 -46.25 -3.93 10.31
N PRO G 20 -47.49 -3.55 10.61
CA PRO G 20 -48.22 -4.12 11.73
C PRO G 20 -47.87 -5.60 11.89
N ASN G 21 -47.13 -5.95 12.94
CA ASN G 21 -46.47 -7.25 13.03
C ASN G 21 -46.70 -8.04 14.33
N CYS G 22 -47.70 -7.64 15.11
CA CYS G 22 -48.01 -8.39 16.33
C CYS G 22 -49.41 -8.10 16.83
N GLN G 23 -49.95 -9.05 17.59
CA GLN G 23 -51.31 -8.96 18.06
C GLN G 23 -51.30 -8.67 19.55
N ILE G 24 -51.80 -7.48 19.88
CA ILE G 24 -51.82 -6.97 21.23
C ILE G 24 -53.12 -7.38 21.93
N VAL G 25 -54.25 -6.95 21.36
CA VAL G 25 -55.56 -7.29 21.90
C VAL G 25 -55.77 -8.79 22.00
N GLU G 26 -56.23 -9.24 23.17
CA GLU G 26 -56.52 -10.66 23.39
C GLU G 26 -57.62 -11.13 22.46
N ASN G 27 -57.24 -11.93 21.47
CA ASN G 27 -58.17 -12.45 20.48
C ASN G 27 -58.51 -11.44 19.39
N THR G 28 -57.86 -11.59 18.25
CA THR G 28 -58.18 -10.82 17.06
C THR G 28 -57.55 -11.47 15.83
N ASP G 29 -58.10 -11.17 14.66
CA ASP G 29 -57.60 -11.73 13.40
C ASP G 29 -56.43 -10.90 12.90
N THR G 30 -56.56 -9.59 13.02
CA THR G 30 -55.59 -8.65 12.46
C THR G 30 -54.49 -8.28 13.44
N ASN G 31 -53.33 -7.93 12.89
CA ASN G 31 -52.25 -7.36 13.67
C ASN G 31 -52.56 -5.92 14.03
N ASP G 32 -52.34 -5.56 15.28
CA ASP G 32 -52.74 -4.26 15.80
C ASP G 32 -51.57 -3.48 16.39
N GLY G 33 -50.37 -4.05 16.30
CA GLY G 33 -49.20 -3.43 16.89
C GLY G 33 -47.97 -3.50 16.02
N LYS G 34 -47.22 -2.40 15.98
CA LYS G 34 -45.94 -2.36 15.30
C LYS G 34 -44.83 -2.45 16.34
N LEU G 35 -44.28 -3.65 16.52
CA LEU G 35 -43.18 -3.84 17.47
C LEU G 35 -41.79 -3.72 16.84
N THR G 36 -41.02 -2.72 17.27
CA THR G 36 -39.62 -2.63 16.90
C THR G 36 -38.77 -3.30 17.98
N LEU G 37 -38.01 -4.30 17.59
CA LEU G 37 -37.11 -4.97 18.52
C LEU G 37 -35.76 -5.20 17.86
N VAL G 38 -34.70 -4.72 18.51
CA VAL G 38 -33.34 -4.92 18.00
C VAL G 38 -32.47 -5.60 19.04
N LEU G 39 -31.97 -6.78 18.73
CA LEU G 39 -31.05 -7.50 19.61
C LEU G 39 -29.65 -7.56 19.00
N VAL G 40 -28.63 -7.27 19.81
CA VAL G 40 -27.27 -7.20 19.30
C VAL G 40 -26.30 -8.07 20.11
N LYS G 41 -25.58 -8.96 19.42
CA LYS G 41 -24.55 -9.75 20.06
C LYS G 41 -23.42 -8.84 20.54
N ASN G 42 -23.19 -8.82 21.84
CA ASN G 42 -22.16 -7.97 22.43
C ASN G 42 -21.44 -8.71 23.55
N GLY G 43 -20.41 -9.47 23.20
CA GLY G 43 -19.70 -10.28 24.17
C GLY G 43 -20.59 -11.33 24.79
N GLY G 44 -20.52 -11.45 26.10
CA GLY G 44 -21.35 -12.41 26.83
C GLY G 44 -22.82 -12.02 26.91
N LEU G 45 -23.12 -10.74 26.66
CA LEU G 45 -24.48 -10.25 26.76
C LEU G 45 -25.12 -10.00 25.40
N VAL G 46 -26.39 -9.68 25.44
CA VAL G 46 -27.09 -9.13 24.29
C VAL G 46 -27.49 -7.70 24.64
N ASN G 47 -27.46 -6.80 23.66
CA ASN G 47 -27.98 -5.45 23.88
C ASN G 47 -29.35 -5.28 23.25
N GLY G 48 -30.31 -4.85 24.06
CA GLY G 48 -31.70 -4.81 23.64
C GLY G 48 -32.29 -3.43 23.45
N TYR G 49 -33.14 -3.32 22.45
CA TYR G 49 -33.84 -2.09 22.12
C TYR G 49 -35.28 -2.47 21.81
N VAL G 50 -36.25 -1.81 22.44
CA VAL G 50 -37.64 -2.17 22.17
C VAL G 50 -38.60 -0.98 22.30
N SER G 51 -39.39 -0.77 21.24
CA SER G 51 -40.42 0.27 21.24
C SER G 51 -41.69 -0.25 20.59
N LEU G 52 -42.84 0.23 21.06
CA LEU G 52 -44.12 -0.24 20.54
C LEU G 52 -44.93 0.90 19.94
N VAL G 53 -45.71 0.59 18.91
CA VAL G 53 -46.63 1.55 18.32
C VAL G 53 -47.97 0.87 18.05
N GLY G 54 -49.05 1.51 18.46
CA GLY G 54 -50.37 0.95 18.27
C GLY G 54 -50.94 1.20 16.89
N VAL G 55 -51.67 0.22 16.38
CA VAL G 55 -52.31 0.35 15.08
C VAL G 55 -53.83 0.42 15.18
N SER G 56 -54.45 -0.63 15.73
CA SER G 56 -55.90 -0.68 15.82
C SER G 56 -56.46 0.41 16.73
N ASP G 57 -57.65 0.91 16.39
CA ASP G 57 -58.31 1.92 17.21
C ASP G 57 -58.51 1.42 18.63
N THR G 58 -58.86 0.15 18.77
CA THR G 58 -59.11 -0.42 20.08
C THR G 58 -57.88 -0.30 20.97
N VAL G 59 -56.69 -0.36 20.37
CA VAL G 59 -55.45 -0.22 21.12
C VAL G 59 -55.18 1.23 21.43
N ASN G 60 -55.40 2.11 20.46
CA ASN G 60 -55.14 3.53 20.65
C ASN G 60 -56.18 4.21 21.55
N GLN G 61 -57.11 3.41 22.06
CA GLN G 61 -58.08 3.91 23.03
C GLN G 61 -57.69 3.48 24.43
N MET G 62 -56.77 2.53 24.52
CA MET G 62 -56.36 1.98 25.80
C MET G 62 -55.95 3.06 26.78
N PHE G 63 -55.28 4.09 26.26
CA PHE G 63 -54.76 5.16 27.11
C PHE G 63 -55.78 6.27 27.41
N THR G 64 -57.06 5.96 27.25
CA THR G 64 -58.12 6.86 27.71
C THR G 64 -58.59 6.41 29.09
N GLN G 65 -57.91 5.41 29.63
CA GLN G 65 -58.21 4.86 30.95
C GLN G 65 -57.16 5.29 31.98
N LYS G 66 -57.50 5.18 33.25
CA LYS G 66 -56.55 5.45 34.32
C LYS G 66 -55.36 4.50 34.20
N SER G 67 -55.62 3.28 33.73
CA SER G 67 -54.59 2.26 33.67
C SER G 67 -54.83 1.30 32.52
N ALA G 68 -53.77 0.61 32.11
CA ALA G 68 -53.85 -0.38 31.05
C ALA G 68 -52.64 -1.31 31.08
N THR G 69 -52.79 -2.48 30.47
CA THR G 69 -51.71 -3.45 30.38
C THR G 69 -51.54 -3.91 28.93
N ILE G 70 -50.30 -4.16 28.53
CA ILE G 70 -50.02 -4.70 27.21
C ILE G 70 -48.95 -5.79 27.37
N GLN G 71 -49.22 -6.98 26.87
CA GLN G 71 -48.28 -8.08 27.07
C GLN G 71 -47.99 -8.86 25.80
N LEU G 72 -46.85 -8.56 25.17
CA LEU G 72 -46.37 -9.33 24.04
C LEU G 72 -45.39 -10.38 24.52
N ARG G 73 -45.66 -11.64 24.23
CA ARG G 73 -44.74 -12.70 24.61
C ARG G 73 -44.26 -13.47 23.38
N LEU G 74 -42.95 -13.66 23.29
CA LEU G 74 -42.32 -14.33 22.17
C LEU G 74 -41.76 -15.67 22.61
N TYR G 75 -41.94 -16.69 21.78
CA TYR G 75 -41.42 -18.02 22.08
C TYR G 75 -40.54 -18.47 20.94
N PHE G 76 -39.48 -19.20 21.27
CA PHE G 76 -38.52 -19.64 20.27
C PHE G 76 -38.31 -21.15 20.34
N ASP G 77 -37.85 -21.75 19.24
CA ASP G 77 -37.59 -23.19 19.18
C ASP G 77 -36.12 -23.47 19.46
N SER G 78 -35.75 -24.75 19.44
CA SER G 78 -34.37 -25.16 19.71
C SER G 78 -33.36 -24.37 18.89
N SER G 79 -33.74 -24.03 17.67
CA SER G 79 -32.86 -23.35 16.73
C SER G 79 -32.78 -21.84 16.97
N GLY G 80 -33.70 -21.32 17.77
CA GLY G 80 -33.71 -19.90 18.08
C GLY G 80 -34.59 -19.10 17.12
N ASN G 81 -35.43 -19.79 16.38
CA ASN G 81 -36.36 -19.13 15.48
C ASN G 81 -37.68 -18.86 16.18
N LEU G 82 -38.41 -17.86 15.70
CA LEU G 82 -39.68 -17.51 16.30
C LEU G 82 -40.73 -18.59 16.06
N LEU G 83 -41.48 -18.93 17.11
CA LEU G 83 -42.63 -19.79 16.95
C LEU G 83 -43.84 -18.88 16.70
N THR G 84 -43.96 -18.46 15.45
CA THR G 84 -44.91 -17.44 15.06
C THR G 84 -46.35 -17.69 15.55
N ASP G 85 -46.74 -18.95 15.70
CA ASP G 85 -48.12 -19.26 16.05
C ASP G 85 -48.43 -19.19 17.55
N GLU G 86 -47.43 -19.44 18.38
CA GLU G 86 -47.62 -19.37 19.82
C GLU G 86 -47.44 -17.95 20.37
N SER G 87 -46.71 -17.13 19.63
CA SER G 87 -46.28 -15.81 20.11
C SER G 87 -47.18 -14.68 19.63
N ASN G 88 -47.19 -13.56 20.35
CA ASN G 88 -47.96 -12.39 19.93
C ASN G 88 -47.25 -11.70 18.78
N LEU G 89 -45.98 -12.02 18.60
CA LEU G 89 -45.23 -11.49 17.47
C LEU G 89 -45.49 -12.41 16.30
N LYS G 90 -46.00 -11.86 15.21
CA LYS G 90 -46.50 -12.68 14.11
C LYS G 90 -45.60 -12.74 12.87
N ILE G 91 -44.46 -12.04 12.94
CA ILE G 91 -43.47 -12.07 11.87
C ILE G 91 -42.09 -12.40 12.43
N PRO G 92 -41.39 -13.35 11.79
CA PRO G 92 -40.09 -13.81 12.29
C PRO G 92 -39.09 -12.67 12.43
N LEU G 93 -38.04 -12.92 13.20
CA LEU G 93 -36.94 -11.97 13.29
C LEU G 93 -35.94 -12.31 12.20
N LYS G 94 -35.32 -11.28 11.62
CA LYS G 94 -34.33 -11.47 10.57
C LYS G 94 -33.01 -10.82 10.96
N ASN G 95 -31.93 -11.21 10.28
CA ASN G 95 -30.65 -10.55 10.49
C ASN G 95 -30.53 -9.28 9.68
N LYS G 96 -29.44 -8.55 9.88
CA LYS G 96 -29.22 -7.31 9.16
C LYS G 96 -28.56 -7.58 7.81
N SER G 97 -28.40 -8.88 7.51
CA SER G 97 -27.81 -9.32 6.25
C SER G 97 -28.76 -10.26 5.51
N SER G 107 -28.07 -20.61 12.89
CA SER G 107 -28.87 -20.60 14.10
C SER G 107 -28.91 -19.21 14.76
N SER G 108 -30.12 -18.76 15.09
CA SER G 108 -30.30 -17.54 15.86
C SER G 108 -30.16 -17.85 17.35
N LYS G 109 -29.77 -19.08 17.65
CA LYS G 109 -29.61 -19.53 19.02
C LYS G 109 -28.71 -18.59 19.79
N ALA G 110 -27.72 -18.02 19.10
CA ALA G 110 -26.74 -17.14 19.74
C ALA G 110 -27.37 -15.95 20.46
N PHE G 111 -28.52 -15.51 19.98
CA PHE G 111 -29.19 -14.33 20.53
C PHE G 111 -30.11 -14.65 21.71
N MET G 112 -30.49 -15.92 21.84
CA MET G 112 -31.42 -16.34 22.88
C MET G 112 -30.90 -16.06 24.30
N PRO G 113 -31.82 -15.89 25.24
CA PRO G 113 -31.47 -15.72 26.65
C PRO G 113 -30.98 -17.02 27.25
N SER G 114 -29.77 -17.03 27.79
CA SER G 114 -29.21 -18.21 28.45
C SER G 114 -30.22 -18.96 29.30
N THR G 115 -30.24 -20.28 29.15
CA THR G 115 -31.12 -21.14 29.93
C THR G 115 -30.49 -21.44 31.28
N THR G 116 -29.19 -21.17 31.39
CA THR G 116 -28.48 -21.34 32.64
C THR G 116 -28.68 -20.09 33.51
N ALA G 117 -28.63 -18.93 32.85
CA ALA G 117 -28.78 -17.65 33.54
C ALA G 117 -30.23 -17.36 33.90
N TYR G 118 -31.13 -17.67 32.97
CA TYR G 118 -32.55 -17.44 33.18
C TYR G 118 -33.28 -18.74 32.86
N PRO G 119 -33.30 -19.68 33.84
CA PRO G 119 -33.80 -21.05 33.66
C PRO G 119 -35.29 -21.09 33.39
N PHE G 120 -35.77 -22.24 32.93
CA PHE G 120 -37.19 -22.50 32.86
C PHE G 120 -37.58 -23.16 34.17
N ASN G 121 -38.73 -22.77 34.72
CA ASN G 121 -39.13 -23.26 36.02
C ASN G 121 -40.33 -24.19 36.05
N THR G 122 -40.33 -25.04 37.08
CA THR G 122 -41.55 -25.57 37.66
C THR G 122 -41.71 -24.89 39.03
N THR G 123 -42.85 -24.23 39.25
CA THR G 123 -43.06 -23.40 40.43
C THR G 123 -42.27 -22.09 40.35
N ARG G 125 -42.58 -18.61 38.72
CA ARG G 125 -41.92 -17.61 37.88
C ARG G 125 -40.74 -16.93 38.59
N ASP G 126 -39.69 -17.70 38.88
CA ASP G 126 -38.47 -17.21 39.52
C ASP G 126 -38.18 -15.73 39.26
N SER G 127 -38.05 -14.94 40.33
CA SER G 127 -37.88 -13.49 40.23
C SER G 127 -36.53 -13.03 39.67
N GLU G 128 -35.57 -13.95 39.59
CA GLU G 128 -34.27 -13.62 39.04
C GLU G 128 -34.33 -13.52 37.51
N ASN G 129 -35.49 -13.85 36.96
CA ASN G 129 -35.67 -13.90 35.51
C ASN G 129 -36.30 -12.65 34.91
N TYR G 130 -36.58 -11.67 35.74
CA TYR G 130 -37.24 -10.46 35.27
C TYR G 130 -36.26 -9.31 35.18
N ILE G 131 -36.38 -8.53 34.09
CA ILE G 131 -35.72 -7.24 34.01
C ILE G 131 -36.82 -6.19 34.18
N HIS G 132 -36.55 -5.18 35.00
CA HIS G 132 -37.55 -4.14 35.23
C HIS G 132 -37.00 -2.75 34.93
N GLY G 133 -37.89 -1.85 34.51
CA GLY G 133 -37.51 -0.49 34.21
C GLY G 133 -38.69 0.40 33.93
N ILE G 134 -38.43 1.60 33.40
CA ILE G 134 -39.49 2.53 33.10
C ILE G 134 -39.27 3.25 31.79
N CYS G 135 -40.21 3.12 30.86
CA CYS G 135 -40.21 3.94 29.65
C CYS G 135 -41.39 4.90 29.70
N TYR G 136 -41.50 5.78 28.71
CA TYR G 136 -42.48 6.86 28.79
C TYR G 136 -43.34 7.00 27.54
N TYR G 137 -44.55 7.52 27.76
CA TYR G 137 -45.48 7.81 26.67
C TYR G 137 -45.66 9.32 26.54
N MET G 138 -45.68 9.82 25.32
CA MET G 138 -45.90 11.25 25.12
C MET G 138 -47.35 11.53 24.77
N THR G 139 -48.02 12.36 25.57
CA THR G 139 -49.42 12.67 25.32
C THR G 139 -49.59 13.39 23.99
N SER G 140 -50.80 13.34 23.46
CA SER G 140 -51.06 13.80 22.11
C SER G 140 -51.25 15.30 22.01
N TYR G 141 -51.55 15.94 23.13
CA TYR G 141 -51.90 17.37 23.09
C TYR G 141 -50.80 18.32 23.54
N ASP G 142 -50.04 17.93 24.56
CA ASP G 142 -48.97 18.78 25.07
C ASP G 142 -47.61 18.07 25.22
N ARG G 143 -47.51 16.87 24.64
CA ARG G 143 -46.25 16.12 24.62
C ARG G 143 -45.71 15.76 26.00
N SER G 144 -46.45 16.09 27.06
CA SER G 144 -46.02 15.80 28.42
C SER G 144 -45.82 14.29 28.63
N LEU G 145 -44.95 13.93 29.57
CA LEU G 145 -44.58 12.52 29.74
C LEU G 145 -45.42 11.75 30.76
N VAL G 146 -45.67 10.48 30.44
CA VAL G 146 -46.42 9.58 31.31
C VAL G 146 -45.64 8.29 31.49
N PRO G 147 -45.28 7.96 32.73
CA PRO G 147 -44.47 6.76 33.02
C PRO G 147 -45.20 5.46 32.71
N LEU G 148 -44.57 4.59 31.92
CA LEU G 148 -45.05 3.23 31.73
C LEU G 148 -44.09 2.27 32.39
N ASN G 149 -44.62 1.24 33.04
CA ASN G 149 -43.77 0.24 33.69
C ASN G 149 -43.46 -0.90 32.75
N ILE G 150 -42.24 -0.90 32.20
CA ILE G 150 -41.80 -1.97 31.33
C ILE G 150 -41.19 -3.08 32.16
N SER G 151 -41.42 -4.32 31.75
CA SER G 151 -40.84 -5.46 32.44
C SER G 151 -40.66 -6.63 31.48
N ILE G 152 -39.43 -7.06 31.32
CA ILE G 152 -39.12 -8.17 30.43
C ILE G 152 -38.86 -9.44 31.23
N MET G 153 -39.58 -10.50 30.92
CA MET G 153 -39.38 -11.80 31.56
C MET G 153 -38.66 -12.77 30.62
N LEU G 154 -37.49 -13.22 31.04
CA LEU G 154 -36.71 -14.15 30.23
C LEU G 154 -37.04 -15.59 30.60
N ASN G 155 -37.47 -16.36 29.61
CA ASN G 155 -37.81 -17.77 29.82
C ASN G 155 -38.75 -17.92 31.01
N SER G 156 -38.47 -18.91 31.85
CA SER G 156 -39.25 -19.16 33.05
C SER G 156 -40.56 -19.95 32.80
N ARG G 157 -41.44 -19.42 31.95
CA ARG G 157 -42.68 -20.13 31.60
C ARG G 157 -42.63 -20.67 30.18
N THR G 158 -42.97 -21.93 30.04
CA THR G 158 -43.03 -22.58 28.74
C THR G 158 -44.42 -23.19 28.59
N ILE G 159 -45.05 -23.00 27.44
CA ILE G 159 -46.44 -23.40 27.27
C ILE G 159 -46.68 -24.50 26.22
N SER G 160 -45.59 -25.00 25.64
CA SER G 160 -45.67 -25.96 24.54
C SER G 160 -44.46 -26.87 24.53
N SER G 161 -44.60 -28.04 23.92
CA SER G 161 -43.47 -28.95 23.78
C SER G 161 -42.41 -28.36 22.84
N ASN G 162 -42.79 -27.33 22.10
CA ASN G 162 -41.91 -26.72 21.12
C ASN G 162 -40.99 -25.65 21.69
N VAL G 163 -41.47 -24.95 22.72
CA VAL G 163 -40.75 -23.80 23.27
C VAL G 163 -39.38 -24.17 23.81
N ALA G 164 -38.37 -23.43 23.37
CA ALA G 164 -36.99 -23.66 23.79
C ALA G 164 -36.45 -22.41 24.48
N TYR G 165 -37.03 -21.26 24.15
CA TYR G 165 -36.62 -19.98 24.71
C TYR G 165 -37.84 -19.08 24.78
N ALA G 166 -37.77 -18.03 25.59
CA ALA G 166 -38.91 -17.12 25.74
C ALA G 166 -38.53 -15.72 26.17
N ILE G 167 -39.12 -14.72 25.52
CA ILE G 167 -38.96 -13.34 25.93
C ILE G 167 -40.34 -12.71 26.01
N GLN G 168 -40.68 -12.17 27.17
CA GLN G 168 -42.00 -11.58 27.38
C GLN G 168 -41.92 -10.11 27.80
N PHE G 169 -42.42 -9.23 26.93
CA PHE G 169 -42.45 -7.80 27.22
C PHE G 169 -43.82 -7.41 27.79
N GLU G 170 -43.83 -6.64 28.87
CA GLU G 170 -45.09 -6.20 29.48
C GLU G 170 -45.06 -4.70 29.86
N TRP G 171 -45.83 -3.90 29.14
CA TRP G 171 -45.99 -2.48 29.48
C TRP G 171 -47.18 -2.29 30.40
N ASN G 172 -47.11 -1.31 31.29
CA ASN G 172 -48.18 -1.09 32.24
C ASN G 172 -48.43 0.38 32.59
N LEU G 173 -49.59 0.87 32.21
CA LEU G 173 -50.04 2.21 32.58
C LEU G 173 -50.71 2.14 33.94
N ASN G 174 -50.52 3.18 34.74
CA ASN G 174 -51.17 3.26 36.03
C ASN G 174 -51.08 4.66 36.62
N ALA G 175 -51.90 5.58 36.13
CA ALA G 175 -51.79 6.98 36.51
C ALA G 175 -52.95 7.39 37.42
N LYS G 176 -52.82 8.58 38.01
CA LYS G 176 -53.88 9.15 38.84
C LYS G 176 -55.09 9.47 37.96
N GLU G 177 -54.82 9.79 36.69
CA GLU G 177 -55.88 10.01 35.71
C GLU G 177 -55.41 9.65 34.30
N SER G 178 -56.35 9.36 33.41
CA SER G 178 -56.01 8.93 32.05
C SER G 178 -55.22 9.99 31.27
N PRO G 179 -54.23 9.52 30.48
CA PRO G 179 -53.37 10.40 29.68
C PRO G 179 -54.14 11.05 28.55
N GLU G 180 -55.07 10.29 27.97
CA GLU G 180 -55.84 10.75 26.82
C GLU G 180 -57.32 10.88 27.13
N SER G 181 -58.03 11.57 26.23
CA SER G 181 -59.48 11.67 26.31
C SER G 181 -60.10 11.11 25.02
N ASN G 182 -59.24 10.81 24.05
CA ASN G 182 -59.68 10.38 22.74
C ASN G 182 -58.73 9.35 22.14
N ILE G 183 -59.09 8.81 20.97
CA ILE G 183 -58.20 7.88 20.28
C ILE G 183 -56.91 8.61 19.97
N ALA G 184 -55.80 8.02 20.37
CA ALA G 184 -54.50 8.63 20.13
C ALA G 184 -53.48 7.55 19.89
N THR G 185 -52.82 7.60 18.74
CA THR G 185 -51.83 6.61 18.37
C THR G 185 -50.80 6.34 19.47
N LEU G 186 -50.90 5.16 20.09
CA LEU G 186 -50.06 4.79 21.23
C LEU G 186 -48.63 4.47 20.81
N THR G 187 -47.66 5.07 21.50
CA THR G 187 -46.24 4.79 21.26
C THR G 187 -45.49 4.75 22.58
N THR G 188 -44.60 3.78 22.74
CA THR G 188 -43.80 3.72 23.95
C THR G 188 -42.35 4.09 23.66
N SER G 189 -41.78 4.94 24.52
CA SER G 189 -40.38 5.33 24.43
C SER G 189 -39.49 4.10 24.31
N PRO G 190 -38.42 4.20 23.51
CA PRO G 190 -37.44 3.12 23.44
C PRO G 190 -36.93 2.75 24.83
N PHE G 191 -36.97 1.46 25.15
CA PHE G 191 -36.43 0.96 26.42
C PHE G 191 -35.25 0.01 26.19
N PHE G 192 -34.09 0.38 26.72
CA PHE G 192 -32.89 -0.42 26.52
C PHE G 192 -32.68 -1.44 27.63
N PHE G 193 -32.19 -2.62 27.26
CA PHE G 193 -31.90 -3.66 28.24
C PHE G 193 -30.71 -4.53 27.83
N SER G 194 -30.36 -5.49 28.68
CA SER G 194 -29.28 -6.44 28.39
C SER G 194 -29.46 -7.72 29.17
N TYR G 195 -29.18 -8.85 28.54
CA TYR G 195 -29.21 -10.13 29.25
C TYR G 195 -28.05 -11.03 28.85
N ILE G 196 -27.69 -11.94 29.76
CA ILE G 196 -26.68 -12.95 29.49
C ILE G 196 -27.24 -13.90 28.44
N ARG G 197 -26.48 -14.14 27.37
CA ARG G 197 -27.01 -14.89 26.23
C ARG G 197 -26.51 -16.32 26.14
N GLU G 198 -27.16 -17.09 25.27
CA GLU G 198 -26.77 -18.48 24.99
C GLU G 198 -25.49 -18.52 24.15
N ASP G 199 -24.80 -19.65 24.18
CA ASP G 199 -23.43 -19.74 23.66
C ASP G 199 -23.32 -19.97 22.15
N ILE H 9 -10.32 -11.60 23.31
CA ILE H 9 -11.41 -11.84 24.23
C ILE H 9 -11.88 -10.53 24.87
N ASN H 10 -13.18 -10.42 25.13
CA ASN H 10 -13.73 -9.14 25.57
C ASN H 10 -14.88 -9.22 26.60
N THR H 11 -14.96 -10.34 27.32
CA THR H 11 -15.93 -10.44 28.40
C THR H 11 -15.24 -10.80 29.71
N LEU H 12 -15.35 -9.92 30.69
CA LEU H 12 -14.80 -10.18 32.01
C LEU H 12 -15.96 -10.25 32.99
N TRP H 13 -16.18 -11.43 33.59
CA TRP H 13 -17.34 -11.60 34.45
C TRP H 13 -17.11 -12.50 35.68
N THR H 14 -18.16 -12.66 36.47
CA THR H 14 -18.13 -13.53 37.63
C THR H 14 -18.51 -14.93 37.21
N GLY H 15 -18.99 -15.05 35.98
CA GLY H 15 -19.52 -16.30 35.49
C GLY H 15 -21.00 -16.42 35.82
N ILE H 16 -21.71 -17.27 35.09
CA ILE H 16 -23.14 -17.41 35.28
C ILE H 16 -23.47 -18.21 36.54
N LYS H 17 -24.47 -17.72 37.28
CA LYS H 17 -25.02 -18.46 38.42
C LYS H 17 -23.93 -18.84 39.41
N PRO H 18 -23.18 -17.85 39.90
CA PRO H 18 -22.01 -18.06 40.75
C PRO H 18 -22.36 -18.55 42.16
N PRO H 19 -21.42 -19.27 42.79
CA PRO H 19 -21.52 -19.73 44.17
C PRO H 19 -21.30 -18.56 45.11
N PRO H 20 -21.94 -18.55 46.28
CA PRO H 20 -21.80 -17.43 47.22
C PRO H 20 -20.39 -16.85 47.17
N ASN H 21 -20.25 -15.64 46.62
CA ASN H 21 -18.95 -15.13 46.23
C ASN H 21 -18.60 -13.74 46.74
N CYS H 22 -19.34 -13.25 47.73
CA CYS H 22 -19.02 -11.95 48.28
C CYS H 22 -19.62 -11.77 49.66
N GLN H 23 -19.01 -10.87 50.44
CA GLN H 23 -19.42 -10.62 51.82
C GLN H 23 -20.10 -9.27 51.94
N ILE H 24 -21.33 -9.29 52.45
CA ILE H 24 -22.12 -8.09 52.52
C ILE H 24 -22.07 -7.48 53.91
N VAL H 25 -22.29 -8.30 54.93
CA VAL H 25 -22.43 -7.76 56.28
C VAL H 25 -21.13 -7.46 56.99
N GLU H 26 -21.03 -6.25 57.54
CA GLU H 26 -19.86 -5.82 58.29
C GLU H 26 -19.34 -6.92 59.20
N ASN H 27 -18.11 -7.37 58.92
CA ASN H 27 -17.45 -8.37 59.76
C ASN H 27 -18.12 -9.74 59.67
N THR H 28 -18.06 -10.34 58.48
CA THR H 28 -18.54 -11.71 58.31
C THR H 28 -17.38 -12.63 57.92
N ASP H 29 -17.46 -13.87 58.41
CA ASP H 29 -16.42 -14.88 58.19
C ASP H 29 -16.66 -15.62 56.88
N THR H 30 -17.93 -15.70 56.48
CA THR H 30 -18.35 -16.45 55.32
C THR H 30 -19.04 -15.59 54.27
N ASN H 31 -19.20 -16.12 53.06
CA ASN H 31 -19.83 -15.39 51.98
C ASN H 31 -21.35 -15.46 52.07
N ASP H 32 -22.00 -14.32 51.91
CA ASP H 32 -23.44 -14.22 52.13
C ASP H 32 -24.18 -13.67 50.90
N GLY H 33 -23.43 -13.43 49.82
CA GLY H 33 -24.03 -12.87 48.63
C GLY H 33 -23.55 -13.50 47.34
N LYS H 34 -24.49 -13.69 46.41
CA LYS H 34 -24.16 -14.14 45.08
C LYS H 34 -24.20 -12.97 44.11
N LEU H 35 -23.03 -12.42 43.79
CA LEU H 35 -22.96 -11.29 42.88
C LEU H 35 -22.70 -11.71 41.44
N THR H 36 -23.66 -11.45 40.55
CA THR H 36 -23.43 -11.60 39.12
C THR H 36 -22.99 -10.27 38.54
N LEU H 37 -21.81 -10.26 37.92
CA LEU H 37 -21.30 -9.06 37.27
C LEU H 37 -20.71 -9.40 35.91
N VAL H 38 -21.20 -8.76 34.86
CA VAL H 38 -20.68 -8.98 33.52
C VAL H 38 -20.21 -7.67 32.91
N LEU H 39 -18.92 -7.60 32.58
CA LEU H 39 -18.37 -6.42 31.90
C LEU H 39 -17.93 -6.78 30.48
N VAL H 40 -18.30 -5.92 29.52
CA VAL H 40 -18.03 -6.22 28.11
C VAL H 40 -17.29 -5.08 27.39
N LYS H 41 -16.16 -5.41 26.79
CA LYS H 41 -15.43 -4.44 25.97
C LYS H 41 -16.26 -4.05 24.76
N ASN H 42 -16.62 -2.77 24.68
CA ASN H 42 -17.43 -2.27 23.58
C ASN H 42 -16.96 -0.89 23.14
N GLY H 43 -15.98 -0.88 22.25
CA GLY H 43 -15.39 0.36 21.80
C GLY H 43 -14.70 1.10 22.92
N GLY H 44 -14.92 2.41 23.01
CA GLY H 44 -14.35 3.22 24.07
C GLY H 44 -14.95 2.96 25.44
N LEU H 45 -16.13 2.34 25.47
CA LEU H 45 -16.82 2.10 26.74
C LEU H 45 -16.76 0.65 27.17
N VAL H 46 -17.28 0.40 28.37
CA VAL H 46 -17.56 -0.94 28.83
C VAL H 46 -19.08 -1.02 29.02
N ASN H 47 -19.66 -2.18 28.73
CA ASN H 47 -21.07 -2.39 29.00
C ASN H 47 -21.24 -3.25 30.23
N GLY H 48 -22.02 -2.75 31.19
CA GLY H 48 -22.14 -3.37 32.50
C GLY H 48 -23.48 -4.01 32.80
N TYR H 49 -23.42 -5.13 33.51
CA TYR H 49 -24.60 -5.87 33.93
C TYR H 49 -24.34 -6.28 35.37
N VAL H 50 -25.28 -6.00 36.27
CA VAL H 50 -25.08 -6.38 37.66
C VAL H 50 -26.36 -6.72 38.42
N SER H 51 -26.38 -7.90 39.04
CA SER H 51 -27.52 -8.31 39.86
C SER H 51 -27.02 -8.98 41.13
N LEU H 52 -27.79 -8.86 42.20
CA LEU H 52 -27.39 -9.41 43.49
C LEU H 52 -28.42 -10.41 44.01
N VAL H 53 -27.93 -11.42 44.73
CA VAL H 53 -28.80 -12.39 45.39
C VAL H 53 -28.26 -12.68 46.78
N GLY H 54 -29.15 -12.61 47.77
CA GLY H 54 -28.76 -12.86 49.14
C GLY H 54 -28.69 -14.32 49.51
N VAL H 55 -27.72 -14.67 50.33
CA VAL H 55 -27.56 -16.04 50.79
C VAL H 55 -27.88 -16.20 52.27
N SER H 56 -27.14 -15.51 53.13
CA SER H 56 -27.32 -15.62 54.58
C SER H 56 -28.68 -15.14 55.02
N ASP H 57 -29.22 -15.74 56.07
CA ASP H 57 -30.51 -15.34 56.61
C ASP H 57 -30.46 -13.88 57.07
N THR H 58 -29.33 -13.49 57.64
CA THR H 58 -29.19 -12.13 58.13
C THR H 58 -29.39 -11.11 57.00
N VAL H 59 -28.99 -11.49 55.78
CA VAL H 59 -29.16 -10.62 54.63
C VAL H 59 -30.60 -10.65 54.14
N ASN H 60 -31.18 -11.84 54.11
CA ASN H 60 -32.54 -11.98 53.60
C ASN H 60 -33.58 -11.46 54.60
N GLN H 61 -33.10 -10.92 55.71
CA GLN H 61 -33.98 -10.27 56.68
C GLN H 61 -33.94 -8.76 56.51
N MET H 62 -32.92 -8.28 55.80
CA MET H 62 -32.70 -6.85 55.64
C MET H 62 -33.96 -6.13 55.14
N PHE H 63 -34.69 -6.79 54.26
CA PHE H 63 -35.86 -6.16 53.64
C PHE H 63 -37.12 -6.34 54.48
N THR H 64 -36.97 -6.62 55.76
CA THR H 64 -38.12 -6.58 56.67
C THR H 64 -38.16 -5.21 57.36
N GLN H 65 -37.25 -4.33 56.93
CA GLN H 65 -37.15 -2.98 57.48
C GLN H 65 -37.67 -1.95 56.48
N LYS H 66 -37.99 -0.76 56.98
CA LYS H 66 -38.42 0.33 56.11
C LYS H 66 -37.32 0.65 55.10
N SER H 67 -36.07 0.47 55.53
CA SER H 67 -34.93 0.83 54.70
C SER H 67 -33.72 -0.06 54.98
N ALA H 68 -32.80 -0.09 54.02
CA ALA H 68 -31.57 -0.85 54.18
C ALA H 68 -30.54 -0.41 53.16
N THR H 69 -29.27 -0.71 53.45
CA THR H 69 -28.17 -0.39 52.55
C THR H 69 -27.30 -1.62 52.32
N ILE H 70 -26.77 -1.75 51.11
CA ILE H 70 -25.85 -2.82 50.76
C ILE H 70 -24.72 -2.22 49.94
N GLN H 71 -23.48 -2.41 50.38
CA GLN H 71 -22.36 -1.80 49.68
C GLN H 71 -21.22 -2.77 49.37
N LEU H 72 -21.17 -3.26 48.14
CA LEU H 72 -20.05 -4.08 47.69
C LEU H 72 -19.05 -3.19 46.97
N ARG H 73 -17.80 -3.19 47.42
CA ARG H 73 -16.78 -2.41 46.75
C ARG H 73 -15.64 -3.32 46.27
N LEU H 74 -15.26 -3.14 45.01
CA LEU H 74 -14.20 -3.96 44.42
C LEU H 74 -12.98 -3.10 44.18
N TYR H 75 -11.81 -3.66 44.45
CA TYR H 75 -10.54 -2.97 44.21
C TYR H 75 -9.66 -3.81 43.29
N PHE H 76 -8.91 -3.14 42.42
CA PHE H 76 -8.08 -3.82 41.45
C PHE H 76 -6.63 -3.33 41.53
N ASP H 77 -5.69 -4.16 41.07
CA ASP H 77 -4.28 -3.78 41.05
C ASP H 77 -3.87 -3.24 39.70
N SER H 78 -2.60 -2.85 39.57
CA SER H 78 -2.09 -2.27 38.32
C SER H 78 -2.47 -3.10 37.10
N SER H 79 -2.52 -4.42 37.28
CA SER H 79 -2.76 -5.35 36.19
C SER H 79 -4.24 -5.50 35.87
N GLY H 80 -5.10 -5.01 36.76
CA GLY H 80 -6.53 -5.09 36.56
C GLY H 80 -7.17 -6.34 37.16
N ASN H 81 -6.42 -7.01 38.03
CA ASN H 81 -6.92 -8.17 38.73
C ASN H 81 -7.55 -7.79 40.04
N LEU H 82 -8.49 -8.60 40.52
CA LEU H 82 -9.16 -8.32 41.77
C LEU H 82 -8.22 -8.42 42.96
N LEU H 83 -8.30 -7.46 43.87
CA LEU H 83 -7.60 -7.56 45.15
C LEU H 83 -8.55 -8.22 46.13
N THR H 84 -8.62 -9.54 46.04
CA THR H 84 -9.62 -10.32 46.76
C THR H 84 -9.72 -10.01 48.25
N ASP H 85 -8.62 -9.59 48.86
CA ASP H 85 -8.61 -9.41 50.32
C ASP H 85 -9.13 -8.04 50.78
N GLU H 86 -9.01 -7.02 49.93
CA GLU H 86 -9.51 -5.69 50.24
C GLU H 86 -10.98 -5.50 49.88
N SER H 87 -11.46 -6.32 48.94
CA SER H 87 -12.79 -6.13 48.33
C SER H 87 -13.84 -7.03 48.97
N ASN H 88 -15.11 -6.63 48.86
CA ASN H 88 -16.21 -7.45 49.35
C ASN H 88 -16.46 -8.62 48.41
N LEU H 89 -15.93 -8.52 47.19
CA LEU H 89 -16.01 -9.62 46.24
C LEU H 89 -14.84 -10.53 46.52
N LYS H 90 -15.11 -11.79 46.83
CA LYS H 90 -14.09 -12.69 47.33
C LYS H 90 -13.56 -13.71 46.32
N ILE H 91 -14.06 -13.66 45.10
CA ILE H 91 -13.59 -14.54 44.02
C ILE H 91 -13.24 -13.71 42.79
N PRO H 92 -12.07 -13.97 42.20
CA PRO H 92 -11.59 -13.17 41.07
C PRO H 92 -12.57 -13.18 39.91
N LEU H 93 -12.41 -12.23 39.00
CA LEU H 93 -13.19 -12.21 37.78
C LEU H 93 -12.43 -13.01 36.75
N LYS H 94 -13.15 -13.73 35.90
CA LYS H 94 -12.54 -14.53 34.85
C LYS H 94 -13.05 -14.12 33.48
N ASN H 95 -12.33 -14.49 32.42
CA ASN H 95 -12.84 -14.27 31.08
C ASN H 95 -13.82 -15.35 30.65
N LYS H 96 -14.40 -15.19 29.46
CA LYS H 96 -15.35 -16.17 28.95
C LYS H 96 -14.61 -17.27 28.19
N SER H 97 -13.28 -17.21 28.25
CA SER H 97 -12.42 -18.20 27.60
C SER H 97 -11.45 -18.82 28.62
N SER H 107 -3.62 -8.99 30.59
CA SER H 107 -4.07 -7.95 31.52
C SER H 107 -5.58 -7.69 31.38
N SER H 108 -6.27 -7.69 32.51
CA SER H 108 -7.68 -7.30 32.56
C SER H 108 -7.77 -5.77 32.65
N LYS H 109 -6.63 -5.11 32.52
CA LYS H 109 -6.57 -3.65 32.58
C LYS H 109 -7.57 -3.04 31.61
N ALA H 110 -7.75 -3.68 30.46
CA ALA H 110 -8.62 -3.15 29.41
C ALA H 110 -10.04 -2.87 29.90
N PHE H 111 -10.49 -3.61 30.91
CA PHE H 111 -11.86 -3.49 31.41
C PHE H 111 -12.01 -2.44 32.51
N MET H 112 -10.90 -2.05 33.11
CA MET H 112 -10.94 -1.09 34.21
C MET H 112 -11.52 0.27 33.79
N PRO H 113 -12.08 0.99 34.76
CA PRO H 113 -12.60 2.35 34.55
C PRO H 113 -11.46 3.35 34.37
N SER H 114 -11.44 4.04 33.23
CA SER H 114 -10.43 5.07 32.96
C SER H 114 -10.08 5.92 34.19
N THR H 115 -8.79 6.09 34.43
CA THR H 115 -8.31 6.92 35.52
C THR H 115 -8.34 8.39 35.11
N THR H 116 -8.43 8.61 33.81
CA THR H 116 -8.52 9.95 33.27
C THR H 116 -9.97 10.44 33.34
N ALA H 117 -10.89 9.52 33.03
CA ALA H 117 -12.31 9.83 33.01
C ALA H 117 -12.90 9.87 34.40
N TYR H 118 -12.47 8.94 35.24
CA TYR H 118 -12.94 8.86 36.62
C TYR H 118 -11.73 8.78 37.54
N PRO H 119 -11.11 9.94 37.83
CA PRO H 119 -9.84 10.05 38.53
C PRO H 119 -9.93 9.59 39.97
N PHE H 120 -8.77 9.35 40.58
CA PHE H 120 -8.71 9.15 42.02
C PHE H 120 -8.52 10.50 42.67
N ASN H 121 -9.23 10.74 43.76
CA ASN H 121 -9.18 12.05 44.41
C ASN H 121 -8.41 12.06 45.71
N THR H 122 -7.62 13.11 45.88
CA THR H 122 -6.83 13.28 47.09
C THR H 122 -7.42 14.43 47.89
N THR H 123 -8.72 14.65 47.68
CA THR H 123 -9.45 15.70 48.39
C THR H 123 -10.79 15.17 48.89
N ARG H 125 -14.60 12.96 47.24
CA ARG H 125 -15.44 12.12 46.38
C ARG H 125 -16.11 12.93 45.28
N ASP H 126 -15.32 13.26 44.25
CA ASP H 126 -15.79 13.96 43.05
C ASP H 126 -17.09 13.36 42.47
N SER H 127 -18.12 14.19 42.33
CA SER H 127 -19.44 13.73 41.90
C SER H 127 -19.52 13.30 40.44
N GLU H 128 -18.48 13.60 39.66
CA GLU H 128 -18.46 13.19 38.27
C GLU H 128 -18.13 11.70 38.13
N ASN H 129 -17.83 11.07 39.26
CA ASN H 129 -17.40 9.67 39.29
C ASN H 129 -18.51 8.70 39.61
N TYR H 130 -19.72 9.20 39.79
CA TYR H 130 -20.82 8.34 40.18
C TYR H 130 -21.75 8.09 38.99
N ILE H 131 -22.19 6.83 38.86
CA ILE H 131 -23.32 6.50 38.00
C ILE H 131 -24.51 6.23 38.90
N HIS H 132 -25.67 6.79 38.55
CA HIS H 132 -26.87 6.60 39.36
C HIS H 132 -28.02 6.03 38.54
N GLY H 133 -28.88 5.28 39.21
CA GLY H 133 -30.03 4.69 38.55
C GLY H 133 -30.97 4.01 39.53
N ILE H 134 -31.92 3.24 38.99
CA ILE H 134 -32.87 2.54 39.83
C ILE H 134 -33.15 1.13 39.33
N CYS H 135 -32.90 0.14 40.18
CA CYS H 135 -33.33 -1.22 39.90
C CYS H 135 -34.43 -1.61 40.89
N TYR H 136 -35.01 -2.80 40.71
CA TYR H 136 -36.18 -3.14 41.49
C TYR H 136 -36.10 -4.49 42.21
N TYR H 137 -36.84 -4.61 43.30
CA TYR H 137 -36.94 -5.86 44.05
C TYR H 137 -38.36 -6.39 43.93
N MET H 138 -38.51 -7.70 43.71
CA MET H 138 -39.83 -8.31 43.67
C MET H 138 -40.19 -8.95 45.00
N THR H 139 -41.30 -8.51 45.60
CA THR H 139 -41.71 -9.04 46.89
C THR H 139 -42.06 -10.51 46.77
N SER H 140 -42.01 -11.20 47.90
CA SER H 140 -42.10 -12.65 47.91
C SER H 140 -43.55 -13.16 47.84
N TYR H 141 -44.51 -12.30 48.14
CA TYR H 141 -45.89 -12.76 48.21
C TYR H 141 -46.75 -12.40 47.00
N ASP H 142 -46.56 -11.21 46.44
CA ASP H 142 -47.37 -10.77 45.30
C ASP H 142 -46.56 -10.26 44.13
N ARG H 143 -45.25 -10.47 44.17
CA ARG H 143 -44.34 -10.10 43.07
C ARG H 143 -44.31 -8.60 42.77
N SER H 144 -45.01 -7.79 43.55
CA SER H 144 -45.07 -6.35 43.32
C SER H 144 -43.68 -5.73 43.40
N LEU H 145 -43.47 -4.60 42.74
CA LEU H 145 -42.14 -4.02 42.65
C LEU H 145 -41.80 -2.98 43.71
N VAL H 146 -40.56 -3.00 44.16
CA VAL H 146 -40.06 -2.04 45.15
C VAL H 146 -38.76 -1.42 44.63
N PRO H 147 -38.74 -0.09 44.47
CA PRO H 147 -37.57 0.61 43.92
C PRO H 147 -36.35 0.55 44.85
N LEU H 148 -35.22 0.10 44.30
CA LEU H 148 -33.94 0.20 44.98
C LEU H 148 -33.06 1.24 44.29
N ASN H 149 -32.36 2.04 45.08
CA ASN H 149 -31.46 3.03 44.51
C ASN H 149 -30.06 2.48 44.30
N ILE H 150 -29.75 2.15 43.04
CA ILE H 150 -28.43 1.65 42.72
C ILE H 150 -27.52 2.85 42.40
N SER H 151 -26.26 2.76 42.82
CA SER H 151 -25.29 3.80 42.51
C SER H 151 -23.87 3.22 42.45
N ILE H 152 -23.24 3.37 41.29
CA ILE H 152 -21.90 2.84 41.09
C ILE H 152 -20.88 3.96 41.13
N MET H 153 -19.89 3.82 42.00
CA MET H 153 -18.82 4.80 42.11
C MET H 153 -17.53 4.28 41.49
N LEU H 154 -17.04 4.98 40.47
CA LEU H 154 -15.83 4.57 39.78
C LEU H 154 -14.59 5.24 40.34
N ASN H 155 -13.59 4.42 40.67
CA ASN H 155 -12.35 4.89 41.28
C ASN H 155 -12.59 5.86 42.44
N SER H 156 -12.11 7.10 42.30
CA SER H 156 -12.34 8.13 43.31
C SER H 156 -11.55 7.92 44.61
N ARG H 157 -11.95 6.92 45.39
CA ARG H 157 -11.28 6.64 46.66
C ARG H 157 -10.52 5.31 46.66
N THR H 158 -9.26 5.36 47.13
CA THR H 158 -8.44 4.17 47.30
C THR H 158 -8.08 4.01 48.78
N ILE H 159 -7.84 2.77 49.22
CA ILE H 159 -7.59 2.52 50.64
C ILE H 159 -6.37 1.65 50.89
N SER H 160 -5.49 1.56 49.90
CA SER H 160 -4.29 0.75 50.04
C SER H 160 -3.28 1.11 48.97
N SER H 161 -2.01 0.91 49.29
CA SER H 161 -0.94 1.18 48.33
C SER H 161 -1.07 0.30 47.10
N ASN H 162 -1.92 -0.73 47.20
CA ASN H 162 -2.09 -1.69 46.12
C ASN H 162 -3.14 -1.27 45.09
N VAL H 163 -4.16 -0.55 45.56
CA VAL H 163 -5.29 -0.22 44.71
C VAL H 163 -4.90 0.59 43.49
N ALA H 164 -5.34 0.14 42.32
CA ALA H 164 -5.04 0.82 41.06
C ALA H 164 -6.35 1.23 40.37
N TYR H 165 -7.42 0.51 40.69
CA TYR H 165 -8.72 0.81 40.14
C TYR H 165 -9.78 0.47 41.17
N ALA H 166 -11.00 0.96 40.99
CA ALA H 166 -12.06 0.70 41.96
C ALA H 166 -13.46 0.79 41.37
N ILE H 167 -14.30 -0.18 41.71
CA ILE H 167 -15.71 -0.11 41.37
C ILE H 167 -16.53 -0.42 42.61
N GLN H 168 -17.42 0.49 42.96
CA GLN H 168 -18.23 0.36 44.18
C GLN H 168 -19.73 0.39 43.88
N PHE H 169 -20.40 -0.74 44.12
CA PHE H 169 -21.84 -0.84 43.94
C PHE H 169 -22.55 -0.60 45.26
N GLU H 170 -23.60 0.22 45.25
CA GLU H 170 -24.38 0.50 46.46
C GLU H 170 -25.89 0.49 46.21
N TRP H 171 -26.57 -0.53 46.73
CA TRP H 171 -28.03 -0.61 46.68
C TRP H 171 -28.63 0.03 47.92
N ASN H 172 -29.80 0.64 47.77
CA ASN H 172 -30.43 1.33 48.88
C ASN H 172 -31.95 1.23 48.90
N LEU H 173 -32.48 0.57 49.91
CA LEU H 173 -33.92 0.51 50.11
C LEU H 173 -34.34 1.71 50.94
N ASN H 174 -35.52 2.24 50.65
CA ASN H 174 -36.06 3.34 51.42
C ASN H 174 -37.53 3.56 51.13
N ALA H 175 -38.38 2.73 51.73
CA ALA H 175 -39.80 2.76 51.42
C ALA H 175 -40.62 3.34 52.57
N LYS H 176 -41.90 3.60 52.30
CA LYS H 176 -42.82 4.07 53.32
C LYS H 176 -43.04 2.98 54.34
N GLU H 177 -42.97 1.73 53.90
CA GLU H 177 -43.04 0.57 54.79
C GLU H 177 -42.24 -0.62 54.23
N SER H 178 -41.87 -1.53 55.11
CA SER H 178 -41.01 -2.66 54.71
C SER H 178 -41.68 -3.53 53.66
N PRO H 179 -40.89 -4.02 52.70
CA PRO H 179 -41.36 -4.89 51.61
C PRO H 179 -41.77 -6.26 52.13
N GLU H 180 -41.01 -6.76 53.11
CA GLU H 180 -41.23 -8.09 53.65
C GLU H 180 -41.65 -8.07 55.11
N SER H 181 -42.15 -9.21 55.59
CA SER H 181 -42.46 -9.38 57.00
C SER H 181 -41.67 -10.54 57.57
N ASN H 182 -40.99 -11.26 56.67
CA ASN H 182 -40.27 -12.46 57.05
C ASN H 182 -39.00 -12.64 56.23
N ILE H 183 -38.21 -13.65 56.56
CA ILE H 183 -37.02 -13.94 55.78
C ILE H 183 -37.44 -14.25 54.36
N ALA H 184 -36.85 -13.53 53.40
CA ALA H 184 -37.17 -13.72 52.00
C ALA H 184 -35.92 -13.51 51.16
N THR H 185 -35.56 -14.51 50.39
CA THR H 185 -34.37 -14.46 49.56
C THR H 185 -34.28 -13.16 48.73
N LEU H 186 -33.34 -12.30 49.11
CA LEU H 186 -33.17 -10.99 48.48
C LEU H 186 -32.56 -11.09 47.09
N THR H 187 -33.18 -10.44 46.10
CA THR H 187 -32.66 -10.36 44.74
C THR H 187 -32.89 -8.97 44.17
N THR H 188 -31.88 -8.43 43.49
CA THR H 188 -32.04 -7.14 42.84
C THR H 188 -32.10 -7.27 41.31
N SER H 189 -33.08 -6.61 40.71
CA SER H 189 -33.21 -6.57 39.26
C SER H 189 -31.88 -6.23 38.60
N PRO H 190 -31.61 -6.86 37.44
CA PRO H 190 -30.41 -6.51 36.66
C PRO H 190 -30.36 -5.01 36.39
N PHE H 191 -29.24 -4.38 36.69
CA PHE H 191 -29.06 -2.96 36.39
C PHE H 191 -27.92 -2.75 35.40
N PHE H 192 -28.25 -2.15 34.26
CA PHE H 192 -27.29 -1.95 33.18
C PHE H 192 -26.60 -0.60 33.28
N PHE H 193 -25.30 -0.56 32.96
CA PHE H 193 -24.54 0.69 32.99
C PHE H 193 -23.44 0.70 31.93
N SER H 194 -22.70 1.81 31.87
CA SER H 194 -21.59 1.94 30.93
C SER H 194 -20.61 2.99 31.42
N TYR H 195 -19.32 2.72 31.27
CA TYR H 195 -18.32 3.72 31.61
C TYR H 195 -17.19 3.75 30.59
N ILE H 196 -16.53 4.91 30.49
CA ILE H 196 -15.34 5.07 29.68
C ILE H 196 -14.23 4.23 30.29
N ARG H 197 -13.59 3.38 29.48
CA ARG H 197 -12.64 2.40 30.00
C ARG H 197 -11.17 2.76 29.74
N GLU H 198 -10.28 2.03 30.44
CA GLU H 198 -8.84 2.19 30.28
C GLU H 198 -8.40 1.60 28.93
N ASP H 199 -7.23 2.03 28.46
CA ASP H 199 -6.81 1.76 27.08
C ASP H 199 -6.08 0.42 26.85
N ASP H 200 -5.29 0.04 27.87
CA ASP H 200 -4.30 -1.06 27.83
C ASP H 200 -3.01 -0.69 27.09
N ASN H 201 -2.20 0.14 27.73
CA ASN H 201 -0.93 0.58 27.17
C ASN H 201 0.25 -0.31 27.53
N SER I 8 -11.59 -2.10 11.74
CA SER I 8 -12.19 -0.78 11.62
C SER I 8 -12.13 -0.01 12.95
N ILE I 9 -12.58 1.25 12.93
CA ILE I 9 -12.74 2.02 14.15
C ILE I 9 -14.23 2.23 14.42
N ASN I 10 -14.60 2.27 15.69
CA ASN I 10 -16.01 2.29 16.04
C ASN I 10 -16.38 3.12 17.27
N THR I 11 -15.53 4.07 17.63
CA THR I 11 -15.86 4.99 18.72
C THR I 11 -15.78 6.43 18.24
N LEU I 12 -16.91 7.13 18.28
CA LEU I 12 -16.92 8.55 17.94
C LEU I 12 -17.30 9.34 19.18
N TRP I 13 -16.39 10.17 19.67
CA TRP I 13 -16.63 10.85 20.94
C TRP I 13 -16.08 12.28 21.01
N THR I 14 -16.29 12.93 22.16
CA THR I 14 -15.79 14.27 22.41
C THR I 14 -14.40 14.15 23.00
N GLY I 15 -14.05 12.93 23.39
CA GLY I 15 -12.80 12.69 24.08
C GLY I 15 -13.01 12.79 25.59
N ILE I 16 -12.11 12.21 26.35
CA ILE I 16 -12.23 12.21 27.80
C ILE I 16 -11.87 13.57 28.41
N LYS I 17 -12.67 14.00 29.37
CA LYS I 17 -12.37 15.20 30.16
C LYS I 17 -12.11 16.40 29.25
N PRO I 18 -13.07 16.75 28.39
CA PRO I 18 -12.92 17.79 27.37
C PRO I 18 -12.90 19.20 27.96
N PRO I 19 -12.23 20.13 27.26
CA PRO I 19 -12.18 21.55 27.60
C PRO I 19 -13.51 22.19 27.25
N PRO I 20 -13.93 23.21 27.99
CA PRO I 20 -15.23 23.85 27.74
C PRO I 20 -15.55 23.88 26.25
N ASN I 21 -16.53 23.06 25.84
CA ASN I 21 -16.72 22.76 24.42
C ASN I 21 -18.12 22.95 23.86
N CYS I 22 -18.98 23.65 24.60
CA CYS I 22 -20.33 23.92 24.12
C CYS I 22 -20.98 25.10 24.81
N GLN I 23 -21.94 25.72 24.14
CA GLN I 23 -22.59 26.91 24.63
C GLN I 23 -24.03 26.62 25.04
N ILE I 24 -24.38 26.94 26.28
CA ILE I 24 -25.72 26.70 26.78
C ILE I 24 -26.54 27.98 26.83
N VAL I 25 -26.13 28.93 27.67
CA VAL I 25 -26.85 30.19 27.79
C VAL I 25 -27.03 30.88 26.45
N GLU I 26 -28.28 31.25 26.14
CA GLU I 26 -28.65 31.84 24.86
C GLU I 26 -27.52 32.57 24.13
N ASN I 27 -27.36 33.86 24.41
CA ASN I 27 -26.34 34.66 23.71
C ASN I 27 -25.03 34.80 24.47
N THR I 28 -24.49 33.66 24.91
CA THR I 28 -23.25 33.62 25.67
C THR I 28 -22.08 34.01 24.79
N ASP I 29 -21.02 34.51 25.41
CA ASP I 29 -19.85 34.93 24.66
C ASP I 29 -18.85 33.79 24.52
N THR I 30 -18.66 33.06 25.61
CA THR I 30 -17.70 31.95 25.63
C THR I 30 -18.38 30.60 25.83
N ASN I 31 -17.66 29.51 25.61
CA ASN I 31 -18.16 28.19 25.94
C ASN I 31 -18.36 28.06 27.44
N ASP I 32 -19.50 27.53 27.85
CA ASP I 32 -19.87 27.48 29.26
C ASP I 32 -20.17 26.08 29.76
N GLY I 33 -20.00 25.09 28.88
CA GLY I 33 -20.30 23.72 29.23
C GLY I 33 -19.28 22.71 28.74
N LYS I 34 -18.98 21.74 29.58
CA LYS I 34 -18.14 20.62 29.20
C LYS I 34 -19.01 19.41 28.91
N LEU I 35 -19.28 19.14 27.64
CA LEU I 35 -20.09 17.99 27.27
C LEU I 35 -19.25 16.74 26.94
N THR I 36 -19.41 15.70 27.73
CA THR I 36 -18.83 14.40 27.40
C THR I 36 -19.87 13.57 26.66
N LEU I 37 -19.54 13.17 25.44
CA LEU I 37 -20.42 12.31 24.65
C LEU I 37 -19.62 11.19 23.99
N VAL I 38 -20.03 9.95 24.23
CA VAL I 38 -19.38 8.80 23.62
C VAL I 38 -20.39 7.97 22.86
N LEU I 39 -20.18 7.83 21.56
CA LEU I 39 -21.01 6.97 20.71
C LEU I 39 -20.22 5.76 20.21
N VAL I 40 -20.82 4.57 20.31
CA VAL I 40 -20.12 3.34 19.95
C VAL I 40 -20.90 2.49 18.95
N LYS I 41 -20.26 2.14 17.83
CA LYS I 41 -20.87 1.24 16.85
C LYS I 41 -21.03 -0.13 17.49
N ASN I 42 -22.28 -0.59 17.58
CA ASN I 42 -22.57 -1.88 18.17
C ASN I 42 -23.69 -2.57 17.40
N GLY I 43 -23.32 -3.28 16.35
CA GLY I 43 -24.29 -3.94 15.49
C GLY I 43 -25.18 -2.94 14.79
N GLY I 44 -26.47 -3.20 14.79
CA GLY I 44 -27.43 -2.30 14.17
C GLY I 44 -27.65 -1.02 14.94
N LEU I 45 -27.26 -1.02 16.22
CA LEU I 45 -27.48 0.15 17.07
C LEU I 45 -26.22 0.92 17.33
N VAL I 46 -26.39 2.05 18.00
CA VAL I 46 -25.29 2.79 18.59
C VAL I 46 -25.49 2.76 20.11
N ASN I 47 -24.40 2.67 20.87
CA ASN I 47 -24.48 2.79 22.33
C ASN I 47 -24.02 4.16 22.77
N GLY I 48 -24.87 4.83 23.53
CA GLY I 48 -24.64 6.23 23.88
C GLY I 48 -24.34 6.46 25.34
N TYR I 49 -23.46 7.44 25.58
CA TYR I 49 -23.07 7.84 26.93
C TYR I 49 -23.01 9.35 26.90
N VAL I 50 -23.66 10.01 27.86
CA VAL I 50 -23.65 11.47 27.88
C VAL I 50 -23.73 12.07 29.28
N SER I 51 -22.78 12.96 29.58
CA SER I 51 -22.79 13.66 30.85
C SER I 51 -22.41 15.13 30.63
N LEU I 52 -22.94 16.01 31.46
CA LEU I 52 -22.70 17.45 31.30
C LEU I 52 -22.06 18.04 32.55
N VAL I 53 -21.20 19.04 32.35
CA VAL I 53 -20.60 19.78 33.46
C VAL I 53 -20.61 21.26 33.14
N GLY I 54 -21.08 22.06 34.10
CA GLY I 54 -21.18 23.50 33.90
C GLY I 54 -19.87 24.23 34.14
N VAL I 55 -19.61 25.25 33.33
CA VAL I 55 -18.40 26.05 33.48
C VAL I 55 -18.70 27.47 33.98
N SER I 56 -19.49 28.22 33.21
CA SER I 56 -19.80 29.60 33.57
C SER I 56 -20.60 29.70 34.86
N ASP I 57 -20.38 30.78 35.61
CA ASP I 57 -21.10 30.99 36.85
C ASP I 57 -22.60 31.08 36.58
N THR I 58 -22.97 31.71 35.47
CA THR I 58 -24.38 31.85 35.14
C THR I 58 -25.07 30.48 35.02
N VAL I 59 -24.32 29.48 34.57
CA VAL I 59 -24.86 28.12 34.45
C VAL I 59 -24.92 27.45 35.80
N ASN I 60 -23.85 27.62 36.59
CA ASN I 60 -23.78 26.98 37.89
C ASN I 60 -24.71 27.64 38.91
N GLN I 61 -25.47 28.64 38.47
CA GLN I 61 -26.47 29.27 39.30
C GLN I 61 -27.85 28.75 38.95
N MET I 62 -27.95 28.09 37.80
CA MET I 62 -29.23 27.63 37.30
C MET I 62 -29.97 26.79 38.33
N PHE I 63 -29.23 25.98 39.08
CA PHE I 63 -29.82 25.08 40.05
C PHE I 63 -30.08 25.72 41.41
N THR I 64 -30.17 27.05 41.45
CA THR I 64 -30.62 27.74 42.64
C THR I 64 -32.11 28.06 42.49
N GLN I 65 -32.69 27.55 41.41
CA GLN I 65 -34.10 27.76 41.12
C GLN I 65 -34.89 26.47 41.33
N LYS I 66 -36.20 26.60 41.45
CA LYS I 66 -37.07 25.44 41.58
C LYS I 66 -36.92 24.56 40.34
N SER I 67 -36.68 25.20 39.19
CA SER I 67 -36.63 24.49 37.93
C SER I 67 -35.69 25.16 36.95
N ALA I 68 -35.25 24.38 35.97
CA ALA I 68 -34.37 24.90 34.92
C ALA I 68 -34.37 23.97 33.71
N THR I 69 -33.96 24.50 32.56
CA THR I 69 -33.87 23.73 31.33
C THR I 69 -32.51 23.94 30.71
N ILE I 70 -31.96 22.89 30.09
CA ILE I 70 -30.71 22.97 29.35
C ILE I 70 -30.88 22.22 28.04
N GLN I 71 -30.61 22.87 26.91
CA GLN I 71 -30.84 22.21 25.63
C GLN I 71 -29.67 22.34 24.67
N LEU I 72 -28.85 21.29 24.57
CA LEU I 72 -27.79 21.24 23.59
C LEU I 72 -28.28 20.49 22.37
N ARG I 73 -28.20 21.12 21.21
CA ARG I 73 -28.60 20.43 19.99
C ARG I 73 -27.46 20.36 18.99
N LEU I 74 -27.22 19.18 18.45
CA LEU I 74 -26.13 18.95 17.51
C LEU I 74 -26.70 18.69 16.12
N TYR I 75 -26.06 19.26 15.11
CA TYR I 75 -26.47 19.05 13.73
C TYR I 75 -25.29 18.51 12.94
N PHE I 76 -25.56 17.62 11.98
CA PHE I 76 -24.51 17.00 11.18
C PHE I 76 -24.79 17.17 9.69
N ASP I 77 -23.74 17.08 8.88
CA ASP I 77 -23.87 17.19 7.43
C ASP I 77 -23.96 15.81 6.79
N SER I 78 -24.08 15.78 5.47
CA SER I 78 -24.23 14.53 4.73
C SER I 78 -23.17 13.51 5.11
N SER I 79 -21.97 14.01 5.42
CA SER I 79 -20.82 13.14 5.73
C SER I 79 -20.81 12.66 7.18
N GLY I 80 -21.64 13.28 8.02
CA GLY I 80 -21.76 12.88 9.41
C GLY I 80 -20.84 13.67 10.31
N ASN I 81 -20.32 14.79 9.80
CA ASN I 81 -19.46 15.66 10.59
C ASN I 81 -20.28 16.75 11.26
N LEU I 82 -19.76 17.26 12.36
CA LEU I 82 -20.48 18.27 13.12
C LEU I 82 -20.56 19.58 12.33
N LEU I 83 -21.75 20.19 12.32
CA LEU I 83 -21.89 21.54 11.80
C LEU I 83 -21.68 22.50 12.96
N THR I 84 -20.41 22.73 13.28
CA THR I 84 -20.02 23.46 14.47
C THR I 84 -20.73 24.80 14.66
N ASP I 85 -21.12 25.45 13.57
CA ASP I 85 -21.70 26.78 13.69
C ASP I 85 -23.20 26.81 13.98
N GLU I 86 -23.92 25.76 13.59
CA GLU I 86 -25.35 25.66 13.86
C GLU I 86 -25.65 25.04 15.22
N SER I 87 -24.70 24.26 15.74
CA SER I 87 -24.91 23.46 16.94
C SER I 87 -24.39 24.13 18.22
N ASN I 88 -24.94 23.73 19.36
CA ASN I 88 -24.45 24.24 20.64
C ASN I 88 -23.12 23.59 21.00
N LEU I 89 -22.80 22.49 20.34
CA LEU I 89 -21.52 21.84 20.52
C LEU I 89 -20.54 22.51 19.57
N LYS I 90 -19.46 23.06 20.11
CA LYS I 90 -18.60 23.93 19.33
C LYS I 90 -17.27 23.30 18.90
N ILE I 91 -17.06 22.04 19.26
CA ILE I 91 -15.87 21.31 18.85
C ILE I 91 -16.26 19.97 18.25
N PRO I 92 -15.69 19.65 17.07
CA PRO I 92 -16.06 18.44 16.33
C PRO I 92 -15.89 17.18 17.17
N LEU I 93 -16.53 16.11 16.74
CA LEU I 93 -16.33 14.81 17.36
C LEU I 93 -15.17 14.12 16.66
N LYS I 94 -14.36 13.38 17.40
CA LYS I 94 -13.22 12.68 16.84
C LYS I 94 -13.31 11.20 17.14
N ASN I 95 -12.55 10.39 16.41
CA ASN I 95 -12.50 8.95 16.70
C ASN I 95 -11.50 8.67 17.81
N LYS I 96 -11.42 7.41 18.22
CA LYS I 96 -10.50 7.01 19.28
C LYS I 96 -9.13 6.68 18.68
N SER I 97 -9.01 6.91 17.37
CA SER I 97 -7.76 6.68 16.66
C SER I 97 -7.27 7.96 15.96
N SER I 98 -7.99 8.42 14.95
CA SER I 98 -7.68 9.67 14.26
C SER I 98 -6.25 9.70 13.71
N SER I 107 -15.97 8.58 6.67
CA SER I 107 -17.27 9.14 7.01
C SER I 107 -17.71 8.73 8.41
N SER I 108 -18.13 9.70 9.21
CA SER I 108 -18.74 9.42 10.51
C SER I 108 -20.22 9.10 10.33
N LYS I 109 -20.65 9.00 9.08
CA LYS I 109 -22.05 8.70 8.75
C LYS I 109 -22.53 7.46 9.50
N ALA I 110 -21.63 6.51 9.68
CA ALA I 110 -21.98 5.25 10.33
C ALA I 110 -22.58 5.42 11.72
N PHE I 111 -22.23 6.51 12.40
CA PHE I 111 -22.68 6.73 13.75
C PHE I 111 -24.00 7.51 13.84
N MET I 112 -24.37 8.16 12.73
CA MET I 112 -25.58 8.95 12.72
C MET I 112 -26.85 8.14 12.99
N PRO I 113 -27.89 8.81 13.51
CA PRO I 113 -29.20 8.19 13.73
C PRO I 113 -29.92 7.94 12.41
N SER I 114 -30.28 6.69 12.14
CA SER I 114 -31.01 6.33 10.93
C SER I 114 -32.10 7.34 10.56
N THR I 115 -32.13 7.72 9.28
CA THR I 115 -33.16 8.63 8.78
C THR I 115 -34.44 7.86 8.49
N THR I 116 -34.31 6.55 8.41
CA THR I 116 -35.45 5.68 8.20
C THR I 116 -36.16 5.41 9.52
N ALA I 117 -35.35 5.20 10.56
CA ALA I 117 -35.85 4.90 11.90
C ALA I 117 -36.36 6.15 12.60
N TYR I 118 -35.62 7.24 12.44
CA TYR I 118 -36.00 8.49 13.06
C TYR I 118 -35.99 9.57 11.99
N PRO I 119 -37.07 9.63 11.20
CA PRO I 119 -37.18 10.48 10.02
C PRO I 119 -37.15 11.97 10.34
N PHE I 120 -36.93 12.78 9.31
CA PHE I 120 -37.11 14.22 9.45
C PHE I 120 -38.54 14.54 9.07
N ASN I 121 -39.18 15.43 9.82
CA ASN I 121 -40.59 15.72 9.59
C ASN I 121 -40.86 17.09 9.01
N THR I 122 -41.92 17.19 8.22
CA THR I 122 -42.38 18.49 7.76
C THR I 122 -43.61 18.93 8.56
N THR I 123 -44.34 17.94 9.08
CA THR I 123 -45.51 18.19 9.94
C THR I 123 -45.40 17.45 11.28
N THR I 124 -45.31 18.22 12.37
CA THR I 124 -45.21 17.72 13.75
C THR I 124 -43.78 17.37 14.20
N ARG I 125 -43.59 17.26 15.51
CA ARG I 125 -42.36 16.71 16.06
C ARG I 125 -42.59 15.23 16.42
N ASP I 126 -42.67 14.37 15.40
CA ASP I 126 -43.01 12.96 15.58
C ASP I 126 -42.49 12.36 16.90
N SER I 127 -43.40 11.84 17.73
CA SER I 127 -43.04 11.36 19.06
C SER I 127 -42.25 10.05 19.08
N GLU I 128 -42.18 9.38 17.92
CA GLU I 128 -41.40 8.15 17.83
C GLU I 128 -39.91 8.44 17.77
N ASN I 129 -39.57 9.73 17.70
CA ASN I 129 -38.18 10.16 17.55
C ASN I 129 -37.50 10.54 18.85
N TYR I 130 -38.22 10.43 19.96
CA TYR I 130 -37.67 10.86 21.24
C TYR I 130 -37.23 9.66 22.07
N ILE I 131 -36.08 9.78 22.71
CA ILE I 131 -35.70 8.84 23.76
C ILE I 131 -35.88 9.56 25.09
N HIS I 132 -36.50 8.92 26.07
CA HIS I 132 -36.71 9.57 27.37
C HIS I 132 -36.13 8.76 28.52
N GLY I 133 -35.73 9.46 29.58
CA GLY I 133 -35.15 8.81 30.74
C GLY I 133 -34.91 9.77 31.87
N ILE I 134 -34.18 9.30 32.88
CA ILE I 134 -33.90 10.13 34.05
C ILE I 134 -32.47 9.96 34.54
N CYS I 135 -31.71 11.06 34.55
CA CYS I 135 -30.42 11.09 35.21
C CYS I 135 -30.47 11.98 36.45
N TYR I 136 -29.40 12.00 37.22
CA TYR I 136 -29.46 12.65 38.53
C TYR I 136 -28.35 13.67 38.77
N TYR I 137 -28.64 14.64 39.63
CA TYR I 137 -27.67 15.65 40.04
C TYR I 137 -27.35 15.47 41.51
N MET I 138 -26.08 15.56 41.87
CA MET I 138 -25.69 15.46 43.28
C MET I 138 -25.51 16.84 43.89
N THR I 139 -26.26 17.14 44.95
CA THR I 139 -26.18 18.44 45.59
C THR I 139 -24.79 18.63 46.19
N SER I 140 -24.43 19.90 46.39
CA SER I 140 -23.08 20.27 46.77
C SER I 140 -22.78 20.09 48.25
N TYR I 141 -23.83 20.05 49.07
CA TYR I 141 -23.63 20.02 50.52
C TYR I 141 -23.79 18.65 51.16
N ASP I 142 -24.74 17.84 50.69
CA ASP I 142 -24.95 16.52 51.28
C ASP I 142 -24.99 15.38 50.25
N ARG I 143 -24.61 15.68 49.02
CA ARG I 143 -24.51 14.67 47.95
C ARG I 143 -25.84 14.01 47.60
N SER I 144 -26.93 14.45 48.24
CA SER I 144 -28.25 13.87 48.00
C SER I 144 -28.66 14.00 46.52
N LEU I 145 -29.51 13.10 46.04
CA LEU I 145 -29.85 13.08 44.62
C LEU I 145 -31.08 13.88 44.21
N VAL I 146 -30.99 14.51 43.04
CA VAL I 146 -32.09 15.29 42.48
C VAL I 146 -32.34 14.83 41.04
N PRO I 147 -33.55 14.35 40.75
CA PRO I 147 -33.88 13.82 39.43
C PRO I 147 -33.91 14.89 38.35
N LEU I 148 -33.18 14.65 37.26
CA LEU I 148 -33.24 15.49 36.07
C LEU I 148 -33.90 14.71 34.95
N ASN I 149 -34.77 15.38 34.20
CA ASN I 149 -35.43 14.71 33.08
C ASN I 149 -34.61 14.85 31.80
N ILE I 150 -33.92 13.79 31.42
CA ILE I 150 -33.17 13.78 30.17
C ILE I 150 -34.07 13.34 29.03
N SER I 151 -33.89 13.94 27.87
CA SER I 151 -34.65 13.53 26.70
C SER I 151 -33.87 13.84 25.43
N ILE I 152 -33.59 12.79 24.65
CA ILE I 152 -32.85 12.93 23.41
C ILE I 152 -33.77 12.83 22.21
N MET I 153 -33.72 13.84 21.34
CA MET I 153 -34.54 13.86 20.16
C MET I 153 -33.67 13.60 18.92
N LEU I 154 -33.99 12.53 18.20
CA LEU I 154 -33.21 12.16 17.01
C LEU I 154 -33.84 12.74 15.76
N ASN I 155 -33.06 13.52 15.02
CA ASN I 155 -33.51 14.09 13.76
C ASN I 155 -34.83 14.85 13.91
N SER I 156 -35.78 14.59 13.03
CA SER I 156 -37.12 15.18 13.09
C SER I 156 -37.19 16.64 12.63
N ARG I 157 -36.44 17.52 13.30
CA ARG I 157 -36.41 18.93 12.88
C ARG I 157 -35.03 19.37 12.39
N THR I 158 -34.98 19.76 11.12
CA THR I 158 -33.78 20.34 10.54
C THR I 158 -34.00 21.83 10.36
N ILE I 159 -32.95 22.63 10.54
CA ILE I 159 -33.10 24.08 10.49
C ILE I 159 -32.24 24.78 9.42
N SER I 160 -31.58 24.00 8.58
CA SER I 160 -30.69 24.55 7.56
C SER I 160 -30.54 23.64 6.36
N SER I 161 -30.24 24.21 5.20
CA SER I 161 -30.06 23.42 4.00
C SER I 161 -28.91 22.43 4.17
N ASN I 162 -28.07 22.66 5.18
CA ASN I 162 -26.90 21.83 5.43
C ASN I 162 -27.18 20.61 6.27
N VAL I 163 -28.15 20.71 7.17
CA VAL I 163 -28.41 19.64 8.13
C VAL I 163 -28.80 18.34 7.46
N ALA I 164 -28.12 17.26 7.86
CA ALA I 164 -28.38 15.94 7.33
C ALA I 164 -28.78 14.97 8.43
N TYR I 165 -28.37 15.30 9.66
CA TYR I 165 -28.68 14.49 10.83
C TYR I 165 -28.79 15.41 12.02
N ALA I 166 -29.40 14.94 13.10
CA ALA I 166 -29.56 15.77 14.28
C ALA I 166 -29.72 14.97 15.58
N ILE I 167 -29.01 15.39 16.62
CA ILE I 167 -29.19 14.84 17.94
C ILE I 167 -29.36 15.99 18.94
N GLN I 168 -30.46 15.98 19.68
CA GLN I 168 -30.78 17.06 20.61
C GLN I 168 -30.95 16.54 22.04
N PHE I 169 -30.06 16.95 22.93
CA PHE I 169 -30.13 16.57 24.33
C PHE I 169 -30.83 17.68 25.12
N GLU I 170 -31.75 17.30 26.00
CA GLU I 170 -32.47 18.28 26.83
C GLU I 170 -32.62 17.82 28.27
N TRP I 171 -31.90 18.46 29.20
CA TRP I 171 -32.04 18.18 30.62
C TRP I 171 -33.07 19.12 31.22
N ASN I 172 -33.77 18.66 32.24
CA ASN I 172 -34.82 19.47 32.84
C ASN I 172 -34.98 19.27 34.34
N LEU I 173 -34.70 20.34 35.10
CA LEU I 173 -34.93 20.32 36.53
C LEU I 173 -36.35 20.76 36.80
N ASN I 174 -36.97 20.18 37.82
CA ASN I 174 -38.31 20.56 38.23
C ASN I 174 -38.65 20.00 39.60
N ALA I 175 -38.15 20.65 40.64
CA ALA I 175 -38.32 20.14 41.99
C ALA I 175 -39.30 20.98 42.79
N LYS I 176 -39.68 20.46 43.96
CA LYS I 176 -40.55 21.17 44.88
C LYS I 176 -39.82 22.41 45.42
N GLU I 177 -38.49 22.29 45.51
CA GLU I 177 -37.65 23.42 45.91
C GLU I 177 -36.26 23.30 45.29
N SER I 178 -35.55 24.42 45.17
CA SER I 178 -34.25 24.44 44.53
C SER I 178 -33.22 23.57 45.24
N PRO I 179 -32.39 22.87 44.46
CA PRO I 179 -31.34 21.98 44.96
C PRO I 179 -30.24 22.76 45.67
N GLU I 180 -29.91 23.93 45.13
CA GLU I 180 -28.82 24.74 45.65
C GLU I 180 -29.30 26.09 46.20
N SER I 181 -28.43 26.75 46.95
CA SER I 181 -28.70 28.09 47.45
C SER I 181 -27.62 29.03 46.94
N ASN I 182 -26.60 28.46 46.32
CA ASN I 182 -25.45 29.22 45.89
C ASN I 182 -24.86 28.68 44.59
N ILE I 183 -23.87 29.36 44.04
CA ILE I 183 -23.20 28.88 42.85
C ILE I 183 -22.59 27.52 43.17
N ALA I 184 -22.92 26.53 42.35
CA ALA I 184 -22.42 25.19 42.55
C ALA I 184 -22.20 24.51 41.21
N THR I 185 -20.97 24.09 40.97
CA THR I 185 -20.62 23.46 39.70
C THR I 185 -21.62 22.35 39.30
N LEU I 186 -22.40 22.64 38.25
CA LEU I 186 -23.44 21.73 37.78
C LEU I 186 -22.87 20.51 37.04
N THR I 187 -23.33 19.32 37.43
CA THR I 187 -22.94 18.08 36.76
C THR I 187 -24.14 17.16 36.66
N THR I 188 -24.32 16.52 35.51
CA THR I 188 -25.39 15.55 35.35
C THR I 188 -24.84 14.12 35.29
N SER I 189 -25.45 13.23 36.07
CA SER I 189 -25.12 11.81 36.04
C SER I 189 -25.07 11.29 34.60
N PRO I 190 -24.12 10.38 34.32
CA PRO I 190 -24.07 9.73 33.02
C PRO I 190 -25.41 9.10 32.67
N PHE I 191 -25.93 9.38 31.47
CA PHE I 191 -27.17 8.78 31.00
C PHE I 191 -26.92 7.94 29.75
N PHE I 192 -27.22 6.65 29.84
CA PHE I 192 -26.97 5.74 28.73
C PHE I 192 -28.18 5.60 27.81
N PHE I 193 -27.92 5.49 26.51
CA PHE I 193 -29.00 5.32 25.54
C PHE I 193 -28.56 4.47 24.34
N SER I 194 -29.48 4.24 23.41
CA SER I 194 -29.18 3.47 22.19
C SER I 194 -30.16 3.84 21.10
N TYR I 195 -29.67 3.96 19.87
CA TYR I 195 -30.57 4.17 18.75
C TYR I 195 -30.15 3.37 17.53
N ILE I 196 -31.12 3.07 16.66
CA ILE I 196 -30.86 2.44 15.39
C ILE I 196 -30.07 3.39 14.52
N ARG I 197 -28.95 2.92 13.97
CA ARG I 197 -28.02 3.82 13.28
C ARG I 197 -28.07 3.70 11.75
N GLU I 198 -27.41 4.66 11.10
CA GLU I 198 -27.32 4.69 9.64
C GLU I 198 -26.33 3.63 9.17
N ASP I 199 -26.41 3.27 7.89
CA ASP I 199 -25.72 2.09 7.37
C ASP I 199 -24.23 2.19 6.99
N ASP I 200 -23.73 3.35 6.52
CA ASP I 200 -22.29 3.52 6.21
C ASP I 200 -21.95 4.44 5.02
N ASN I 201 -22.59 4.26 3.87
CA ASN I 201 -23.60 3.22 3.67
C ASN I 201 -23.13 2.03 2.83
CA SER J 8 -31.70 -39.77 11.52
C SER J 8 -31.67 -40.19 10.05
N ILE J 9 -30.90 -39.46 9.25
CA ILE J 9 -30.76 -39.69 7.81
C ILE J 9 -29.55 -40.58 7.50
N ASN J 10 -29.71 -41.50 6.56
CA ASN J 10 -28.74 -42.57 6.35
C ASN J 10 -27.91 -42.54 5.06
N THR J 11 -28.55 -42.22 3.95
CA THR J 11 -27.89 -42.34 2.66
C THR J 11 -27.45 -41.00 2.07
N LEU J 12 -26.27 -41.01 1.46
CA LEU J 12 -25.76 -39.88 0.70
C LEU J 12 -25.31 -40.39 -0.66
N TRP J 13 -25.97 -39.93 -1.72
CA TRP J 13 -25.70 -40.51 -3.05
C TRP J 13 -25.86 -39.55 -4.23
N THR J 14 -25.69 -40.11 -5.43
CA THR J 14 -25.81 -39.35 -6.67
C THR J 14 -27.23 -39.48 -7.19
N GLY J 15 -27.97 -40.39 -6.58
CA GLY J 15 -29.31 -40.69 -7.04
C GLY J 15 -29.29 -41.78 -8.09
N ILE J 16 -30.41 -42.45 -8.26
CA ILE J 16 -30.48 -43.60 -9.16
C ILE J 16 -30.48 -43.20 -10.64
N LYS J 17 -29.62 -43.85 -11.42
CA LYS J 17 -29.61 -43.69 -12.87
C LYS J 17 -29.48 -42.21 -13.27
N PRO J 18 -28.42 -41.54 -12.78
CA PRO J 18 -28.24 -40.09 -12.92
C PRO J 18 -27.99 -39.66 -14.35
N PRO J 19 -28.06 -38.34 -14.60
CA PRO J 19 -27.73 -37.74 -15.90
C PRO J 19 -26.22 -37.64 -16.01
N PRO J 20 -25.70 -37.36 -17.21
CA PRO J 20 -24.26 -37.13 -17.32
C PRO J 20 -23.84 -36.17 -16.22
N ASN J 21 -22.93 -36.61 -15.35
CA ASN J 21 -22.64 -35.87 -14.13
C ASN J 21 -21.17 -35.75 -13.74
N CYS J 22 -20.27 -36.14 -14.65
CA CYS J 22 -18.85 -35.99 -14.38
C CYS J 22 -17.98 -35.92 -15.62
N GLN J 23 -16.82 -35.32 -15.45
CA GLN J 23 -15.87 -35.15 -16.53
C GLN J 23 -14.74 -36.16 -16.35
N ILE J 24 -14.73 -37.14 -17.26
CA ILE J 24 -13.73 -38.20 -17.24
C ILE J 24 -12.48 -37.76 -18.01
N VAL J 25 -12.69 -37.39 -19.27
CA VAL J 25 -11.59 -36.97 -20.14
C VAL J 25 -10.90 -35.72 -19.61
N GLU J 26 -9.58 -35.79 -19.49
CA GLU J 26 -8.78 -34.66 -19.03
C GLU J 26 -8.82 -33.50 -20.03
N ASN J 27 -9.33 -32.36 -19.56
CA ASN J 27 -9.51 -31.19 -20.41
C ASN J 27 -10.70 -31.31 -21.38
N THR J 28 -11.89 -30.96 -20.88
CA THR J 28 -13.08 -30.76 -21.71
C THR J 28 -14.15 -30.03 -20.88
N ASP J 29 -15.29 -29.76 -21.50
CA ASP J 29 -16.36 -29.09 -20.79
C ASP J 29 -17.61 -29.96 -20.61
N THR J 30 -17.98 -30.68 -21.67
CA THR J 30 -19.18 -31.52 -21.61
C THR J 30 -18.98 -32.70 -20.67
N ASN J 31 -19.94 -32.89 -19.76
CA ASN J 31 -19.90 -34.05 -18.87
C ASN J 31 -20.01 -35.31 -19.71
N ASP J 32 -19.12 -36.27 -19.47
CA ASP J 32 -19.05 -37.45 -20.33
C ASP J 32 -19.09 -38.76 -19.56
N GLY J 33 -19.48 -38.68 -18.29
CA GLY J 33 -19.60 -39.87 -17.47
C GLY J 33 -20.84 -39.84 -16.60
N LYS J 34 -21.39 -41.02 -16.35
CA LYS J 34 -22.52 -41.15 -15.44
C LYS J 34 -22.07 -41.94 -14.22
N LEU J 35 -21.60 -41.23 -13.20
CA LEU J 35 -21.14 -41.88 -11.98
C LEU J 35 -22.28 -42.16 -11.01
N THR J 36 -22.56 -43.44 -10.76
CA THR J 36 -23.48 -43.82 -9.69
C THR J 36 -22.68 -44.08 -8.42
N LEU J 37 -22.90 -43.29 -7.38
CA LEU J 37 -22.22 -43.49 -6.12
C LEU J 37 -23.21 -43.46 -4.96
N VAL J 38 -23.17 -44.48 -4.12
CA VAL J 38 -24.01 -44.50 -2.93
C VAL J 38 -23.16 -44.69 -1.69
N LEU J 39 -23.30 -43.79 -0.73
CA LEU J 39 -22.61 -43.91 0.55
C LEU J 39 -23.62 -44.02 1.69
N VAL J 40 -23.49 -45.05 2.52
CA VAL J 40 -24.44 -45.28 3.59
C VAL J 40 -23.77 -45.32 4.96
N LYS J 41 -24.35 -44.58 5.91
CA LYS J 41 -23.89 -44.63 7.29
C LYS J 41 -24.25 -45.96 7.89
N ASN J 42 -23.26 -46.65 8.44
CA ASN J 42 -23.48 -47.94 9.08
C ASN J 42 -22.47 -48.16 10.19
N GLY J 43 -22.90 -47.87 11.41
CA GLY J 43 -22.02 -47.97 12.56
C GLY J 43 -20.88 -46.98 12.45
N GLY J 44 -19.67 -47.46 12.69
CA GLY J 44 -18.48 -46.62 12.60
C GLY J 44 -17.96 -46.48 11.18
N LEU J 45 -18.45 -47.31 10.27
CA LEU J 45 -17.99 -47.27 8.89
C LEU J 45 -19.03 -46.69 7.95
N VAL J 46 -18.66 -46.61 6.68
CA VAL J 46 -19.58 -46.23 5.60
C VAL J 46 -19.58 -47.34 4.55
N ASN J 47 -20.76 -47.77 4.12
CA ASN J 47 -20.84 -48.77 3.05
C ASN J 47 -20.87 -48.09 1.70
N GLY J 48 -20.04 -48.54 0.78
CA GLY J 48 -19.91 -47.90 -0.51
C GLY J 48 -20.35 -48.77 -1.66
N TYR J 49 -20.93 -48.13 -2.68
CA TYR J 49 -21.39 -48.80 -3.89
C TYR J 49 -21.07 -47.85 -5.03
N VAL J 50 -20.26 -48.29 -5.99
CA VAL J 50 -19.87 -47.39 -7.07
C VAL J 50 -19.79 -48.07 -8.44
N SER J 51 -20.58 -47.55 -9.38
CA SER J 51 -20.52 -48.00 -10.78
C SER J 51 -20.29 -46.80 -11.69
N LEU J 52 -19.79 -47.04 -12.90
CA LEU J 52 -19.53 -45.96 -13.86
C LEU J 52 -20.06 -46.28 -15.24
N VAL J 53 -20.57 -45.26 -15.93
CA VAL J 53 -21.11 -45.44 -17.28
C VAL J 53 -20.57 -44.39 -18.25
N GLY J 54 -20.16 -44.82 -19.43
CA GLY J 54 -19.60 -43.93 -20.42
C GLY J 54 -20.64 -43.19 -21.24
N VAL J 55 -20.42 -41.89 -21.43
CA VAL J 55 -21.35 -41.06 -22.20
C VAL J 55 -20.78 -40.61 -23.55
N SER J 56 -19.62 -39.95 -23.51
CA SER J 56 -18.98 -39.42 -24.73
C SER J 56 -18.39 -40.53 -25.59
N ASP J 57 -18.37 -40.29 -26.90
CA ASP J 57 -17.77 -41.23 -27.83
C ASP J 57 -16.31 -41.48 -27.47
N THR J 58 -15.59 -40.41 -27.12
CA THR J 58 -14.18 -40.54 -26.79
C THR J 58 -13.95 -41.47 -25.60
N VAL J 59 -14.86 -41.47 -24.64
CA VAL J 59 -14.76 -42.38 -23.51
C VAL J 59 -15.12 -43.80 -23.92
N ASN J 60 -16.17 -43.92 -24.74
CA ASN J 60 -16.60 -45.24 -25.18
C ASN J 60 -15.67 -45.87 -26.22
N GLN J 61 -14.58 -45.18 -26.51
CA GLN J 61 -13.55 -45.71 -27.37
C GLN J 61 -12.35 -46.16 -26.55
N MET J 62 -12.36 -45.83 -25.27
CA MET J 62 -11.22 -46.10 -24.40
C MET J 62 -10.84 -47.56 -24.38
N PHE J 63 -11.84 -48.43 -24.44
CA PHE J 63 -11.59 -49.87 -24.37
C PHE J 63 -11.34 -50.53 -25.73
N THR J 64 -10.96 -49.72 -26.73
CA THR J 64 -10.48 -50.28 -28.00
C THR J 64 -8.96 -50.38 -27.96
N GLN J 65 -8.38 -50.06 -26.80
CA GLN J 65 -6.95 -50.15 -26.58
C GLN J 65 -6.62 -51.31 -25.64
N LYS J 66 -5.36 -51.72 -25.62
CA LYS J 66 -4.92 -52.80 -24.74
C LYS J 66 -5.10 -52.41 -23.28
N SER J 67 -5.17 -51.11 -23.02
CA SER J 67 -5.21 -50.62 -21.65
C SER J 67 -5.57 -49.15 -21.58
N ALA J 68 -6.34 -48.79 -20.57
CA ALA J 68 -6.69 -47.39 -20.35
C ALA J 68 -6.85 -47.12 -18.86
N THR J 69 -6.96 -45.84 -18.50
CA THR J 69 -7.14 -45.45 -17.11
C THR J 69 -8.25 -44.42 -17.00
N ILE J 70 -8.99 -44.47 -15.90
CA ILE J 70 -10.01 -43.49 -15.61
C ILE J 70 -9.88 -43.03 -14.16
N GLN J 71 -9.75 -41.73 -13.94
CA GLN J 71 -9.56 -41.20 -12.61
C GLN J 71 -10.55 -40.08 -12.28
N LEU J 72 -11.45 -40.35 -11.34
CA LEU J 72 -12.37 -39.33 -10.86
C LEU J 72 -12.04 -38.99 -9.41
N ARG J 73 -11.79 -37.72 -9.12
CA ARG J 73 -11.54 -37.33 -7.75
C ARG J 73 -12.60 -36.36 -7.24
N LEU J 74 -13.08 -36.63 -6.02
CA LEU J 74 -14.08 -35.79 -5.37
C LEU J 74 -13.47 -35.12 -4.15
N TYR J 75 -13.56 -33.79 -4.09
CA TYR J 75 -13.08 -33.06 -2.93
C TYR J 75 -14.25 -32.46 -2.16
N PHE J 76 -14.05 -32.24 -0.86
CA PHE J 76 -15.11 -31.72 0.00
C PHE J 76 -14.63 -30.59 0.90
N ASP J 77 -15.55 -29.72 1.31
CA ASP J 77 -15.24 -28.65 2.25
C ASP J 77 -15.39 -29.18 3.65
N SER J 78 -15.18 -28.32 4.65
CA SER J 78 -15.27 -28.75 6.04
C SER J 78 -16.68 -29.21 6.42
N SER J 79 -17.66 -28.83 5.60
CA SER J 79 -19.06 -29.20 5.83
C SER J 79 -19.37 -30.58 5.26
N GLY J 80 -18.53 -31.05 4.35
CA GLY J 80 -18.74 -32.32 3.70
C GLY J 80 -19.53 -32.19 2.42
N ASN J 81 -19.54 -30.99 1.85
CA ASN J 81 -20.22 -30.73 0.59
C ASN J 81 -19.21 -30.81 -0.55
N LEU J 82 -19.68 -31.28 -1.70
CA LEU J 82 -18.82 -31.41 -2.86
C LEU J 82 -18.32 -30.03 -3.30
N LEU J 83 -17.03 -29.92 -3.58
CA LEU J 83 -16.49 -28.73 -4.22
C LEU J 83 -16.55 -28.97 -5.72
N THR J 84 -17.67 -28.62 -6.31
CA THR J 84 -17.98 -29.02 -7.67
C THR J 84 -17.12 -28.33 -8.73
N ASP J 85 -15.95 -27.84 -8.33
CA ASP J 85 -15.06 -27.14 -9.25
C ASP J 85 -13.74 -27.87 -9.35
N GLU J 86 -13.18 -28.24 -8.22
CA GLU J 86 -11.95 -29.03 -8.18
C GLU J 86 -12.23 -30.48 -8.58
N SER J 87 -13.46 -30.93 -8.32
CA SER J 87 -13.82 -32.33 -8.46
C SER J 87 -14.23 -32.69 -9.88
N ASN J 88 -13.92 -33.93 -10.28
CA ASN J 88 -14.36 -34.43 -11.57
C ASN J 88 -15.86 -34.70 -11.56
N LEU J 89 -16.42 -34.79 -10.36
CA LEU J 89 -17.86 -34.94 -10.20
C LEU J 89 -18.50 -33.58 -10.21
N LYS J 90 -19.36 -33.34 -11.20
CA LYS J 90 -19.87 -32.00 -11.45
C LYS J 90 -21.28 -31.75 -10.93
N ILE J 91 -21.71 -32.55 -9.96
CA ILE J 91 -23.04 -32.43 -9.37
C ILE J 91 -23.03 -32.87 -7.91
N PRO J 92 -23.46 -31.98 -7.00
CA PRO J 92 -23.39 -32.23 -5.57
C PRO J 92 -24.06 -33.56 -5.21
N LEU J 93 -23.68 -34.13 -4.08
CA LEU J 93 -24.37 -35.32 -3.59
C LEU J 93 -25.63 -34.86 -2.86
N LYS J 94 -26.46 -35.81 -2.46
CA LYS J 94 -27.72 -35.50 -1.78
C LYS J 94 -28.21 -36.68 -0.96
N ASN J 95 -28.87 -36.39 0.17
CA ASN J 95 -29.43 -37.44 1.00
C ASN J 95 -30.65 -38.07 0.32
N LYS J 96 -31.09 -39.21 0.83
CA LYS J 96 -32.14 -39.96 0.14
C LYS J 96 -33.52 -39.34 0.28
N SER J 97 -33.75 -38.64 1.39
CA SER J 97 -35.03 -37.97 1.62
C SER J 97 -35.11 -36.62 0.92
N SER J 108 -23.32 -33.34 5.98
CA SER J 108 -22.80 -34.49 5.24
C SER J 108 -21.43 -34.87 5.75
N LYS J 109 -21.01 -34.21 6.82
CA LYS J 109 -19.70 -34.47 7.41
C LYS J 109 -19.58 -35.91 7.91
N ALA J 110 -20.70 -36.50 8.29
CA ALA J 110 -20.70 -37.84 8.87
C ALA J 110 -20.43 -38.93 7.83
N PHE J 111 -20.44 -38.57 6.55
CA PHE J 111 -20.19 -39.55 5.48
C PHE J 111 -18.73 -39.53 5.03
N MET J 112 -18.03 -38.46 5.36
CA MET J 112 -16.64 -38.30 4.92
C MET J 112 -15.71 -39.35 5.54
N PRO J 113 -14.59 -39.62 4.87
CA PRO J 113 -13.55 -40.50 5.40
C PRO J 113 -12.82 -39.86 6.58
N SER J 114 -12.85 -40.52 7.74
CA SER J 114 -12.15 -40.05 8.92
C SER J 114 -10.74 -39.55 8.63
N THR J 115 -10.42 -38.36 9.11
CA THR J 115 -9.10 -37.77 8.93
C THR J 115 -8.09 -38.40 9.87
N THR J 116 -8.60 -39.20 10.81
CA THR J 116 -7.74 -39.90 11.74
C THR J 116 -7.32 -41.24 11.14
N ALA J 117 -8.25 -41.91 10.48
CA ALA J 117 -8.00 -43.21 9.86
C ALA J 117 -7.20 -43.07 8.57
N TYR J 118 -7.56 -42.08 7.77
CA TYR J 118 -6.88 -41.82 6.51
C TYR J 118 -6.52 -40.35 6.46
N PRO J 119 -5.35 -40.00 7.03
CA PRO J 119 -4.87 -38.62 7.20
C PRO J 119 -4.51 -37.95 5.88
N PHE J 120 -4.13 -36.68 5.95
CA PHE J 120 -3.62 -35.94 4.81
C PHE J 120 -2.10 -35.77 4.95
N ASN J 121 -1.33 -36.45 4.13
CA ASN J 121 0.14 -36.39 4.24
C ASN J 121 0.80 -35.19 3.56
N THR J 122 2.03 -34.92 3.98
CA THR J 122 2.86 -33.88 3.37
C THR J 122 4.15 -34.44 2.76
N THR J 123 4.24 -35.77 2.69
CA THR J 123 5.37 -36.43 2.03
C THR J 123 4.86 -37.36 0.92
N THR J 124 5.07 -38.67 1.09
CA THR J 124 4.46 -39.65 0.20
C THR J 124 3.13 -40.09 0.80
N ARG J 125 2.17 -40.46 -0.06
CA ARG J 125 0.82 -40.78 0.41
C ARG J 125 0.69 -42.22 0.89
N ASP J 126 0.60 -42.37 2.22
CA ASP J 126 0.57 -43.68 2.88
C ASP J 126 -0.25 -44.71 2.11
N SER J 127 0.22 -45.95 2.13
CA SER J 127 -0.48 -47.05 1.50
C SER J 127 -1.71 -47.39 2.32
N GLU J 128 -1.70 -46.95 3.58
CA GLU J 128 -2.80 -47.21 4.49
C GLU J 128 -4.06 -46.44 4.11
N ASN J 129 -3.94 -45.61 3.08
CA ASN J 129 -5.04 -44.74 2.65
C ASN J 129 -5.77 -45.25 1.42
N TYR J 130 -5.34 -46.38 0.89
CA TYR J 130 -5.93 -46.90 -0.33
C TYR J 130 -6.82 -48.10 -0.04
N ILE J 131 -7.91 -48.20 -0.78
CA ILE J 131 -8.68 -49.43 -0.85
C ILE J 131 -8.44 -50.03 -2.22
N HIS J 132 -8.28 -51.34 -2.30
CA HIS J 132 -7.96 -51.97 -3.56
C HIS J 132 -8.85 -53.15 -3.85
N GLY J 133 -9.25 -53.30 -5.11
CA GLY J 133 -10.11 -54.39 -5.51
C GLY J 133 -10.22 -54.57 -7.01
N ILE J 134 -11.17 -55.39 -7.44
CA ILE J 134 -11.36 -55.67 -8.86
C ILE J 134 -12.82 -55.77 -9.25
N CYS J 135 -13.26 -54.89 -10.15
CA CYS J 135 -14.57 -55.03 -10.76
C CYS J 135 -14.43 -55.40 -12.23
N TYR J 136 -15.54 -55.47 -12.95
CA TYR J 136 -15.52 -56.05 -14.30
C TYR J 136 -16.26 -55.26 -15.36
N TYR J 137 -15.80 -55.41 -16.60
CA TYR J 137 -16.47 -54.82 -17.75
C TYR J 137 -17.04 -55.95 -18.58
N MET J 138 -18.29 -55.81 -19.01
CA MET J 138 -18.87 -56.82 -19.90
C MET J 138 -18.73 -56.38 -21.35
N THR J 139 -18.12 -57.22 -22.18
CA THR J 139 -17.90 -56.87 -23.58
C THR J 139 -19.22 -56.66 -24.29
N SER J 140 -19.14 -56.03 -25.46
CA SER J 140 -20.33 -55.70 -26.22
C SER J 140 -20.88 -56.92 -26.93
N TYR J 141 -20.01 -57.64 -27.60
CA TYR J 141 -20.43 -58.69 -28.52
C TYR J 141 -20.73 -60.04 -27.88
N ASP J 142 -19.89 -60.47 -26.95
CA ASP J 142 -20.06 -61.82 -26.40
C ASP J 142 -20.28 -61.87 -24.88
N ARG J 143 -20.46 -60.71 -24.25
CA ARG J 143 -20.78 -60.64 -22.83
C ARG J 143 -19.66 -61.06 -21.88
N SER J 144 -18.54 -61.56 -22.41
CA SER J 144 -17.44 -62.03 -21.57
C SER J 144 -16.97 -60.96 -20.57
N LEU J 145 -16.18 -61.39 -19.58
CA LEU J 145 -15.73 -60.49 -18.52
C LEU J 145 -14.28 -60.02 -18.68
N VAL J 146 -14.05 -58.74 -18.43
CA VAL J 146 -12.71 -58.16 -18.49
C VAL J 146 -12.40 -57.44 -17.18
N PRO J 147 -11.38 -57.92 -16.46
CA PRO J 147 -11.01 -57.38 -15.14
C PRO J 147 -10.56 -55.93 -15.22
N LEU J 148 -11.17 -55.06 -14.41
CA LEU J 148 -10.71 -53.69 -14.24
C LEU J 148 -10.14 -53.52 -12.84
N ASN J 149 -8.96 -52.94 -12.74
CA ASN J 149 -8.39 -52.68 -11.43
C ASN J 149 -8.97 -51.41 -10.84
N ILE J 150 -9.68 -51.55 -9.72
CA ILE J 150 -10.25 -50.40 -9.05
C ILE J 150 -9.43 -50.07 -7.81
N SER J 151 -9.21 -48.78 -7.57
CA SER J 151 -8.49 -48.36 -6.38
C SER J 151 -9.06 -47.03 -5.87
N ILE J 152 -9.38 -47.01 -4.57
CA ILE J 152 -9.97 -45.83 -3.95
C ILE J 152 -9.01 -45.24 -2.92
N MET J 153 -8.48 -44.06 -3.22
CA MET J 153 -7.64 -43.37 -2.27
C MET J 153 -8.47 -42.42 -1.40
N LEU J 154 -8.36 -42.57 -0.09
CA LEU J 154 -9.11 -41.73 0.85
C LEU J 154 -8.23 -40.62 1.42
N ASN J 155 -8.61 -39.38 1.16
CA ASN J 155 -7.84 -38.23 1.58
C ASN J 155 -6.39 -38.29 1.10
N SER J 156 -5.45 -37.92 1.97
CA SER J 156 -4.01 -37.93 1.68
C SER J 156 -3.54 -36.77 0.80
N ARG J 157 -4.16 -36.59 -0.35
CA ARG J 157 -3.84 -35.46 -1.21
C ARG J 157 -4.87 -34.35 -1.10
N THR J 158 -4.39 -33.11 -1.24
CA THR J 158 -5.26 -31.93 -1.23
C THR J 158 -4.69 -30.93 -2.23
N ILE J 159 -5.57 -30.22 -2.93
CA ILE J 159 -5.11 -29.33 -4.00
C ILE J 159 -5.60 -27.89 -3.85
N SER J 160 -6.10 -27.55 -2.68
CA SER J 160 -6.73 -26.26 -2.46
C SER J 160 -6.83 -25.96 -0.97
N SER J 161 -6.98 -24.68 -0.65
CA SER J 161 -7.20 -24.26 0.73
C SER J 161 -8.58 -24.72 1.20
N ASN J 162 -9.48 -24.96 0.26
CA ASN J 162 -10.87 -25.29 0.56
C ASN J 162 -11.08 -26.75 0.97
N VAL J 163 -10.21 -27.64 0.48
CA VAL J 163 -10.42 -29.07 0.65
C VAL J 163 -10.28 -29.51 2.10
N ALA J 164 -11.17 -30.39 2.52
CA ALA J 164 -11.17 -30.90 3.89
C ALA J 164 -11.27 -32.42 3.88
N TYR J 165 -11.76 -32.97 2.77
CA TYR J 165 -11.94 -34.40 2.61
C TYR J 165 -11.78 -34.75 1.14
N ALA J 166 -11.36 -35.98 0.85
CA ALA J 166 -11.16 -36.37 -0.53
C ALA J 166 -11.39 -37.85 -0.79
N ILE J 167 -12.00 -38.15 -1.93
CA ILE J 167 -12.22 -39.51 -2.37
C ILE J 167 -11.85 -39.63 -3.84
N GLN J 168 -10.90 -40.52 -4.14
CA GLN J 168 -10.43 -40.68 -5.51
C GLN J 168 -10.64 -42.09 -6.04
N PHE J 169 -11.50 -42.20 -7.06
CA PHE J 169 -11.76 -43.49 -7.71
C PHE J 169 -10.87 -43.62 -8.95
N GLU J 170 -10.19 -44.76 -9.07
CA GLU J 170 -9.35 -45.00 -10.24
C GLU J 170 -9.54 -46.39 -10.87
N TRP J 171 -10.09 -46.41 -12.08
CA TRP J 171 -10.27 -47.64 -12.82
C TRP J 171 -9.13 -47.87 -13.80
N ASN J 172 -8.68 -49.11 -13.91
CA ASN J 172 -7.57 -49.44 -14.79
C ASN J 172 -7.77 -50.66 -15.67
N LEU J 173 -7.78 -50.44 -16.98
CA LEU J 173 -7.81 -51.54 -17.93
C LEU J 173 -6.38 -51.95 -18.22
N ASN J 174 -6.17 -53.25 -18.40
CA ASN J 174 -4.87 -53.77 -18.74
C ASN J 174 -5.00 -55.23 -19.16
N ALA J 175 -4.95 -55.47 -20.46
CA ALA J 175 -5.19 -56.81 -21.00
C ALA J 175 -4.21 -57.13 -22.11
N LYS J 176 -4.07 -58.42 -22.42
CA LYS J 176 -3.18 -58.87 -23.48
C LYS J 176 -3.68 -58.32 -24.81
N GLU J 177 -4.96 -57.97 -24.86
CA GLU J 177 -5.56 -57.40 -26.07
C GLU J 177 -6.84 -56.63 -25.75
N SER J 178 -7.10 -55.58 -26.54
CA SER J 178 -8.25 -54.71 -26.31
C SER J 178 -9.56 -55.50 -26.28
N PRO J 179 -10.46 -55.14 -25.35
CA PRO J 179 -11.77 -55.78 -25.20
C PRO J 179 -12.69 -55.45 -26.36
N GLU J 180 -12.51 -54.27 -26.94
CA GLU J 180 -13.38 -53.81 -28.01
C GLU J 180 -12.65 -53.55 -29.33
N SER J 181 -13.41 -53.48 -30.42
CA SER J 181 -12.86 -53.17 -31.73
C SER J 181 -13.63 -52.00 -32.33
N ASN J 182 -14.54 -51.44 -31.54
CA ASN J 182 -15.34 -50.30 -31.98
C ASN J 182 -15.98 -49.59 -30.79
N ILE J 183 -16.61 -48.45 -31.04
CA ILE J 183 -17.24 -47.68 -29.97
C ILE J 183 -18.25 -48.53 -29.23
N ALA J 184 -18.20 -48.51 -27.91
CA ALA J 184 -19.12 -49.29 -27.09
C ALA J 184 -19.25 -48.72 -25.68
N THR J 185 -20.47 -48.64 -25.18
CA THR J 185 -20.73 -48.00 -23.89
C THR J 185 -19.92 -48.62 -22.75
N LEU J 186 -19.06 -47.81 -22.15
CA LEU J 186 -18.22 -48.26 -21.04
C LEU J 186 -19.04 -48.41 -19.77
N THR J 187 -19.06 -49.61 -19.20
CA THR J 187 -19.81 -49.86 -17.97
C THR J 187 -18.99 -50.67 -16.98
N THR J 188 -18.70 -50.08 -15.83
CA THR J 188 -17.96 -50.80 -14.81
C THR J 188 -18.89 -51.43 -13.78
N SER J 189 -18.76 -52.74 -13.61
CA SER J 189 -19.51 -53.47 -12.59
C SER J 189 -19.45 -52.74 -11.25
N PRO J 190 -20.56 -52.83 -10.49
CA PRO J 190 -20.61 -52.26 -9.14
C PRO J 190 -19.50 -52.82 -8.28
N PHE J 191 -18.74 -51.93 -7.64
CA PHE J 191 -17.69 -52.34 -6.72
C PHE J 191 -18.01 -51.82 -5.31
N PHE J 192 -18.12 -52.73 -4.35
CA PHE J 192 -18.50 -52.35 -3.00
C PHE J 192 -17.29 -52.17 -2.10
N PHE J 193 -17.40 -51.24 -1.16
CA PHE J 193 -16.32 -50.95 -0.24
C PHE J 193 -16.82 -50.46 1.12
N SER J 194 -15.87 -50.13 1.99
CA SER J 194 -16.16 -49.58 3.31
C SER J 194 -14.96 -48.83 3.86
N TYR J 195 -15.22 -47.76 4.61
CA TYR J 195 -14.15 -47.04 5.27
C TYR J 195 -14.63 -46.46 6.60
N ILE J 196 -13.69 -46.31 7.52
CA ILE J 196 -13.98 -45.72 8.82
C ILE J 196 -14.36 -44.26 8.64
N ARG J 197 -15.58 -43.92 9.06
CA ARG J 197 -16.11 -42.59 8.79
C ARG J 197 -15.84 -41.57 9.88
N GLU J 198 -15.90 -40.30 9.50
CA GLU J 198 -15.78 -39.19 10.43
C GLU J 198 -16.99 -39.17 11.35
N ASP J 199 -16.85 -38.57 12.54
CA ASP J 199 -17.93 -38.51 13.51
C ASP J 199 -18.89 -37.36 13.25
N SER K 8 -28.90 -49.11 22.01
CA SER K 8 -28.54 -49.14 20.60
C SER K 8 -27.06 -48.83 20.35
N ILE K 9 -26.18 -49.75 20.74
CA ILE K 9 -24.74 -49.66 20.40
C ILE K 9 -24.40 -50.53 19.19
N ASN K 10 -23.63 -49.98 18.25
CA ASN K 10 -23.46 -50.60 16.94
C ASN K 10 -22.08 -51.15 16.61
N THR K 11 -21.03 -50.43 16.98
CA THR K 11 -19.69 -50.78 16.56
C THR K 11 -18.86 -51.44 17.65
N LEU K 12 -18.09 -52.45 17.26
CA LEU K 12 -17.11 -53.07 18.14
C LEU K 12 -15.78 -53.11 17.40
N TRP K 13 -14.76 -52.42 17.91
CA TRP K 13 -13.52 -52.29 17.15
C TRP K 13 -12.25 -52.16 17.99
N THR K 14 -11.13 -51.99 17.29
CA THR K 14 -9.83 -51.84 17.93
C THR K 14 -9.56 -50.36 18.13
N GLY K 15 -10.40 -49.53 17.53
CA GLY K 15 -10.20 -48.10 17.54
C GLY K 15 -9.31 -47.65 16.39
N ILE K 16 -9.40 -46.39 16.02
CA ILE K 16 -8.69 -45.88 14.85
C ILE K 16 -7.19 -45.72 15.09
N LYS K 17 -6.40 -46.22 14.16
CA LYS K 17 -4.95 -46.00 14.16
C LYS K 17 -4.33 -46.43 15.50
N PRO K 18 -4.55 -47.69 15.90
CA PRO K 18 -4.18 -48.19 17.22
C PRO K 18 -2.67 -48.30 17.43
N PRO K 19 -2.25 -48.50 18.69
CA PRO K 19 -0.85 -48.75 19.05
C PRO K 19 -0.50 -50.17 18.70
N PRO K 20 0.79 -50.53 18.73
CA PRO K 20 1.15 -51.94 18.55
C PRO K 20 0.29 -52.80 19.46
N ASN K 21 -0.48 -53.72 18.89
CA ASN K 21 -1.54 -54.38 19.65
C ASN K 21 -1.69 -55.87 19.41
N CYS K 22 -0.73 -56.46 18.70
CA CYS K 22 -0.79 -57.91 18.48
C CYS K 22 0.57 -58.53 18.17
N GLN K 23 0.67 -59.83 18.46
CA GLN K 23 1.91 -60.57 18.26
C GLN K 23 1.78 -61.46 17.04
N ILE K 24 2.64 -61.22 16.05
CA ILE K 24 2.61 -61.98 14.81
C ILE K 24 3.65 -63.10 14.79
N VAL K 25 4.87 -62.81 15.20
CA VAL K 25 5.88 -63.85 15.21
C VAL K 25 5.78 -64.66 16.50
N GLU K 26 6.05 -65.96 16.39
CA GLU K 26 6.03 -66.84 17.55
C GLU K 26 7.18 -66.51 18.50
N ASN K 27 6.88 -66.51 19.81
CA ASN K 27 7.87 -66.28 20.84
C ASN K 27 8.48 -64.87 20.81
N THR K 28 7.63 -63.86 20.90
CA THR K 28 8.09 -62.48 21.08
C THR K 28 7.48 -61.87 22.35
N ASP K 29 8.30 -61.17 23.10
CA ASP K 29 7.84 -60.54 24.34
C ASP K 29 7.03 -59.30 24.00
N THR K 30 7.26 -58.76 22.81
CA THR K 30 6.70 -57.48 22.40
C THR K 30 5.61 -57.62 21.35
N ASN K 31 4.77 -56.61 21.23
CA ASN K 31 3.75 -56.56 20.18
C ASN K 31 4.37 -56.01 18.92
N ASP K 32 4.15 -56.68 17.79
CA ASP K 32 4.81 -56.29 16.54
C ASP K 32 3.86 -56.07 15.37
N GLY K 33 2.57 -55.94 15.68
CA GLY K 33 1.58 -55.68 14.66
C GLY K 33 0.56 -54.66 15.10
N LYS K 34 0.06 -53.89 14.14
CA LYS K 34 -1.01 -52.94 14.40
C LYS K 34 -2.27 -53.37 13.66
N LEU K 35 -3.10 -54.18 14.31
CA LEU K 35 -4.31 -54.68 13.69
C LEU K 35 -5.47 -53.70 13.84
N THR K 36 -5.93 -53.17 12.72
CA THR K 36 -7.17 -52.39 12.72
C THR K 36 -8.32 -53.34 12.38
N LEU K 37 -9.26 -53.48 13.30
CA LEU K 37 -10.44 -54.32 13.04
C LEU K 37 -11.71 -53.61 13.46
N VAL K 38 -12.68 -53.54 12.56
CA VAL K 38 -13.96 -52.94 12.88
C VAL K 38 -15.07 -53.93 12.59
N LEU K 39 -15.92 -54.18 13.58
CA LEU K 39 -17.08 -55.05 13.42
C LEU K 39 -18.35 -54.25 13.69
N VAL K 40 -19.30 -54.29 12.76
CA VAL K 40 -20.51 -53.51 12.91
C VAL K 40 -21.76 -54.38 12.83
N LYS K 41 -22.66 -54.19 13.80
CA LYS K 41 -23.96 -54.86 13.77
C LYS K 41 -24.80 -54.29 12.64
N ASN K 42 -25.28 -55.17 11.77
CA ASN K 42 -26.12 -54.75 10.66
C ASN K 42 -27.10 -55.86 10.29
N GLY K 43 -28.33 -55.74 10.80
CA GLY K 43 -29.33 -56.77 10.60
C GLY K 43 -28.92 -58.08 11.23
N GLY K 44 -29.05 -59.16 10.47
CA GLY K 44 -28.65 -60.47 10.94
C GLY K 44 -27.17 -60.74 10.78
N LEU K 45 -26.47 -59.89 10.02
CA LEU K 45 -25.05 -60.10 9.79
C LEU K 45 -24.19 -59.08 10.54
N VAL K 46 -22.87 -59.21 10.37
CA VAL K 46 -21.92 -58.26 10.89
C VAL K 46 -21.04 -57.80 9.73
N ASN K 47 -20.87 -56.49 9.56
CA ASN K 47 -19.97 -55.98 8.53
C ASN K 47 -18.55 -55.84 9.07
N GLY K 48 -17.58 -56.35 8.31
CA GLY K 48 -16.21 -56.42 8.78
C GLY K 48 -15.27 -55.58 7.94
N TYR K 49 -14.29 -54.99 8.61
CA TYR K 49 -13.27 -54.19 7.97
C TYR K 49 -11.96 -54.53 8.67
N VAL K 50 -10.96 -55.00 7.93
CA VAL K 50 -9.71 -55.41 8.59
C VAL K 50 -8.46 -55.08 7.79
N SER K 51 -7.57 -54.28 8.39
CA SER K 51 -6.27 -53.98 7.81
C SER K 51 -5.17 -54.34 8.81
N LEU K 52 -3.94 -54.51 8.32
CA LEU K 52 -2.82 -54.85 9.19
C LEU K 52 -1.58 -54.04 8.88
N VAL K 53 -0.84 -53.68 9.91
CA VAL K 53 0.38 -52.88 9.75
C VAL K 53 1.55 -53.48 10.52
N GLY K 54 2.71 -53.57 9.86
CA GLY K 54 3.90 -54.15 10.46
C GLY K 54 4.66 -53.19 11.36
N VAL K 55 5.05 -53.68 12.54
CA VAL K 55 5.78 -52.86 13.50
C VAL K 55 7.24 -53.27 13.66
N SER K 56 7.47 -54.54 13.99
CA SER K 56 8.82 -55.05 14.20
C SER K 56 9.62 -55.17 12.89
N ASP K 57 10.93 -55.03 12.99
CA ASP K 57 11.79 -55.20 11.83
C ASP K 57 11.63 -56.60 11.24
N THR K 58 11.54 -57.60 12.10
CA THR K 58 11.41 -58.98 11.64
C THR K 58 10.14 -59.19 10.79
N VAL K 59 9.05 -58.50 11.13
CA VAL K 59 7.83 -58.56 10.34
C VAL K 59 7.98 -57.78 9.03
N ASN K 60 8.61 -56.61 9.11
CA ASN K 60 8.78 -55.79 7.92
C ASN K 60 9.84 -56.34 6.97
N GLN K 61 10.40 -57.49 7.31
CA GLN K 61 11.32 -58.19 6.44
C GLN K 61 10.63 -59.37 5.76
N MET K 62 9.42 -59.68 6.22
CA MET K 62 8.71 -60.86 5.74
C MET K 62 8.54 -60.86 4.23
N PHE K 63 8.33 -59.68 3.66
CA PHE K 63 8.07 -59.58 2.24
C PHE K 63 9.35 -59.42 1.40
N THR K 64 10.49 -59.80 1.97
CA THR K 64 11.72 -59.87 1.18
C THR K 64 11.90 -61.29 0.67
N GLN K 65 10.90 -62.13 0.93
CA GLN K 65 10.89 -63.52 0.48
C GLN K 65 9.85 -63.71 -0.61
N LYS K 66 9.96 -64.81 -1.35
CA LYS K 66 9.00 -65.11 -2.41
C LYS K 66 7.61 -65.30 -1.84
N SER K 67 7.53 -65.62 -0.55
CA SER K 67 6.25 -65.94 0.06
C SER K 67 6.34 -65.98 1.58
N ALA K 68 5.28 -65.52 2.23
CA ALA K 68 5.22 -65.57 3.68
C ALA K 68 3.76 -65.73 4.13
N THR K 69 3.59 -66.01 5.43
CA THR K 69 2.26 -66.20 6.00
C THR K 69 2.14 -65.42 7.29
N ILE K 70 0.94 -64.91 7.56
CA ILE K 70 0.67 -64.24 8.81
C ILE K 70 -0.67 -64.72 9.36
N GLN K 71 -0.66 -65.22 10.59
CA GLN K 71 -1.88 -65.77 11.18
C GLN K 71 -2.19 -65.17 12.55
N LEU K 72 -3.28 -64.43 12.63
CA LEU K 72 -3.75 -63.88 13.90
C LEU K 72 -5.06 -64.55 14.27
N ARG K 73 -5.12 -65.14 15.46
CA ARG K 73 -6.37 -65.71 15.91
C ARG K 73 -6.90 -65.04 17.18
N LEU K 74 -8.19 -64.73 17.17
CA LEU K 74 -8.83 -64.10 18.30
C LEU K 74 -9.84 -65.06 18.91
N TYR K 75 -9.73 -65.31 20.21
CA TYR K 75 -10.69 -66.17 20.90
C TYR K 75 -11.54 -65.35 21.86
N PHE K 76 -12.73 -65.83 22.15
CA PHE K 76 -13.65 -65.10 23.02
C PHE K 76 -14.30 -66.02 24.07
N ASP K 77 -14.70 -65.43 25.20
CA ASP K 77 -15.44 -66.17 26.24
C ASP K 77 -16.93 -66.13 25.92
N SER K 78 -17.73 -66.72 26.78
CA SER K 78 -19.17 -66.79 26.54
C SER K 78 -19.82 -65.40 26.51
N SER K 79 -19.08 -64.41 27.03
CA SER K 79 -19.58 -63.04 27.09
C SER K 79 -19.28 -62.29 25.81
N GLY K 80 -18.32 -62.80 25.04
CA GLY K 80 -17.92 -62.16 23.81
C GLY K 80 -16.75 -61.21 24.01
N ASN K 81 -16.03 -61.40 25.11
CA ASN K 81 -14.85 -60.60 25.42
C ASN K 81 -13.59 -61.33 24.97
N LEU K 82 -12.60 -60.56 24.52
CA LEU K 82 -11.36 -61.15 24.05
C LEU K 82 -10.66 -61.88 25.18
N LEU K 83 -10.17 -63.08 24.90
CA LEU K 83 -9.31 -63.78 25.83
C LEU K 83 -7.88 -63.41 25.46
N THR K 84 -7.42 -62.31 26.04
CA THR K 84 -6.19 -61.66 25.60
C THR K 84 -4.93 -62.47 25.93
N ASP K 85 -5.08 -63.77 26.12
CA ASP K 85 -3.96 -64.64 26.47
C ASP K 85 -3.76 -65.69 25.40
N GLU K 86 -4.84 -66.34 25.00
CA GLU K 86 -4.80 -67.32 23.93
C GLU K 86 -4.66 -66.62 22.57
N SER K 87 -5.17 -65.39 22.50
CA SER K 87 -5.27 -64.67 21.24
C SER K 87 -3.99 -63.95 20.87
N ASN K 88 -3.72 -63.86 19.57
CA ASN K 88 -2.61 -63.06 19.06
C ASN K 88 -2.88 -61.57 19.21
N LEU K 89 -4.15 -61.23 19.38
CA LEU K 89 -4.54 -59.85 19.64
C LEU K 89 -4.42 -59.60 21.13
N LYS K 90 -3.56 -58.66 21.49
CA LYS K 90 -3.21 -58.46 22.89
C LYS K 90 -3.90 -57.26 23.55
N ILE K 91 -5.02 -56.83 22.99
CA ILE K 91 -5.78 -55.71 23.55
C ILE K 91 -7.27 -55.88 23.27
N PRO K 92 -8.09 -55.83 24.32
CA PRO K 92 -9.52 -56.08 24.20
C PRO K 92 -10.16 -55.18 23.15
N LEU K 93 -11.30 -55.60 22.63
CA LEU K 93 -12.04 -54.75 21.72
C LEU K 93 -12.86 -53.79 22.57
N LYS K 94 -13.53 -52.85 21.91
CA LYS K 94 -14.33 -51.85 22.62
C LYS K 94 -15.39 -51.23 21.71
N ASN K 95 -16.54 -50.90 22.28
CA ASN K 95 -17.60 -50.25 21.51
C ASN K 95 -17.20 -48.81 21.16
N LYS K 96 -17.94 -48.18 20.25
CA LYS K 96 -17.51 -46.88 19.72
C LYS K 96 -17.75 -45.74 20.70
N SER K 97 -18.77 -45.90 21.55
CA SER K 97 -19.09 -44.88 22.56
C SER K 97 -18.22 -45.02 23.81
N SER K 107 -22.82 -58.48 26.26
CA SER K 107 -22.38 -57.10 26.02
C SER K 107 -21.69 -56.96 24.66
N SER K 108 -20.95 -58.00 24.28
CA SER K 108 -20.32 -58.04 22.97
C SER K 108 -20.67 -59.36 22.29
N LYS K 109 -21.56 -60.10 22.92
CA LYS K 109 -21.99 -61.39 22.38
C LYS K 109 -22.67 -61.24 21.02
N ALA K 110 -23.30 -60.09 20.80
CA ALA K 110 -24.05 -59.85 19.57
C ALA K 110 -23.16 -59.66 18.34
N PHE K 111 -21.86 -59.52 18.57
CA PHE K 111 -20.92 -59.32 17.47
C PHE K 111 -20.25 -60.63 17.03
N MET K 112 -20.30 -61.62 17.90
CA MET K 112 -19.67 -62.90 17.64
C MET K 112 -20.29 -63.64 16.44
N PRO K 113 -19.51 -64.52 15.81
CA PRO K 113 -19.99 -65.38 14.73
C PRO K 113 -20.94 -66.45 15.25
N SER K 114 -22.18 -66.47 14.77
CA SER K 114 -23.16 -67.48 15.15
C SER K 114 -22.59 -68.90 15.22
N THR K 115 -22.85 -69.58 16.34
CA THR K 115 -22.39 -70.95 16.52
C THR K 115 -23.26 -71.92 15.73
N THR K 116 -24.37 -71.40 15.20
CA THR K 116 -25.27 -72.20 14.38
C THR K 116 -24.81 -72.18 12.93
N ALA K 117 -24.39 -71.00 12.47
CA ALA K 117 -23.94 -70.81 11.10
C ALA K 117 -22.53 -71.36 10.88
N TYR K 118 -21.66 -71.11 11.86
CA TYR K 118 -20.30 -71.62 11.79
C TYR K 118 -19.97 -72.32 13.10
N PRO K 119 -20.32 -73.61 13.18
CA PRO K 119 -20.20 -74.45 14.39
C PRO K 119 -18.76 -74.73 14.80
N PHE K 120 -18.60 -75.42 15.92
CA PHE K 120 -17.28 -75.87 16.37
C PHE K 120 -17.19 -77.37 16.16
N ASN K 121 -16.37 -77.79 15.20
CA ASN K 121 -16.25 -79.20 14.89
C ASN K 121 -15.35 -79.98 15.85
N THR K 122 -15.70 -81.25 16.05
CA THR K 122 -14.89 -82.13 16.89
C THR K 122 -14.03 -83.03 16.01
N THR K 123 -14.20 -82.91 14.70
CA THR K 123 -13.43 -83.72 13.74
C THR K 123 -13.17 -82.97 12.42
N THR K 124 -14.25 -82.72 11.68
CA THR K 124 -14.18 -82.14 10.33
C THR K 124 -13.26 -80.91 10.18
N ARG K 125 -13.77 -79.74 10.57
CA ARG K 125 -13.18 -78.43 10.21
C ARG K 125 -13.75 -78.00 8.85
N ASP K 126 -15.07 -77.82 8.84
CA ASP K 126 -15.87 -77.59 7.64
C ASP K 126 -15.40 -76.41 6.79
N SER K 127 -15.53 -76.57 5.48
CA SER K 127 -15.17 -75.51 4.57
C SER K 127 -16.21 -74.41 4.65
N GLU K 128 -17.37 -74.76 5.20
CA GLU K 128 -18.47 -73.80 5.33
C GLU K 128 -18.18 -72.73 6.37
N ASN K 129 -17.03 -72.86 7.03
CA ASN K 129 -16.65 -71.95 8.10
C ASN K 129 -15.62 -70.91 7.69
N TYR K 130 -15.20 -70.96 6.43
CA TYR K 130 -14.18 -70.03 5.98
C TYR K 130 -14.77 -68.94 5.11
N ILE K 131 -14.22 -67.73 5.24
CA ILE K 131 -14.45 -66.68 4.26
C ILE K 131 -13.15 -66.52 3.49
N HIS K 132 -13.25 -66.33 2.17
CA HIS K 132 -12.05 -66.26 1.34
C HIS K 132 -12.07 -65.07 0.40
N GLY K 133 -10.92 -64.43 0.25
CA GLY K 133 -10.81 -63.25 -0.59
C GLY K 133 -9.39 -62.83 -0.88
N ILE K 134 -9.23 -61.64 -1.46
CA ILE K 134 -7.92 -61.14 -1.81
C ILE K 134 -7.77 -59.65 -1.55
N CYS K 135 -6.81 -59.28 -0.69
CA CYS K 135 -6.42 -57.89 -0.52
C CYS K 135 -5.01 -57.68 -1.07
N TYR K 136 -4.49 -56.46 -0.93
CA TYR K 136 -3.26 -56.10 -1.63
C TYR K 136 -2.21 -55.39 -0.78
N TYR K 137 -0.96 -55.58 -1.17
CA TYR K 137 0.16 -54.88 -0.54
C TYR K 137 0.73 -53.92 -1.56
N MET K 138 0.99 -52.68 -1.14
CA MET K 138 1.62 -51.71 -2.04
C MET K 138 3.13 -51.69 -1.79
N THR K 139 3.91 -51.89 -2.85
CA THR K 139 5.35 -51.95 -2.70
C THR K 139 5.87 -50.62 -2.19
N SER K 140 7.10 -50.63 -1.71
CA SER K 140 7.73 -49.44 -1.15
C SER K 140 8.18 -48.50 -2.25
N TYR K 141 8.86 -49.03 -3.26
CA TYR K 141 9.53 -48.20 -4.24
C TYR K 141 8.66 -47.70 -5.39
N ASP K 142 7.80 -48.55 -5.94
CA ASP K 142 7.06 -48.16 -7.13
C ASP K 142 5.54 -48.22 -6.96
N ARG K 143 5.08 -48.45 -5.75
CA ARG K 143 3.65 -48.41 -5.47
C ARG K 143 2.82 -49.55 -6.07
N SER K 144 3.44 -50.39 -6.90
CA SER K 144 2.70 -51.48 -7.56
C SER K 144 1.96 -52.39 -6.57
N LEU K 145 1.04 -53.21 -7.08
CA LEU K 145 0.20 -54.06 -6.23
C LEU K 145 0.64 -55.53 -6.20
N VAL K 146 0.61 -56.11 -5.01
CA VAL K 146 0.95 -57.51 -4.84
C VAL K 146 -0.17 -58.20 -4.08
N PRO K 147 -0.82 -59.18 -4.73
CA PRO K 147 -1.96 -59.91 -4.17
C PRO K 147 -1.62 -60.71 -2.93
N LEU K 148 -2.37 -60.48 -1.86
CA LEU K 148 -2.26 -61.27 -0.65
C LEU K 148 -3.52 -62.11 -0.49
N ASN K 149 -3.36 -63.40 -0.22
CA ASN K 149 -4.52 -64.25 0.00
C ASN K 149 -5.00 -64.11 1.43
N ILE K 150 -6.20 -63.58 1.59
CA ILE K 150 -6.79 -63.45 2.92
C ILE K 150 -7.82 -64.55 3.13
N SER K 151 -7.83 -65.14 4.32
CA SER K 151 -8.84 -66.14 4.67
C SER K 151 -9.24 -66.03 6.15
N ILE K 152 -10.55 -65.96 6.38
CA ILE K 152 -11.08 -65.79 7.72
C ILE K 152 -11.87 -67.01 8.15
N MET K 153 -11.32 -67.76 9.11
CA MET K 153 -12.03 -68.92 9.65
C MET K 153 -12.86 -68.54 10.87
N LEU K 154 -14.16 -68.83 10.83
CA LEU K 154 -15.06 -68.51 11.92
C LEU K 154 -15.31 -69.72 12.80
N ASN K 155 -14.92 -69.60 14.07
CA ASN K 155 -15.09 -70.66 15.07
C ASN K 155 -14.37 -71.95 14.70
N SER K 156 -15.10 -73.05 14.65
CA SER K 156 -14.57 -74.33 14.17
C SER K 156 -13.63 -75.05 15.15
N ARG K 157 -12.58 -74.38 15.59
CA ARG K 157 -11.62 -75.00 16.50
C ARG K 157 -11.48 -74.22 17.79
N THR K 158 -11.17 -74.92 18.87
CA THR K 158 -11.01 -74.31 20.19
C THR K 158 -9.77 -74.87 20.86
N ILE K 159 -9.07 -74.04 21.62
CA ILE K 159 -7.85 -74.52 22.29
C ILE K 159 -7.87 -74.25 23.80
N SER K 160 -9.06 -74.20 24.36
CA SER K 160 -9.23 -73.81 25.76
C SER K 160 -10.64 -74.13 26.23
N SER K 161 -10.79 -74.43 27.52
CA SER K 161 -12.11 -74.60 28.11
C SER K 161 -12.86 -73.27 28.11
N ASN K 162 -12.11 -72.19 28.02
CA ASN K 162 -12.65 -70.84 28.10
C ASN K 162 -13.30 -70.35 26.80
N VAL K 163 -12.81 -70.87 25.68
CA VAL K 163 -13.22 -70.35 24.38
C VAL K 163 -14.68 -70.62 24.07
N ALA K 164 -15.36 -69.63 23.50
CA ALA K 164 -16.76 -69.75 23.16
C ALA K 164 -17.00 -69.27 21.73
N TYR K 165 -16.07 -68.47 21.24
CA TYR K 165 -16.15 -67.93 19.88
C TYR K 165 -14.73 -67.75 19.35
N ALA K 166 -14.57 -67.80 18.03
CA ALA K 166 -13.25 -67.63 17.46
C ALA K 166 -13.27 -66.97 16.08
N ILE K 167 -12.28 -66.12 15.85
CA ILE K 167 -12.06 -65.49 14.55
C ILE K 167 -10.59 -65.55 14.19
N GLN K 168 -10.27 -66.17 13.06
CA GLN K 168 -8.88 -66.34 12.65
C GLN K 168 -8.60 -65.69 11.29
N PHE K 169 -7.74 -64.67 11.31
CA PHE K 169 -7.33 -64.00 10.08
C PHE K 169 -6.02 -64.58 9.58
N GLU K 170 -5.96 -64.90 8.29
CA GLU K 170 -4.73 -65.45 7.72
C GLU K 170 -4.35 -64.81 6.38
N TRP K 171 -3.24 -64.06 6.39
CA TRP K 171 -2.72 -63.45 5.17
C TRP K 171 -1.62 -64.31 4.55
N ASN K 172 -1.62 -64.41 3.24
CA ASN K 172 -0.63 -65.22 2.54
C ASN K 172 0.01 -64.57 1.35
N LEU K 173 1.33 -64.37 1.42
CA LEU K 173 2.08 -63.91 0.27
C LEU K 173 2.53 -65.10 -0.54
N ASN K 174 2.53 -64.95 -1.86
CA ASN K 174 2.99 -65.99 -2.75
C ASN K 174 3.16 -65.43 -4.15
N ALA K 175 4.42 -65.19 -4.52
CA ALA K 175 4.70 -64.54 -5.79
C ALA K 175 5.90 -65.18 -6.47
N LYS K 176 6.03 -64.94 -7.77
CA LYS K 176 7.14 -65.48 -8.55
C LYS K 176 8.45 -64.92 -8.04
N GLU K 177 8.37 -63.78 -7.36
CA GLU K 177 9.55 -63.13 -6.76
C GLU K 177 9.16 -62.16 -5.65
N SER K 178 10.04 -62.02 -4.66
CA SER K 178 9.75 -61.18 -3.50
C SER K 178 9.41 -59.76 -3.91
N PRO K 179 8.42 -59.15 -3.23
CA PRO K 179 8.00 -57.78 -3.47
C PRO K 179 9.05 -56.77 -3.03
N GLU K 180 9.81 -57.13 -2.00
CA GLU K 180 10.81 -56.21 -1.43
C GLU K 180 12.24 -56.73 -1.51
N SER K 181 13.19 -55.82 -1.34
CA SER K 181 14.60 -56.19 -1.32
C SER K 181 15.24 -55.65 -0.06
N ASN K 182 14.42 -55.07 0.80
CA ASN K 182 14.89 -54.51 2.06
C ASN K 182 13.75 -54.28 3.03
N ILE K 183 14.06 -53.93 4.28
CA ILE K 183 13.04 -53.73 5.29
C ILE K 183 12.04 -52.69 4.81
N ALA K 184 10.76 -52.98 4.97
CA ALA K 184 9.71 -52.06 4.54
C ALA K 184 8.40 -52.33 5.28
N THR K 185 7.73 -51.27 5.71
CA THR K 185 6.52 -51.41 6.51
C THR K 185 5.44 -52.21 5.81
N LEU K 186 5.09 -53.36 6.41
CA LEU K 186 4.06 -54.25 5.89
C LEU K 186 2.66 -53.67 6.11
N THR K 187 1.94 -53.45 5.01
CA THR K 187 0.59 -52.89 5.09
C THR K 187 -0.37 -53.67 4.19
N THR K 188 -1.38 -54.29 4.81
CA THR K 188 -2.37 -55.01 4.02
C THR K 188 -3.61 -54.16 3.78
N SER K 189 -3.93 -53.96 2.50
CA SER K 189 -5.13 -53.26 2.10
C SER K 189 -6.33 -53.73 2.92
N PRO K 190 -7.27 -52.80 3.21
CA PRO K 190 -8.52 -53.12 3.91
C PRO K 190 -9.28 -54.21 3.16
N PHE K 191 -9.65 -55.27 3.87
CA PHE K 191 -10.46 -56.33 3.28
C PHE K 191 -11.79 -56.40 4.00
N PHE K 192 -12.88 -56.26 3.25
CA PHE K 192 -14.21 -56.23 3.86
C PHE K 192 -14.88 -57.59 3.82
N PHE K 193 -15.70 -57.87 4.83
CA PHE K 193 -16.39 -59.15 4.91
C PHE K 193 -17.70 -59.04 5.65
N SER K 194 -18.38 -60.18 5.81
CA SER K 194 -19.65 -60.26 6.53
C SER K 194 -19.89 -61.69 6.99
N TYR K 195 -20.51 -61.85 8.14
CA TYR K 195 -20.90 -63.16 8.62
C TYR K 195 -22.17 -63.10 9.44
N ILE K 196 -22.93 -64.19 9.41
CA ILE K 196 -24.16 -64.30 10.20
C ILE K 196 -23.83 -64.28 11.69
N ARG K 197 -24.35 -63.28 12.40
CA ARG K 197 -23.95 -63.05 13.78
C ARG K 197 -24.84 -63.76 14.79
N GLU K 198 -24.30 -63.95 15.98
CA GLU K 198 -25.05 -64.50 17.10
C GLU K 198 -26.14 -63.52 17.54
N ASP K 199 -27.17 -64.04 18.20
CA ASP K 199 -28.28 -63.20 18.65
C ASP K 199 -28.01 -62.54 20.00
N ASP K 200 -28.70 -61.43 20.26
CA ASP K 200 -28.65 -60.77 21.57
C ASP K 200 -29.65 -61.41 22.54
N ASN K 201 -29.95 -62.68 22.31
CA ASN K 201 -30.94 -63.42 23.09
C ASN K 201 -30.39 -63.94 24.42
N SER L 8 -38.26 -50.93 11.38
CA SER L 8 -38.74 -51.90 12.37
C SER L 8 -38.12 -53.30 12.17
N ILE L 9 -38.21 -53.83 10.96
CA ILE L 9 -37.62 -55.13 10.63
C ILE L 9 -36.51 -55.02 9.57
N ASN L 10 -35.41 -55.72 9.80
CA ASN L 10 -34.20 -55.49 9.01
C ASN L 10 -33.76 -56.61 8.07
N THR L 11 -33.85 -57.85 8.52
CA THR L 11 -33.30 -58.96 7.76
C THR L 11 -34.35 -59.78 7.02
N LEU L 12 -34.02 -60.18 5.79
CA LEU L 12 -34.83 -61.12 5.03
C LEU L 12 -33.90 -62.23 4.55
N TRP L 13 -34.16 -63.48 4.97
CA TRP L 13 -33.21 -64.55 4.69
C TRP L 13 -33.82 -65.94 4.54
N THR L 14 -32.95 -66.92 4.32
CA THR L 14 -33.35 -68.31 4.18
C THR L 14 -33.27 -68.98 5.53
N GLY L 15 -32.67 -68.30 6.49
CA GLY L 15 -32.45 -68.86 7.81
C GLY L 15 -31.13 -69.58 7.86
N ILE L 16 -30.60 -69.76 9.07
CA ILE L 16 -29.27 -70.34 9.24
C ILE L 16 -29.27 -71.85 9.01
N LYS L 17 -28.31 -72.32 8.21
CA LYS L 17 -28.08 -73.74 8.01
C LYS L 17 -29.36 -74.47 7.59
N PRO L 18 -29.97 -74.01 6.48
CA PRO L 18 -31.29 -74.48 6.04
C PRO L 18 -31.28 -75.93 5.56
N PRO L 19 -32.48 -76.50 5.38
CA PRO L 19 -32.66 -77.84 4.80
C PRO L 19 -32.49 -77.74 3.29
N PRO L 20 -32.39 -78.90 2.60
CA PRO L 20 -32.38 -78.84 1.14
C PRO L 20 -33.52 -77.97 0.65
N ASN L 21 -33.21 -76.89 -0.07
CA ASN L 21 -34.21 -75.87 -0.33
C ASN L 21 -34.22 -75.30 -1.74
N CYS L 22 -33.48 -75.94 -2.65
CA CYS L 22 -33.50 -75.49 -4.04
C CYS L 22 -33.10 -76.57 -5.04
N GLN L 23 -33.55 -76.39 -6.27
CA GLN L 23 -33.26 -77.33 -7.34
C GLN L 23 -32.23 -76.74 -8.28
N ILE L 24 -31.06 -77.36 -8.35
CA ILE L 24 -30.01 -76.89 -9.23
C ILE L 24 -30.07 -77.62 -10.57
N VAL L 25 -29.91 -78.94 -10.53
CA VAL L 25 -30.05 -79.80 -11.69
C VAL L 25 -31.43 -79.65 -12.33
N GLU L 26 -31.46 -79.30 -13.60
CA GLU L 26 -32.73 -79.21 -14.31
C GLU L 26 -33.53 -80.52 -14.18
N ASN L 27 -34.85 -80.44 -14.33
CA ASN L 27 -35.71 -81.62 -14.30
C ASN L 27 -35.51 -82.54 -13.10
N THR L 28 -34.92 -82.04 -12.04
CA THR L 28 -34.71 -82.84 -10.84
C THR L 28 -36.03 -83.05 -10.09
N ASP L 29 -36.10 -84.12 -9.33
CA ASP L 29 -37.31 -84.42 -8.56
C ASP L 29 -37.19 -84.03 -7.09
N THR L 30 -35.97 -84.07 -6.57
CA THR L 30 -35.70 -83.68 -5.19
C THR L 30 -34.91 -82.38 -5.12
N ASN L 31 -35.13 -81.58 -4.08
CA ASN L 31 -34.26 -80.43 -3.84
C ASN L 31 -32.85 -80.94 -3.59
N ASP L 32 -31.88 -80.36 -4.30
CA ASP L 32 -30.51 -80.86 -4.24
C ASP L 32 -29.48 -79.79 -3.89
N GLY L 33 -29.95 -78.67 -3.37
CA GLY L 33 -29.06 -77.60 -2.96
C GLY L 33 -29.49 -76.96 -1.66
N LYS L 34 -28.51 -76.50 -0.89
CA LYS L 34 -28.78 -75.77 0.33
C LYS L 34 -28.29 -74.34 0.18
N LEU L 35 -29.17 -73.46 -0.31
CA LEU L 35 -28.82 -72.06 -0.51
C LEU L 35 -28.99 -71.22 0.76
N THR L 36 -27.88 -70.72 1.28
CA THR L 36 -27.94 -69.76 2.36
C THR L 36 -27.92 -68.36 1.75
N LEU L 37 -28.99 -67.60 1.96
CA LEU L 37 -29.04 -66.23 1.46
C LEU L 37 -29.53 -65.27 2.53
N VAL L 38 -28.78 -64.21 2.78
CA VAL L 38 -29.19 -63.19 3.72
C VAL L 38 -29.22 -61.82 3.07
N LEU L 39 -30.36 -61.15 3.15
CA LEU L 39 -30.49 -59.80 2.63
C LEU L 39 -30.85 -58.84 3.75
N VAL L 40 -30.08 -57.76 3.90
CA VAL L 40 -30.29 -56.83 4.99
C VAL L 40 -30.53 -55.41 4.49
N LYS L 41 -31.56 -54.76 5.04
CA LYS L 41 -31.81 -53.36 4.72
C LYS L 41 -30.75 -52.50 5.37
N ASN L 42 -30.10 -51.67 4.57
CA ASN L 42 -29.07 -50.78 5.09
C ASN L 42 -29.02 -49.51 4.26
N GLY L 43 -29.68 -48.47 4.76
CA GLY L 43 -29.78 -47.22 4.02
C GLY L 43 -30.56 -47.40 2.72
N GLY L 44 -29.99 -46.86 1.64
CA GLY L 44 -30.60 -46.99 0.34
C GLY L 44 -30.27 -48.29 -0.35
N LEU L 45 -29.30 -49.02 0.19
CA LEU L 45 -28.89 -50.29 -0.42
C LEU L 45 -29.33 -51.50 0.40
N VAL L 46 -29.01 -52.68 -0.11
CA VAL L 46 -29.21 -53.93 0.60
C VAL L 46 -27.87 -54.66 0.68
N ASN L 47 -27.50 -55.14 1.86
CA ASN L 47 -26.27 -55.93 2.00
C ASN L 47 -26.59 -57.40 1.78
N GLY L 48 -25.77 -58.05 0.97
CA GLY L 48 -26.04 -59.43 0.58
C GLY L 48 -24.96 -60.38 1.03
N TYR L 49 -25.37 -61.59 1.39
CA TYR L 49 -24.47 -62.65 1.81
C TYR L 49 -25.03 -63.93 1.21
N VAL L 50 -24.24 -64.62 0.39
CA VAL L 50 -24.75 -65.82 -0.27
C VAL L 50 -23.72 -66.94 -0.37
N SER L 51 -24.07 -68.10 0.21
CA SER L 51 -23.25 -69.31 0.07
C SER L 51 -24.12 -70.44 -0.47
N LEU L 52 -23.49 -71.48 -1.02
CA LEU L 52 -24.23 -72.61 -1.58
C LEU L 52 -23.62 -73.95 -1.15
N VAL L 53 -24.47 -74.93 -0.89
CA VAL L 53 -24.01 -76.26 -0.49
C VAL L 53 -24.68 -77.35 -1.30
N GLY L 54 -23.88 -78.32 -1.76
CA GLY L 54 -24.38 -79.41 -2.58
C GLY L 54 -25.00 -80.54 -1.78
N VAL L 55 -26.16 -81.01 -2.23
CA VAL L 55 -26.88 -82.09 -1.55
C VAL L 55 -26.88 -83.40 -2.34
N SER L 56 -27.37 -83.35 -3.57
CA SER L 56 -27.44 -84.54 -4.41
C SER L 56 -26.07 -85.03 -4.88
N ASP L 57 -25.94 -86.33 -5.09
CA ASP L 57 -24.71 -86.89 -5.63
C ASP L 57 -24.37 -86.28 -6.98
N THR L 58 -25.37 -86.12 -7.83
CA THR L 58 -25.14 -85.55 -9.16
C THR L 58 -24.54 -84.14 -9.10
N VAL L 59 -24.93 -83.36 -8.09
CA VAL L 59 -24.34 -82.03 -7.90
C VAL L 59 -22.94 -82.13 -7.32
N ASN L 60 -22.75 -83.03 -6.37
CA ASN L 60 -21.43 -83.19 -5.77
C ASN L 60 -20.43 -83.89 -6.69
N GLN L 61 -20.86 -84.19 -7.91
CA GLN L 61 -19.95 -84.72 -8.93
C GLN L 61 -19.60 -83.65 -9.93
N MET L 62 -20.27 -82.50 -9.85
CA MET L 62 -20.08 -81.43 -10.82
C MET L 62 -18.63 -81.00 -10.94
N PHE L 63 -17.92 -80.99 -9.82
CA PHE L 63 -16.55 -80.51 -9.80
C PHE L 63 -15.53 -81.62 -10.09
N THR L 64 -15.96 -82.71 -10.70
CA THR L 64 -15.02 -83.72 -11.21
C THR L 64 -14.73 -83.44 -12.67
N GLN L 65 -15.25 -82.32 -13.15
CA GLN L 65 -15.03 -81.88 -14.52
C GLN L 65 -14.14 -80.63 -14.55
N LYS L 66 -13.57 -80.32 -15.71
CA LYS L 66 -12.72 -79.15 -15.84
C LYS L 66 -13.52 -77.88 -15.58
N SER L 67 -14.83 -77.96 -15.72
CA SER L 67 -15.67 -76.78 -15.61
C SER L 67 -17.13 -77.13 -15.53
N ALA L 68 -17.87 -76.37 -14.72
CA ALA L 68 -19.31 -76.55 -14.59
C ALA L 68 -19.99 -75.22 -14.30
N THR L 69 -21.31 -75.21 -14.39
CA THR L 69 -22.09 -74.00 -14.13
C THR L 69 -23.25 -74.32 -13.21
N ILE L 70 -23.61 -73.36 -12.38
CA ILE L 70 -24.77 -73.49 -11.52
C ILE L 70 -25.57 -72.20 -11.57
N GLN L 71 -26.86 -72.31 -11.90
CA GLN L 71 -27.70 -71.13 -12.03
C GLN L 71 -28.99 -71.25 -11.22
N LEU L 72 -29.12 -70.42 -10.19
CA LEU L 72 -30.36 -70.34 -9.41
C LEU L 72 -31.01 -69.00 -9.65
N ARG L 73 -32.27 -69.00 -10.07
CA ARG L 73 -32.98 -67.74 -10.25
C ARG L 73 -34.19 -67.63 -9.33
N LEU L 74 -34.33 -66.47 -8.69
CA LEU L 74 -35.43 -66.22 -7.78
C LEU L 74 -36.31 -65.13 -8.37
N TYR L 75 -37.60 -65.41 -8.50
CA TYR L 75 -38.55 -64.40 -8.97
C TYR L 75 -39.49 -64.00 -7.85
N PHE L 76 -40.02 -62.78 -7.93
CA PHE L 76 -40.90 -62.25 -6.90
C PHE L 76 -42.15 -61.60 -7.48
N ASP L 77 -43.22 -61.56 -6.69
CA ASP L 77 -44.45 -60.87 -7.07
C ASP L 77 -44.36 -59.41 -6.67
N SER L 78 -45.41 -58.65 -6.94
CA SER L 78 -45.40 -57.23 -6.62
C SER L 78 -45.26 -56.96 -5.13
N SER L 79 -45.52 -57.98 -4.32
CA SER L 79 -45.43 -57.87 -2.86
C SER L 79 -44.01 -58.13 -2.36
N GLY L 80 -43.20 -58.77 -3.20
CA GLY L 80 -41.84 -59.10 -2.83
C GLY L 80 -41.74 -60.49 -2.22
N ASN L 81 -42.74 -61.32 -2.50
CA ASN L 81 -42.74 -62.69 -2.02
C ASN L 81 -42.21 -63.62 -3.10
N LEU L 82 -41.51 -64.67 -2.69
CA LEU L 82 -40.96 -65.62 -3.65
C LEU L 82 -42.09 -66.30 -4.41
N LEU L 83 -41.93 -66.40 -5.72
CA LEU L 83 -42.82 -67.22 -6.53
C LEU L 83 -42.19 -68.61 -6.61
N THR L 84 -42.53 -69.44 -5.63
CA THR L 84 -41.81 -70.68 -5.40
C THR L 84 -42.07 -71.74 -6.47
N ASP L 85 -42.49 -71.29 -7.65
CA ASP L 85 -42.78 -72.21 -8.74
C ASP L 85 -41.86 -71.94 -9.92
N GLU L 86 -41.73 -70.68 -10.29
CA GLU L 86 -40.81 -70.27 -11.35
C GLU L 86 -39.38 -70.33 -10.87
N SER L 87 -39.19 -70.15 -9.57
CA SER L 87 -37.86 -70.00 -8.98
C SER L 87 -37.20 -71.34 -8.67
N ASN L 88 -35.87 -71.38 -8.80
CA ASN L 88 -35.10 -72.55 -8.41
C ASN L 88 -35.06 -72.68 -6.89
N LEU L 89 -35.38 -71.60 -6.20
CA LEU L 89 -35.47 -71.61 -4.75
C LEU L 89 -36.87 -72.06 -4.37
N LYS L 90 -36.96 -73.18 -3.66
CA LYS L 90 -38.24 -73.83 -3.43
C LYS L 90 -38.79 -73.61 -2.02
N ILE L 91 -38.34 -72.54 -1.37
CA ILE L 91 -38.82 -72.22 -0.03
C ILE L 91 -38.80 -70.71 0.18
N PRO L 92 -39.94 -70.13 0.56
CA PRO L 92 -40.07 -68.68 0.71
C PRO L 92 -39.01 -68.11 1.62
N LEU L 93 -38.71 -66.83 1.47
CA LEU L 93 -37.81 -66.16 2.41
C LEU L 93 -38.62 -65.76 3.64
N LYS L 94 -37.93 -65.25 4.66
CA LYS L 94 -38.60 -64.88 5.91
C LYS L 94 -37.77 -63.88 6.70
N ASN L 95 -38.43 -62.97 7.39
CA ASN L 95 -37.74 -61.99 8.22
C ASN L 95 -37.12 -62.66 9.44
N LYS L 96 -36.24 -61.96 10.15
CA LYS L 96 -35.48 -62.60 11.21
C LYS L 96 -36.31 -62.83 12.47
N SER L 97 -37.31 -61.98 12.69
CA SER L 97 -38.17 -62.12 13.87
C SER L 97 -39.31 -63.14 13.67
N SER L 98 -39.03 -64.19 12.91
CA SER L 98 -40.01 -65.25 12.62
C SER L 98 -40.88 -65.60 13.84
N SER L 107 -44.17 -55.47 2.03
CA SER L 107 -43.95 -56.33 3.21
C SER L 107 -42.53 -56.87 3.18
N SER L 108 -42.14 -57.34 2.00
CA SER L 108 -40.76 -57.70 1.68
C SER L 108 -40.32 -56.90 0.46
N LYS L 109 -41.19 -55.99 0.03
CA LYS L 109 -40.93 -55.15 -1.14
C LYS L 109 -39.68 -54.28 -0.96
N ALA L 110 -39.39 -53.94 0.29
CA ALA L 110 -38.27 -53.06 0.59
C ALA L 110 -36.91 -53.75 0.39
N PHE L 111 -36.91 -55.06 0.20
CA PHE L 111 -35.66 -55.79 0.02
C PHE L 111 -35.34 -56.02 -1.46
N MET L 112 -36.34 -55.85 -2.30
CA MET L 112 -36.18 -56.11 -3.73
C MET L 112 -35.21 -55.12 -4.39
N PRO L 113 -34.62 -55.52 -5.51
CA PRO L 113 -33.77 -54.65 -6.33
C PRO L 113 -34.60 -53.58 -7.03
N SER L 114 -34.30 -52.32 -6.75
CA SER L 114 -34.97 -51.19 -7.39
C SER L 114 -35.18 -51.39 -8.89
N THR L 115 -36.41 -51.18 -9.36
CA THR L 115 -36.72 -51.31 -10.78
C THR L 115 -36.22 -50.09 -11.54
N THR L 116 -35.78 -49.07 -10.81
CA THR L 116 -35.25 -47.88 -11.42
C THR L 116 -33.76 -48.06 -11.69
N ALA L 117 -33.07 -48.67 -10.72
CA ALA L 117 -31.63 -48.89 -10.81
C ALA L 117 -31.30 -50.03 -11.75
N TYR L 118 -32.09 -51.09 -11.65
CA TYR L 118 -31.90 -52.26 -12.50
C TYR L 118 -33.24 -52.62 -13.13
N PRO L 119 -33.56 -51.98 -14.25
CA PRO L 119 -34.85 -52.09 -14.95
C PRO L 119 -35.08 -53.47 -15.57
N PHE L 120 -36.26 -53.66 -16.15
CA PHE L 120 -36.58 -54.86 -16.89
C PHE L 120 -36.58 -54.54 -18.38
N ASN L 121 -35.58 -55.04 -19.11
CA ASN L 121 -35.48 -54.75 -20.53
C ASN L 121 -36.41 -55.57 -21.40
N THR L 122 -36.94 -54.94 -22.44
CA THR L 122 -37.70 -55.65 -23.45
C THR L 122 -36.78 -55.82 -24.65
N THR L 123 -35.89 -54.83 -24.81
CA THR L 123 -34.85 -54.82 -25.84
C THR L 123 -33.81 -55.92 -25.60
N THR L 124 -32.61 -55.52 -25.19
CA THR L 124 -31.56 -56.48 -24.86
C THR L 124 -30.93 -56.15 -23.49
N ARG L 125 -30.62 -57.20 -22.72
CA ARG L 125 -30.05 -57.06 -21.38
C ARG L 125 -29.03 -55.94 -21.24
N ASP L 126 -29.14 -55.16 -20.18
CA ASP L 126 -28.10 -54.17 -19.87
C ASP L 126 -27.01 -54.77 -18.97
N SER L 127 -25.77 -54.38 -19.22
CA SER L 127 -24.66 -54.82 -18.40
C SER L 127 -24.72 -54.13 -17.05
N GLU L 128 -25.47 -53.03 -17.00
CA GLU L 128 -25.62 -52.25 -15.78
C GLU L 128 -26.43 -53.01 -14.72
N ASN L 129 -26.94 -54.18 -15.09
CA ASN L 129 -27.80 -54.97 -14.21
C ASN L 129 -27.09 -56.13 -13.53
N TYR L 130 -25.81 -56.29 -13.82
CA TYR L 130 -25.07 -57.42 -13.28
C TYR L 130 -24.14 -56.98 -12.17
N ILE L 131 -24.00 -57.83 -11.16
CA ILE L 131 -22.91 -57.69 -10.20
C ILE L 131 -21.94 -58.81 -10.49
N HIS L 132 -20.66 -58.54 -10.40
CA HIS L 132 -19.66 -59.54 -10.76
C HIS L 132 -18.57 -59.65 -9.71
N GLY L 133 -18.17 -60.89 -9.43
CA GLY L 133 -17.13 -61.14 -8.44
C GLY L 133 -16.57 -62.55 -8.47
N ILE L 134 -15.80 -62.88 -7.44
CA ILE L 134 -15.18 -64.19 -7.35
C ILE L 134 -15.17 -64.76 -5.94
N CYS L 135 -15.83 -65.90 -5.76
CA CYS L 135 -15.72 -66.66 -4.50
C CYS L 135 -14.95 -67.95 -4.74
N TYR L 136 -14.83 -68.78 -3.70
CA TYR L 136 -13.91 -69.91 -3.77
C TYR L 136 -14.48 -71.26 -3.30
N TYR L 137 -13.95 -72.32 -3.87
CA TYR L 137 -14.28 -73.68 -3.44
C TYR L 137 -13.05 -74.26 -2.78
N MET L 138 -13.23 -74.91 -1.63
CA MET L 138 -12.12 -75.59 -0.98
C MET L 138 -12.13 -77.07 -1.34
N THR L 139 -11.02 -77.56 -1.88
CA THR L 139 -10.96 -78.95 -2.31
C THR L 139 -11.18 -79.87 -1.12
N SER L 140 -11.46 -81.13 -1.43
CA SER L 140 -11.73 -82.14 -0.40
C SER L 140 -10.44 -82.59 0.27
N TYR L 141 -9.45 -82.93 -0.54
CA TYR L 141 -8.26 -83.60 -0.03
C TYR L 141 -7.19 -82.70 0.55
N ASP L 142 -6.91 -81.58 -0.09
CA ASP L 142 -5.80 -80.74 0.37
C ASP L 142 -6.20 -79.31 0.76
N ARG L 143 -7.51 -79.03 0.79
CA ARG L 143 -7.99 -77.74 1.25
C ARG L 143 -7.70 -76.56 0.32
N SER L 144 -6.93 -76.77 -0.74
CA SER L 144 -6.55 -75.69 -1.65
C SER L 144 -7.77 -74.93 -2.20
N LEU L 145 -7.51 -73.76 -2.79
CA LEU L 145 -8.57 -72.88 -3.28
C LEU L 145 -8.77 -72.93 -4.80
N VAL L 146 -10.03 -72.98 -5.22
CA VAL L 146 -10.38 -72.99 -6.63
C VAL L 146 -11.38 -71.87 -6.89
N PRO L 147 -10.98 -70.89 -7.72
CA PRO L 147 -11.81 -69.72 -8.05
C PRO L 147 -13.10 -70.08 -8.77
N LEU L 148 -14.23 -69.61 -8.23
CA LEU L 148 -15.52 -69.74 -8.91
C LEU L 148 -15.99 -68.37 -9.34
N ASN L 149 -16.42 -68.25 -10.58
CA ASN L 149 -16.93 -66.98 -11.06
C ASN L 149 -18.38 -66.80 -10.65
N ILE L 150 -18.63 -65.80 -9.81
CA ILE L 150 -19.99 -65.53 -9.37
C ILE L 150 -20.52 -64.30 -10.11
N SER L 151 -21.78 -64.37 -10.52
CA SER L 151 -22.41 -63.22 -11.15
C SER L 151 -23.88 -63.15 -10.79
N ILE L 152 -24.31 -61.97 -10.33
CA ILE L 152 -25.68 -61.75 -9.89
C ILE L 152 -26.40 -60.76 -10.80
N MET L 153 -27.38 -61.26 -11.56
CA MET L 153 -28.16 -60.40 -12.42
C MET L 153 -29.41 -59.92 -11.70
N LEU L 154 -29.60 -58.61 -11.65
CA LEU L 154 -30.75 -58.03 -10.96
C LEU L 154 -31.86 -57.62 -11.92
N ASN L 155 -33.05 -58.17 -11.70
CA ASN L 155 -34.18 -57.86 -12.53
C ASN L 155 -33.85 -58.17 -13.99
N SER L 156 -34.05 -57.20 -14.87
CA SER L 156 -33.67 -57.31 -16.28
C SER L 156 -34.59 -58.14 -17.18
N ARG L 157 -34.87 -59.38 -16.78
CA ARG L 157 -35.72 -60.26 -17.59
C ARG L 157 -36.80 -60.93 -16.77
N THR L 158 -38.03 -60.86 -17.27
CA THR L 158 -39.17 -61.53 -16.66
C THR L 158 -39.71 -62.60 -17.58
N ILE L 159 -40.17 -63.70 -17.00
CA ILE L 159 -40.65 -64.84 -17.79
C ILE L 159 -42.09 -65.22 -17.50
N SER L 160 -42.86 -64.30 -16.94
CA SER L 160 -44.20 -64.64 -16.46
C SER L 160 -44.96 -63.37 -16.06
N SER L 161 -46.28 -63.41 -16.18
CA SER L 161 -47.10 -62.24 -15.86
C SER L 161 -46.99 -61.87 -14.38
N ASN L 162 -46.64 -62.85 -13.56
CA ASN L 162 -46.59 -62.67 -12.11
C ASN L 162 -45.34 -61.94 -11.63
N VAL L 163 -44.25 -62.07 -12.36
CA VAL L 163 -42.96 -61.59 -11.90
C VAL L 163 -42.91 -60.06 -11.79
N ALA L 164 -42.30 -59.58 -10.72
CA ALA L 164 -42.18 -58.14 -10.49
C ALA L 164 -40.77 -57.78 -10.10
N TYR L 165 -40.01 -58.78 -9.65
CA TYR L 165 -38.63 -58.60 -9.25
C TYR L 165 -37.87 -59.89 -9.52
N ALA L 166 -36.56 -59.79 -9.75
CA ALA L 166 -35.79 -60.99 -10.02
C ALA L 166 -34.34 -60.90 -9.54
N ILE L 167 -33.83 -62.01 -9.02
CA ILE L 167 -32.44 -62.11 -8.61
C ILE L 167 -31.88 -63.45 -9.11
N GLN L 168 -30.83 -63.39 -9.92
CA GLN L 168 -30.23 -64.59 -10.52
C GLN L 168 -28.78 -64.79 -10.10
N PHE L 169 -28.51 -65.86 -9.38
CA PHE L 169 -27.15 -66.20 -8.97
C PHE L 169 -26.57 -67.21 -9.94
N GLU L 170 -25.34 -66.96 -10.41
CA GLU L 170 -24.68 -67.89 -11.32
C GLU L 170 -23.22 -68.16 -10.95
N TRP L 171 -22.95 -69.41 -10.55
CA TRP L 171 -21.60 -69.82 -10.22
C TRP L 171 -20.97 -70.53 -11.41
N ASN L 172 -19.68 -70.29 -11.63
CA ASN L 172 -19.00 -70.88 -12.78
C ASN L 172 -17.62 -71.43 -12.47
N LEU L 173 -17.48 -72.75 -12.64
CA LEU L 173 -16.18 -73.38 -12.53
C LEU L 173 -15.51 -73.33 -13.89
N ASN L 174 -14.19 -73.14 -13.87
CA ASN L 174 -13.40 -73.14 -15.09
C ASN L 174 -11.93 -73.21 -14.74
N ALA L 175 -11.34 -74.40 -14.89
CA ALA L 175 -9.95 -74.59 -14.48
C ALA L 175 -9.21 -75.44 -15.50
N LYS L 176 -7.88 -75.38 -15.44
CA LYS L 176 -7.05 -76.16 -16.34
C LYS L 176 -7.27 -77.65 -16.10
N GLU L 177 -7.78 -77.99 -14.92
CA GLU L 177 -8.07 -79.38 -14.58
C GLU L 177 -9.07 -79.45 -13.43
N SER L 178 -9.89 -80.50 -13.42
CA SER L 178 -10.93 -80.66 -12.41
C SER L 178 -10.38 -80.64 -10.99
N PRO L 179 -11.09 -79.97 -10.08
CA PRO L 179 -10.71 -79.86 -8.67
C PRO L 179 -10.83 -81.19 -7.95
N GLU L 180 -11.77 -82.03 -8.40
CA GLU L 180 -12.05 -83.30 -7.73
C GLU L 180 -11.84 -84.50 -8.65
N SER L 181 -11.72 -85.67 -8.02
CA SER L 181 -11.58 -86.93 -8.75
C SER L 181 -12.65 -87.91 -8.27
N ASN L 182 -13.53 -87.42 -7.39
CA ASN L 182 -14.61 -88.24 -6.85
C ASN L 182 -15.69 -87.38 -6.22
N ILE L 183 -16.81 -88.00 -5.84
CA ILE L 183 -17.92 -87.26 -5.26
C ILE L 183 -17.44 -86.49 -4.04
N ALA L 184 -17.83 -85.22 -3.94
CA ALA L 184 -17.43 -84.38 -2.82
C ALA L 184 -18.37 -83.20 -2.64
N THR L 185 -18.75 -82.93 -1.40
CA THR L 185 -19.73 -81.88 -1.12
C THR L 185 -19.32 -80.52 -1.69
N LEU L 186 -20.13 -80.02 -2.61
CA LEU L 186 -19.90 -78.72 -3.23
C LEU L 186 -20.23 -77.58 -2.27
N THR L 187 -19.24 -76.75 -1.97
CA THR L 187 -19.43 -75.62 -1.06
C THR L 187 -18.81 -74.35 -1.64
N THR L 188 -19.63 -73.35 -1.89
CA THR L 188 -19.14 -72.08 -2.38
C THR L 188 -18.94 -71.07 -1.24
N SER L 189 -17.72 -70.59 -1.10
CA SER L 189 -17.40 -69.54 -0.14
C SER L 189 -18.44 -68.42 -0.18
N PRO L 190 -18.72 -67.84 0.99
CA PRO L 190 -19.62 -66.69 1.10
C PRO L 190 -19.18 -65.56 0.18
N PHE L 191 -20.10 -65.06 -0.63
CA PHE L 191 -19.81 -63.92 -1.50
C PHE L 191 -20.72 -62.76 -1.14
N PHE L 192 -20.14 -61.63 -0.77
CA PHE L 192 -20.93 -60.48 -0.30
C PHE L 192 -21.18 -59.49 -1.43
N PHE L 193 -22.35 -58.84 -1.38
CA PHE L 193 -22.70 -57.86 -2.40
C PHE L 193 -23.60 -56.77 -1.86
N SER L 194 -24.03 -55.88 -2.74
CA SER L 194 -24.95 -54.79 -2.40
C SER L 194 -25.64 -54.27 -3.65
N TYR L 195 -26.88 -53.86 -3.50
CA TYR L 195 -27.60 -53.23 -4.59
C TYR L 195 -28.58 -52.19 -4.09
N ILE L 196 -28.83 -51.20 -4.94
CA ILE L 196 -29.79 -50.14 -4.62
C ILE L 196 -31.19 -50.74 -4.52
N ARG L 197 -31.81 -50.61 -3.35
CA ARG L 197 -33.07 -51.29 -3.09
C ARG L 197 -34.29 -50.45 -3.42
N GLU L 198 -35.41 -51.14 -3.61
CA GLU L 198 -36.70 -50.50 -3.83
C GLU L 198 -37.13 -49.79 -2.55
N ASP L 199 -38.02 -48.80 -2.69
CA ASP L 199 -38.49 -48.04 -1.53
C ASP L 199 -39.64 -48.73 -0.82
N ASP L 200 -39.78 -48.45 0.48
CA ASP L 200 -40.81 -49.08 1.32
C ASP L 200 -42.21 -48.91 0.69
N ASN L 201 -42.47 -47.71 0.17
CA ASN L 201 -43.70 -47.41 -0.56
C ASN L 201 -43.87 -48.28 -1.81
CA CYS M 1 80.65 4.51 -38.45
C CYS M 1 80.40 4.99 -37.03
N GLU M 2 79.74 6.13 -36.91
CA GLU M 2 79.40 6.69 -35.60
C GLU M 2 77.96 7.19 -35.59
N GLU M 3 77.56 7.84 -34.50
CA GLU M 3 76.22 8.40 -34.39
C GLU M 3 75.68 8.86 -35.74
N PRO M 4 74.54 8.32 -36.15
CA PRO M 4 73.94 8.68 -37.44
C PRO M 4 73.53 10.15 -37.45
N PRO M 5 73.43 10.75 -38.64
CA PRO M 5 73.13 12.18 -38.77
C PRO M 5 71.86 12.54 -38.01
N THR M 6 71.78 13.76 -37.52
CA THR M 6 70.55 14.26 -36.92
C THR M 6 69.84 15.20 -37.88
N PHE M 7 68.52 15.32 -37.74
CA PHE M 7 67.74 16.15 -38.65
C PHE M 7 66.72 16.96 -37.87
N GLU M 8 66.08 17.90 -38.57
CA GLU M 8 65.05 18.73 -37.97
C GLU M 8 63.69 18.04 -37.95
N ALA M 9 63.31 17.46 -39.08
CA ALA M 9 61.98 16.87 -39.22
C ALA M 9 61.86 15.46 -38.66
N MET M 10 62.86 14.61 -38.91
CA MET M 10 62.84 13.22 -38.46
C MET M 10 63.92 12.95 -37.41
N GLU M 11 63.68 11.95 -36.56
CA GLU M 11 64.68 11.54 -35.58
C GLU M 11 65.01 10.05 -35.74
N LEU M 12 65.93 9.57 -34.92
CA LEU M 12 66.35 8.18 -34.98
C LEU M 12 65.34 7.25 -34.33
N ILE M 13 65.27 6.01 -34.81
CA ILE M 13 64.45 4.99 -34.17
C ILE M 13 65.33 4.01 -33.40
N GLY M 14 65.22 4.02 -32.07
CA GLY M 14 65.94 3.08 -31.23
C GLY M 14 67.22 3.62 -30.62
N LYS M 15 67.80 2.83 -29.70
CA LYS M 15 69.02 3.23 -29.00
C LYS M 15 70.16 3.54 -29.96
N PRO M 16 70.70 4.77 -29.88
CA PRO M 16 71.84 5.18 -30.72
C PRO M 16 73.13 4.47 -30.29
N LYS M 17 73.62 3.57 -31.14
CA LYS M 17 74.88 2.86 -30.88
C LYS M 17 76.06 3.80 -31.09
N PRO M 18 77.12 3.61 -30.29
CA PRO M 18 78.33 4.44 -30.40
C PRO M 18 79.11 4.11 -31.67
N TYR M 19 78.95 2.88 -32.15
CA TYR M 19 79.62 2.43 -33.35
C TYR M 19 78.75 1.48 -34.17
N TYR M 20 78.48 1.86 -35.41
CA TYR M 20 77.74 1.00 -36.34
C TYR M 20 78.68 0.34 -37.33
N GLU M 21 78.36 -0.88 -37.75
CA GLU M 21 79.22 -1.60 -38.72
C GLU M 21 78.85 -1.29 -40.17
N ILE M 22 79.67 -1.75 -41.10
CA ILE M 22 79.38 -1.60 -42.52
C ILE M 22 78.27 -2.56 -42.92
N GLY M 23 77.27 -2.05 -43.64
CA GLY M 23 76.16 -2.87 -44.10
C GLY M 23 74.87 -2.69 -43.31
N GLU M 24 74.98 -2.46 -42.00
CA GLU M 24 73.81 -2.31 -41.15
C GLU M 24 72.96 -1.10 -41.56
N ARG M 25 71.65 -1.18 -41.27
CA ARG M 25 70.70 -0.13 -41.63
C ARG M 25 70.19 0.64 -40.42
N VAL M 26 70.03 1.94 -40.58
CA VAL M 26 69.45 2.77 -39.54
C VAL M 26 68.19 3.48 -40.07
N ASP M 27 67.11 3.43 -39.30
CA ASP M 27 65.83 3.99 -39.73
C ASP M 27 65.43 5.23 -38.96
N TYR M 28 64.70 6.12 -39.63
CA TYR M 28 64.19 7.32 -38.99
C TYR M 28 62.66 7.34 -39.02
N LYS M 29 62.09 8.11 -38.09
CA LYS M 29 60.65 8.37 -38.07
C LYS M 29 60.47 9.87 -37.92
N CYS M 30 59.37 10.40 -38.43
CA CYS M 30 59.12 11.83 -38.34
C CYS M 30 58.91 12.28 -36.90
N LYS M 31 59.37 13.47 -36.58
CA LYS M 31 59.24 14.00 -35.23
C LYS M 31 57.80 14.41 -34.94
N LYS M 32 57.48 14.57 -33.66
CA LYS M 32 56.19 15.10 -33.26
C LYS M 32 55.96 16.41 -34.01
N GLY M 33 54.88 16.49 -34.75
CA GLY M 33 54.57 17.70 -35.50
C GLY M 33 54.74 17.55 -37.00
N TYR M 34 55.52 16.56 -37.41
CA TYR M 34 55.73 16.30 -38.82
C TYR M 34 55.09 14.97 -39.23
N PHE M 35 54.76 14.84 -40.51
CA PHE M 35 54.21 13.58 -41.02
C PHE M 35 54.88 13.16 -42.32
N TYR M 36 54.92 11.84 -42.57
CA TYR M 36 55.67 11.27 -43.68
C TYR M 36 54.86 11.14 -44.97
N ILE M 37 55.52 11.42 -46.09
CA ILE M 37 54.93 11.23 -47.41
C ILE M 37 55.88 10.48 -48.34
N PRO M 38 55.40 9.38 -48.93
CA PRO M 38 56.20 8.57 -49.85
C PRO M 38 56.73 9.37 -51.05
N PRO M 39 57.70 8.80 -51.78
CA PRO M 39 58.36 7.56 -51.41
C PRO M 39 59.84 7.80 -51.07
N LEU M 40 60.16 9.04 -50.68
CA LEU M 40 61.52 9.41 -50.28
C LEU M 40 62.01 8.52 -49.15
N ALA M 41 63.31 8.32 -49.03
CA ALA M 41 63.77 7.36 -48.02
C ALA M 41 63.70 7.91 -46.60
N THR M 42 63.57 7.02 -45.62
CA THR M 42 63.64 7.42 -44.22
C THR M 42 64.71 6.59 -43.48
N HIS M 43 65.64 6.03 -44.24
CA HIS M 43 66.70 5.22 -43.67
C HIS M 43 68.04 5.57 -44.30
N THR M 44 69.06 4.78 -43.95
CA THR M 44 70.40 4.97 -44.47
C THR M 44 71.32 3.83 -44.02
N ILE M 45 72.42 3.65 -44.75
CA ILE M 45 73.31 2.53 -44.50
C ILE M 45 74.76 3.00 -44.39
N CYS M 46 75.58 2.20 -43.70
CA CYS M 46 77.01 2.44 -43.61
C CYS M 46 77.72 1.87 -44.85
N ASP M 47 78.21 2.77 -45.71
CA ASP M 47 78.82 2.37 -46.99
C ASP M 47 80.17 1.67 -46.83
N ARG M 48 80.72 1.18 -47.94
CA ARG M 48 81.99 0.45 -47.92
C ARG M 48 83.09 1.22 -47.19
N ASN M 49 82.94 2.54 -47.14
CA ASN M 49 83.81 3.40 -46.33
C ASN M 49 83.36 3.33 -44.87
N HIS M 50 83.45 4.45 -44.15
CA HIS M 50 82.93 4.54 -42.80
C HIS M 50 82.16 5.84 -42.58
N THR M 51 81.39 6.20 -43.61
CA THR M 51 80.44 7.31 -43.53
C THR M 51 79.05 6.78 -43.87
N TRP M 52 78.04 7.60 -43.63
CA TRP M 52 76.67 7.21 -43.94
C TRP M 52 76.29 7.60 -45.37
N LEU M 53 75.35 6.87 -45.96
CA LEU M 53 74.84 7.22 -47.28
C LEU M 53 74.15 8.58 -47.24
N PRO M 54 73.85 9.13 -48.42
CA PRO M 54 73.07 10.38 -48.46
C PRO M 54 71.72 10.14 -47.81
N VAL M 55 71.11 11.19 -47.29
CA VAL M 55 69.79 11.07 -46.66
C VAL M 55 69.28 12.42 -46.18
N SER M 56 68.01 12.70 -46.46
CA SER M 56 67.41 13.98 -46.06
C SER M 56 66.08 13.77 -45.35
N ASP M 57 65.64 14.81 -44.65
CA ASP M 57 64.36 14.78 -43.97
C ASP M 57 63.28 15.40 -44.83
N ASP M 58 63.45 15.31 -46.15
CA ASP M 58 62.46 15.82 -47.09
C ASP M 58 61.20 14.95 -47.06
N ALA M 59 61.37 13.70 -46.65
CA ALA M 59 60.27 12.77 -46.55
C ALA M 59 59.25 13.22 -45.50
N CYS M 60 59.69 14.11 -44.61
CA CYS M 60 58.82 14.60 -43.55
C CYS M 60 58.39 16.05 -43.79
N TYR M 61 57.08 16.27 -43.75
CA TYR M 61 56.54 17.61 -43.96
C TYR M 61 55.93 18.15 -42.68
N ARG M 62 55.72 19.46 -42.64
CA ARG M 62 55.08 20.09 -41.52
C ARG M 62 53.57 19.87 -41.57
N GLU M 63 52.99 19.58 -40.42
CA GLU M 63 51.55 19.41 -40.31
C GLU M 63 50.81 20.62 -40.88
N THR M 64 49.62 20.38 -41.44
CA THR M 64 48.82 21.44 -42.02
C THR M 64 47.46 21.53 -41.37
N CYS M 65 46.92 22.75 -41.34
CA CYS M 65 45.55 22.97 -40.90
C CYS M 65 44.57 22.79 -42.05
N PRO M 66 43.31 22.51 -41.73
CA PRO M 66 42.30 22.24 -42.77
C PRO M 66 42.10 23.44 -43.69
N TYR M 67 41.68 23.17 -44.93
CA TYR M 67 41.38 24.23 -45.87
C TYR M 67 40.22 25.09 -45.37
N ILE M 68 40.29 26.39 -45.65
CA ILE M 68 39.22 27.31 -45.23
C ILE M 68 38.63 28.07 -46.42
N ARG M 69 37.37 27.80 -46.75
CA ARG M 69 36.70 28.47 -47.87
C ARG M 69 36.46 29.93 -47.53
N ASP M 70 36.54 30.79 -48.55
CA ASP M 70 36.26 32.21 -48.38
C ASP M 70 34.87 32.34 -47.75
N PRO M 71 34.77 33.14 -46.68
CA PRO M 71 33.45 33.33 -46.08
C PRO M 71 32.50 33.82 -47.15
N LEU M 72 31.23 33.46 -47.07
CA LEU M 72 30.29 33.95 -48.07
C LEU M 72 30.33 35.48 -48.07
N ASN M 73 30.36 36.07 -49.27
CA ASN M 73 30.47 37.51 -49.42
C ASN M 73 31.76 38.08 -48.84
N GLY M 74 32.75 37.21 -48.68
CA GLY M 74 34.03 37.59 -48.12
C GLY M 74 35.21 37.00 -48.86
N GLN M 75 36.31 36.77 -48.13
CA GLN M 75 37.54 36.32 -48.74
C GLN M 75 38.55 35.90 -47.67
N ALA M 76 38.98 34.65 -47.73
CA ALA M 76 39.93 34.10 -46.77
C ALA M 76 41.32 33.88 -47.37
N VAL M 77 42.24 34.79 -47.08
CA VAL M 77 43.60 34.72 -47.63
C VAL M 77 44.63 34.40 -46.55
N PRO M 78 45.47 33.38 -46.80
CA PRO M 78 46.53 33.07 -45.84
C PRO M 78 47.50 34.25 -45.76
N ALA M 79 47.79 34.70 -44.54
CA ALA M 79 48.58 35.91 -44.32
C ALA M 79 50.06 35.63 -44.47
N ASN M 80 50.39 34.36 -44.68
CA ASN M 80 51.76 33.96 -44.92
C ASN M 80 51.81 32.94 -46.05
N GLY M 81 50.62 32.54 -46.50
CA GLY M 81 50.47 31.59 -47.59
C GLY M 81 51.03 30.22 -47.26
N THR M 82 50.36 29.46 -46.38
CA THR M 82 51.00 28.24 -45.90
C THR M 82 50.10 27.10 -45.39
N TYR M 83 49.18 27.40 -44.48
CA TYR M 83 48.45 26.33 -43.81
C TYR M 83 49.40 25.44 -43.02
N GLU M 84 50.63 25.90 -42.83
CA GLU M 84 51.60 25.18 -42.00
C GLU M 84 51.55 25.70 -40.57
N PHE M 85 51.62 24.79 -39.60
CA PHE M 85 51.48 25.18 -38.21
C PHE M 85 52.49 26.25 -37.83
N GLY M 86 51.98 27.36 -37.29
CA GLY M 86 52.81 28.51 -36.95
C GLY M 86 52.31 29.76 -37.65
N TYR M 87 51.83 29.59 -38.87
CA TYR M 87 51.42 30.74 -39.68
C TYR M 87 49.91 30.96 -39.62
N GLN M 88 49.45 32.16 -39.94
CA GLN M 88 48.04 32.48 -39.75
C GLN M 88 47.28 32.88 -41.00
N MET M 89 45.99 33.17 -40.80
CA MET M 89 45.03 33.40 -41.88
C MET M 89 44.30 34.72 -41.68
N HIS M 90 44.22 35.52 -42.74
CA HIS M 90 43.62 36.85 -42.68
C HIS M 90 42.25 36.85 -43.37
N PHE M 91 41.30 37.61 -42.85
CA PHE M 91 39.96 37.67 -43.43
C PHE M 91 39.57 39.08 -43.86
N ILE M 92 39.12 39.22 -45.09
CA ILE M 92 38.68 40.51 -45.60
C ILE M 92 37.27 40.42 -46.17
N CYS M 93 36.45 41.41 -45.86
CA CYS M 93 35.06 41.42 -46.32
C CYS M 93 34.89 42.33 -47.53
N ASN M 94 34.12 41.85 -48.51
CA ASN M 94 33.90 42.55 -49.77
C ASN M 94 33.29 43.94 -49.61
N GLU M 95 32.98 44.58 -50.74
CA GLU M 95 32.36 45.90 -50.73
C GLU M 95 30.93 45.79 -50.21
N GLY M 96 30.55 46.70 -49.32
CA GLY M 96 29.21 46.73 -48.78
C GLY M 96 28.99 45.66 -47.73
N TYR M 97 30.09 45.12 -47.20
CA TYR M 97 30.02 44.09 -46.17
C TYR M 97 31.01 44.37 -45.04
N TYR M 98 30.71 43.82 -43.87
CA TYR M 98 31.58 43.99 -42.70
C TYR M 98 31.77 42.68 -41.95
N LEU M 99 32.95 42.50 -41.36
CA LEU M 99 33.30 41.25 -40.70
C LEU M 99 32.77 41.24 -39.28
N ILE M 100 32.39 40.06 -38.81
CA ILE M 100 32.10 39.86 -37.39
C ILE M 100 32.95 38.72 -36.81
N GLY M 101 33.81 39.06 -35.84
CA GLY M 101 34.52 38.07 -35.04
C GLY M 101 35.85 37.52 -35.53
N GLU M 102 36.93 38.24 -35.24
CA GLU M 102 38.29 37.75 -35.49
C GLU M 102 38.72 37.78 -36.96
N GLU M 103 39.33 38.87 -37.40
CA GLU M 103 39.78 38.97 -38.78
C GLU M 103 41.10 38.23 -38.99
N ILE M 104 41.62 37.61 -37.93
CA ILE M 104 42.78 36.74 -38.04
C ILE M 104 42.65 35.49 -37.18
N LEU M 105 42.99 34.36 -37.76
CA LEU M 105 42.98 33.08 -37.06
C LEU M 105 44.34 32.46 -37.12
N TYR M 106 44.81 31.91 -36.00
CA TYR M 106 46.12 31.27 -35.97
C TYR M 106 45.99 29.79 -36.28
N CYS M 107 46.99 29.25 -36.97
CA CYS M 107 47.08 27.82 -37.17
C CYS M 107 48.08 27.28 -36.16
N GLU M 108 47.58 26.92 -34.99
CA GLU M 108 48.45 26.46 -33.91
C GLU M 108 48.53 24.94 -33.90
N LEU M 109 49.60 24.43 -33.30
CA LEU M 109 49.75 22.98 -33.17
C LEU M 109 49.33 22.52 -31.79
N LYS M 110 48.28 21.71 -31.74
CA LYS M 110 47.82 21.16 -30.47
C LYS M 110 47.98 19.65 -30.45
N GLY M 111 49.00 19.17 -29.76
CA GLY M 111 49.31 17.76 -29.70
C GLY M 111 50.03 17.29 -30.94
N SER M 112 49.38 16.44 -31.73
CA SER M 112 49.95 15.93 -32.96
C SER M 112 49.18 16.48 -34.15
N VAL M 113 48.12 17.24 -33.87
CA VAL M 113 47.25 17.76 -34.91
C VAL M 113 47.37 19.26 -34.97
N ALA M 114 47.34 19.80 -36.18
CA ALA M 114 47.36 21.24 -36.38
C ALA M 114 45.94 21.73 -36.62
N ILE M 115 45.50 22.70 -35.82
CA ILE M 115 44.14 23.21 -35.90
C ILE M 115 44.09 24.73 -35.90
N TRP M 116 42.92 25.27 -36.22
CA TRP M 116 42.70 26.71 -36.21
C TRP M 116 42.25 27.21 -34.84
N SER M 117 42.78 28.35 -34.43
CA SER M 117 42.50 28.90 -33.11
C SER M 117 41.17 29.64 -33.06
N GLY M 118 40.19 29.19 -33.83
CA GLY M 118 38.90 29.84 -33.84
C GLY M 118 38.01 29.51 -35.03
N LYS M 119 36.75 29.94 -34.94
CA LYS M 119 35.79 29.71 -36.00
C LYS M 119 35.89 30.84 -37.01
N PRO M 120 35.98 30.50 -38.30
CA PRO M 120 36.06 31.51 -39.36
C PRO M 120 34.95 32.53 -39.19
N PRO M 121 35.23 33.81 -39.46
CA PRO M 121 34.29 34.91 -39.26
C PRO M 121 33.19 34.95 -40.30
N ILE M 122 32.23 35.85 -40.09
CA ILE M 122 31.12 36.05 -41.01
C ILE M 122 31.27 37.38 -41.74
N CYS M 123 30.81 37.43 -42.98
CA CYS M 123 30.74 38.70 -43.70
C CYS M 123 29.30 39.18 -43.83
N GLU M 124 28.98 40.26 -43.12
CA GLU M 124 27.60 40.74 -43.01
C GLU M 124 27.26 41.89 -43.96
N LYS M 125 25.98 42.04 -44.29
CA LYS M 125 25.54 42.82 -45.43
C LYS M 125 25.43 44.33 -45.25
N VAL M 126 25.69 44.83 -44.05
CA VAL M 126 25.58 46.26 -43.77
C VAL M 126 24.14 46.76 -43.92
N CYS N 1 -2.81 9.30 -71.24
CA CYS N 1 -3.44 10.13 -70.23
C CYS N 1 -2.54 11.31 -69.87
N GLU N 2 -2.76 11.87 -68.69
CA GLU N 2 -1.96 12.98 -68.21
C GLU N 2 -1.61 12.80 -66.75
N GLU N 3 -1.00 13.82 -66.14
CA GLU N 3 -0.62 13.75 -64.73
C GLU N 3 -1.63 12.93 -63.94
N PRO N 4 -1.15 11.89 -63.25
CA PRO N 4 -2.03 11.03 -62.46
C PRO N 4 -2.65 11.82 -61.32
N PRO N 5 -3.79 11.35 -60.80
CA PRO N 5 -4.52 12.07 -59.75
C PRO N 5 -3.62 12.34 -58.55
N THR N 6 -3.87 13.43 -57.84
CA THR N 6 -3.17 13.72 -56.59
C THR N 6 -4.07 13.40 -55.41
N PHE N 7 -3.47 13.10 -54.27
CA PHE N 7 -4.23 12.73 -53.08
C PHE N 7 -3.68 13.40 -51.84
N GLU N 8 -4.42 13.29 -50.74
CA GLU N 8 -3.97 13.86 -49.47
C GLU N 8 -3.01 12.93 -48.74
N ALA N 9 -3.36 11.64 -48.66
CA ALA N 9 -2.59 10.69 -47.88
C ALA N 9 -1.37 10.13 -48.61
N MET N 10 -1.53 9.79 -49.89
CA MET N 10 -0.43 9.21 -50.66
C MET N 10 0.01 10.14 -51.79
N GLU N 11 1.26 9.98 -52.23
CA GLU N 11 1.78 10.74 -53.35
C GLU N 11 2.31 9.80 -54.43
N LEU N 12 2.76 10.38 -55.53
CA LEU N 12 3.27 9.59 -56.65
C LEU N 12 4.68 9.08 -56.38
N ILE N 13 5.02 7.93 -56.97
CA ILE N 13 6.39 7.42 -56.93
C ILE N 13 7.10 7.65 -58.26
N GLY N 14 8.09 8.53 -58.27
CA GLY N 14 8.89 8.75 -59.47
C GLY N 14 8.51 9.99 -60.26
N LYS N 15 9.34 10.31 -61.25
CA LYS N 15 9.14 11.50 -62.08
C LYS N 15 7.79 11.46 -62.78
N PRO N 16 6.96 12.48 -62.55
CA PRO N 16 5.65 12.59 -63.20
C PRO N 16 5.79 12.89 -64.69
N LYS N 17 5.43 11.93 -65.54
CA LYS N 17 5.48 12.11 -66.99
C LYS N 17 4.32 13.00 -67.43
N PRO N 18 4.53 13.81 -68.48
CA PRO N 18 3.50 14.70 -69.01
C PRO N 18 2.42 13.92 -69.74
N TYR N 19 2.79 12.74 -70.24
CA TYR N 19 1.85 11.88 -70.96
C TYR N 19 2.13 10.41 -70.69
N TYR N 20 1.13 9.72 -70.16
CA TYR N 20 1.25 8.30 -69.94
C TYR N 20 0.55 7.53 -71.04
N GLU N 21 1.21 6.47 -71.47
CA GLU N 21 0.73 5.65 -72.55
C GLU N 21 -0.57 4.97 -72.13
N ILE N 22 -1.12 4.16 -73.01
CA ILE N 22 -2.38 3.49 -72.74
C ILE N 22 -2.09 2.08 -72.22
N GLY N 23 -2.36 1.87 -70.94
CA GLY N 23 -2.05 0.59 -70.30
C GLY N 23 -0.87 0.69 -69.35
N GLU N 24 -0.29 1.88 -69.26
CA GLU N 24 0.86 2.14 -68.39
C GLU N 24 0.44 2.24 -66.93
N ARG N 25 1.29 1.76 -66.03
CA ARG N 25 0.95 1.66 -64.63
C ARG N 25 1.64 2.70 -63.77
N VAL N 26 0.96 3.18 -62.73
CA VAL N 26 1.51 4.19 -61.85
C VAL N 26 1.29 3.81 -60.40
N ASP N 27 2.33 3.92 -59.59
CA ASP N 27 2.26 3.52 -58.19
C ASP N 27 2.33 4.70 -57.21
N TYR N 28 1.67 4.53 -56.06
CA TYR N 28 1.72 5.55 -55.01
C TYR N 28 2.33 5.00 -53.73
N LYS N 29 2.85 5.91 -52.91
CA LYS N 29 3.35 5.56 -51.58
C LYS N 29 2.73 6.56 -50.61
N CYS N 30 2.56 6.16 -49.37
CA CYS N 30 1.96 7.03 -48.38
C CYS N 30 2.87 8.22 -48.07
N LYS N 31 2.27 9.37 -47.80
CA LYS N 31 3.04 10.59 -47.51
C LYS N 31 3.65 10.53 -46.13
N LYS N 32 4.63 11.39 -45.87
CA LYS N 32 5.21 11.52 -44.54
C LYS N 32 4.06 11.78 -43.57
N GLY N 33 3.92 10.93 -42.56
CA GLY N 33 2.85 11.08 -41.58
C GLY N 33 1.76 10.03 -41.69
N TYR N 34 1.67 9.39 -42.85
CA TYR N 34 0.69 8.33 -43.03
C TYR N 34 1.37 6.98 -43.21
N PHE N 35 0.67 5.90 -42.91
CA PHE N 35 1.20 4.57 -43.12
C PHE N 35 0.18 3.66 -43.82
N TYR N 36 0.69 2.66 -44.55
CA TYR N 36 -0.13 1.81 -45.40
C TYR N 36 -0.67 0.55 -44.70
N ILE N 37 -1.92 0.21 -45.00
CA ILE N 37 -2.53 -1.02 -44.52
C ILE N 37 -3.22 -1.77 -45.65
N PRO N 38 -2.86 -3.05 -45.83
CA PRO N 38 -3.45 -3.91 -46.86
C PRO N 38 -4.98 -4.00 -46.76
N PRO N 39 -5.61 -4.51 -47.82
CA PRO N 39 -4.95 -4.83 -49.09
C PRO N 39 -5.48 -3.92 -50.20
N LEU N 40 -5.99 -2.75 -49.79
CA LEU N 40 -6.49 -1.75 -50.73
C LEU N 40 -5.44 -1.30 -51.74
N ALA N 41 -5.93 -0.68 -52.82
CA ALA N 41 -5.08 -0.28 -53.93
C ALA N 41 -4.21 0.93 -53.64
N THR N 42 -3.01 0.90 -54.20
CA THR N 42 -2.09 2.03 -54.15
C THR N 42 -1.79 2.48 -55.56
N HIS N 43 -2.20 1.69 -56.54
CA HIS N 43 -1.86 1.99 -57.94
C HIS N 43 -3.08 2.40 -58.77
N THR N 44 -2.80 2.77 -60.02
CA THR N 44 -3.82 3.02 -61.02
C THR N 44 -3.21 2.79 -62.41
N ILE N 45 -4.06 2.50 -63.38
CA ILE N 45 -3.59 2.24 -64.73
C ILE N 45 -4.42 3.03 -65.74
N CYS N 46 -3.85 3.25 -66.92
CA CYS N 46 -4.53 3.97 -67.99
C CYS N 46 -5.43 3.04 -68.80
N ASP N 47 -6.74 3.20 -68.64
CA ASP N 47 -7.72 2.30 -69.26
C ASP N 47 -7.81 2.46 -70.78
N ARG N 48 -8.59 1.59 -71.41
CA ARG N 48 -8.74 1.60 -72.87
C ARG N 48 -9.10 2.99 -73.40
N ASN N 49 -9.68 3.82 -72.55
CA ASN N 49 -9.93 5.21 -72.87
C ASN N 49 -8.64 6.00 -72.66
N HIS N 50 -8.75 7.23 -72.16
CA HIS N 50 -7.59 8.02 -71.78
C HIS N 50 -7.79 8.70 -70.43
N THR N 51 -8.40 7.96 -69.50
CA THR N 51 -8.54 8.39 -68.13
C THR N 51 -7.91 7.32 -67.25
N TRP N 52 -7.74 7.62 -65.96
CA TRP N 52 -7.17 6.67 -65.02
C TRP N 52 -8.25 5.81 -64.36
N LEU N 53 -7.88 4.61 -63.95
CA LEU N 53 -8.82 3.74 -63.24
C LEU N 53 -9.23 4.39 -61.92
N PRO N 54 -10.25 3.84 -61.26
CA PRO N 54 -10.60 4.33 -59.93
C PRO N 54 -9.43 4.13 -58.98
N VAL N 55 -9.34 4.94 -57.94
CA VAL N 55 -8.26 4.78 -56.97
C VAL N 55 -8.41 5.78 -55.83
N SER N 56 -8.20 5.32 -54.61
CA SER N 56 -8.33 6.18 -53.44
C SER N 56 -7.15 6.05 -52.50
N ASP N 57 -7.00 7.04 -51.63
CA ASP N 57 -5.93 7.00 -50.63
C ASP N 57 -6.43 6.43 -49.32
N ASP N 58 -7.41 5.52 -49.40
CA ASP N 58 -7.96 4.85 -48.22
C ASP N 58 -6.94 3.87 -47.67
N ALA N 59 -6.05 3.42 -48.54
CA ALA N 59 -5.00 2.48 -48.14
C ALA N 59 -4.05 3.11 -47.13
N CYS N 60 -4.05 4.45 -47.08
CA CYS N 60 -3.17 5.18 -46.18
C CYS N 60 -3.94 5.77 -44.99
N TYR N 61 -3.48 5.46 -43.78
CA TYR N 61 -4.10 5.98 -42.57
C TYR N 61 -3.20 7.01 -41.88
N ARG N 62 -3.79 7.84 -41.03
CA ARG N 62 -3.05 8.90 -40.34
C ARG N 62 -2.20 8.36 -39.21
N GLU N 63 -1.11 9.05 -38.92
CA GLU N 63 -0.22 8.65 -37.83
C GLU N 63 -0.92 8.84 -36.50
N THR N 64 -0.82 7.83 -35.64
CA THR N 64 -1.45 7.89 -34.33
C THR N 64 -0.46 8.29 -33.24
N CYS N 65 -0.97 8.98 -32.23
CA CYS N 65 -0.19 9.30 -31.05
C CYS N 65 -0.26 8.14 -30.06
N PRO N 66 0.71 8.07 -29.14
CA PRO N 66 0.78 6.96 -28.18
C PRO N 66 -0.43 6.92 -27.25
N TYR N 67 -0.76 5.74 -26.75
CA TYR N 67 -1.85 5.59 -25.80
C TYR N 67 -1.57 6.35 -24.52
N ILE N 68 -2.60 6.93 -23.92
CA ILE N 68 -2.47 7.68 -22.67
C ILE N 68 -3.37 7.13 -21.56
N ARG N 69 -2.77 6.56 -20.53
CA ARG N 69 -3.52 5.99 -19.43
C ARG N 69 -4.19 7.09 -18.62
N ASP N 70 -5.37 6.82 -18.09
CA ASP N 70 -6.05 7.76 -17.23
C ASP N 70 -5.12 8.16 -16.10
N PRO N 71 -4.95 9.47 -15.86
CA PRO N 71 -4.09 9.89 -14.76
C PRO N 71 -4.57 9.22 -13.49
N LEU N 72 -3.67 8.91 -12.57
CA LEU N 72 -4.11 8.31 -11.33
C LEU N 72 -5.14 9.22 -10.66
N ASN N 73 -6.22 8.63 -10.18
CA ASN N 73 -7.31 9.39 -9.57
C ASN N 73 -7.96 10.35 -10.55
N GLY N 74 -7.78 10.08 -11.84
CA GLY N 74 -8.35 10.92 -12.89
C GLY N 74 -8.97 10.13 -14.02
N GLN N 75 -8.93 10.70 -15.22
CA GLN N 75 -9.60 10.10 -16.37
C GLN N 75 -9.19 10.82 -17.65
N ALA N 76 -8.64 10.08 -18.60
CA ALA N 76 -8.18 10.65 -19.87
C ALA N 76 -9.05 10.21 -21.03
N VAL N 77 -9.93 11.11 -21.47
CA VAL N 77 -10.86 10.79 -22.55
C VAL N 77 -10.53 11.57 -23.82
N PRO N 78 -10.42 10.86 -24.96
CA PRO N 78 -10.19 11.57 -26.23
C PRO N 78 -11.43 12.45 -26.53
N ALA N 79 -11.22 13.73 -26.82
CA ALA N 79 -12.33 14.69 -26.95
C ALA N 79 -12.90 14.75 -28.37
N ASN N 80 -12.02 14.72 -29.37
CA ASN N 80 -12.44 14.49 -30.74
C ASN N 80 -12.46 12.97 -31.00
N GLY N 81 -11.63 12.25 -30.26
CA GLY N 81 -11.71 10.79 -30.16
C GLY N 81 -11.08 9.97 -31.28
N THR N 82 -9.87 10.32 -31.71
CA THR N 82 -9.25 9.66 -32.86
C THR N 82 -7.85 9.09 -32.60
N TYR N 83 -7.02 9.84 -31.87
CA TYR N 83 -5.59 9.50 -31.69
C TYR N 83 -4.73 9.79 -32.92
N GLU N 84 -5.38 9.88 -34.08
CA GLU N 84 -4.73 10.37 -35.28
C GLU N 84 -4.32 11.81 -35.06
N PHE N 85 -3.24 12.25 -35.70
CA PHE N 85 -2.84 13.63 -35.58
C PHE N 85 -3.97 14.53 -36.05
N GLY N 86 -4.12 15.65 -35.34
CA GLY N 86 -5.16 16.63 -35.63
C GLY N 86 -6.12 16.76 -34.47
N TYR N 87 -6.46 15.64 -33.86
CA TYR N 87 -7.48 15.62 -32.81
C TYR N 87 -6.85 15.61 -31.43
N GLN N 88 -7.62 16.03 -30.42
CA GLN N 88 -7.04 16.21 -29.08
C GLN N 88 -7.65 15.35 -27.98
N MET N 89 -7.11 15.53 -26.77
CA MET N 89 -7.41 14.70 -25.61
C MET N 89 -7.80 15.56 -24.41
N HIS N 90 -8.91 15.22 -23.77
CA HIS N 90 -9.44 15.98 -22.64
C HIS N 90 -9.18 15.25 -21.31
N PHE N 91 -8.91 16.01 -20.25
CA PHE N 91 -8.62 15.40 -18.96
C PHE N 91 -9.59 15.87 -17.88
N ILE N 92 -10.18 14.93 -17.17
CA ILE N 92 -11.11 15.25 -16.09
C ILE N 92 -10.67 14.57 -14.80
N CYS N 93 -10.74 15.31 -13.69
CA CYS N 93 -10.34 14.78 -12.39
C CYS N 93 -11.54 14.33 -11.57
N ASN N 94 -11.41 13.17 -10.92
CA ASN N 94 -12.50 12.58 -10.15
C ASN N 94 -13.01 13.46 -9.02
N GLU N 95 -13.93 12.92 -8.22
CA GLU N 95 -14.49 13.64 -7.09
C GLU N 95 -13.44 13.80 -6.01
N GLY N 96 -13.33 14.99 -5.47
CA GLY N 96 -12.38 15.28 -4.41
C GLY N 96 -10.96 15.43 -4.92
N TYR N 97 -10.84 15.67 -6.22
CA TYR N 97 -9.54 15.85 -6.85
C TYR N 97 -9.55 17.03 -7.82
N TYR N 98 -8.37 17.60 -8.06
CA TYR N 98 -8.25 18.72 -8.98
C TYR N 98 -7.05 18.56 -9.90
N LEU N 99 -7.17 19.05 -11.12
CA LEU N 99 -6.14 18.89 -12.14
C LEU N 99 -5.05 19.93 -12.00
N ILE N 100 -3.82 19.56 -12.32
CA ILE N 100 -2.73 20.52 -12.45
C ILE N 100 -2.06 20.42 -13.82
N GLY N 101 -2.15 21.49 -14.61
CA GLY N 101 -1.40 21.61 -15.85
C GLY N 101 -1.97 21.07 -17.14
N GLU N 102 -2.81 21.86 -17.79
CA GLU N 102 -3.28 21.53 -19.14
C GLU N 102 -4.35 20.45 -19.20
N GLU N 103 -5.61 20.84 -19.14
CA GLU N 103 -6.70 19.86 -19.20
C GLU N 103 -6.98 19.41 -20.63
N ILE N 104 -6.22 19.95 -21.57
CA ILE N 104 -6.27 19.47 -22.95
C ILE N 104 -4.89 19.39 -23.59
N LEU N 105 -4.66 18.27 -24.28
CA LEU N 105 -3.41 18.06 -24.99
C LEU N 105 -3.71 17.81 -26.46
N TYR N 106 -2.94 18.44 -27.34
CA TYR N 106 -3.13 18.23 -28.77
C TYR N 106 -2.27 17.07 -29.27
N CYS N 107 -2.80 16.34 -30.23
CA CYS N 107 -2.02 15.33 -30.93
C CYS N 107 -1.56 15.94 -32.25
N GLU N 108 -0.40 16.59 -32.23
CA GLU N 108 0.11 17.27 -33.41
C GLU N 108 1.08 16.38 -34.19
N LEU N 109 1.23 16.67 -35.47
CA LEU N 109 2.16 15.93 -36.31
C LEU N 109 3.47 16.70 -36.43
N LYS N 110 4.54 16.12 -35.91
CA LYS N 110 5.86 16.74 -36.03
C LYS N 110 6.80 15.86 -36.86
N GLY N 111 7.02 16.27 -38.10
CA GLY N 111 7.84 15.50 -39.02
C GLY N 111 7.07 14.32 -39.59
N SER N 112 7.52 13.12 -39.25
CA SER N 112 6.88 11.90 -39.72
C SER N 112 6.21 11.19 -38.55
N VAL N 113 6.38 11.76 -37.36
CA VAL N 113 5.85 11.16 -36.14
C VAL N 113 4.75 12.02 -35.55
N ALA N 114 3.72 11.37 -35.04
CA ALA N 114 2.63 12.06 -34.35
C ALA N 114 2.87 12.00 -32.85
N ILE N 115 2.91 13.15 -32.20
CA ILE N 115 3.19 13.21 -30.77
C ILE N 115 2.22 14.11 -30.02
N TRP N 116 2.24 14.04 -28.69
CA TRP N 116 1.41 14.88 -27.85
C TRP N 116 2.09 16.20 -27.52
N SER N 117 1.31 17.29 -27.55
CA SER N 117 1.85 18.61 -27.33
C SER N 117 2.02 18.93 -25.85
N GLY N 118 2.34 17.93 -25.06
CA GLY N 118 2.53 18.16 -23.63
C GLY N 118 2.52 16.92 -22.77
N LYS N 119 2.90 17.08 -21.52
CA LYS N 119 2.92 15.98 -20.58
C LYS N 119 1.56 15.87 -19.91
N PRO N 120 1.00 14.66 -19.88
CA PRO N 120 -0.30 14.44 -19.27
C PRO N 120 -0.34 15.07 -17.87
N PRO N 121 -1.49 15.63 -17.48
CA PRO N 121 -1.64 16.35 -16.20
C PRO N 121 -1.72 15.41 -15.00
N ILE N 122 -1.72 15.99 -13.82
CA ILE N 122 -1.84 15.25 -12.58
C ILE N 122 -3.21 15.49 -11.95
N CYS N 123 -3.74 14.47 -11.27
CA CYS N 123 -4.95 14.66 -10.46
C CYS N 123 -4.63 14.67 -8.97
N GLU N 124 -4.75 15.85 -8.36
CA GLU N 124 -4.34 16.05 -6.97
C GLU N 124 -5.48 15.94 -5.95
N LYS N 125 -5.13 15.62 -4.71
CA LYS N 125 -6.10 15.12 -3.73
C LYS N 125 -6.93 16.16 -2.97
N VAL N 126 -6.68 17.45 -3.22
CA VAL N 126 -7.41 18.52 -2.53
C VAL N 126 -7.12 18.49 -1.03
N CYS O 1 13.35 -33.94 8.50
CA CYS O 1 13.67 -32.80 9.35
C CYS O 1 12.62 -31.70 9.19
N GLU O 2 13.00 -30.47 9.53
CA GLU O 2 12.11 -29.33 9.41
C GLU O 2 12.87 -28.15 8.83
N GLU O 3 12.22 -26.99 8.78
CA GLU O 3 12.85 -25.78 8.25
C GLU O 3 14.34 -25.75 8.57
N PRO O 4 15.17 -25.63 7.53
CA PRO O 4 16.63 -25.60 7.70
C PRO O 4 17.05 -24.37 8.50
N PRO O 5 18.21 -24.44 9.15
CA PRO O 5 18.68 -23.35 10.01
C PRO O 5 18.68 -22.02 9.26
N THR O 6 18.49 -20.92 9.96
CA THR O 6 18.64 -19.60 9.36
C THR O 6 19.95 -18.98 9.81
N PHE O 7 20.46 -18.07 9.00
CA PHE O 7 21.74 -17.43 9.30
C PHE O 7 21.70 -15.94 9.05
N GLU O 8 22.76 -15.25 9.47
CA GLU O 8 22.85 -13.81 9.24
C GLU O 8 23.38 -13.48 7.85
N ALA O 9 24.46 -14.16 7.46
CA ALA O 9 25.14 -13.85 6.20
C ALA O 9 24.49 -14.49 4.98
N MET O 10 24.11 -15.75 5.07
CA MET O 10 23.52 -16.48 3.95
C MET O 10 22.06 -16.84 4.21
N GLU O 11 21.29 -16.99 3.13
CA GLU O 11 19.90 -17.43 3.26
C GLU O 11 19.66 -18.70 2.44
N LEU O 12 18.44 -19.21 2.50
CA LEU O 12 18.09 -20.44 1.80
C LEU O 12 17.88 -20.18 0.30
N ILE O 13 18.14 -21.21 -0.52
CA ILE O 13 17.83 -21.14 -1.94
C ILE O 13 16.58 -21.97 -2.25
N GLY O 14 15.50 -21.30 -2.61
CA GLY O 14 14.28 -22.00 -3.01
C GLY O 14 13.21 -22.10 -1.95
N LYS O 15 12.03 -22.57 -2.34
CA LYS O 15 10.89 -22.69 -1.43
C LYS O 15 11.24 -23.57 -0.24
N PRO O 16 11.10 -23.03 0.98
CA PRO O 16 11.33 -23.80 2.21
C PRO O 16 10.23 -24.83 2.44
N LYS O 17 10.58 -26.11 2.34
CA LYS O 17 9.64 -27.20 2.57
C LYS O 17 9.39 -27.38 4.07
N PRO O 18 8.17 -27.77 4.44
CA PRO O 18 7.81 -27.95 5.84
C PRO O 18 8.47 -29.18 6.41
N TYR O 19 8.79 -30.12 5.54
CA TYR O 19 9.43 -31.37 5.95
C TYR O 19 10.41 -31.88 4.90
N TYR O 20 11.68 -32.02 5.30
CA TYR O 20 12.70 -32.56 4.42
C TYR O 20 13.01 -34.00 4.80
N GLU O 21 13.44 -34.80 3.82
CA GLU O 21 13.72 -36.21 4.07
C GLU O 21 15.20 -36.50 4.30
N ILE O 22 15.48 -37.71 4.79
CA ILE O 22 16.85 -38.13 5.12
C ILE O 22 17.75 -38.18 3.88
N GLY O 23 18.89 -37.52 3.95
CA GLY O 23 19.83 -37.51 2.84
C GLY O 23 19.58 -36.38 1.86
N GLU O 24 18.46 -35.69 2.03
CA GLU O 24 18.11 -34.57 1.17
C GLU O 24 19.00 -33.37 1.47
N ARG O 25 19.52 -32.75 0.41
CA ARG O 25 20.43 -31.62 0.55
C ARG O 25 19.70 -30.30 0.44
N VAL O 26 20.24 -29.30 1.10
CA VAL O 26 19.73 -27.93 1.04
C VAL O 26 20.90 -26.96 0.87
N ASP O 27 20.75 -26.01 -0.07
CA ASP O 27 21.82 -25.10 -0.40
C ASP O 27 21.53 -23.66 0.05
N TYR O 28 22.58 -22.93 0.37
CA TYR O 28 22.45 -21.52 0.75
C TYR O 28 23.22 -20.63 -0.22
N LYS O 29 22.80 -19.37 -0.27
CA LYS O 29 23.51 -18.34 -1.02
C LYS O 29 23.69 -17.14 -0.12
N CYS O 30 24.74 -16.37 -0.34
CA CYS O 30 25.01 -15.22 0.51
C CYS O 30 23.93 -14.15 0.34
N LYS O 31 23.62 -13.44 1.42
CA LYS O 31 22.58 -12.42 1.39
C LYS O 31 23.09 -11.19 0.68
N LYS O 32 22.16 -10.32 0.27
CA LYS O 32 22.52 -9.03 -0.29
C LYS O 32 23.46 -8.32 0.68
N GLY O 33 24.65 -7.95 0.21
CA GLY O 33 25.63 -7.29 1.05
C GLY O 33 26.80 -8.15 1.42
N TYR O 34 26.64 -9.47 1.33
CA TYR O 34 27.73 -10.40 1.61
C TYR O 34 28.19 -11.11 0.33
N PHE O 35 29.43 -11.58 0.32
CA PHE O 35 29.94 -12.35 -0.82
C PHE O 35 30.70 -13.60 -0.37
N TYR O 36 30.71 -14.62 -1.22
CA TYR O 36 31.20 -15.95 -0.86
C TYR O 36 32.68 -16.15 -1.18
N ILE O 37 33.37 -16.84 -0.28
CA ILE O 37 34.77 -17.19 -0.48
C ILE O 37 35.00 -18.67 -0.16
N PRO O 38 35.57 -19.41 -1.12
CA PRO O 38 35.86 -20.83 -0.97
C PRO O 38 36.75 -21.12 0.24
N PRO O 39 36.84 -22.40 0.63
CA PRO O 39 36.01 -23.47 0.07
C PRO O 39 35.06 -24.01 1.13
N LEU O 40 34.75 -23.18 2.13
CA LEU O 40 33.84 -23.53 3.20
C LEU O 40 32.46 -23.95 2.70
N ALA O 41 31.76 -24.66 3.57
CA ALA O 41 30.45 -25.21 3.28
C ALA O 41 29.39 -24.13 3.13
N THR O 42 28.48 -24.35 2.20
CA THR O 42 27.31 -23.49 2.05
C THR O 42 26.09 -24.38 1.82
N HIS O 43 26.04 -25.48 2.56
CA HIS O 43 24.91 -26.40 2.49
C HIS O 43 24.89 -27.33 3.70
N THR O 44 23.76 -28.00 3.90
CA THR O 44 23.67 -29.03 4.93
C THR O 44 22.83 -30.18 4.38
N ILE O 45 22.77 -31.28 5.12
CA ILE O 45 22.11 -32.49 4.66
C ILE O 45 21.51 -33.25 5.83
N CYS O 46 20.27 -33.71 5.66
CA CYS O 46 19.55 -34.39 6.73
C CYS O 46 20.18 -35.73 7.09
N ASP O 47 20.82 -35.79 8.25
CA ASP O 47 21.58 -36.98 8.67
C ASP O 47 20.68 -38.17 9.02
N ARG O 48 21.31 -39.31 9.30
CA ARG O 48 20.57 -40.54 9.59
C ARG O 48 19.54 -40.34 10.69
N ASN O 49 19.75 -39.32 11.53
CA ASN O 49 18.76 -38.90 12.51
C ASN O 49 17.71 -38.03 11.82
N HIS O 50 17.22 -37.02 12.51
CA HIS O 50 16.31 -36.06 11.90
C HIS O 50 16.71 -34.62 12.28
N THR O 51 18.01 -34.39 12.27
CA THR O 51 18.56 -33.05 12.45
C THR O 51 19.44 -32.75 11.25
N TRP O 52 19.85 -31.50 11.11
CA TRP O 52 20.71 -31.10 10.00
C TRP O 52 22.17 -31.22 10.38
N LEU O 53 23.03 -31.42 9.38
CA LEU O 53 24.46 -31.48 9.62
C LEU O 53 24.96 -30.14 10.14
N PRO O 54 26.21 -30.11 10.63
CA PRO O 54 26.80 -28.83 11.02
C PRO O 54 26.86 -27.91 9.80
N VAL O 55 26.85 -26.60 10.03
CA VAL O 55 26.94 -25.64 8.94
C VAL O 55 26.98 -24.22 9.46
N SER O 56 27.85 -23.39 8.88
CA SER O 56 27.99 -22.01 9.32
C SER O 56 27.98 -21.05 8.14
N ASP O 57 27.76 -19.78 8.43
CA ASP O 57 27.78 -18.76 7.40
C ASP O 57 29.15 -18.08 7.34
N ASP O 58 30.18 -18.83 7.69
CA ASP O 58 31.55 -18.31 7.65
C ASP O 58 32.00 -18.15 6.21
N ALA O 59 31.36 -18.91 5.32
CA ALA O 59 31.69 -18.87 3.91
C ALA O 59 31.33 -17.51 3.32
N CYS O 60 30.50 -16.77 4.03
CA CYS O 60 30.06 -15.45 3.57
C CYS O 60 30.71 -14.33 4.37
N TYR O 61 31.33 -13.39 3.65
CA TYR O 61 31.98 -12.25 4.29
C TYR O 61 31.27 -10.97 3.96
N ARG O 62 31.63 -9.91 4.68
CA ARG O 62 31.07 -8.61 4.43
C ARG O 62 31.75 -8.02 3.21
N GLU O 63 31.00 -7.25 2.43
CA GLU O 63 31.55 -6.55 1.28
C GLU O 63 32.58 -5.53 1.74
N THR O 64 33.69 -5.43 1.01
CA THR O 64 34.77 -4.54 1.41
C THR O 64 34.81 -3.28 0.57
N CYS O 65 35.28 -2.19 1.17
CA CYS O 65 35.48 -0.95 0.44
C CYS O 65 36.87 -0.96 -0.18
N PRO O 66 37.08 -0.13 -1.21
CA PRO O 66 38.36 -0.09 -1.92
C PRO O 66 39.52 0.34 -1.03
N TYR O 67 40.72 -0.10 -1.37
CA TYR O 67 41.91 0.28 -0.62
C TYR O 67 42.14 1.79 -0.73
N ILE O 68 42.63 2.39 0.34
CA ILE O 68 42.91 3.83 0.36
C ILE O 68 44.36 4.12 0.73
N ARG O 69 45.12 4.64 -0.22
CA ARG O 69 46.52 4.96 0.02
C ARG O 69 46.65 6.13 0.98
N ASP O 70 47.70 6.11 1.81
CA ASP O 70 47.97 7.23 2.71
C ASP O 70 48.03 8.52 1.89
N PRO O 71 47.31 9.56 2.31
CA PRO O 71 47.36 10.83 1.58
C PRO O 71 48.82 11.26 1.51
N LEU O 72 49.20 11.94 0.43
CA LEU O 72 50.58 12.38 0.33
C LEU O 72 50.89 13.24 1.54
N ASN O 73 52.05 13.02 2.15
CA ASN O 73 52.47 13.73 3.36
C ASN O 73 51.53 13.47 4.52
N GLY O 74 50.79 12.37 4.44
CA GLY O 74 49.83 12.02 5.47
C GLY O 74 49.85 10.55 5.83
N GLN O 75 48.70 10.03 6.24
CA GLN O 75 48.63 8.66 6.75
C GLN O 75 47.18 8.23 6.93
N ALA O 76 46.78 7.16 6.23
CA ALA O 76 45.40 6.67 6.28
C ALA O 76 45.31 5.35 7.04
N VAL O 77 44.84 5.42 8.28
CA VAL O 77 44.74 4.24 9.14
C VAL O 77 43.31 3.83 9.40
N PRO O 78 42.97 2.55 9.17
CA PRO O 78 41.61 2.09 9.48
C PRO O 78 41.32 2.06 10.97
N ALA O 79 40.05 2.20 11.32
CA ALA O 79 39.58 2.19 12.70
C ALA O 79 39.33 0.79 13.24
N ASN O 80 38.78 -0.09 12.41
CA ASN O 80 38.41 -1.43 12.87
C ASN O 80 38.74 -2.59 11.91
N GLY O 81 37.86 -2.84 10.95
CA GLY O 81 37.96 -4.02 10.09
C GLY O 81 38.61 -3.83 8.73
N THR O 82 38.81 -4.95 8.02
CA THR O 82 39.57 -4.99 6.75
C THR O 82 38.94 -4.18 5.60
N TYR O 83 38.45 -2.98 5.93
CA TYR O 83 37.72 -2.14 4.99
C TYR O 83 36.32 -2.72 4.80
N GLU O 84 35.93 -3.56 5.77
CA GLU O 84 34.59 -4.15 5.82
C GLU O 84 33.55 -3.06 6.03
N PHE O 85 32.38 -3.22 5.42
CA PHE O 85 31.33 -2.22 5.57
C PHE O 85 30.86 -2.14 7.02
N GLY O 86 30.54 -0.93 7.47
CA GLY O 86 30.15 -0.69 8.84
C GLY O 86 31.24 0.07 9.57
N TYR O 87 32.49 -0.25 9.26
CA TYR O 87 33.62 0.31 9.99
C TYR O 87 34.25 1.47 9.22
N GLN O 88 34.99 2.33 9.91
CA GLN O 88 35.46 3.55 9.27
C GLN O 88 36.97 3.72 9.25
N MET O 89 37.40 4.83 8.66
CA MET O 89 38.80 5.11 8.38
C MET O 89 39.21 6.47 8.93
N HIS O 90 40.33 6.51 9.63
CA HIS O 90 40.83 7.73 10.26
C HIS O 90 42.02 8.31 9.50
N PHE O 91 42.12 9.63 9.43
CA PHE O 91 43.22 10.29 8.71
C PHE O 91 44.05 11.19 9.62
N ILE O 92 45.36 11.01 9.56
CA ILE O 92 46.27 11.83 10.35
C ILE O 92 47.34 12.45 9.47
N CYS O 93 47.62 13.73 9.70
CA CYS O 93 48.62 14.43 8.90
C CYS O 93 49.95 14.53 9.63
N ASN O 94 51.03 14.31 8.89
CA ASN O 94 52.39 14.29 9.44
C ASN O 94 52.81 15.60 10.13
N GLU O 95 54.07 15.65 10.55
CA GLU O 95 54.58 16.85 11.19
C GLU O 95 54.71 17.97 10.16
N GLY O 96 54.30 19.17 10.55
CA GLY O 96 54.36 20.33 9.68
C GLY O 96 53.30 20.32 8.60
N TYR O 97 52.27 19.52 8.80
CA TYR O 97 51.18 19.43 7.84
C TYR O 97 49.82 19.47 8.55
N TYR O 98 48.78 19.86 7.81
CA TYR O 98 47.44 19.92 8.35
C TYR O 98 46.41 19.37 7.35
N LEU O 99 45.37 18.75 7.88
CA LEU O 99 44.38 18.08 7.06
C LEU O 99 43.34 19.08 6.56
N ILE O 100 42.82 18.85 5.36
CA ILE O 100 41.65 19.57 4.87
C ILE O 100 40.55 18.59 4.46
N GLY O 101 39.41 18.66 5.15
CA GLY O 101 38.19 17.97 4.74
C GLY O 101 37.94 16.54 5.20
N GLU O 102 37.40 16.39 6.40
CA GLU O 102 36.92 15.09 6.87
C GLU O 102 38.04 14.16 7.31
N GLU O 103 38.39 14.21 8.60
CA GLU O 103 39.44 13.33 9.10
C GLU O 103 38.93 11.92 9.36
N ILE O 104 37.65 11.69 9.08
CA ILE O 104 37.07 10.35 9.14
C ILE O 104 36.11 10.09 7.98
N LEU O 105 36.25 8.92 7.37
CA LEU O 105 35.36 8.50 6.30
C LEU O 105 34.70 7.19 6.67
N TYR O 106 33.40 7.08 6.43
CA TYR O 106 32.70 5.86 6.73
C TYR O 106 32.71 4.92 5.53
N CYS O 107 32.79 3.62 5.81
CA CYS O 107 32.60 2.61 4.78
C CYS O 107 31.18 2.10 4.88
N GLU O 108 30.28 2.75 4.17
CA GLU O 108 28.86 2.41 4.21
C GLU O 108 28.48 1.46 3.07
N LEU O 109 27.40 0.72 3.28
CA LEU O 109 26.91 -0.18 2.25
C LEU O 109 25.77 0.46 1.48
N LYS O 110 25.99 0.70 0.19
CA LYS O 110 24.95 1.27 -0.67
C LYS O 110 24.56 0.27 -1.75
N GLY O 111 23.40 -0.37 -1.55
CA GLY O 111 22.92 -1.38 -2.48
C GLY O 111 23.61 -2.70 -2.26
N SER O 112 24.39 -3.12 -3.26
CA SER O 112 25.13 -4.38 -3.18
C SER O 112 26.63 -4.08 -3.09
N VAL O 113 26.99 -2.80 -3.20
CA VAL O 113 28.38 -2.40 -3.19
C VAL O 113 28.71 -1.61 -1.93
N ALA O 114 29.89 -1.85 -1.40
CA ALA O 114 30.38 -1.10 -0.25
C ALA O 114 31.28 0.03 -0.71
N ILE O 115 30.97 1.26 -0.31
CA ILE O 115 31.73 2.42 -0.76
C ILE O 115 32.07 3.35 0.38
N TRP O 116 32.95 4.31 0.11
CA TRP O 116 33.36 5.30 1.10
C TRP O 116 32.44 6.52 1.06
N SER O 117 32.11 7.04 2.24
CA SER O 117 31.18 8.15 2.34
C SER O 117 31.85 9.49 2.09
N GLY O 118 32.86 9.51 1.22
CA GLY O 118 33.55 10.75 0.94
C GLY O 118 34.90 10.61 0.27
N LYS O 119 35.43 11.73 -0.19
CA LYS O 119 36.72 11.75 -0.87
C LYS O 119 37.82 11.89 0.18
N PRO O 120 38.85 11.03 0.11
CA PRO O 120 39.96 11.09 1.05
C PRO O 120 40.49 12.51 1.14
N PRO O 121 40.88 12.95 2.35
CA PRO O 121 41.33 14.32 2.60
C PRO O 121 42.73 14.61 2.07
N ILE O 122 43.13 15.87 2.14
CA ILE O 122 44.45 16.30 1.71
C ILE O 122 45.31 16.65 2.91
N CYS O 123 46.61 16.40 2.81
CA CYS O 123 47.54 16.88 3.82
C CYS O 123 48.37 18.07 3.33
N GLU O 124 48.11 19.25 3.89
CA GLU O 124 48.70 20.50 3.40
C GLU O 124 49.92 20.95 4.18
N LYS O 125 50.77 21.75 3.53
CA LYS O 125 52.15 21.97 3.99
C LYS O 125 52.36 23.04 5.07
N VAL O 126 51.29 23.70 5.50
CA VAL O 126 51.39 24.76 6.51
C VAL O 126 52.23 25.94 6.01
N CYS P 1 -10.06 39.79 40.71
CA CYS P 1 -10.77 38.53 40.60
C CYS P 1 -9.80 37.41 40.22
N GLU P 2 -10.30 36.40 39.54
CA GLU P 2 -9.47 35.32 39.01
C GLU P 2 -9.00 35.67 37.59
N GLU P 3 -8.23 34.76 36.97
CA GLU P 3 -7.72 34.98 35.63
C GLU P 3 -8.83 35.46 34.67
N PRO P 4 -8.52 36.45 33.83
CA PRO P 4 -9.46 36.91 32.81
C PRO P 4 -9.75 35.79 31.82
N PRO P 5 -10.95 35.81 31.20
CA PRO P 5 -11.33 34.75 30.27
C PRO P 5 -10.30 34.55 29.16
N THR P 6 -10.25 33.34 28.60
CA THR P 6 -9.43 33.10 27.42
C THR P 6 -10.33 33.09 26.19
N PHE P 7 -9.75 33.35 25.02
CA PHE P 7 -10.52 33.35 23.78
C PHE P 7 -9.73 32.66 22.69
N GLU P 8 -10.38 32.41 21.55
CA GLU P 8 -9.71 31.71 20.46
C GLU P 8 -9.06 32.67 19.45
N ALA P 9 -9.49 33.93 19.48
CA ALA P 9 -9.01 34.92 18.53
C ALA P 9 -8.11 35.99 19.16
N MET P 10 -8.26 36.21 20.46
CA MET P 10 -7.46 37.23 21.15
C MET P 10 -6.87 36.70 22.45
N GLU P 11 -5.62 37.09 22.73
CA GLU P 11 -4.95 36.67 23.95
C GLU P 11 -4.74 37.86 24.88
N LEU P 12 -4.13 37.61 26.03
CA LEU P 12 -3.92 38.67 27.03
C LEU P 12 -2.71 39.52 26.69
N ILE P 13 -2.71 40.76 27.16
CA ILE P 13 -1.55 41.64 27.03
C ILE P 13 -0.84 41.78 28.36
N GLY P 14 0.38 41.27 28.45
CA GLY P 14 1.19 41.40 29.65
C GLY P 14 1.09 40.21 30.58
N LYS P 15 1.59 40.39 31.80
CA LYS P 15 1.60 39.32 32.80
C LYS P 15 0.20 38.97 33.30
N PRO P 16 -0.11 37.67 33.40
CA PRO P 16 -1.39 37.18 33.92
C PRO P 16 -1.41 37.14 35.45
N LYS P 17 -2.12 38.09 36.08
CA LYS P 17 -2.17 38.21 37.53
C LYS P 17 -3.15 37.21 38.15
N PRO P 18 -2.78 36.63 39.30
CA PRO P 18 -3.62 35.67 40.04
C PRO P 18 -4.88 36.32 40.59
N TYR P 19 -4.73 37.53 41.12
CA TYR P 19 -5.86 38.27 41.65
C TYR P 19 -5.78 39.73 41.21
N TYR P 20 -6.88 40.24 40.66
CA TYR P 20 -6.96 41.62 40.23
C TYR P 20 -7.79 42.44 41.21
N GLU P 21 -8.01 43.72 40.88
CA GLU P 21 -8.73 44.63 41.75
C GLU P 21 -10.11 44.95 41.18
N ILE P 22 -10.74 45.98 41.72
CA ILE P 22 -12.05 46.42 41.24
C ILE P 22 -11.89 47.70 40.41
N GLY P 23 -12.62 47.78 39.30
CA GLY P 23 -12.53 48.92 38.41
C GLY P 23 -11.29 48.87 37.52
N GLU P 24 -10.47 47.85 37.73
CA GLU P 24 -9.22 47.68 36.99
C GLU P 24 -9.49 47.06 35.61
N ARG P 25 -8.83 47.58 34.58
CA ARG P 25 -8.99 47.08 33.23
C ARG P 25 -7.79 46.24 32.76
N VAL P 26 -8.08 45.12 32.10
CA VAL P 26 -7.04 44.32 31.47
C VAL P 26 -7.34 44.17 29.97
N ASP P 27 -6.30 44.30 29.14
CA ASP P 27 -6.47 44.38 27.68
C ASP P 27 -6.11 43.10 26.93
N TYR P 28 -6.73 42.92 25.78
CA TYR P 28 -6.41 41.81 24.88
C TYR P 28 -5.87 42.31 23.56
N LYS P 29 -5.06 41.49 22.90
CA LYS P 29 -4.61 41.75 21.52
C LYS P 29 -4.92 40.53 20.67
N CYS P 30 -5.07 40.74 19.36
CA CYS P 30 -5.41 39.66 18.45
C CYS P 30 -4.26 38.66 18.27
N LYS P 31 -4.60 37.37 18.27
CA LYS P 31 -3.60 36.33 18.10
C LYS P 31 -3.03 36.35 16.68
N LYS P 32 -1.83 35.78 16.53
CA LYS P 32 -1.25 35.58 15.20
C LYS P 32 -2.29 34.99 14.26
N GLY P 33 -2.49 35.64 13.12
CA GLY P 33 -3.43 35.15 12.12
C GLY P 33 -4.74 35.90 12.12
N TYR P 34 -4.97 36.72 13.15
CA TYR P 34 -6.18 37.52 13.22
C TYR P 34 -5.82 39.01 13.22
N PHE P 35 -6.76 39.85 12.80
CA PHE P 35 -6.57 41.29 12.85
C PHE P 35 -7.80 42.03 13.37
N TYR P 36 -7.58 43.19 13.97
CA TYR P 36 -8.64 43.91 14.67
C TYR P 36 -9.37 44.91 13.78
N ILE P 37 -10.68 45.00 13.97
CA ILE P 37 -11.48 46.01 13.30
C ILE P 37 -12.40 46.71 14.30
N PRO P 38 -12.35 48.05 14.34
CA PRO P 38 -13.23 48.82 15.22
C PRO P 38 -14.71 48.51 14.95
N PRO P 39 -15.60 48.96 15.84
CA PRO P 39 -15.23 49.64 17.08
C PRO P 39 -15.44 48.78 18.34
N LEU P 40 -15.69 47.48 18.18
CA LEU P 40 -15.89 46.59 19.32
C LEU P 40 -14.71 46.69 20.29
N ALA P 41 -14.85 46.13 21.48
CA ALA P 41 -13.80 46.31 22.46
C ALA P 41 -12.80 45.15 22.48
N THR P 42 -11.62 45.43 23.04
CA THR P 42 -10.59 44.40 23.20
C THR P 42 -10.18 44.33 24.68
N HIS P 43 -10.95 44.99 25.54
CA HIS P 43 -10.64 45.05 26.96
C HIS P 43 -11.85 44.68 27.83
N THR P 44 -11.62 44.60 29.13
CA THR P 44 -12.68 44.29 30.08
C THR P 44 -12.26 44.68 31.49
N ILE P 45 -13.25 45.06 32.31
CA ILE P 45 -13.00 45.56 33.66
C ILE P 45 -13.45 44.56 34.73
N CYS P 46 -12.95 44.74 35.95
CA CYS P 46 -13.43 43.94 37.09
C CYS P 46 -14.41 44.77 37.92
N ASP P 47 -15.71 44.60 37.65
CA ASP P 47 -16.74 45.42 38.30
C ASP P 47 -16.97 45.03 39.76
N ARG P 48 -17.91 45.73 40.41
CA ARG P 48 -18.19 45.55 41.83
C ARG P 48 -18.34 44.08 42.22
N ASN P 49 -19.14 43.35 41.46
CA ASN P 49 -19.48 41.95 41.75
C ASN P 49 -18.28 41.00 41.83
N HIS P 50 -17.08 41.55 41.65
CA HIS P 50 -15.85 40.75 41.59
C HIS P 50 -15.91 39.72 40.45
N THR P 51 -16.44 40.17 39.31
CA THR P 51 -16.53 39.35 38.11
C THR P 51 -16.17 40.17 36.87
N TRP P 52 -15.76 39.49 35.80
CA TRP P 52 -15.32 40.16 34.57
C TRP P 52 -16.48 40.60 33.67
N LEU P 53 -16.49 41.86 33.28
CA LEU P 53 -17.53 42.42 32.43
C LEU P 53 -17.70 41.63 31.12
N PRO P 54 -18.71 41.99 30.30
CA PRO P 54 -18.92 41.31 29.02
C PRO P 54 -17.73 41.52 28.09
N VAL P 55 -17.40 40.50 27.30
CA VAL P 55 -16.23 40.58 26.43
C VAL P 55 -16.24 39.47 25.39
N SER P 56 -16.06 39.84 24.13
CA SER P 56 -16.08 38.88 23.03
C SER P 56 -14.90 39.04 22.08
N ASP P 57 -14.42 37.93 21.55
CA ASP P 57 -13.36 37.97 20.54
C ASP P 57 -13.97 38.18 19.15
N ASP P 58 -14.85 39.17 19.06
CA ASP P 58 -15.55 39.46 17.82
C ASP P 58 -14.87 40.62 17.10
N ALA P 59 -14.07 41.38 17.84
CA ALA P 59 -13.31 42.45 17.24
C ALA P 59 -12.19 41.87 16.39
N CYS P 60 -11.81 40.64 16.71
CA CYS P 60 -10.74 39.98 15.97
C CYS P 60 -11.26 39.13 14.83
N TYR P 61 -11.12 39.63 13.60
CA TYR P 61 -11.49 38.87 12.43
C TYR P 61 -10.31 38.05 11.93
N ARG P 62 -10.61 37.02 11.15
CA ARG P 62 -9.59 36.11 10.67
C ARG P 62 -8.97 36.61 9.38
N GLU P 63 -7.66 36.47 9.25
CA GLU P 63 -6.92 36.95 8.09
C GLU P 63 -7.48 36.40 6.77
N THR P 64 -7.58 37.27 5.77
CA THR P 64 -8.05 36.85 4.45
C THR P 64 -6.97 36.92 3.40
N CYS P 65 -7.27 36.39 2.22
CA CYS P 65 -6.38 36.47 1.09
C CYS P 65 -6.91 37.47 0.08
N PRO P 66 -6.02 38.00 -0.78
CA PRO P 66 -6.41 38.99 -1.78
C PRO P 66 -7.54 38.50 -2.68
N TYR P 67 -8.38 39.41 -3.13
CA TYR P 67 -9.43 39.06 -4.07
C TYR P 67 -8.81 38.49 -5.33
N ILE P 68 -9.40 37.42 -5.85
CA ILE P 68 -8.91 36.83 -7.09
C ILE P 68 -9.93 36.99 -8.21
N ARG P 69 -9.60 37.82 -9.19
CA ARG P 69 -10.49 38.13 -10.30
C ARG P 69 -10.74 36.88 -11.16
N ASP P 70 -11.95 36.77 -11.70
CA ASP P 70 -12.26 35.68 -12.61
C ASP P 70 -11.23 35.66 -13.72
N PRO P 71 -10.60 34.50 -13.96
CA PRO P 71 -9.63 34.38 -15.06
C PRO P 71 -10.32 34.78 -16.35
N LEU P 72 -9.60 35.42 -17.25
CA LEU P 72 -10.20 35.79 -18.52
C LEU P 72 -10.72 34.53 -19.22
N ASN P 73 -12.00 34.57 -19.62
CA ASN P 73 -12.64 33.43 -20.28
C ASN P 73 -12.88 32.27 -19.34
N GLY P 74 -12.64 32.50 -18.05
CA GLY P 74 -12.86 31.49 -17.02
C GLY P 74 -13.69 32.02 -15.87
N GLN P 75 -13.46 31.48 -14.68
CA GLN P 75 -14.26 31.85 -13.52
C GLN P 75 -13.63 31.37 -12.22
N ALA P 76 -13.42 32.31 -11.30
CA ALA P 76 -12.88 31.99 -9.98
C ALA P 76 -14.01 31.87 -8.96
N VAL P 77 -14.23 30.66 -8.46
CA VAL P 77 -15.28 30.43 -7.49
C VAL P 77 -14.72 29.92 -6.16
N PRO P 78 -14.86 30.72 -5.10
CA PRO P 78 -14.44 30.25 -3.78
C PRO P 78 -15.17 28.95 -3.47
N ALA P 79 -14.43 27.85 -3.48
CA ALA P 79 -15.02 26.53 -3.38
C ALA P 79 -15.52 26.28 -1.98
N ASN P 80 -15.01 27.06 -1.05
CA ASN P 80 -15.47 26.95 0.32
C ASN P 80 -16.20 28.21 0.77
N GLY P 81 -16.67 28.99 -0.20
CA GLY P 81 -17.52 30.13 0.05
C GLY P 81 -16.92 31.26 0.86
N THR P 82 -15.60 31.32 0.93
CA THR P 82 -14.95 32.34 1.74
C THR P 82 -13.57 32.69 1.20
N TYR P 83 -12.94 33.67 1.83
CA TYR P 83 -11.59 34.11 1.48
C TYR P 83 -10.68 34.08 2.70
N GLU P 84 -11.15 33.47 3.78
CA GLU P 84 -10.36 33.30 4.99
C GLU P 84 -9.25 32.30 4.73
N PHE P 85 -8.25 32.26 5.60
CA PHE P 85 -7.21 31.27 5.42
C PHE P 85 -7.72 29.86 5.77
N GLY P 86 -7.13 28.85 5.13
CA GLY P 86 -7.51 27.48 5.38
C GLY P 86 -8.43 26.95 4.32
N TYR P 87 -8.85 27.83 3.41
CA TYR P 87 -9.84 27.45 2.42
C TYR P 87 -9.35 27.60 0.98
N GLN P 88 -10.06 26.99 0.04
CA GLN P 88 -9.58 26.89 -1.33
C GLN P 88 -10.33 27.77 -2.30
N MET P 89 -9.75 27.93 -3.48
CA MET P 89 -10.35 28.63 -4.60
C MET P 89 -10.40 27.69 -5.79
N HIS P 90 -11.54 27.66 -6.49
CA HIS P 90 -11.72 26.75 -7.61
C HIS P 90 -11.70 27.52 -8.91
N PHE P 91 -11.16 26.91 -9.97
CA PHE P 91 -11.11 27.56 -11.27
C PHE P 91 -11.77 26.71 -12.34
N ILE P 92 -12.70 27.30 -13.08
CA ILE P 92 -13.36 26.58 -14.16
C ILE P 92 -13.39 27.43 -15.41
N CYS P 93 -13.09 26.79 -16.54
CA CYS P 93 -13.03 27.51 -17.79
C CYS P 93 -14.31 27.34 -18.61
N ASN P 94 -14.81 28.46 -19.13
CA ASN P 94 -16.02 28.47 -19.94
C ASN P 94 -15.93 27.49 -21.11
N GLU P 95 -17.08 27.15 -21.69
CA GLU P 95 -17.11 26.26 -22.84
C GLU P 95 -16.27 26.90 -23.95
N GLY P 96 -15.52 26.07 -24.66
CA GLY P 96 -14.66 26.56 -25.72
C GLY P 96 -13.27 26.92 -25.24
N TYR P 97 -13.08 26.87 -23.92
CA TYR P 97 -11.79 27.18 -23.32
C TYR P 97 -11.36 26.07 -22.36
N TYR P 98 -10.04 25.90 -22.19
CA TYR P 98 -9.52 24.91 -21.27
C TYR P 98 -8.50 25.52 -20.32
N LEU P 99 -8.36 24.91 -19.14
CA LEU P 99 -7.51 25.46 -18.10
C LEU P 99 -6.07 24.97 -18.23
N ILE P 100 -5.12 25.83 -17.88
CA ILE P 100 -3.73 25.41 -17.76
C ILE P 100 -3.17 25.76 -16.38
N GLY P 101 -2.78 24.74 -15.63
CA GLY P 101 -2.03 24.90 -14.38
C GLY P 101 -2.77 25.15 -13.08
N GLU P 102 -3.31 24.10 -12.49
CA GLU P 102 -3.90 24.16 -11.14
C GLU P 102 -5.32 24.72 -11.07
N GLU P 103 -6.32 23.84 -11.00
CA GLU P 103 -7.69 24.31 -10.87
C GLU P 103 -8.07 24.60 -9.42
N ILE P 104 -7.10 24.46 -8.52
CA ILE P 104 -7.32 24.76 -7.11
C ILE P 104 -6.11 25.44 -6.50
N LEU P 105 -6.35 26.51 -5.74
CA LEU P 105 -5.29 27.20 -5.03
C LEU P 105 -5.62 27.24 -3.56
N TYR P 106 -4.66 26.85 -2.73
CA TYR P 106 -4.85 26.90 -1.29
C TYR P 106 -4.53 28.28 -0.75
N CYS P 107 -5.36 28.76 0.17
CA CYS P 107 -5.12 30.02 0.84
C CYS P 107 -4.54 29.75 2.21
N GLU P 108 -3.22 29.61 2.27
CA GLU P 108 -2.57 29.25 3.52
C GLU P 108 -2.11 30.49 4.28
N LEU P 109 -1.81 30.32 5.55
CA LEU P 109 -1.30 31.39 6.37
C LEU P 109 0.21 31.26 6.52
N LYS P 110 0.96 32.07 5.80
CA LYS P 110 2.41 32.03 5.89
C LYS P 110 2.93 33.23 6.68
N GLY P 111 3.32 32.98 7.93
CA GLY P 111 3.78 34.04 8.80
C GLY P 111 2.62 34.78 9.45
N SER P 112 2.55 36.09 9.20
CA SER P 112 1.45 36.91 9.72
C SER P 112 0.45 37.18 8.62
N VAL P 113 0.79 36.80 7.39
CA VAL P 113 -0.02 37.12 6.23
C VAL P 113 -0.67 35.88 5.63
N ALA P 114 -1.83 36.07 5.03
CA ALA P 114 -2.50 35.01 4.29
C ALA P 114 -2.28 35.23 2.80
N ILE P 115 -1.81 34.18 2.12
CA ILE P 115 -1.50 34.26 0.70
C ILE P 115 -1.87 32.99 -0.04
N TRP P 116 -1.95 33.08 -1.36
CA TRP P 116 -2.34 31.96 -2.19
C TRP P 116 -1.15 31.08 -2.56
N SER P 117 -1.34 29.77 -2.45
CA SER P 117 -0.28 28.80 -2.72
C SER P 117 0.42 29.04 -4.05
N GLY P 118 -0.35 29.17 -5.11
CA GLY P 118 0.20 29.39 -6.44
C GLY P 118 -0.33 30.63 -7.13
N LYS P 119 -0.17 30.64 -8.46
CA LYS P 119 -0.61 31.75 -9.28
C LYS P 119 -1.87 31.33 -10.04
N PRO P 120 -2.90 32.18 -10.03
CA PRO P 120 -4.15 31.91 -10.74
C PRO P 120 -3.90 31.39 -12.15
N PRO P 121 -4.66 30.39 -12.59
CA PRO P 121 -4.49 29.71 -13.87
C PRO P 121 -5.00 30.51 -15.06
N ILE P 122 -4.85 29.93 -16.24
CA ILE P 122 -5.23 30.56 -17.48
C ILE P 122 -6.31 29.77 -18.20
N CYS P 123 -7.11 30.45 -19.01
CA CYS P 123 -8.08 29.76 -19.85
C CYS P 123 -7.80 30.01 -21.34
N GLU P 124 -7.47 28.94 -22.05
CA GLU P 124 -7.00 29.03 -23.43
C GLU P 124 -8.07 28.60 -24.44
N LYS P 125 -7.98 29.12 -25.66
CA LYS P 125 -9.08 29.06 -26.62
C LYS P 125 -9.34 27.70 -27.28
N VAL P 126 -8.64 26.66 -26.84
CA VAL P 126 -8.86 25.30 -27.37
C VAL P 126 -8.55 25.18 -28.87
N CYS Q 1 -8.11 79.69 -37.78
CA CYS Q 1 -7.92 79.14 -39.10
C CYS Q 1 -8.18 77.64 -39.10
N GLU Q 2 -7.54 76.92 -40.00
CA GLU Q 2 -7.60 75.46 -40.03
C GLU Q 2 -6.47 74.87 -39.18
N GLU Q 3 -6.40 73.54 -39.12
CA GLU Q 3 -5.37 72.86 -38.34
C GLU Q 3 -3.98 73.43 -38.61
N PRO Q 4 -3.19 73.64 -37.54
CA PRO Q 4 -1.80 74.08 -37.68
C PRO Q 4 -0.98 73.04 -38.44
N PRO Q 5 0.08 73.47 -39.14
CA PRO Q 5 0.88 72.56 -39.95
C PRO Q 5 1.40 71.38 -39.13
N THR Q 6 1.67 70.26 -39.80
CA THR Q 6 2.33 69.13 -39.13
C THR Q 6 3.80 69.15 -39.54
N PHE Q 7 4.64 68.53 -38.71
CA PHE Q 7 6.07 68.47 -39.00
C PHE Q 7 6.60 67.07 -38.69
N GLU Q 8 7.83 66.79 -39.09
CA GLU Q 8 8.42 65.46 -38.88
C GLU Q 8 9.22 65.38 -37.56
N ALA Q 9 9.58 66.55 -37.02
CA ALA Q 9 10.39 66.60 -35.81
C ALA Q 9 9.64 67.11 -34.56
N MET Q 10 8.57 67.88 -34.78
CA MET Q 10 7.79 68.43 -33.67
C MET Q 10 6.30 68.24 -33.87
N GLU Q 11 5.59 67.93 -32.79
CA GLU Q 11 4.15 67.75 -32.85
C GLU Q 11 3.43 68.86 -32.09
N LEU Q 12 2.10 68.81 -32.06
CA LEU Q 12 1.32 69.84 -31.39
C LEU Q 12 1.27 69.63 -29.89
N ILE Q 13 1.05 70.72 -29.15
CA ILE Q 13 0.84 70.64 -27.71
C ILE Q 13 -0.63 70.89 -27.38
N GLY Q 14 -1.31 69.87 -26.89
CA GLY Q 14 -2.70 69.99 -26.47
C GLY Q 14 -3.69 69.56 -27.54
N LYS Q 15 -4.97 69.89 -27.30
CA LYS Q 15 -6.03 69.52 -28.22
C LYS Q 15 -5.96 70.28 -29.55
N PRO Q 16 -6.14 69.56 -30.68
CA PRO Q 16 -6.15 70.16 -32.02
C PRO Q 16 -7.50 70.77 -32.36
N LYS Q 17 -7.58 72.09 -32.36
CA LYS Q 17 -8.85 72.80 -32.60
C LYS Q 17 -9.16 72.90 -34.09
N PRO Q 18 -10.45 72.74 -34.45
CA PRO Q 18 -10.91 72.81 -35.85
C PRO Q 18 -10.76 74.22 -36.41
N TYR Q 19 -11.08 75.21 -35.60
CA TYR Q 19 -10.95 76.61 -36.00
C TYR Q 19 -10.33 77.42 -34.89
N TYR Q 20 -9.30 78.20 -35.23
CA TYR Q 20 -8.64 79.06 -34.26
C TYR Q 20 -9.01 80.53 -34.48
N GLU Q 21 -8.32 81.40 -33.74
CA GLU Q 21 -8.65 82.83 -33.65
C GLU Q 21 -7.73 83.69 -34.53
N ILE Q 22 -7.58 84.95 -34.13
CA ILE Q 22 -6.62 85.87 -34.74
C ILE Q 22 -5.78 86.53 -33.64
N GLY Q 23 -4.69 85.86 -33.26
CA GLY Q 23 -3.87 86.30 -32.14
C GLY Q 23 -3.79 85.20 -31.10
N GLU Q 24 -3.85 83.96 -31.57
CA GLU Q 24 -3.85 82.80 -30.69
C GLU Q 24 -2.69 81.87 -31.07
N ARG Q 25 -1.56 82.03 -30.37
CA ARG Q 25 -0.33 81.29 -30.69
C ARG Q 25 -0.32 79.86 -30.15
N VAL Q 26 -0.36 78.89 -31.06
CA VAL Q 26 -0.34 77.48 -30.70
C VAL Q 26 1.09 76.93 -30.69
N ASP Q 27 1.42 76.11 -29.71
CA ASP Q 27 2.80 75.66 -29.48
C ASP Q 27 3.10 74.24 -29.94
N TYR Q 28 4.36 73.98 -30.27
CA TYR Q 28 4.83 72.64 -30.61
C TYR Q 28 5.89 72.16 -29.63
N LYS Q 29 5.98 70.83 -29.47
CA LYS Q 29 7.04 70.22 -28.70
C LYS Q 29 7.73 69.17 -29.56
N CYS Q 30 8.99 68.87 -29.24
CA CYS Q 30 9.75 67.91 -30.03
C CYS Q 30 9.27 66.48 -29.87
N LYS Q 31 9.19 65.75 -30.98
CA LYS Q 31 8.74 64.36 -30.94
C LYS Q 31 9.76 63.47 -30.24
N LYS Q 32 9.30 62.33 -29.74
CA LYS Q 32 10.18 61.32 -29.18
C LYS Q 32 11.37 61.10 -30.13
N GLY Q 33 12.57 61.19 -29.60
CA GLY Q 33 13.78 60.98 -30.40
C GLY Q 33 14.47 62.26 -30.80
N TYR Q 34 13.79 63.39 -30.64
CA TYR Q 34 14.36 64.69 -30.96
C TYR Q 34 14.48 65.55 -29.70
N PHE Q 35 15.39 66.51 -29.71
CA PHE Q 35 15.51 67.46 -28.61
C PHE Q 35 15.68 68.90 -29.10
N TYR Q 36 15.26 69.86 -28.27
CA TYR Q 36 15.20 71.25 -28.68
C TYR Q 36 16.48 72.01 -28.33
N ILE Q 37 16.88 72.90 -29.25
CA ILE Q 37 17.98 73.81 -29.00
C ILE Q 37 17.59 75.23 -29.38
N PRO Q 38 17.77 76.20 -28.46
CA PRO Q 38 17.49 77.60 -28.73
C PRO Q 38 18.30 78.09 -29.93
N PRO Q 39 17.97 79.29 -30.44
CA PRO Q 39 16.83 80.07 -29.97
C PRO Q 39 15.64 80.09 -30.95
N LEU Q 40 15.67 79.25 -31.98
CA LEU Q 40 14.59 79.18 -32.96
C LEU Q 40 13.23 78.98 -32.29
N ALA Q 41 12.17 79.03 -33.11
CA ALA Q 41 10.80 79.11 -32.62
C ALA Q 41 10.10 77.77 -32.38
N THR Q 42 9.30 77.71 -31.31
CA THR Q 42 8.46 76.56 -31.03
C THR Q 42 6.99 76.84 -31.38
N HIS Q 43 6.57 78.10 -31.22
CA HIS Q 43 5.18 78.45 -31.50
C HIS Q 43 4.98 79.65 -32.45
N THR Q 44 3.88 79.61 -33.17
CA THR Q 44 3.52 80.66 -34.13
C THR Q 44 2.05 81.09 -33.95
N ILE Q 45 1.69 82.24 -34.52
CA ILE Q 45 0.34 82.79 -34.35
C ILE Q 45 -0.50 82.79 -35.65
N CYS Q 46 -1.80 82.96 -35.48
CA CYS Q 46 -2.72 83.11 -36.61
C CYS Q 46 -2.91 84.60 -36.92
N ASP Q 47 -2.16 85.10 -37.90
CA ASP Q 47 -2.15 86.54 -38.22
C ASP Q 47 -3.43 86.98 -38.94
N ARG Q 48 -3.48 88.27 -39.27
CA ARG Q 48 -4.67 88.88 -39.88
C ARG Q 48 -5.21 88.08 -41.06
N ASN Q 49 -4.31 87.69 -41.97
CA ASN Q 49 -4.69 87.01 -43.20
C ASN Q 49 -5.41 85.67 -43.01
N HIS Q 50 -5.67 85.32 -41.74
CA HIS Q 50 -6.27 84.03 -41.41
C HIS Q 50 -5.41 82.85 -41.90
N THR Q 51 -4.09 83.02 -41.75
CA THR Q 51 -3.12 81.98 -42.14
C THR Q 51 -2.03 81.87 -41.07
N TRP Q 52 -1.37 80.71 -41.02
CA TRP Q 52 -0.34 80.45 -40.01
C TRP Q 52 1.03 81.04 -40.36
N LEU Q 53 1.59 81.80 -39.42
CA LEU Q 53 2.89 82.45 -39.60
C LEU Q 53 3.98 81.44 -39.99
N PRO Q 54 5.19 81.94 -40.30
CA PRO Q 54 6.31 81.04 -40.65
C PRO Q 54 6.67 80.14 -39.48
N VAL Q 55 7.05 78.90 -39.77
CA VAL Q 55 7.35 77.94 -38.71
C VAL Q 55 8.10 76.73 -39.27
N SER Q 56 9.20 76.38 -38.62
CA SER Q 56 10.03 75.26 -39.06
C SER Q 56 10.40 74.33 -37.91
N ASP Q 57 10.48 73.03 -38.22
CA ASP Q 57 10.95 72.05 -37.24
C ASP Q 57 12.48 71.98 -37.24
N ASP Q 58 13.11 73.15 -37.20
CA ASP Q 58 14.56 73.25 -37.23
C ASP Q 58 15.11 73.40 -35.82
N ALA Q 59 14.25 73.80 -34.90
CA ALA Q 59 14.65 73.90 -33.49
C ALA Q 59 14.84 72.50 -32.92
N CYS Q 60 14.19 71.53 -33.55
CA CYS Q 60 14.27 70.15 -33.10
C CYS Q 60 15.35 69.36 -33.81
N TYR Q 61 16.47 69.15 -33.11
CA TYR Q 61 17.55 68.34 -33.65
C TYR Q 61 17.34 66.88 -33.27
N ARG Q 62 17.99 66.00 -34.02
CA ARG Q 62 17.83 64.56 -33.82
C ARG Q 62 18.81 64.04 -32.78
N GLU Q 63 18.36 63.09 -31.96
CA GLU Q 63 19.16 62.56 -30.87
C GLU Q 63 20.41 61.82 -31.34
N THR Q 64 21.52 62.07 -30.67
CA THR Q 64 22.80 61.48 -31.05
C THR Q 64 23.19 60.32 -30.14
N CYS Q 65 24.25 59.62 -30.53
CA CYS Q 65 24.80 58.53 -29.74
C CYS Q 65 26.08 58.99 -29.06
N PRO Q 66 26.46 58.30 -27.97
CA PRO Q 66 27.66 58.67 -27.21
C PRO Q 66 28.91 58.66 -28.09
N TYR Q 67 29.86 59.52 -27.76
CA TYR Q 67 31.13 59.55 -28.46
C TYR Q 67 31.81 58.19 -28.33
N ILE Q 68 32.38 57.69 -29.42
CA ILE Q 68 33.10 56.43 -29.39
C ILE Q 68 34.59 56.65 -29.64
N ARG Q 69 35.39 56.46 -28.59
CA ARG Q 69 36.83 56.64 -28.66
C ARG Q 69 37.49 55.67 -29.62
N ASP Q 70 38.52 56.12 -30.33
CA ASP Q 70 39.28 55.22 -31.19
C ASP Q 70 39.73 54.01 -30.39
N PRO Q 71 39.43 52.80 -30.89
CA PRO Q 71 39.88 51.57 -30.22
C PRO Q 71 41.38 51.63 -30.04
N LEU Q 72 41.90 51.10 -28.93
CA LEU Q 72 43.33 51.09 -28.75
C LEU Q 72 43.99 50.35 -29.91
N ASN Q 73 44.96 51.00 -30.54
CA ASN Q 73 45.67 50.41 -31.70
C ASN Q 73 44.79 50.33 -32.94
N GLY Q 74 43.62 50.94 -32.87
CA GLY Q 74 42.69 50.96 -33.98
C GLY Q 74 42.21 52.37 -34.27
N GLN Q 75 40.99 52.48 -34.80
CA GLN Q 75 40.47 53.78 -35.20
C GLN Q 75 38.97 53.73 -35.46
N ALA Q 76 38.24 54.60 -34.78
CA ALA Q 76 36.79 54.71 -34.96
C ALA Q 76 36.47 55.85 -35.91
N VAL Q 77 35.95 55.52 -37.09
CA VAL Q 77 35.60 56.53 -38.08
C VAL Q 77 34.11 56.52 -38.42
N PRO Q 78 33.40 57.60 -38.09
CA PRO Q 78 31.98 57.69 -38.46
C PRO Q 78 31.82 57.63 -39.99
N ALA Q 79 31.00 56.71 -40.50
CA ALA Q 79 30.87 56.55 -41.95
C ALA Q 79 29.43 56.64 -42.49
N ASN Q 80 28.81 57.81 -42.34
CA ASN Q 80 27.50 58.09 -42.94
C ASN Q 80 26.93 59.43 -42.48
N THR Q 82 27.09 64.83 -31.81
CA THR Q 82 28.15 64.26 -32.65
C THR Q 82 27.60 63.23 -33.65
N TYR Q 83 27.19 62.07 -33.16
CA TYR Q 83 26.73 60.98 -34.03
C TYR Q 83 25.22 60.77 -33.98
N GLU Q 84 24.49 61.35 -34.93
CA GLU Q 84 23.04 61.17 -35.00
C GLU Q 84 22.67 59.69 -35.19
N PHE Q 85 21.40 59.37 -34.97
CA PHE Q 85 20.97 57.99 -35.18
C PHE Q 85 20.56 57.72 -36.63
N GLY Q 86 20.53 56.43 -36.99
CA GLY Q 86 20.28 56.02 -38.36
C GLY Q 86 21.58 55.80 -39.11
N TYR Q 87 22.69 56.13 -38.47
CA TYR Q 87 23.98 56.08 -39.14
C TYR Q 87 24.97 55.16 -38.47
N GLN Q 88 26.03 54.81 -39.20
CA GLN Q 88 26.95 53.77 -38.75
C GLN Q 88 28.30 54.30 -38.28
N MET Q 89 29.04 53.43 -37.60
CA MET Q 89 30.41 53.69 -37.17
C MET Q 89 31.30 52.58 -37.71
N HIS Q 90 32.44 52.96 -38.26
CA HIS Q 90 33.35 52.00 -38.89
C HIS Q 90 34.59 51.81 -38.02
N PHE Q 91 35.09 50.59 -37.97
CA PHE Q 91 36.29 50.31 -37.18
C PHE Q 91 37.39 49.70 -38.04
N ILE Q 92 38.58 50.29 -37.98
CA ILE Q 92 39.72 49.77 -38.73
C ILE Q 92 40.93 49.69 -37.83
N CYS Q 93 41.65 48.57 -37.92
CA CYS Q 93 42.81 48.34 -37.09
C CYS Q 93 44.12 48.68 -37.80
N ASN Q 94 44.98 49.42 -37.11
CA ASN Q 94 46.28 49.81 -37.64
C ASN Q 94 47.07 48.61 -38.14
N GLU Q 95 48.08 48.87 -38.97
CA GLU Q 95 48.93 47.80 -39.47
C GLU Q 95 49.55 47.09 -38.28
N GLY Q 96 49.67 45.77 -38.36
CA GLY Q 96 50.23 45.00 -37.28
C GLY Q 96 49.18 44.56 -36.28
N TYR Q 97 47.96 45.05 -36.46
CA TYR Q 97 46.85 44.68 -35.57
C TYR Q 97 45.64 44.22 -36.37
N TYR Q 98 44.82 43.36 -35.77
CA TYR Q 98 43.62 42.88 -36.42
C TYR Q 98 42.40 43.05 -35.53
N LEU Q 99 41.23 43.17 -36.15
CA LEU Q 99 39.99 43.43 -35.43
C LEU Q 99 39.33 42.16 -34.96
N ILE Q 100 38.69 42.22 -33.79
CA ILE Q 100 37.82 41.13 -33.34
C ILE Q 100 36.41 41.65 -32.99
N GLY Q 101 35.42 41.15 -33.72
CA GLY Q 101 34.01 41.35 -33.41
C GLY Q 101 33.30 42.61 -33.89
N GLU Q 102 32.90 42.63 -35.17
CA GLU Q 102 32.06 43.71 -35.71
C GLU Q 102 32.79 45.00 -36.11
N GLU Q 103 33.08 45.15 -37.39
CA GLU Q 103 33.74 46.37 -37.84
C GLU Q 103 32.74 47.51 -38.11
N ILE Q 104 31.47 47.25 -37.83
CA ILE Q 104 30.42 48.25 -37.99
C ILE Q 104 29.41 48.17 -36.86
N LEU Q 105 29.06 49.33 -36.31
CA LEU Q 105 28.03 49.39 -35.28
C LEU Q 105 26.94 50.34 -35.71
N TYR Q 106 25.69 49.90 -35.62
CA TYR Q 106 24.56 50.74 -35.97
C TYR Q 106 24.16 51.62 -34.80
N CYS Q 107 23.86 52.87 -35.09
CA CYS Q 107 23.38 53.79 -34.07
C CYS Q 107 21.87 53.91 -34.23
N GLU Q 108 21.14 53.01 -33.59
CA GLU Q 108 19.69 52.97 -33.71
C GLU Q 108 19.02 53.80 -32.62
N LEU Q 109 17.75 54.13 -32.84
CA LEU Q 109 16.96 54.82 -31.83
C LEU Q 109 16.06 53.83 -31.11
N LYS Q 110 16.44 53.48 -29.88
CA LYS Q 110 15.63 52.56 -29.08
C LYS Q 110 14.89 53.32 -27.97
N GLY Q 111 13.59 53.53 -28.17
CA GLY Q 111 12.79 54.28 -27.23
C GLY Q 111 12.94 55.76 -27.44
N SER Q 112 13.38 56.46 -26.40
CA SER Q 112 13.62 57.90 -26.49
C SER Q 112 15.11 58.19 -26.64
N VAL Q 113 15.92 57.15 -26.51
CA VAL Q 113 17.37 57.30 -26.51
C VAL Q 113 18.00 56.68 -27.76
N ALA Q 114 19.12 57.27 -28.19
CA ALA Q 114 19.91 56.71 -29.27
C ALA Q 114 21.11 55.97 -28.68
N ILE Q 115 21.29 54.71 -29.10
CA ILE Q 115 22.37 53.89 -28.57
C ILE Q 115 23.00 53.03 -29.67
N TRP Q 116 24.17 52.49 -29.38
CA TRP Q 116 24.89 51.66 -30.35
C TRP Q 116 24.49 50.20 -30.29
N SER Q 117 24.29 49.59 -31.46
CA SER Q 117 23.82 48.22 -31.55
C SER Q 117 24.64 47.27 -30.69
N GLY Q 118 25.96 47.33 -30.84
CA GLY Q 118 26.83 46.45 -30.09
C GLY Q 118 27.90 47.19 -29.31
N LYS Q 119 28.94 46.46 -28.93
CA LYS Q 119 30.04 47.00 -28.14
C LYS Q 119 31.26 47.20 -29.05
N PRO Q 120 31.89 48.37 -28.98
CA PRO Q 120 33.06 48.66 -29.80
C PRO Q 120 34.06 47.49 -29.79
N PRO Q 121 34.66 47.21 -30.96
CA PRO Q 121 35.57 46.07 -31.15
C PRO Q 121 36.97 46.29 -30.59
N ILE Q 122 37.81 45.28 -30.74
CA ILE Q 122 39.15 45.29 -30.20
C ILE Q 122 40.17 45.15 -31.32
N CYS Q 123 41.37 45.69 -31.09
CA CYS Q 123 42.47 45.51 -32.03
C CYS Q 123 43.62 44.74 -31.38
N GLU Q 124 43.88 43.55 -31.90
CA GLU Q 124 44.86 42.64 -31.29
C GLU Q 124 46.19 42.59 -32.05
N LYS Q 125 47.26 42.25 -31.35
CA LYS Q 125 48.62 42.47 -31.87
C LYS Q 125 49.10 41.49 -32.96
N VAL Q 126 48.21 40.63 -33.46
CA VAL Q 126 48.56 39.71 -34.56
C VAL Q 126 49.67 38.74 -34.19
N CYS R 1 67.16 69.97 8.95
CA CYS R 1 68.15 68.90 8.92
C CYS R 1 68.04 68.12 7.61
N GLU R 2 68.42 66.84 7.65
CA GLU R 2 68.25 65.95 6.50
C GLU R 2 66.89 65.26 6.56
N GLU R 3 66.62 64.39 5.59
CA GLU R 3 65.36 63.67 5.54
C GLU R 3 65.02 63.02 6.88
N PRO R 4 63.75 63.12 7.30
CA PRO R 4 63.29 62.46 8.53
C PRO R 4 63.42 60.95 8.38
N PRO R 5 63.59 60.24 9.51
CA PRO R 5 63.79 58.79 9.48
C PRO R 5 62.67 58.08 8.73
N THR R 6 62.96 56.90 8.18
CA THR R 6 61.91 56.07 7.60
C THR R 6 61.56 54.97 8.59
N PHE R 7 60.37 54.41 8.46
CA PHE R 7 59.94 53.34 9.35
C PHE R 7 59.23 52.26 8.55
N GLU R 8 58.95 51.12 9.18
CA GLU R 8 58.28 50.03 8.49
C GLU R 8 56.77 50.06 8.65
N ALA R 9 56.29 50.80 9.65
CA ALA R 9 54.86 50.84 9.92
C ALA R 9 54.21 52.18 9.59
N MET R 10 55.00 53.25 9.56
CA MET R 10 54.46 54.58 9.28
C MET R 10 55.32 55.32 8.25
N GLU R 11 54.66 56.05 7.36
CA GLU R 11 55.37 56.84 6.36
C GLU R 11 55.19 58.34 6.60
N LEU R 12 55.80 59.16 5.75
CA LEU R 12 55.74 60.60 5.90
C LEU R 12 54.42 61.17 5.40
N ILE R 13 54.04 62.32 5.93
CA ILE R 13 52.86 63.05 5.44
C ILE R 13 53.30 64.28 4.66
N GLY R 14 53.04 64.28 3.36
CA GLY R 14 53.36 65.42 2.53
C GLY R 14 54.69 65.32 1.82
N LYS R 15 55.15 66.43 1.24
CA LYS R 15 56.40 66.47 0.50
C LYS R 15 57.62 66.30 1.39
N PRO R 16 58.58 65.48 0.97
CA PRO R 16 59.84 65.26 1.70
C PRO R 16 60.85 66.34 1.39
N LYS R 17 61.08 67.25 2.34
CA LYS R 17 62.00 68.37 2.15
C LYS R 17 63.46 67.96 2.34
N PRO R 18 64.36 68.51 1.52
CA PRO R 18 65.80 68.23 1.57
C PRO R 18 66.42 68.79 2.84
N TYR R 19 66.01 69.99 3.24
CA TYR R 19 66.49 70.60 4.46
C TYR R 19 65.33 71.24 5.24
N TYR R 20 65.24 70.92 6.53
CA TYR R 20 64.21 71.48 7.39
C TYR R 20 64.84 72.52 8.31
N GLU R 21 64.07 73.06 9.25
CA GLU R 21 64.62 74.10 10.10
C GLU R 21 64.53 73.72 11.57
N ILE R 22 65.16 74.51 12.43
CA ILE R 22 65.14 74.26 13.85
C ILE R 22 63.74 74.56 14.42
N GLY R 23 63.13 73.55 15.03
CA GLY R 23 61.81 73.69 15.61
C GLY R 23 60.72 73.21 14.67
N GLU R 24 61.07 73.03 13.40
CA GLU R 24 60.10 72.56 12.43
C GLU R 24 59.73 71.11 12.72
N ARG R 25 58.44 70.83 12.74
CA ARG R 25 57.94 69.49 13.02
C ARG R 25 57.39 68.85 11.77
N VAL R 26 57.50 67.53 11.69
CA VAL R 26 56.99 66.80 10.55
C VAL R 26 56.25 65.55 11.02
N ASP R 27 55.12 65.24 10.37
CA ASP R 27 54.21 64.20 10.85
C ASP R 27 54.26 62.92 10.03
N TYR R 28 53.92 61.80 10.67
CA TYR R 28 53.81 60.50 10.01
C TYR R 28 52.39 59.98 10.07
N LYS R 29 52.01 59.15 9.10
CA LYS R 29 50.76 58.42 9.14
C LYS R 29 51.04 56.93 8.95
N CYS R 30 50.12 56.09 9.41
CA CYS R 30 50.31 54.65 9.34
C CYS R 30 50.19 54.12 7.91
N LYS R 31 51.07 53.21 7.54
CA LYS R 31 51.07 52.63 6.19
C LYS R 31 49.85 51.73 6.01
N LYS R 32 49.48 51.52 4.75
CA LYS R 32 48.43 50.57 4.42
C LYS R 32 48.66 49.28 5.18
N GLY R 33 47.64 48.81 5.89
CA GLY R 33 47.74 47.55 6.62
C GLY R 33 47.96 47.74 8.10
N TYR R 34 48.29 48.96 8.50
CA TYR R 34 48.49 49.27 9.92
C TYR R 34 47.46 50.30 10.37
N PHE R 35 47.18 50.32 11.68
CA PHE R 35 46.30 51.34 12.25
C PHE R 35 46.85 51.93 13.56
N TYR R 36 46.46 53.16 13.85
CA TYR R 36 47.04 53.92 14.96
C TYR R 36 46.26 53.75 16.25
N ILE R 37 46.99 53.63 17.36
CA ILE R 37 46.40 53.62 18.69
C ILE R 37 47.11 54.60 19.62
N PRO R 38 46.35 55.51 20.24
CA PRO R 38 46.93 56.45 21.20
C PRO R 38 47.67 55.72 22.32
N PRO R 39 48.44 56.46 23.12
CA PRO R 39 48.66 57.89 22.92
C PRO R 39 50.07 58.23 22.43
N LEU R 40 50.83 57.21 22.01
CA LEU R 40 52.18 57.43 21.50
C LEU R 40 52.20 58.46 20.38
N ALA R 41 53.39 58.91 19.99
CA ALA R 41 53.51 60.02 19.05
C ALA R 41 53.87 59.56 17.66
N THR R 42 53.27 60.20 16.66
CA THR R 42 53.59 59.93 15.26
C THR R 42 54.23 61.15 14.61
N HIS R 43 55.00 61.91 15.39
CA HIS R 43 55.64 63.13 14.90
C HIS R 43 57.04 63.27 15.50
N THR R 44 57.85 64.10 14.89
CA THR R 44 59.15 64.44 15.45
C THR R 44 59.46 65.85 15.05
N ILE R 45 60.34 66.50 15.81
CA ILE R 45 60.68 67.90 15.58
C ILE R 45 62.19 68.07 15.53
N CYS R 46 62.65 69.06 14.79
CA CYS R 46 64.08 69.26 14.60
C CYS R 46 64.64 70.17 15.68
N ASP R 47 65.20 69.57 16.74
CA ASP R 47 65.70 70.34 17.89
C ASP R 47 66.99 71.10 17.59
N ARG R 48 67.48 71.81 18.61
CA ARG R 48 68.66 72.67 18.47
C ARG R 48 69.83 71.97 17.78
N ASN R 49 70.15 70.75 18.22
CA ASN R 49 71.30 70.01 17.73
C ASN R 49 71.28 69.71 16.23
N HIS R 50 70.25 70.20 15.55
CA HIS R 50 70.06 69.90 14.12
C HIS R 50 69.91 68.41 13.86
N THR R 51 69.19 67.74 14.75
CA THR R 51 68.92 66.31 14.65
C THR R 51 67.46 66.02 15.01
N TRP R 52 66.94 64.89 14.54
CA TRP R 52 65.53 64.54 14.75
C TRP R 52 65.28 63.90 16.11
N LEU R 53 64.30 64.43 16.83
CA LEU R 53 63.96 63.93 18.16
C LEU R 53 63.62 62.43 18.15
N PRO R 54 63.39 61.84 19.33
CA PRO R 54 63.04 60.41 19.41
C PRO R 54 61.73 60.13 18.71
N VAL R 55 61.63 58.99 18.06
CA VAL R 55 60.42 58.66 17.31
C VAL R 55 60.38 57.18 16.96
N SER R 56 59.24 56.54 17.22
CA SER R 56 59.09 55.10 16.98
C SER R 56 57.79 54.79 16.26
N ASP R 57 57.82 53.78 15.39
CA ASP R 57 56.60 53.31 14.73
C ASP R 57 55.89 52.29 15.62
N ASP R 58 55.72 52.64 16.89
CA ASP R 58 55.08 51.77 17.85
C ASP R 58 53.62 52.15 18.02
N ALA R 59 53.27 53.34 17.58
CA ALA R 59 51.88 53.78 17.63
C ALA R 59 51.10 53.04 16.57
N CYS R 60 51.81 52.56 15.55
CA CYS R 60 51.18 51.85 14.45
C CYS R 60 51.16 50.34 14.67
N TYR R 61 50.00 49.81 15.04
CA TYR R 61 49.84 48.38 15.21
C TYR R 61 49.40 47.75 13.90
N ARG R 62 49.62 46.44 13.78
CA ARG R 62 49.31 45.72 12.55
C ARG R 62 47.86 45.26 12.58
N GLU R 63 47.15 45.35 11.47
CA GLU R 63 45.72 45.06 11.43
C GLU R 63 45.36 43.65 11.87
N THR R 64 44.22 43.48 12.53
CA THR R 64 43.80 42.17 13.04
C THR R 64 42.67 41.56 12.23
N CYS R 65 42.39 40.29 12.50
CA CYS R 65 41.28 39.59 11.88
C CYS R 65 40.15 39.42 12.89
N PRO R 66 38.92 39.21 12.39
CA PRO R 66 37.76 39.06 13.27
C PRO R 66 37.93 37.91 14.25
N TYR R 67 37.33 38.05 15.42
CA TYR R 67 37.35 37.00 16.42
C TYR R 67 36.70 35.76 15.83
N ILE R 68 37.31 34.60 16.08
CA ILE R 68 36.75 33.33 15.60
C ILE R 68 36.31 32.48 16.79
N ARG R 69 35.00 32.32 16.93
CA ARG R 69 34.42 31.55 18.02
C ARG R 69 34.80 30.07 17.94
N ASP R 70 35.01 29.43 19.09
CA ASP R 70 35.26 28.00 19.11
C ASP R 70 34.16 27.27 18.34
N PRO R 71 34.56 26.43 17.36
CA PRO R 71 33.58 25.64 16.60
C PRO R 71 32.75 24.84 17.57
N LEU R 72 31.47 24.65 17.27
CA LEU R 72 30.63 23.86 18.14
C LEU R 72 31.23 22.45 18.30
N ASN R 73 31.41 22.02 19.54
CA ASN R 73 32.01 20.71 19.83
C ASN R 73 33.49 20.63 19.49
N GLY R 74 34.06 21.79 19.16
CA GLY R 74 35.49 21.87 18.85
C GLY R 74 36.17 22.99 19.63
N GLN R 75 37.20 23.57 19.03
CA GLN R 75 37.98 24.58 19.73
C GLN R 75 38.90 25.33 18.78
N ALA R 76 38.78 26.66 18.79
CA ALA R 76 39.63 27.51 17.97
C ALA R 76 40.78 28.05 18.81
N VAL R 77 42.00 27.61 18.50
CA VAL R 77 43.18 28.07 19.24
C VAL R 77 44.17 28.82 18.34
N PRO R 78 44.37 30.12 18.61
CA PRO R 78 45.37 30.87 17.84
C PRO R 78 46.75 30.24 17.99
N ALA R 79 47.34 29.84 16.86
CA ALA R 79 48.63 29.15 16.85
C ALA R 79 49.81 30.12 16.97
N ASN R 80 49.54 31.29 17.56
CA ASN R 80 50.56 32.26 17.90
C ASN R 80 50.11 33.11 19.09
N GLY R 81 48.89 32.85 19.56
CA GLY R 81 48.29 33.64 20.62
C GLY R 81 47.86 35.01 20.12
N THR R 82 47.98 35.22 18.81
CA THR R 82 47.67 36.50 18.18
C THR R 82 46.76 36.38 16.94
N TYR R 83 45.98 37.44 16.69
CA TYR R 83 45.06 37.51 15.55
C TYR R 83 45.51 38.54 14.51
N GLU R 84 46.69 39.13 14.72
CA GLU R 84 47.28 40.03 13.74
C GLU R 84 47.46 39.28 12.44
N PHE R 85 47.65 39.98 11.34
CA PHE R 85 47.84 39.29 10.07
C PHE R 85 49.22 38.66 9.98
N GLY R 86 49.30 37.60 9.20
CA GLY R 86 50.54 36.86 9.04
C GLY R 86 50.55 35.61 9.88
N TYR R 87 49.52 35.43 10.70
CA TYR R 87 49.50 34.33 11.65
C TYR R 87 48.29 33.40 11.46
N GLN R 88 48.38 32.22 12.05
CA GLN R 88 47.40 31.17 11.78
C GLN R 88 46.45 30.91 12.94
N MET R 89 45.39 30.18 12.63
CA MET R 89 44.41 29.73 13.60
C MET R 89 44.30 28.22 13.48
N HIS R 90 44.30 27.54 14.63
CA HIS R 90 44.28 26.08 14.64
C HIS R 90 42.91 25.58 15.11
N PHE R 91 42.45 24.47 14.55
CA PHE R 91 41.16 23.91 14.94
C PHE R 91 41.29 22.45 15.39
N ILE R 92 40.77 22.16 16.57
CA ILE R 92 40.81 20.80 17.09
C ILE R 92 39.45 20.41 17.60
N CYS R 93 39.04 19.19 17.27
CA CYS R 93 37.73 18.71 17.68
C CYS R 93 37.79 17.83 18.92
N ASN R 94 36.89 18.10 19.85
CA ASN R 94 36.80 17.35 21.10
C ASN R 94 36.69 15.84 20.86
N GLU R 95 36.97 15.05 21.89
CA GLU R 95 36.84 13.61 21.77
C GLU R 95 35.41 13.27 21.39
N GLY R 96 35.24 12.29 20.51
CA GLY R 96 33.92 11.91 20.05
C GLY R 96 33.48 12.69 18.82
N TYR R 97 34.27 13.68 18.43
CA TYR R 97 33.96 14.48 17.26
C TYR R 97 35.16 14.55 16.32
N TYR R 98 34.89 14.76 15.03
CA TYR R 98 35.96 14.87 14.05
C TYR R 98 35.79 16.11 13.19
N LEU R 99 36.89 16.61 12.64
CA LEU R 99 36.88 17.85 11.89
C LEU R 99 36.60 17.62 10.42
N ILE R 100 35.89 18.56 9.80
CA ILE R 100 35.73 18.56 8.35
C ILE R 100 36.17 19.91 7.74
N GLY R 101 37.21 19.88 6.90
CA GLY R 101 37.60 21.00 6.09
C GLY R 101 38.54 22.07 6.65
N GLU R 102 39.84 21.76 6.70
CA GLU R 102 40.87 22.74 7.05
C GLU R 102 41.07 22.97 8.55
N GLU R 103 42.07 22.33 9.14
CA GLU R 103 42.34 22.55 10.56
C GLU R 103 43.21 23.78 10.80
N ILE R 104 43.52 24.50 9.72
CA ILE R 104 44.30 25.73 9.82
C ILE R 104 43.77 26.78 8.86
N LEU R 105 43.62 28.00 9.35
CA LEU R 105 43.23 29.12 8.52
C LEU R 105 44.27 30.23 8.60
N TYR R 106 44.71 30.72 7.44
CA TYR R 106 45.67 31.81 7.43
C TYR R 106 44.97 33.15 7.54
N CYS R 107 45.54 34.03 8.34
CA CYS R 107 45.04 35.39 8.47
C CYS R 107 45.89 36.31 7.62
N GLU R 108 45.53 36.45 6.36
CA GLU R 108 46.30 37.25 5.42
C GLU R 108 45.79 38.68 5.34
N LEU R 109 46.62 39.56 4.80
CA LEU R 109 46.22 40.94 4.58
C LEU R 109 45.87 41.13 3.13
N LYS R 110 44.57 41.23 2.84
CA LYS R 110 44.12 41.45 1.47
C LYS R 110 43.62 42.89 1.29
N GLY R 111 44.45 43.71 0.65
CA GLY R 111 44.12 45.12 0.47
C GLY R 111 44.45 45.94 1.69
N SER R 112 43.43 46.58 2.28
CA SER R 112 43.59 47.35 3.51
C SER R 112 43.08 46.57 4.70
N VAL R 113 42.42 45.45 4.43
CA VAL R 113 41.78 44.67 5.47
C VAL R 113 42.46 43.34 5.70
N ALA R 114 42.39 42.86 6.94
CA ALA R 114 42.89 41.55 7.29
C ALA R 114 41.71 40.58 7.39
N ILE R 115 41.80 39.46 6.69
CA ILE R 115 40.72 38.49 6.66
C ILE R 115 41.25 37.06 6.67
N TRP R 116 40.37 36.11 6.98
CA TRP R 116 40.75 34.71 7.06
C TRP R 116 40.67 34.00 5.71
N SER R 117 41.68 33.19 5.41
CA SER R 117 41.78 32.53 4.11
C SER R 117 40.51 31.76 3.75
N GLY R 118 40.04 30.94 4.69
CA GLY R 118 38.84 30.15 4.46
C GLY R 118 37.78 30.34 5.51
N LYS R 119 36.85 29.39 5.56
CA LYS R 119 35.72 29.45 6.48
C LYS R 119 35.97 28.44 7.60
N PRO R 120 35.78 28.87 8.86
CA PRO R 120 35.99 28.00 10.02
C PRO R 120 35.34 26.64 9.81
N PRO R 121 36.03 25.57 10.22
CA PRO R 121 35.61 24.17 10.02
C PRO R 121 34.50 23.73 10.96
N ILE R 122 34.08 22.48 10.79
CA ILE R 122 32.99 21.90 11.54
C ILE R 122 33.48 20.72 12.36
N CYS R 123 32.79 20.43 13.45
CA CYS R 123 33.07 19.24 14.24
C CYS R 123 31.85 18.32 14.29
N GLU R 124 32.00 17.13 13.72
CA GLU R 124 30.88 16.21 13.53
C GLU R 124 30.92 15.04 14.51
N LYS R 125 29.75 14.47 14.79
CA LYS R 125 29.57 13.56 15.93
C LYS R 125 30.18 12.15 15.80
N VAL R 126 30.91 11.90 14.72
CA VAL R 126 31.56 10.59 14.51
C VAL R 126 30.57 9.43 14.43
N CYS S 1 -59.43 -36.52 9.39
CA CYS S 1 -60.18 -36.80 10.60
C CYS S 1 -61.08 -35.61 10.93
N GLU S 2 -61.81 -35.70 12.03
CA GLU S 2 -62.65 -34.60 12.49
C GLU S 2 -61.84 -33.59 13.31
N GLU S 3 -62.52 -32.79 14.13
CA GLU S 3 -61.84 -31.81 14.96
C GLU S 3 -60.97 -32.50 16.01
N PRO S 4 -59.76 -31.94 16.25
CA PRO S 4 -58.90 -32.45 17.32
C PRO S 4 -59.58 -32.28 18.67
N PRO S 5 -59.36 -33.23 19.59
CA PRO S 5 -60.01 -33.23 20.90
C PRO S 5 -59.85 -31.88 21.61
N THR S 6 -60.83 -31.51 22.43
CA THR S 6 -60.70 -30.32 23.27
C THR S 6 -60.25 -30.72 24.67
N PHE S 7 -59.59 -29.80 25.37
CA PHE S 7 -59.09 -30.10 26.70
C PHE S 7 -59.34 -28.96 27.67
N GLU S 8 -59.06 -29.22 28.95
CA GLU S 8 -59.31 -28.23 30.00
C GLU S 8 -58.08 -27.36 30.30
N ALA S 9 -56.90 -27.89 30.01
CA ALA S 9 -55.65 -27.21 30.34
C ALA S 9 -54.88 -26.70 29.13
N MET S 10 -55.17 -27.25 27.95
CA MET S 10 -54.49 -26.84 26.72
C MET S 10 -55.47 -26.60 25.58
N GLU S 11 -55.13 -25.67 24.69
CA GLU S 11 -55.97 -25.36 23.54
C GLU S 11 -55.20 -25.59 22.24
N LEU S 12 -55.79 -25.19 21.13
CA LEU S 12 -55.19 -25.48 19.82
C LEU S 12 -54.41 -24.33 19.21
N ILE S 13 -53.19 -24.64 18.76
CA ILE S 13 -52.36 -23.68 18.06
C ILE S 13 -52.77 -23.59 16.60
N GLY S 14 -53.01 -22.38 16.11
CA GLY S 14 -53.38 -22.17 14.72
C GLY S 14 -54.85 -22.40 14.45
N LYS S 15 -55.23 -22.30 13.17
CA LYS S 15 -56.62 -22.47 12.76
C LYS S 15 -57.07 -23.93 12.85
N PRO S 16 -58.31 -24.15 13.31
CA PRO S 16 -58.88 -25.50 13.36
C PRO S 16 -59.31 -25.96 11.97
N LYS S 17 -58.88 -27.15 11.55
CA LYS S 17 -59.23 -27.68 10.23
C LYS S 17 -60.39 -28.66 10.29
N PRO S 18 -61.32 -28.58 9.32
CA PRO S 18 -62.48 -29.47 9.22
C PRO S 18 -62.07 -30.91 8.92
N TYR S 19 -61.04 -31.08 8.09
CA TYR S 19 -60.53 -32.39 7.76
C TYR S 19 -58.99 -32.40 7.72
N TYR S 20 -58.40 -33.29 8.51
CA TYR S 20 -56.95 -33.47 8.51
C TYR S 20 -56.60 -34.78 7.81
N GLU S 21 -55.41 -34.83 7.22
CA GLU S 21 -54.94 -36.02 6.54
C GLU S 21 -54.53 -37.11 7.52
N ILE S 22 -53.74 -38.07 7.03
CA ILE S 22 -53.32 -39.21 7.85
C ILE S 22 -51.82 -39.15 8.12
N GLY S 23 -51.45 -38.57 9.27
CA GLY S 23 -50.06 -38.45 9.63
C GLY S 23 -49.69 -37.04 10.07
N GLU S 24 -50.66 -36.13 9.98
CA GLU S 24 -50.46 -34.75 10.42
C GLU S 24 -50.41 -34.67 11.94
N ARG S 25 -49.45 -33.91 12.46
CA ARG S 25 -49.30 -33.72 13.91
C ARG S 25 -49.71 -32.31 14.33
N VAL S 26 -50.98 -32.15 14.67
CA VAL S 26 -51.48 -30.88 15.15
C VAL S 26 -51.02 -30.62 16.60
N ASP S 27 -50.60 -29.38 16.87
CA ASP S 27 -49.98 -29.02 18.15
C ASP S 27 -50.90 -28.24 19.09
N TYR S 28 -50.67 -28.39 20.39
CA TYR S 28 -51.42 -27.67 21.41
C TYR S 28 -50.50 -26.75 22.21
N LYS S 29 -51.09 -25.72 22.82
CA LYS S 29 -50.39 -24.90 23.82
C LYS S 29 -51.25 -24.80 25.07
N CYS S 30 -50.62 -24.51 26.20
CA CYS S 30 -51.36 -24.42 27.46
C CYS S 30 -52.23 -23.16 27.54
N LYS S 31 -53.41 -23.31 28.13
CA LYS S 31 -54.31 -22.16 28.29
C LYS S 31 -53.72 -21.17 29.29
N LYS S 32 -54.20 -19.93 29.23
CA LYS S 32 -53.88 -18.93 30.24
C LYS S 32 -54.08 -19.54 31.63
N GLY S 33 -53.08 -19.41 32.49
CA GLY S 33 -53.18 -19.91 33.85
C GLY S 33 -52.48 -21.24 34.08
N TYR S 34 -52.02 -21.85 32.99
CA TYR S 34 -51.31 -23.12 33.08
C TYR S 34 -49.92 -23.02 32.49
N PHE S 35 -49.02 -23.90 32.91
CA PHE S 35 -47.68 -23.95 32.33
C PHE S 35 -47.21 -25.38 32.06
N TYR S 36 -46.41 -25.54 31.01
CA TYR S 36 -45.99 -26.86 30.54
C TYR S 36 -44.74 -27.36 31.24
N ILE S 37 -44.70 -28.67 31.47
CA ILE S 37 -43.50 -29.32 32.00
C ILE S 37 -43.19 -30.57 31.19
N PRO S 38 -41.93 -30.71 30.76
CA PRO S 38 -41.45 -31.88 30.03
C PRO S 38 -41.64 -33.18 30.80
N PRO S 39 -41.60 -34.33 30.12
CA PRO S 39 -41.47 -34.41 28.66
C PRO S 39 -42.76 -34.88 27.96
N LEU S 40 -43.81 -35.14 28.74
CA LEU S 40 -45.12 -35.52 28.19
C LEU S 40 -45.52 -34.55 27.07
N ALA S 41 -45.89 -35.09 25.91
CA ALA S 41 -46.06 -34.25 24.73
C ALA S 41 -47.33 -33.40 24.70
N THR S 42 -47.43 -32.54 23.69
CA THR S 42 -48.55 -31.62 23.54
C THR S 42 -49.10 -31.64 22.12
N HIS S 43 -48.68 -32.63 21.33
CA HIS S 43 -49.16 -32.76 19.96
C HIS S 43 -49.87 -34.08 19.76
N THR S 44 -50.40 -34.28 18.55
CA THR S 44 -51.07 -35.53 18.22
C THR S 44 -51.17 -35.71 16.71
N ILE S 45 -50.93 -36.94 16.26
CA ILE S 45 -50.91 -37.28 14.84
C ILE S 45 -52.25 -37.86 14.39
N CYS S 46 -52.35 -38.19 13.10
CA CYS S 46 -53.51 -38.91 12.58
C CYS S 46 -53.10 -40.32 12.15
N ASP S 47 -53.47 -41.32 12.96
CA ASP S 47 -53.03 -42.70 12.75
C ASP S 47 -53.51 -43.30 11.43
N ARG S 48 -53.15 -44.56 11.19
CA ARG S 48 -53.53 -45.27 9.97
C ARG S 48 -55.02 -45.15 9.67
N ASN S 49 -55.83 -45.03 10.72
CA ASN S 49 -57.26 -44.85 10.59
C ASN S 49 -57.63 -43.40 10.30
N HIS S 50 -58.81 -42.99 10.77
CA HIS S 50 -59.21 -41.59 10.71
C HIS S 50 -59.63 -41.12 12.11
N THR S 51 -58.74 -41.37 13.07
CA THR S 51 -58.95 -41.00 14.46
C THR S 51 -57.67 -40.38 15.03
N TRP S 52 -57.79 -39.67 16.16
CA TRP S 52 -56.64 -39.00 16.78
C TRP S 52 -55.92 -39.91 17.78
N LEU S 53 -54.59 -39.86 17.76
CA LEU S 53 -53.78 -40.63 18.71
C LEU S 53 -54.12 -40.27 20.15
N PRO S 54 -53.58 -41.05 21.11
CA PRO S 54 -53.77 -40.71 22.53
C PRO S 54 -53.00 -39.44 22.89
N VAL S 55 -53.67 -38.53 23.61
CA VAL S 55 -53.03 -37.29 24.03
C VAL S 55 -53.80 -36.70 25.21
N SER S 56 -53.06 -36.22 26.20
CA SER S 56 -53.67 -35.71 27.43
C SER S 56 -53.22 -34.30 27.76
N ASP S 57 -54.06 -33.57 28.51
CA ASP S 57 -53.68 -32.26 29.01
C ASP S 57 -52.95 -32.41 30.33
N ASP S 58 -51.97 -33.31 30.36
CA ASP S 58 -51.24 -33.63 31.58
C ASP S 58 -49.88 -32.96 31.65
N ALA S 59 -49.44 -32.40 30.52
CA ALA S 59 -48.20 -31.64 30.50
C ALA S 59 -48.42 -30.24 31.08
N CYS S 60 -49.67 -29.81 31.02
CA CYS S 60 -50.05 -28.49 31.53
C CYS S 60 -50.47 -28.55 33.00
N TYR S 61 -49.82 -27.72 33.82
CA TYR S 61 -50.12 -27.67 35.23
C TYR S 61 -50.74 -26.32 35.61
N ARG S 62 -51.44 -26.30 36.73
CA ARG S 62 -52.03 -25.05 37.20
C ARG S 62 -50.96 -24.18 37.83
N GLU S 63 -51.02 -22.88 37.57
CA GLU S 63 -50.07 -21.92 38.14
C GLU S 63 -50.03 -21.98 39.67
N THR S 64 -48.83 -21.87 40.24
CA THR S 64 -48.67 -21.87 41.69
C THR S 64 -48.27 -20.51 42.23
N CYS S 65 -48.46 -20.33 43.53
CA CYS S 65 -48.03 -19.10 44.19
C CYS S 65 -46.75 -19.37 44.97
N PRO S 66 -45.93 -18.33 45.14
CA PRO S 66 -44.65 -18.49 45.85
C PRO S 66 -44.85 -19.14 47.22
N TYR S 67 -43.93 -20.03 47.58
CA TYR S 67 -43.95 -20.65 48.88
C TYR S 67 -43.96 -19.58 49.97
N ILE S 68 -44.74 -19.80 51.01
CA ILE S 68 -44.84 -18.87 52.12
C ILE S 68 -44.31 -19.53 53.40
N ARG S 69 -43.26 -18.96 53.98
CA ARG S 69 -42.65 -19.54 55.17
C ARG S 69 -43.51 -19.33 56.39
N ASP S 70 -43.33 -20.18 57.40
CA ASP S 70 -44.03 -20.02 58.67
C ASP S 70 -43.68 -18.66 59.24
N PRO S 71 -44.69 -17.82 59.51
CA PRO S 71 -44.44 -16.53 60.15
C PRO S 71 -43.63 -16.78 61.40
N LEU S 72 -42.70 -15.89 61.72
CA LEU S 72 -41.88 -16.09 62.90
C LEU S 72 -42.78 -16.21 64.14
N ASN S 73 -42.60 -17.28 64.91
CA ASN S 73 -43.41 -17.56 66.09
C ASN S 73 -44.84 -17.97 65.73
N GLY S 74 -45.07 -18.20 64.45
CA GLY S 74 -46.37 -18.61 63.96
C GLY S 74 -46.28 -19.84 63.07
N GLN S 75 -47.20 -19.96 62.12
CA GLN S 75 -47.28 -21.14 61.30
C GLN S 75 -48.21 -20.90 60.12
N ALA S 76 -47.73 -21.16 58.91
CA ALA S 76 -48.53 -21.00 57.71
C ALA S 76 -48.91 -22.34 57.11
N VAL S 77 -50.18 -22.72 57.28
CA VAL S 77 -50.68 -23.99 56.75
C VAL S 77 -51.64 -23.75 55.58
N PRO S 78 -51.35 -24.37 54.42
CA PRO S 78 -52.30 -24.25 53.31
C PRO S 78 -53.64 -24.78 53.80
N ALA S 79 -54.71 -24.04 53.53
CA ALA S 79 -56.00 -24.39 54.07
C ALA S 79 -56.65 -25.45 53.20
N ASN S 80 -56.30 -25.41 51.93
CA ASN S 80 -56.84 -26.37 50.99
C ASN S 80 -55.77 -27.37 50.54
N GLY S 81 -54.69 -27.44 51.31
CA GLY S 81 -53.63 -28.39 51.07
C GLY S 81 -52.93 -28.27 49.73
N THR S 82 -52.86 -27.07 49.18
CA THR S 82 -52.20 -26.87 47.91
C THR S 82 -51.72 -25.43 47.72
N TYR S 83 -51.01 -25.19 46.62
CA TYR S 83 -50.52 -23.86 46.29
C TYR S 83 -51.03 -23.40 44.92
N GLU S 84 -51.97 -24.15 44.36
CA GLU S 84 -52.58 -23.80 43.08
C GLU S 84 -53.51 -22.61 43.23
N PHE S 85 -53.59 -21.78 42.20
CA PHE S 85 -54.48 -20.63 42.26
C PHE S 85 -55.91 -21.06 42.59
N GLY S 86 -56.62 -20.22 43.36
CA GLY S 86 -57.99 -20.52 43.74
C GLY S 86 -58.09 -20.93 45.19
N TYR S 87 -56.97 -21.33 45.77
CA TYR S 87 -56.98 -21.88 47.11
C TYR S 87 -56.39 -20.91 48.13
N GLN S 88 -56.56 -21.23 49.41
CA GLN S 88 -56.22 -20.30 50.48
C GLN S 88 -55.04 -20.75 51.33
N MET S 89 -54.54 -19.81 52.11
CA MET S 89 -53.48 -20.07 53.08
C MET S 89 -53.93 -19.63 54.45
N HIS S 90 -53.65 -20.44 55.48
CA HIS S 90 -54.11 -20.16 56.83
C HIS S 90 -52.92 -19.78 57.70
N PHE S 91 -53.14 -18.84 58.62
CA PHE S 91 -52.08 -18.39 59.52
C PHE S 91 -52.47 -18.54 60.98
N ILE S 92 -51.61 -19.19 61.75
CA ILE S 92 -51.89 -19.44 63.15
C ILE S 92 -50.68 -19.13 63.99
N CYS S 93 -50.90 -18.44 65.10
CA CYS S 93 -49.79 -18.06 65.96
C CYS S 93 -49.62 -18.99 67.15
N ASN S 94 -48.37 -19.36 67.43
CA ASN S 94 -48.03 -20.25 68.54
C ASN S 94 -48.56 -19.75 69.87
N GLU S 95 -48.45 -20.58 70.90
CA GLU S 95 -48.89 -20.18 72.24
C GLU S 95 -48.10 -18.96 72.67
N GLY S 96 -48.78 -18.00 73.27
CA GLY S 96 -48.12 -16.81 73.78
C GLY S 96 -47.88 -15.76 72.71
N TYR S 97 -48.45 -15.96 71.54
CA TYR S 97 -48.35 -14.98 70.46
C TYR S 97 -49.70 -14.75 69.81
N TYR S 98 -49.93 -13.53 69.31
CA TYR S 98 -51.16 -13.22 68.61
C TYR S 98 -50.87 -12.70 67.20
N LEU S 99 -51.83 -12.87 66.31
CA LEU S 99 -51.64 -12.51 64.91
C LEU S 99 -52.10 -11.09 64.66
N ILE S 100 -51.37 -10.39 63.79
CA ILE S 100 -51.83 -9.09 63.32
C ILE S 100 -52.01 -9.10 61.80
N GLY S 101 -53.23 -8.80 61.35
CA GLY S 101 -53.50 -8.53 59.95
C GLY S 101 -53.73 -9.71 59.00
N GLU S 102 -54.97 -10.15 58.91
CA GLU S 102 -55.35 -11.18 57.92
C GLU S 102 -54.83 -12.57 58.23
N GLU S 103 -55.69 -13.43 58.77
CA GLU S 103 -55.28 -14.81 59.04
C GLU S 103 -55.55 -15.72 57.84
N ILE S 104 -55.96 -15.12 56.73
CA ILE S 104 -56.14 -15.86 55.49
C ILE S 104 -55.76 -15.02 54.29
N LEU S 105 -55.03 -15.63 53.38
CA LEU S 105 -54.67 -14.97 52.13
C LEU S 105 -55.17 -15.80 50.96
N TYR S 106 -55.78 -15.12 49.99
CA TYR S 106 -56.25 -15.79 48.79
C TYR S 106 -55.13 -15.83 47.77
N CYS S 107 -54.95 -16.98 47.12
CA CYS S 107 -54.03 -17.09 46.01
C CYS S 107 -54.83 -16.96 44.73
N GLU S 108 -54.91 -15.75 44.21
CA GLU S 108 -55.70 -15.50 43.01
C GLU S 108 -54.81 -15.46 41.78
N LEU S 109 -55.44 -15.48 40.61
CA LEU S 109 -54.72 -15.44 39.35
C LEU S 109 -54.92 -14.09 38.69
N LYS S 110 -53.89 -13.26 38.72
CA LYS S 110 -53.96 -11.95 38.09
C LYS S 110 -53.15 -11.97 36.79
N GLY S 111 -53.85 -11.98 35.67
CA GLY S 111 -53.20 -12.06 34.38
C GLY S 111 -52.65 -13.45 34.11
N SER S 112 -51.35 -13.55 33.91
CA SER S 112 -50.69 -14.81 33.61
C SER S 112 -50.06 -15.41 34.86
N VAL S 113 -49.96 -14.60 35.92
CA VAL S 113 -49.26 -15.02 37.12
C VAL S 113 -50.21 -15.25 38.29
N ALA S 114 -49.82 -16.17 39.17
CA ALA S 114 -50.55 -16.42 40.40
C ALA S 114 -49.87 -15.74 41.56
N ILE S 115 -50.64 -14.96 42.33
CA ILE S 115 -50.09 -14.20 43.45
C ILE S 115 -51.02 -14.20 44.65
N TRP S 116 -50.49 -13.79 45.79
CA TRP S 116 -51.26 -13.75 47.03
C TRP S 116 -51.99 -12.42 47.21
N SER S 117 -53.23 -12.49 47.67
CA SER S 117 -54.05 -11.29 47.84
C SER S 117 -53.32 -10.21 48.64
N GLY S 118 -52.81 -10.59 49.81
CA GLY S 118 -52.13 -9.63 50.67
C GLY S 118 -50.77 -10.08 51.12
N LYS S 119 -50.24 -9.40 52.15
CA LYS S 119 -48.93 -9.69 52.70
C LYS S 119 -49.06 -10.55 53.94
N PRO S 120 -48.23 -11.60 54.06
CA PRO S 120 -48.28 -12.50 55.21
C PRO S 120 -48.27 -11.72 56.52
N PRO S 121 -48.98 -12.23 57.53
CA PRO S 121 -49.16 -11.56 58.82
C PRO S 121 -47.98 -11.77 59.76
N ILE S 122 -48.08 -11.13 60.93
CA ILE S 122 -47.04 -11.18 61.95
C ILE S 122 -47.59 -11.90 63.17
N CYS S 123 -46.69 -12.46 63.98
CA CYS S 123 -47.08 -13.00 65.27
C CYS S 123 -46.32 -12.26 66.39
N GLU S 124 -47.09 -11.62 67.27
CA GLU S 124 -46.53 -10.72 68.29
C GLU S 124 -46.56 -11.32 69.69
N LYS S 125 -45.67 -10.85 70.55
CA LYS S 125 -45.34 -11.54 71.79
C LYS S 125 -46.38 -11.44 72.92
N VAL S 126 -47.50 -10.77 72.67
CA VAL S 126 -48.55 -10.62 73.68
C VAL S 126 -48.08 -9.78 74.87
N CYS T 1 6.57 -13.34 65.12
CA CYS T 1 6.30 -12.22 66.02
C CYS T 1 4.89 -12.33 66.58
N GLU T 2 4.49 -11.36 67.40
CA GLU T 2 3.14 -11.33 67.95
C GLU T 2 2.18 -10.68 66.96
N GLU T 3 1.04 -10.19 67.46
CA GLU T 3 0.06 -9.53 66.61
C GLU T 3 0.62 -8.22 66.04
N PRO T 4 0.33 -7.96 64.75
CA PRO T 4 0.71 -6.68 64.14
C PRO T 4 0.02 -5.53 64.85
N PRO T 5 0.70 -4.38 64.97
CA PRO T 5 0.17 -3.21 65.70
C PRO T 5 -1.23 -2.85 65.23
N THR T 6 -2.04 -2.30 66.14
CA THR T 6 -3.35 -1.77 65.76
C THR T 6 -3.24 -0.27 65.55
N PHE T 7 -4.14 0.28 64.72
CA PHE T 7 -4.12 1.70 64.42
C PHE T 7 -5.51 2.31 64.43
N GLU T 8 -5.56 3.64 64.35
CA GLU T 8 -6.82 4.37 64.39
C GLU T 8 -7.42 4.64 63.00
N ALA T 9 -6.56 4.66 61.99
CA ALA T 9 -6.97 5.00 60.62
C ALA T 9 -6.93 3.81 59.64
N MET T 10 -6.17 2.77 59.99
CA MET T 10 -6.05 1.60 59.13
C MET T 10 -6.20 0.30 59.92
N GLU T 11 -6.72 -0.73 59.26
CA GLU T 11 -6.90 -2.02 59.89
C GLU T 11 -6.14 -3.10 59.12
N LEU T 12 -6.35 -4.36 59.48
CA LEU T 12 -5.57 -5.45 58.90
C LEU T 12 -6.28 -6.19 57.76
N ILE T 13 -5.57 -6.36 56.66
CA ILE T 13 -6.07 -7.16 55.54
C ILE T 13 -5.84 -8.64 55.79
N GLY T 14 -6.90 -9.44 55.65
CA GLY T 14 -6.79 -10.87 55.84
C GLY T 14 -6.86 -11.31 57.29
N LYS T 15 -6.71 -12.61 57.53
CA LYS T 15 -6.76 -13.16 58.88
C LYS T 15 -5.54 -12.78 59.71
N PRO T 16 -5.76 -12.48 61.01
CA PRO T 16 -4.65 -12.18 61.93
C PRO T 16 -3.95 -13.47 62.36
N LYS T 17 -2.62 -13.50 62.25
CA LYS T 17 -1.85 -14.68 62.60
C LYS T 17 -1.21 -14.56 63.98
N PRO T 18 -1.26 -15.65 64.78
CA PRO T 18 -0.68 -15.71 66.13
C PRO T 18 0.84 -15.58 66.10
N TYR T 19 1.46 -16.19 65.09
CA TYR T 19 2.91 -16.09 64.93
C TYR T 19 3.30 -15.89 63.47
N TYR T 20 4.06 -14.84 63.21
CA TYR T 20 4.57 -14.57 61.88
C TYR T 20 6.07 -14.83 61.83
N GLU T 21 6.58 -15.15 60.64
CA GLU T 21 8.01 -15.44 60.48
C GLU T 21 8.78 -14.25 59.92
N ILE T 22 10.07 -14.44 59.66
CA ILE T 22 10.93 -13.38 59.14
C ILE T 22 10.90 -13.33 57.61
N GLY T 23 10.29 -12.28 57.05
CA GLY T 23 10.12 -12.17 55.62
C GLY T 23 8.66 -12.14 55.22
N GLU T 24 7.78 -12.25 56.22
CA GLU T 24 6.34 -12.14 56.01
C GLU T 24 5.87 -10.69 56.17
N ARG T 25 5.61 -10.03 55.04
CA ARG T 25 5.14 -8.65 55.05
C ARG T 25 3.61 -8.56 55.10
N VAL T 26 3.08 -8.12 56.24
CA VAL T 26 1.64 -8.02 56.43
C VAL T 26 1.11 -6.64 56.02
N ASP T 27 -0.02 -6.62 55.31
CA ASP T 27 -0.55 -5.39 54.72
C ASP T 27 -1.75 -4.82 55.47
N TYR T 28 -1.92 -3.51 55.39
CA TYR T 28 -3.07 -2.81 55.98
C TYR T 28 -3.92 -2.13 54.91
N LYS T 29 -5.18 -1.88 55.26
CA LYS T 29 -6.05 -1.04 54.44
C LYS T 29 -6.69 0.01 55.33
N CYS T 30 -7.14 1.12 54.76
CA CYS T 30 -7.75 2.19 55.54
C CYS T 30 -9.14 1.82 56.03
N LYS T 31 -9.47 2.24 57.24
CA LYS T 31 -10.79 1.99 57.81
C LYS T 31 -11.85 2.79 57.07
N LYS T 32 -13.10 2.35 57.18
CA LYS T 32 -14.22 3.12 56.66
C LYS T 32 -14.09 4.56 57.14
N GLY T 33 -14.21 5.50 56.21
CA GLY T 33 -14.15 6.91 56.55
C GLY T 33 -12.81 7.56 56.27
N TYR T 34 -11.83 6.74 55.91
CA TYR T 34 -10.49 7.24 55.58
C TYR T 34 -10.09 6.86 54.16
N PHE T 35 -9.17 7.62 53.58
CA PHE T 35 -8.64 7.27 52.25
C PHE T 35 -7.11 7.43 52.18
N TYR T 36 -6.50 6.59 51.36
CA TYR T 36 -5.04 6.52 51.29
C TYR T 36 -4.46 7.50 50.27
N ILE T 37 -3.29 8.06 50.61
CA ILE T 37 -2.54 8.90 49.70
C ILE T 37 -1.07 8.48 49.67
N PRO T 38 -0.53 8.29 48.46
CA PRO T 38 0.88 7.93 48.27
C PRO T 38 1.83 8.98 48.87
N PRO T 39 3.10 8.60 49.08
CA PRO T 39 3.61 7.25 48.86
C PRO T 39 3.94 6.52 50.16
N LEU T 40 3.72 7.17 51.30
CA LEU T 40 3.91 6.55 52.61
C LEU T 40 3.23 5.16 52.60
N ALA T 41 4.02 4.11 52.76
CA ALA T 41 3.52 2.76 52.46
C ALA T 41 2.63 2.14 53.55
N THR T 42 1.97 1.06 53.17
CA THR T 42 1.14 0.27 54.08
C THR T 42 1.75 -1.12 54.32
N HIS T 43 2.82 -1.42 53.61
CA HIS T 43 3.60 -2.65 53.83
C HIS T 43 4.25 -2.61 55.22
N THR T 44 4.72 -3.78 55.67
CA THR T 44 5.44 -3.87 56.95
C THR T 44 5.92 -5.30 57.18
N ILE T 45 7.22 -5.45 57.41
CA ILE T 45 7.85 -6.77 57.52
C ILE T 45 8.17 -7.18 58.96
N CYS T 46 8.82 -8.34 59.09
CA CYS T 46 9.32 -8.82 60.37
C CYS T 46 10.86 -8.83 60.33
N ASP T 47 11.47 -7.86 61.00
CA ASP T 47 12.93 -7.66 60.95
C ASP T 47 13.74 -8.85 61.47
N ARG T 48 15.07 -8.71 61.46
CA ARG T 48 15.97 -9.76 61.91
C ARG T 48 15.57 -10.29 63.29
N ASN T 49 14.99 -9.43 64.11
CA ASN T 49 14.50 -9.82 65.44
C ASN T 49 13.14 -10.52 65.37
N HIS T 50 12.35 -10.36 66.42
CA HIS T 50 10.97 -10.81 66.42
C HIS T 50 10.05 -9.65 66.80
N THR T 51 10.22 -8.53 66.09
CA THR T 51 9.44 -7.32 66.30
C THR T 51 9.01 -6.74 64.95
N TRP T 52 8.02 -5.84 64.97
CA TRP T 52 7.51 -5.23 63.74
C TRP T 52 8.24 -3.94 63.37
N LEU T 53 8.52 -3.77 62.08
CA LEU T 53 9.16 -2.56 61.58
C LEU T 53 8.35 -1.32 61.93
N PRO T 54 8.94 -0.13 61.71
CA PRO T 54 8.18 1.12 61.91
C PRO T 54 7.09 1.25 60.85
N VAL T 55 5.90 1.61 61.29
CA VAL T 55 4.77 1.81 60.38
C VAL T 55 3.71 2.68 61.04
N SER T 56 3.17 3.63 60.29
CA SER T 56 2.21 4.58 60.83
C SER T 56 0.90 4.62 60.02
N ASP T 57 -0.18 5.03 60.69
CA ASP T 57 -1.44 5.25 60.01
C ASP T 57 -1.50 6.67 59.46
N ASP T 58 -0.43 7.07 58.76
CA ASP T 58 -0.30 8.43 58.25
C ASP T 58 -0.61 8.52 56.77
N ALA T 59 -0.70 7.38 56.10
CA ALA T 59 -1.09 7.35 54.70
C ALA T 59 -2.60 7.53 54.59
N CYS T 60 -3.31 7.17 55.65
CA CYS T 60 -4.76 7.27 55.70
C CYS T 60 -5.23 8.63 56.23
N TYR T 61 -6.07 9.30 55.45
CA TYR T 61 -6.58 10.60 55.84
C TYR T 61 -8.08 10.55 56.09
N ARG T 62 -8.59 11.52 56.85
CA ARG T 62 -10.01 11.65 57.10
C ARG T 62 -10.74 12.18 55.88
N GLU T 63 -11.96 11.69 55.66
CA GLU T 63 -12.81 12.15 54.58
C GLU T 63 -13.10 13.64 54.73
N THR T 64 -12.99 14.39 53.62
CA THR T 64 -13.34 15.81 53.63
C THR T 64 -14.76 16.03 53.12
N CYS T 65 -15.30 17.20 53.40
CA CYS T 65 -16.62 17.58 52.89
C CYS T 65 -16.44 18.53 51.73
N PRO T 66 -17.41 18.54 50.80
CA PRO T 66 -17.33 19.40 49.62
C PRO T 66 -17.10 20.86 49.98
N TYR T 67 -16.26 21.53 49.20
CA TYR T 67 -16.00 22.93 49.41
C TYR T 67 -17.32 23.70 49.39
N ILE T 68 -17.42 24.68 50.29
CA ILE T 68 -18.61 25.52 50.37
C ILE T 68 -18.26 26.96 50.03
N ARG T 69 -18.88 27.50 48.98
CA ARG T 69 -18.59 28.86 48.54
C ARG T 69 -19.19 29.90 49.48
N ASP T 70 -18.61 31.09 49.48
CA ASP T 70 -19.16 32.19 50.26
C ASP T 70 -20.59 32.45 49.81
N PRO T 71 -21.54 32.40 50.75
CA PRO T 71 -22.93 32.71 50.41
C PRO T 71 -22.95 34.06 49.71
N LEU T 72 -23.83 34.24 48.73
CA LEU T 72 -23.87 35.52 48.04
C LEU T 72 -24.16 36.63 49.05
N ASN T 73 -23.31 37.66 49.04
CA ASN T 73 -23.42 38.78 49.98
C ASN T 73 -23.06 38.38 51.41
N GLY T 74 -22.53 37.17 51.55
CA GLY T 74 -22.11 36.66 52.85
C GLY T 74 -20.70 36.13 52.82
N GLN T 75 -20.41 35.16 53.68
CA GLN T 75 -19.06 34.66 53.82
C GLN T 75 -19.03 33.37 54.62
N ALA T 76 -18.44 32.34 54.06
CA ALA T 76 -18.34 31.04 54.72
C ALA T 76 -16.92 30.78 55.21
N VAL T 77 -16.71 30.90 56.52
CA VAL T 77 -15.40 30.65 57.11
C VAL T 77 -15.40 29.36 57.95
N PRO T 78 -14.47 28.43 57.63
CA PRO T 78 -14.36 27.23 58.49
C PRO T 78 -14.02 27.67 59.91
N ALA T 79 -14.54 26.98 60.93
CA ALA T 79 -14.44 27.46 62.31
C ALA T 79 -13.60 26.60 63.28
N ASN T 80 -13.43 25.32 62.95
CA ASN T 80 -12.62 24.44 63.80
C ASN T 80 -11.47 23.81 63.02
N TYR T 83 -12.25 21.31 57.22
CA TYR T 83 -13.05 20.69 56.15
C TYR T 83 -13.18 19.17 56.29
N GLU T 84 -12.38 18.58 57.17
CA GLU T 84 -12.50 17.16 57.49
C GLU T 84 -13.76 16.91 58.30
N PHE T 85 -14.08 15.66 58.54
CA PHE T 85 -15.26 15.38 59.34
C PHE T 85 -15.02 15.59 60.83
N GLY T 86 -16.03 16.15 61.50
CA GLY T 86 -15.96 16.45 62.91
C GLY T 86 -15.93 17.94 63.17
N TYR T 87 -15.60 18.72 62.14
CA TYR T 87 -15.43 20.16 62.31
C TYR T 87 -16.57 20.97 61.70
N GLN T 88 -16.61 22.26 62.03
CA GLN T 88 -17.75 23.09 61.68
C GLN T 88 -17.45 24.14 60.62
N MET T 89 -18.53 24.72 60.09
CA MET T 89 -18.44 25.83 59.14
C MET T 89 -19.27 26.99 59.67
N HIS T 90 -18.72 28.20 59.56
CA HIS T 90 -19.38 29.38 60.10
C HIS T 90 -19.89 30.27 58.97
N PHE T 91 -21.06 30.87 59.15
CA PHE T 91 -21.62 31.74 58.11
C PHE T 91 -21.89 33.14 58.65
N ILE T 92 -21.40 34.15 57.94
CA ILE T 92 -21.56 35.53 58.36
C ILE T 92 -21.97 36.39 57.18
N CYS T 93 -22.94 37.26 57.40
CA CYS T 93 -23.44 38.10 56.33
C CYS T 93 -22.84 39.50 56.36
N ASN T 94 -22.43 39.98 55.18
CA ASN T 94 -21.85 41.30 55.04
C ASN T 94 -22.72 42.41 55.63
N GLU T 95 -22.18 43.63 55.69
CA GLU T 95 -22.94 44.76 56.20
C GLU T 95 -24.17 44.96 55.32
N GLY T 96 -25.32 45.22 55.94
CA GLY T 96 -26.53 45.48 55.21
C GLY T 96 -27.26 44.22 54.76
N TYR T 97 -26.81 43.07 55.26
CA TYR T 97 -27.45 41.81 54.94
C TYR T 97 -27.62 40.97 56.20
N TYR T 98 -28.68 40.16 56.24
CA TYR T 98 -28.90 39.27 57.37
C TYR T 98 -29.00 37.82 56.90
N LEU T 99 -28.68 36.91 57.81
CA LEU T 99 -28.66 35.49 57.49
C LEU T 99 -30.00 34.85 57.76
N ILE T 100 -30.39 33.91 56.90
CA ILE T 100 -31.56 33.07 57.17
C ILE T 100 -31.17 31.58 57.23
N GLY T 101 -31.46 30.95 58.36
CA GLY T 101 -31.36 29.50 58.51
C GLY T 101 -30.00 28.88 58.78
N GLU T 102 -29.64 28.76 60.05
CA GLU T 102 -28.43 28.03 60.44
C GLU T 102 -27.11 28.75 60.11
N GLU T 103 -26.50 29.39 61.09
CA GLU T 103 -25.22 30.05 60.86
C GLU T 103 -24.05 29.09 61.11
N ILE T 104 -24.36 27.82 61.38
CA ILE T 104 -23.35 26.79 61.53
C ILE T 104 -23.81 25.46 60.96
N LEU T 105 -22.91 24.82 60.21
CA LEU T 105 -23.18 23.50 59.69
C LEU T 105 -22.13 22.52 60.18
N TYR T 106 -22.58 21.36 60.64
CA TYR T 106 -21.65 20.33 61.08
C TYR T 106 -21.26 19.48 59.89
N CYS T 107 -19.97 19.15 59.79
CA CYS T 107 -19.50 18.20 58.80
C CYS T 107 -19.36 16.84 59.46
N GLU T 108 -20.40 16.03 59.36
CA GLU T 108 -20.41 14.73 60.03
C GLU T 108 -20.02 13.65 59.06
N LEU T 109 -19.76 12.46 59.59
CA LEU T 109 -19.43 11.31 58.77
C LEU T 109 -20.57 10.32 58.77
N LYS T 110 -21.30 10.25 57.66
CA LYS T 110 -22.40 9.29 57.52
C LYS T 110 -21.97 8.14 56.62
N GLY T 111 -21.73 6.98 57.21
CA GLY T 111 -21.26 5.83 56.46
C GLY T 111 -19.81 5.98 56.05
N SER T 112 -19.57 5.96 54.74
CA SER T 112 -18.21 6.07 54.21
C SER T 112 -17.92 7.48 53.75
N VAL T 113 -18.96 8.30 53.66
CA VAL T 113 -18.82 9.65 53.11
C VAL T 113 -18.97 10.73 54.18
N ALA T 114 -18.28 11.84 53.97
CA ALA T 114 -18.41 13.00 54.83
C ALA T 114 -19.33 14.01 54.16
N ILE T 115 -20.33 14.47 54.89
CA ILE T 115 -21.31 15.43 54.37
C ILE T 115 -21.68 16.51 55.39
N TRP T 116 -22.33 17.57 54.92
CA TRP T 116 -22.76 18.65 55.78
C TRP T 116 -24.14 18.41 56.37
N SER T 117 -24.30 18.74 57.65
CA SER T 117 -25.56 18.53 58.35
C SER T 117 -26.75 19.09 57.57
N GLY T 118 -26.65 20.37 57.21
CA GLY T 118 -27.74 21.04 56.52
C GLY T 118 -27.32 21.71 55.22
N LYS T 119 -28.19 22.58 54.72
CA LYS T 119 -27.94 23.31 53.49
C LYS T 119 -27.45 24.73 53.82
N PRO T 120 -26.41 25.18 53.12
CA PRO T 120 -25.86 26.51 53.37
C PRO T 120 -26.95 27.59 53.39
N PRO T 121 -26.77 28.62 54.24
CA PRO T 121 -27.77 29.67 54.45
C PRO T 121 -27.73 30.75 53.37
N ILE T 122 -28.65 31.69 53.49
CA ILE T 122 -28.78 32.80 52.55
C ILE T 122 -28.47 34.10 53.28
N CYS T 123 -28.04 35.11 52.52
CA CYS T 123 -27.89 36.45 53.06
C CYS T 123 -28.83 37.42 52.33
N GLU T 124 -29.75 38.01 53.09
CA GLU T 124 -30.83 38.82 52.51
C GLU T 124 -30.61 40.32 52.71
N LYS T 125 -31.22 41.14 51.85
CA LYS T 125 -30.84 42.54 51.72
C LYS T 125 -31.33 43.50 52.82
N VAL T 126 -32.01 42.97 53.83
CA VAL T 126 -32.51 43.80 54.93
C VAL T 126 -33.56 44.79 54.47
N CYS U 1 -19.34 43.42 0.19
CA CYS U 1 -20.67 43.98 0.32
C CYS U 1 -20.90 44.40 1.77
N GLU U 2 -22.10 44.92 2.05
CA GLU U 2 -22.46 45.30 3.41
C GLU U 2 -22.98 44.10 4.20
N GLU U 3 -23.74 44.36 5.26
CA GLU U 3 -24.30 43.28 6.06
C GLU U 3 -25.33 42.48 5.27
N PRO U 4 -25.32 41.16 5.43
CA PRO U 4 -26.32 40.30 4.80
C PRO U 4 -27.70 40.64 5.33
N PRO U 5 -28.73 40.56 4.48
CA PRO U 5 -30.09 40.95 4.85
C PRO U 5 -30.55 40.27 6.14
N THR U 6 -31.42 40.93 6.90
CA THR U 6 -32.02 40.32 8.07
C THR U 6 -33.39 39.77 7.72
N PHE U 7 -33.84 38.76 8.46
CA PHE U 7 -35.12 38.13 8.18
C PHE U 7 -35.92 37.87 9.44
N GLU U 8 -37.18 37.46 9.27
CA GLU U 8 -38.07 37.21 10.39
C GLU U 8 -38.05 35.74 10.84
N ALA U 9 -37.71 34.85 9.93
CA ALA U 9 -37.77 33.43 10.23
C ALA U 9 -36.40 32.76 10.32
N MET U 10 -35.37 33.41 9.77
CA MET U 10 -34.03 32.85 9.78
C MET U 10 -32.99 33.89 10.18
N GLU U 11 -31.93 33.44 10.84
CA GLU U 11 -30.85 34.34 11.26
C GLU U 11 -29.52 33.92 10.66
N LEU U 12 -28.43 34.55 11.09
CA LEU U 12 -27.14 34.31 10.47
C LEU U 12 -26.28 33.32 11.24
N ILE U 13 -25.71 32.37 10.50
CA ILE U 13 -24.75 31.43 11.05
C ILE U 13 -23.35 32.04 11.08
N GLY U 14 -22.71 31.99 12.24
CA GLY U 14 -21.37 32.52 12.39
C GLY U 14 -21.33 34.02 12.60
N LYS U 15 -20.12 34.57 12.68
CA LYS U 15 -19.93 36.00 12.91
C LYS U 15 -20.31 36.83 11.69
N PRO U 16 -20.95 37.98 11.93
CA PRO U 16 -21.30 38.90 10.85
C PRO U 16 -20.08 39.69 10.40
N LYS U 17 -19.81 39.73 9.10
CA LYS U 17 -18.65 40.44 8.57
C LYS U 17 -19.02 41.81 8.01
N PRO U 18 -18.18 42.82 8.26
CA PRO U 18 -18.38 44.19 7.79
C PRO U 18 -18.26 44.28 6.27
N TYR U 19 -17.35 43.51 5.70
CA TYR U 19 -17.18 43.48 4.25
C TYR U 19 -16.95 42.05 3.75
N TYR U 20 -17.79 41.62 2.82
CA TYR U 20 -17.64 40.32 2.19
C TYR U 20 -17.13 40.53 0.77
N GLU U 21 -16.38 39.57 0.25
CA GLU U 21 -15.84 39.72 -1.09
C GLU U 21 -16.79 39.17 -2.14
N ILE U 22 -16.43 39.34 -3.42
CA ILE U 22 -17.24 38.82 -4.52
C ILE U 22 -17.20 37.31 -4.55
N GLY U 23 -18.37 36.69 -4.70
CA GLY U 23 -18.47 35.24 -4.76
C GLY U 23 -18.41 34.59 -3.39
N GLU U 24 -18.19 35.41 -2.36
CA GLU U 24 -18.15 34.91 -1.00
C GLU U 24 -19.59 34.71 -0.53
N ARG U 25 -19.90 33.50 -0.07
CA ARG U 25 -21.27 33.15 0.29
C ARG U 25 -21.45 33.05 1.80
N VAL U 26 -22.68 33.25 2.24
CA VAL U 26 -23.00 33.25 3.66
C VAL U 26 -24.30 32.49 3.92
N ASP U 27 -24.32 31.68 4.98
CA ASP U 27 -25.43 30.77 5.26
C ASP U 27 -26.33 31.24 6.39
N TYR U 28 -27.60 30.84 6.33
CA TYR U 28 -28.57 31.14 7.38
C TYR U 28 -29.08 29.86 8.05
N LYS U 29 -29.58 30.00 9.27
CA LYS U 29 -30.33 28.93 9.93
C LYS U 29 -31.65 29.49 10.45
N CYS U 30 -32.62 28.62 10.67
CA CYS U 30 -33.93 29.06 11.13
C CYS U 30 -33.93 29.47 12.59
N LYS U 31 -34.68 30.52 12.91
CA LYS U 31 -34.76 31.01 14.29
C LYS U 31 -35.50 30.01 15.16
N LYS U 32 -35.28 30.09 16.46
CA LYS U 32 -36.07 29.30 17.42
C LYS U 32 -37.54 29.44 17.07
N GLY U 33 -38.23 28.31 16.98
CA GLY U 33 -39.65 28.32 16.71
C GLY U 33 -40.01 28.02 15.27
N TYR U 34 -39.00 27.96 14.41
CA TYR U 34 -39.22 27.65 13.00
C TYR U 34 -38.43 26.41 12.59
N PHE U 35 -38.88 25.76 11.51
CA PHE U 35 -38.14 24.61 10.97
C PHE U 35 -38.06 24.66 9.44
N TYR U 36 -36.96 24.13 8.91
CA TYR U 36 -36.65 24.22 7.49
C TYR U 36 -37.26 23.07 6.69
N ILE U 37 -37.70 23.38 5.47
CA ILE U 37 -38.18 22.38 4.53
C ILE U 37 -37.56 22.59 3.16
N PRO U 38 -37.00 21.51 2.59
CA PRO U 38 -36.40 21.56 1.24
C PRO U 38 -37.41 22.00 0.18
N PRO U 39 -36.92 22.42 -0.99
CA PRO U 39 -35.49 22.56 -1.29
C PRO U 39 -35.06 24.01 -1.40
N LEU U 40 -35.99 24.94 -1.22
CA LEU U 40 -35.69 26.38 -1.22
C LEU U 40 -34.49 26.69 -0.34
N ALA U 41 -33.59 27.51 -0.86
CA ALA U 41 -32.27 27.69 -0.26
C ALA U 41 -32.21 28.71 0.88
N THR U 42 -31.31 28.45 1.81
CA THR U 42 -31.09 29.32 2.96
C THR U 42 -29.71 29.99 2.91
N HIS U 43 -29.24 30.27 1.70
CA HIS U 43 -27.94 30.90 1.52
C HIS U 43 -28.02 32.03 0.52
N THR U 44 -27.04 32.92 0.53
CA THR U 44 -26.89 33.89 -0.52
C THR U 44 -25.40 34.09 -0.78
N ILE U 45 -25.07 34.57 -1.97
CA ILE U 45 -23.68 34.78 -2.36
C ILE U 45 -23.49 36.26 -2.68
N CYS U 46 -22.32 36.62 -3.19
CA CYS U 46 -22.07 38.01 -3.56
C CYS U 46 -21.83 38.12 -5.06
N ASP U 47 -22.84 38.61 -5.79
CA ASP U 47 -22.81 38.64 -7.26
C ASP U 47 -21.69 39.51 -7.82
N ARG U 48 -21.62 39.59 -9.15
CA ARG U 48 -20.59 40.37 -9.83
C ARG U 48 -20.48 41.79 -9.28
N ASN U 49 -21.60 42.32 -8.78
CA ASN U 49 -21.62 43.65 -8.17
C ASN U 49 -21.14 43.61 -6.72
N HIS U 50 -21.67 44.52 -5.91
CA HIS U 50 -21.44 44.48 -4.48
C HIS U 50 -22.78 44.48 -3.74
N THR U 51 -23.64 43.55 -4.14
CA THR U 51 -24.96 43.39 -3.56
C THR U 51 -25.26 41.90 -3.33
N TRP U 52 -26.26 41.61 -2.49
CA TRP U 52 -26.60 40.24 -2.16
C TRP U 52 -27.64 39.65 -3.11
N LEU U 53 -27.45 38.39 -3.49
CA LEU U 53 -28.39 37.69 -4.36
C LEU U 53 -29.79 37.66 -3.75
N PRO U 54 -30.79 37.22 -4.54
CA PRO U 54 -32.15 37.04 -3.99
C PRO U 54 -32.18 35.89 -3.00
N VAL U 55 -32.81 36.11 -1.86
CA VAL U 55 -32.94 35.07 -0.84
C VAL U 55 -34.09 35.41 0.10
N SER U 56 -34.89 34.40 0.44
CA SER U 56 -36.07 34.62 1.26
C SER U 56 -36.11 33.70 2.48
N ASP U 57 -36.82 34.14 3.51
CA ASP U 57 -37.05 33.30 4.69
C ASP U 57 -38.28 32.43 4.46
N ASP U 58 -38.34 31.77 3.31
CA ASP U 58 -39.50 30.98 2.93
C ASP U 58 -39.27 29.49 3.13
N ALA U 59 -38.03 29.11 3.39
CA ALA U 59 -37.72 27.72 3.68
C ALA U 59 -38.08 27.41 5.12
N CYS U 60 -38.11 28.46 5.94
CA CYS U 60 -38.42 28.34 7.35
C CYS U 60 -39.92 28.48 7.62
N TYR U 61 -40.50 27.49 8.29
CA TYR U 61 -41.91 27.50 8.60
C TYR U 61 -42.14 27.58 10.10
N ARG U 62 -43.38 27.87 10.50
CA ARG U 62 -43.73 27.87 11.91
C ARG U 62 -43.89 26.43 12.39
N GLU U 63 -43.48 26.17 13.63
CA GLU U 63 -43.69 24.86 14.24
C GLU U 63 -45.18 24.55 14.27
N THR U 64 -45.55 23.30 14.05
CA THR U 64 -46.94 22.89 14.12
C THR U 64 -47.26 22.21 15.45
N CYS U 65 -48.55 22.13 15.76
CA CYS U 65 -49.00 21.41 16.94
C CYS U 65 -49.56 20.06 16.54
N PRO U 66 -49.49 19.07 17.44
CA PRO U 66 -49.96 17.72 17.14
C PRO U 66 -51.40 17.73 16.63
N TYR U 67 -51.67 16.89 15.65
CA TYR U 67 -53.02 16.76 15.13
C TYR U 67 -53.98 16.41 16.26
N ILE U 68 -55.16 17.02 16.24
CA ILE U 68 -56.18 16.77 17.25
C ILE U 68 -57.39 16.11 16.59
N ARG U 69 -57.72 14.91 17.04
CA ARG U 69 -58.85 14.18 16.46
C ARG U 69 -60.20 14.76 16.90
N ASP U 70 -61.23 14.52 16.09
CA ASP U 70 -62.58 14.93 16.48
C ASP U 70 -62.94 14.30 17.81
N PRO U 71 -63.31 15.11 18.81
CA PRO U 71 -63.75 14.57 20.10
C PRO U 71 -64.86 13.57 19.83
N LEU U 72 -64.92 12.49 20.59
CA LEU U 72 -65.96 11.50 20.36
C LEU U 72 -67.34 12.15 20.45
N ASN U 73 -68.16 11.97 19.43
CA ASN U 73 -69.50 12.58 19.36
C ASN U 73 -69.43 14.08 19.15
N GLY U 74 -68.23 14.58 18.87
CA GLY U 74 -68.02 16.00 18.62
C GLY U 74 -67.26 16.24 17.33
N GLN U 75 -66.51 17.34 17.30
CA GLN U 75 -65.84 17.74 16.08
C GLN U 75 -64.83 18.84 16.35
N ALA U 76 -63.59 18.62 15.94
CA ALA U 76 -62.53 19.60 16.13
C ALA U 76 -62.17 20.28 14.82
N VAL U 77 -62.60 21.53 14.66
CA VAL U 77 -62.30 22.29 13.45
C VAL U 77 -61.30 23.41 13.72
N PRO U 78 -60.17 23.43 12.98
CA PRO U 78 -59.25 24.56 13.15
C PRO U 78 -59.98 25.86 12.84
N ALA U 79 -59.71 26.90 13.63
CA ALA U 79 -60.40 28.18 13.48
C ALA U 79 -59.63 29.11 12.55
N ASN U 80 -58.62 28.58 11.90
CA ASN U 80 -57.86 29.33 10.89
C ASN U 80 -57.36 28.39 9.79
N GLY U 81 -57.86 27.16 9.81
CA GLY U 81 -57.49 26.15 8.83
C GLY U 81 -56.07 25.64 9.02
N THR U 82 -55.37 26.21 10.00
CA THR U 82 -53.94 25.94 10.22
C THR U 82 -53.63 25.47 11.66
N TYR U 83 -52.63 24.59 11.77
CA TYR U 83 -52.19 24.03 13.06
C TYR U 83 -50.86 24.63 13.53
N GLU U 84 -50.40 25.66 12.84
CA GLU U 84 -49.20 26.38 13.23
C GLU U 84 -49.42 27.14 14.53
N PHE U 85 -48.34 27.51 15.20
CA PHE U 85 -48.48 28.25 16.45
C PHE U 85 -49.02 29.64 16.18
N GLY U 86 -49.84 30.10 17.11
CA GLY U 86 -50.48 31.40 17.01
C GLY U 86 -51.96 31.28 16.73
N TYR U 87 -52.36 30.12 16.20
CA TYR U 87 -53.75 29.95 15.77
C TYR U 87 -54.54 29.04 16.69
N GLN U 88 -55.86 29.02 16.51
CA GLN U 88 -56.76 28.37 17.45
C GLN U 88 -57.41 27.12 16.89
N MET U 89 -58.01 26.35 17.80
CA MET U 89 -58.78 25.16 17.45
C MET U 89 -60.16 25.29 18.07
N HIS U 90 -61.19 24.94 17.30
CA HIS U 90 -62.57 25.10 17.74
C HIS U 90 -63.18 23.72 18.01
N PHE U 91 -64.02 23.63 19.04
CA PHE U 91 -64.67 22.37 19.38
C PHE U 91 -66.19 22.50 19.40
N ILE U 92 -66.86 21.61 18.69
CA ILE U 92 -68.31 21.66 18.59
C ILE U 92 -68.89 20.27 18.78
N CYS U 93 -69.95 20.18 19.57
CA CYS U 93 -70.55 18.88 19.84
C CYS U 93 -71.78 18.61 18.98
N ASN U 94 -71.85 17.39 18.45
CA ASN U 94 -72.97 16.97 17.59
C ASN U 94 -74.32 17.16 18.27
N GLU U 95 -75.39 16.96 17.50
CA GLU U 95 -76.73 17.09 18.05
C GLU U 95 -76.89 16.08 19.16
N GLY U 96 -77.52 16.50 20.25
CA GLY U 96 -77.77 15.60 21.38
C GLY U 96 -76.59 15.42 22.31
N TYR U 97 -75.54 16.23 22.13
CA TYR U 97 -74.38 16.18 22.99
C TYR U 97 -73.95 17.60 23.39
N TYR U 98 -73.38 17.73 24.57
CA TYR U 98 -72.88 19.03 25.02
C TYR U 98 -71.40 18.94 25.37
N LEU U 99 -70.71 20.07 25.29
CA LEU U 99 -69.28 20.12 25.51
C LEU U 99 -68.99 20.40 26.97
N ILE U 100 -67.93 19.78 27.49
CA ILE U 100 -67.41 20.13 28.81
C ILE U 100 -65.95 20.59 28.71
N GLY U 101 -65.69 21.82 29.15
CA GLY U 101 -64.33 22.31 29.34
C GLY U 101 -63.57 22.88 28.16
N GLU U 102 -63.74 24.17 27.89
CA GLU U 102 -62.94 24.86 26.88
C GLU U 102 -63.31 24.49 25.44
N GLU U 103 -64.08 25.35 24.76
CA GLU U 103 -64.41 25.08 23.38
C GLU U 103 -63.38 25.69 22.43
N ILE U 104 -62.31 26.23 23.00
CA ILE U 104 -61.19 26.74 22.22
C ILE U 104 -59.86 26.47 22.89
N LEU U 105 -58.90 26.01 22.10
CA LEU U 105 -57.55 25.80 22.59
C LEU U 105 -56.57 26.64 21.78
N TYR U 106 -55.65 27.32 22.46
CA TYR U 106 -54.64 28.10 21.77
C TYR U 106 -53.45 27.19 21.49
N CYS U 107 -52.91 27.30 20.28
CA CYS U 107 -51.65 26.65 19.96
C CYS U 107 -50.52 27.65 20.11
N GLU U 108 -49.90 27.65 21.28
CA GLU U 108 -48.85 28.61 21.57
C GLU U 108 -47.48 27.98 21.37
N LEU U 109 -46.45 28.83 21.36
CA LEU U 109 -45.09 28.35 21.21
C LEU U 109 -44.35 28.51 22.53
N LYS U 110 -44.12 27.38 23.20
CA LYS U 110 -43.36 27.38 24.45
C LYS U 110 -41.95 26.84 24.20
N GLY U 111 -40.97 27.74 24.21
CA GLY U 111 -39.59 27.36 23.95
C GLY U 111 -39.37 27.07 22.48
N SER U 112 -38.96 25.83 22.18
CA SER U 112 -38.69 25.42 20.80
C SER U 112 -39.87 24.65 20.21
N VAL U 113 -40.80 24.24 21.07
CA VAL U 113 -41.90 23.40 20.65
C VAL U 113 -43.23 24.14 20.65
N ALA U 114 -44.11 23.72 19.74
CA ALA U 114 -45.47 24.24 19.68
C ALA U 114 -46.42 23.26 20.35
N ILE U 115 -47.22 23.74 21.30
CA ILE U 115 -48.14 22.89 22.03
C ILE U 115 -49.49 23.57 22.25
N TRP U 116 -50.49 22.78 22.65
CA TRP U 116 -51.83 23.30 22.91
C TRP U 116 -52.00 23.79 24.34
N SER U 117 -52.68 24.91 24.50
CA SER U 117 -52.88 25.52 25.81
C SER U 117 -53.42 24.52 26.82
N GLY U 118 -54.51 23.87 26.47
CA GLY U 118 -55.16 22.91 27.35
C GLY U 118 -55.40 21.54 26.74
N LYS U 119 -56.23 20.75 27.39
CA LYS U 119 -56.53 19.40 26.95
C LYS U 119 -57.88 19.41 26.23
N PRO U 120 -57.95 18.72 25.08
CA PRO U 120 -59.19 18.68 24.29
C PRO U 120 -60.39 18.32 25.14
N PRO U 121 -61.56 18.90 24.82
CA PRO U 121 -62.79 18.73 25.61
C PRO U 121 -63.51 17.42 25.32
N ILE U 122 -64.61 17.22 26.05
CA ILE U 122 -65.43 16.03 25.91
C ILE U 122 -66.80 16.43 25.36
N CYS U 123 -67.47 15.48 24.73
CA CYS U 123 -68.86 15.67 24.35
C CYS U 123 -69.76 14.64 25.05
N GLU U 124 -70.69 15.13 25.87
CA GLU U 124 -71.49 14.28 26.73
C GLU U 124 -72.94 14.11 26.25
N LYS U 125 -73.58 13.02 26.66
CA LYS U 125 -74.81 12.55 26.01
C LYS U 125 -76.08 13.33 26.34
N VAL U 126 -75.97 14.37 27.15
CA VAL U 126 -77.14 15.19 27.53
C VAL U 126 -78.14 14.38 28.36
N CYS V 1 -10.43 -5.74 -12.20
CA CYS V 1 -9.11 -6.12 -12.68
C CYS V 1 -9.23 -7.06 -13.87
N GLU V 2 -8.12 -7.27 -14.57
CA GLU V 2 -8.09 -8.19 -15.70
C GLU V 2 -7.88 -9.63 -15.23
N GLU V 3 -7.53 -10.51 -16.17
CA GLU V 3 -7.24 -11.90 -15.83
C GLU V 3 -6.30 -11.99 -14.63
N PRO V 4 -6.59 -12.90 -13.69
CA PRO V 4 -5.74 -13.09 -12.51
C PRO V 4 -4.37 -13.59 -12.92
N PRO V 5 -3.37 -13.46 -12.04
CA PRO V 5 -2.01 -13.89 -12.38
C PRO V 5 -1.94 -15.39 -12.67
N THR V 6 -0.91 -15.80 -13.39
CA THR V 6 -0.68 -17.22 -13.65
C THR V 6 0.54 -17.69 -12.87
N PHE V 7 0.57 -18.99 -12.55
CA PHE V 7 1.66 -19.54 -11.75
C PHE V 7 2.13 -20.87 -12.31
N GLU V 8 3.32 -21.30 -11.88
CA GLU V 8 3.87 -22.58 -12.32
C GLU V 8 3.26 -23.76 -11.55
N ALA V 9 3.14 -23.60 -10.24
CA ALA V 9 2.69 -24.70 -9.38
C ALA V 9 1.17 -24.85 -9.31
N MET V 10 0.45 -23.74 -9.38
CA MET V 10 -1.01 -23.76 -9.28
C MET V 10 -1.68 -23.09 -10.48
N GLU V 11 -2.98 -23.34 -10.66
CA GLU V 11 -3.75 -22.72 -11.73
C GLU V 11 -5.07 -22.22 -11.21
N LEU V 12 -5.87 -21.61 -12.08
CA LEU V 12 -7.14 -21.04 -11.69
C LEU V 12 -8.25 -22.10 -11.60
N ILE V 13 -9.30 -21.79 -10.85
CA ILE V 13 -10.48 -22.65 -10.80
C ILE V 13 -11.66 -21.93 -11.45
N GLY V 14 -12.15 -22.46 -12.56
CA GLY V 14 -13.29 -21.89 -13.24
C GLY V 14 -12.91 -20.98 -14.41
N LYS V 15 -13.90 -20.60 -15.20
CA LYS V 15 -13.67 -19.79 -16.40
C LYS V 15 -13.04 -18.44 -16.06
N PRO V 16 -11.88 -18.15 -16.68
CA PRO V 16 -11.24 -16.84 -16.51
C PRO V 16 -12.08 -15.74 -17.15
N LYS V 17 -12.52 -14.79 -16.34
CA LYS V 17 -13.36 -13.68 -16.81
C LYS V 17 -12.49 -12.49 -17.21
N PRO V 18 -12.84 -11.83 -18.32
CA PRO V 18 -12.06 -10.69 -18.83
C PRO V 18 -11.99 -9.56 -17.80
N TYR V 19 -13.02 -9.44 -16.97
CA TYR V 19 -13.08 -8.39 -15.96
C TYR V 19 -13.70 -8.88 -14.65
N TYR V 20 -13.05 -8.56 -13.54
CA TYR V 20 -13.55 -8.85 -12.21
C TYR V 20 -13.79 -7.54 -11.45
N GLU V 21 -14.90 -7.46 -10.72
CA GLU V 21 -15.23 -6.25 -9.95
C GLU V 21 -14.47 -6.18 -8.61
N ILE V 22 -14.11 -4.98 -8.20
CA ILE V 22 -13.41 -4.79 -6.94
C ILE V 22 -14.13 -5.47 -5.77
N GLY V 23 -13.36 -6.04 -4.85
CA GLY V 23 -13.89 -6.68 -3.67
C GLY V 23 -14.40 -8.10 -3.88
N GLU V 24 -13.66 -8.88 -4.67
CA GLU V 24 -14.10 -10.22 -5.03
C GLU V 24 -13.02 -11.25 -4.75
N ARG V 25 -13.33 -12.53 -4.94
CA ARG V 25 -12.37 -13.61 -4.71
C ARG V 25 -12.17 -14.52 -5.93
N VAL V 26 -10.92 -14.84 -6.20
CA VAL V 26 -10.57 -15.84 -7.21
C VAL V 26 -9.76 -16.95 -6.54
N ASP V 27 -10.04 -18.20 -6.93
CA ASP V 27 -9.44 -19.36 -6.27
C ASP V 27 -8.50 -20.17 -7.15
N TYR V 28 -7.45 -20.71 -6.52
CA TYR V 28 -6.48 -21.53 -7.22
C TYR V 28 -6.45 -22.97 -6.69
N LYS V 29 -6.07 -23.91 -7.55
CA LYS V 29 -5.80 -25.28 -7.15
C LYS V 29 -4.42 -25.68 -7.65
N CYS V 30 -3.84 -26.70 -7.05
CA CYS V 30 -2.51 -27.15 -7.45
C CYS V 30 -2.54 -27.88 -8.79
N LYS V 31 -1.55 -27.62 -9.63
CA LYS V 31 -1.49 -28.26 -10.94
C LYS V 31 -1.23 -29.74 -10.81
N LYS V 32 -1.57 -30.49 -11.86
CA LYS V 32 -1.23 -31.91 -11.92
C LYS V 32 0.27 -32.04 -11.64
N GLY V 33 0.62 -32.84 -10.64
CA GLY V 33 2.01 -33.03 -10.31
C GLY V 33 2.42 -32.38 -9.00
N TYR V 34 1.69 -31.35 -8.58
CA TYR V 34 1.96 -30.71 -7.31
C TYR V 34 0.86 -31.01 -6.30
N PHE V 35 1.13 -30.75 -5.02
CA PHE V 35 0.12 -30.94 -3.99
C PHE V 35 0.13 -29.84 -2.92
N TYR V 36 -1.02 -29.62 -2.31
CA TYR V 36 -1.21 -28.51 -1.37
C TYR V 36 -0.83 -28.85 0.07
N ILE V 37 -0.14 -27.91 0.71
CA ILE V 37 0.16 -27.99 2.13
C ILE V 37 -0.23 -26.67 2.80
N PRO V 38 -1.00 -26.75 3.89
CA PRO V 38 -1.41 -25.56 4.64
C PRO V 38 -0.22 -24.84 5.29
N PRO V 39 -0.46 -23.62 5.82
CA PRO V 39 -1.74 -22.92 5.72
C PRO V 39 -1.65 -21.70 4.80
N LEU V 40 -0.60 -21.63 3.98
CA LEU V 40 -0.42 -20.53 3.02
C LEU V 40 -1.68 -20.43 2.15
N ALA V 41 -1.94 -19.31 1.50
CA ALA V 41 -3.23 -19.20 0.82
C ALA V 41 -3.24 -19.71 -0.63
N THR V 42 -4.45 -19.88 -1.17
CA THR V 42 -4.62 -20.23 -2.58
C THR V 42 -5.64 -19.30 -3.26
N HIS V 43 -6.03 -18.25 -2.55
CA HIS V 43 -6.98 -17.28 -3.09
C HIS V 43 -6.40 -15.88 -3.18
N THR V 44 -7.23 -14.94 -3.61
CA THR V 44 -6.83 -13.55 -3.72
C THR V 44 -8.02 -12.67 -4.09
N ILE V 45 -8.06 -11.45 -3.54
CA ILE V 45 -9.16 -10.53 -3.75
C ILE V 45 -8.76 -9.33 -4.61
N CYS V 46 -9.69 -8.82 -5.40
CA CYS V 46 -9.50 -7.57 -6.14
C CYS V 46 -9.61 -6.41 -5.16
N ASP V 47 -8.50 -5.73 -4.88
CA ASP V 47 -8.46 -4.69 -3.84
C ASP V 47 -9.18 -3.40 -4.24
N ARG V 48 -9.26 -2.45 -3.30
CA ARG V 48 -9.94 -1.17 -3.53
C ARG V 48 -9.39 -0.48 -4.78
N ASN V 49 -8.15 -0.80 -5.12
CA ASN V 49 -7.56 -0.39 -6.39
C ASN V 49 -8.12 -1.26 -7.52
N HIS V 50 -7.30 -1.58 -8.51
CA HIS V 50 -7.69 -2.52 -9.55
C HIS V 50 -6.53 -3.43 -9.96
N THR V 51 -5.88 -3.98 -8.94
CA THR V 51 -4.83 -4.98 -9.09
C THR V 51 -5.00 -6.03 -8.00
N TRP V 52 -4.71 -7.28 -8.32
CA TRP V 52 -4.93 -8.39 -7.38
C TRP V 52 -4.01 -8.34 -6.16
N LEU V 53 -4.54 -8.74 -5.01
CA LEU V 53 -3.72 -8.87 -3.81
C LEU V 53 -2.50 -9.73 -4.12
N PRO V 54 -1.44 -9.58 -3.32
CA PRO V 54 -0.25 -10.42 -3.53
C PRO V 54 -0.57 -11.87 -3.18
N VAL V 55 -0.08 -12.80 -3.98
CA VAL V 55 -0.29 -14.22 -3.72
C VAL V 55 0.78 -15.06 -4.41
N SER V 56 1.17 -16.16 -3.78
CA SER V 56 2.22 -17.02 -4.33
C SER V 56 1.78 -18.46 -4.46
N ASP V 57 2.56 -19.25 -5.19
CA ASP V 57 2.29 -20.67 -5.32
C ASP V 57 3.21 -21.48 -4.40
N ASP V 58 3.56 -20.91 -3.25
CA ASP V 58 4.38 -21.59 -2.27
C ASP V 58 3.60 -22.72 -1.62
N ALA V 59 2.28 -22.57 -1.61
CA ALA V 59 1.41 -23.57 -0.99
C ALA V 59 1.45 -24.90 -1.74
N CYS V 60 1.89 -24.88 -2.98
CA CYS V 60 1.98 -26.09 -3.79
C CYS V 60 3.41 -26.59 -3.92
N TYR V 61 3.70 -27.73 -3.32
CA TYR V 61 5.02 -28.34 -3.44
C TYR V 61 4.94 -29.45 -4.47
N ARG V 62 6.05 -29.74 -5.14
CA ARG V 62 6.00 -30.79 -6.14
C ARG V 62 6.13 -32.19 -5.52
N GLU V 63 5.37 -33.13 -6.07
CA GLU V 63 5.25 -34.49 -5.55
C GLU V 63 6.59 -35.15 -5.27
N THR V 64 6.60 -36.04 -4.28
CA THR V 64 7.82 -36.73 -3.89
C THR V 64 7.68 -38.25 -4.01
N CYS V 65 8.83 -38.91 -4.01
CA CYS V 65 8.86 -40.37 -4.01
C CYS V 65 9.10 -40.89 -2.60
N PRO V 66 8.69 -42.15 -2.35
CA PRO V 66 8.82 -42.76 -1.02
C PRO V 66 10.28 -42.84 -0.56
N TYR V 67 10.48 -42.72 0.74
CA TYR V 67 11.82 -42.84 1.31
C TYR V 67 12.39 -44.22 1.03
N ILE V 68 13.69 -44.27 0.72
CA ILE V 68 14.37 -45.52 0.42
C ILE V 68 15.51 -45.80 1.40
N ARG V 69 15.36 -46.82 2.24
CA ARG V 69 16.38 -47.16 3.22
C ARG V 69 17.64 -47.65 2.53
N ASP V 70 18.79 -47.31 3.09
CA ASP V 70 20.06 -47.80 2.56
C ASP V 70 19.97 -49.31 2.46
N PRO V 71 20.32 -49.86 1.29
CA PRO V 71 20.31 -51.32 1.18
C PRO V 71 21.14 -51.89 2.31
N LEU V 72 20.81 -53.09 2.78
CA LEU V 72 21.64 -53.70 3.81
C LEU V 72 23.07 -53.81 3.32
N ASN V 73 24.01 -53.39 4.16
CA ASN V 73 25.43 -53.38 3.81
C ASN V 73 25.76 -52.40 2.69
N GLY V 74 24.87 -51.44 2.46
CA GLY V 74 25.04 -50.47 1.40
C GLY V 74 24.65 -49.05 1.79
N GLN V 75 24.31 -48.25 0.78
CA GLN V 75 24.02 -46.84 0.99
C GLN V 75 23.10 -46.29 -0.10
N ALA V 76 22.02 -45.65 0.32
CA ALA V 76 21.12 -44.98 -0.61
C ALA V 76 21.27 -43.47 -0.50
N VAL V 77 22.02 -42.88 -1.43
CA VAL V 77 22.24 -41.44 -1.44
C VAL V 77 21.48 -40.79 -2.60
N PRO V 78 20.63 -39.80 -2.29
CA PRO V 78 19.99 -39.02 -3.37
C PRO V 78 21.06 -38.27 -4.17
N ALA V 79 21.11 -38.52 -5.48
CA ALA V 79 22.20 -38.02 -6.31
C ALA V 79 21.93 -36.60 -6.77
N ASN V 80 20.78 -36.08 -6.36
CA ASN V 80 20.45 -34.69 -6.59
C ASN V 80 19.92 -34.11 -5.29
N GLY V 81 20.46 -34.61 -4.18
CA GLY V 81 20.03 -34.22 -2.86
C GLY V 81 18.56 -33.87 -2.76
N THR V 82 17.69 -34.70 -3.33
CA THR V 82 16.26 -34.45 -3.26
C THR V 82 15.42 -35.67 -3.64
N TYR V 83 14.16 -35.68 -3.18
CA TYR V 83 13.22 -36.74 -3.48
C TYR V 83 12.06 -36.22 -4.31
N GLU V 84 12.30 -35.14 -5.05
CA GLU V 84 11.29 -34.57 -5.93
C GLU V 84 11.29 -35.25 -7.30
N PHE V 85 10.16 -35.25 -7.98
CA PHE V 85 10.07 -35.94 -9.26
C PHE V 85 10.89 -35.26 -10.34
N GLY V 86 11.64 -36.06 -11.10
CA GLY V 86 12.59 -35.52 -12.05
C GLY V 86 14.01 -35.88 -11.66
N TYR V 87 14.22 -36.11 -10.36
CA TYR V 87 15.56 -36.36 -9.85
C TYR V 87 15.78 -37.83 -9.51
N GLN V 88 17.03 -38.23 -9.30
CA GLN V 88 17.33 -39.65 -9.17
C GLN V 88 18.13 -40.04 -7.93
N MET V 89 18.26 -41.34 -7.73
CA MET V 89 18.87 -41.93 -6.55
C MET V 89 20.08 -42.78 -6.90
N HIS V 90 21.14 -42.67 -6.12
CA HIS V 90 22.39 -43.36 -6.38
C HIS V 90 22.60 -44.45 -5.33
N PHE V 91 23.15 -45.59 -5.74
CA PHE V 91 23.38 -46.69 -4.81
C PHE V 91 24.83 -47.12 -4.72
N ILE V 92 25.32 -47.21 -3.49
CA ILE V 92 26.72 -47.51 -3.21
C ILE V 92 26.83 -48.72 -2.29
N CYS V 93 27.76 -49.62 -2.60
CA CYS V 93 27.99 -50.78 -1.75
C CYS V 93 29.29 -50.65 -0.97
N ASN V 94 29.23 -51.01 0.32
CA ASN V 94 30.38 -50.87 1.22
C ASN V 94 31.58 -51.74 0.83
N GLU V 95 32.62 -51.71 1.66
CA GLU V 95 33.82 -52.51 1.37
C GLU V 95 33.53 -54.00 1.53
N GLY V 96 33.99 -54.80 0.59
CA GLY V 96 33.77 -56.23 0.63
C GLY V 96 32.36 -56.59 0.19
N TYR V 97 31.71 -55.68 -0.51
CA TYR V 97 30.36 -55.90 -1.00
C TYR V 97 30.19 -55.37 -2.42
N TYR V 98 29.33 -56.01 -3.19
CA TYR V 98 29.05 -55.55 -4.55
C TYR V 98 27.55 -55.42 -4.80
N LEU V 99 27.20 -54.47 -5.66
CA LEU V 99 25.80 -54.19 -5.96
C LEU V 99 25.29 -55.15 -7.01
N ILE V 100 24.02 -55.54 -6.91
CA ILE V 100 23.36 -56.24 -8.00
C ILE V 100 22.11 -55.49 -8.44
N GLY V 101 22.09 -55.09 -9.72
CA GLY V 101 20.88 -54.56 -10.35
C GLY V 101 20.54 -53.09 -10.23
N GLU V 102 21.10 -52.27 -11.10
CA GLU V 102 20.74 -50.85 -11.20
C GLU V 102 21.28 -49.97 -10.07
N GLU V 103 22.41 -49.32 -10.30
CA GLU V 103 22.97 -48.44 -9.28
C GLU V 103 22.37 -47.04 -9.32
N ILE V 104 21.41 -46.84 -10.22
CA ILE V 104 20.66 -45.59 -10.26
C ILE V 104 19.19 -45.84 -10.53
N LEU V 105 18.33 -45.11 -9.83
CA LEU V 105 16.89 -45.26 -9.99
C LEU V 105 16.26 -43.91 -10.18
N TYR V 106 15.56 -43.72 -11.30
CA TYR V 106 14.91 -42.45 -11.57
C TYR V 106 13.61 -42.35 -10.80
N CYS V 107 13.34 -41.17 -10.25
CA CYS V 107 12.05 -40.89 -9.66
C CYS V 107 11.22 -40.14 -10.69
N GLU V 108 10.35 -40.87 -11.38
CA GLU V 108 9.56 -40.29 -12.46
C GLU V 108 8.14 -40.03 -12.02
N LEU V 109 7.46 -39.13 -12.72
CA LEU V 109 6.05 -38.87 -12.45
C LEU V 109 5.19 -39.73 -13.36
N LYS V 110 4.32 -40.52 -12.75
CA LYS V 110 3.38 -41.35 -13.51
C LYS V 110 1.96 -41.01 -13.09
N GLY V 111 1.28 -40.22 -13.91
CA GLY V 111 -0.06 -39.77 -13.59
C GLY V 111 -0.04 -38.69 -12.52
N SER V 112 -0.63 -38.98 -11.38
CA SER V 112 -0.67 -38.03 -10.27
C SER V 112 0.40 -38.36 -9.23
N VAL V 113 0.93 -39.58 -9.30
CA VAL V 113 1.85 -40.07 -8.28
C VAL V 113 3.26 -40.15 -8.80
N ALA V 114 4.22 -39.93 -7.90
CA ALA V 114 5.64 -40.05 -8.22
C ALA V 114 6.18 -41.35 -7.65
N ILE V 115 6.85 -42.12 -8.49
CA ILE V 115 7.35 -43.43 -8.09
C ILE V 115 8.76 -43.68 -8.61
N TRP V 116 9.39 -44.74 -8.12
CA TRP V 116 10.72 -45.13 -8.57
C TRP V 116 10.69 -46.04 -9.79
N SER V 117 11.68 -45.88 -10.66
CA SER V 117 11.72 -46.63 -11.91
C SER V 117 12.23 -48.06 -11.74
N GLY V 118 12.23 -48.54 -10.51
CA GLY V 118 12.71 -49.89 -10.26
C GLY V 118 12.86 -50.26 -8.79
N LYS V 119 13.21 -51.52 -8.56
CA LYS V 119 13.41 -52.03 -7.22
C LYS V 119 14.82 -51.67 -6.75
N PRO V 120 14.94 -51.16 -5.52
CA PRO V 120 16.25 -50.86 -4.94
C PRO V 120 17.14 -52.09 -5.01
N PRO V 121 18.44 -51.89 -5.32
CA PRO V 121 19.40 -52.98 -5.54
C PRO V 121 19.82 -53.65 -4.25
N ILE V 122 20.55 -54.76 -4.39
CA ILE V 122 21.05 -55.50 -3.25
C ILE V 122 22.56 -55.29 -3.11
N CYS V 123 23.05 -55.40 -1.87
CA CYS V 123 24.50 -55.41 -1.65
C CYS V 123 24.98 -56.79 -1.19
N GLU V 124 25.80 -57.42 -2.04
CA GLU V 124 26.21 -58.81 -1.83
C GLU V 124 27.61 -58.96 -1.22
N LYS V 125 27.82 -60.07 -0.51
CA LYS V 125 28.97 -60.22 0.38
C LYS V 125 30.32 -60.48 -0.28
N VAL V 126 30.36 -60.46 -1.61
CA VAL V 126 31.61 -60.71 -2.34
C VAL V 126 32.11 -62.15 -2.19
N CYS W 1 6.63 -74.08 43.72
CA CYS W 1 7.15 -75.09 42.81
C CYS W 1 7.92 -74.44 41.68
N GLU W 2 8.69 -75.24 40.94
CA GLU W 2 9.46 -74.73 39.82
C GLU W 2 8.60 -74.65 38.57
N GLU W 3 9.24 -74.53 37.41
CA GLU W 3 8.51 -74.49 36.14
C GLU W 3 7.50 -75.63 36.05
N PRO W 4 6.29 -75.32 35.56
CA PRO W 4 5.24 -76.34 35.42
C PRO W 4 5.68 -77.38 34.41
N PRO W 5 5.02 -78.56 34.41
CA PRO W 5 5.40 -79.63 33.49
C PRO W 5 5.20 -79.21 32.03
N THR W 6 5.90 -79.89 31.13
CA THR W 6 5.73 -79.66 29.70
C THR W 6 5.03 -80.84 29.05
N PHE W 7 4.32 -80.60 27.96
CA PHE W 7 3.54 -81.65 27.30
C PHE W 7 3.70 -81.59 25.79
N GLU W 8 3.34 -82.69 25.12
CA GLU W 8 3.42 -82.74 23.66
C GLU W 8 2.23 -82.05 23.00
N ALA W 9 1.03 -82.27 23.53
CA ALA W 9 -0.19 -81.75 22.91
C ALA W 9 -0.52 -80.30 23.30
N MET W 10 -0.20 -79.92 24.52
CA MET W 10 -0.50 -78.57 24.99
C MET W 10 0.75 -77.85 25.51
N GLU W 11 0.63 -76.54 25.68
CA GLU W 11 1.72 -75.73 26.23
C GLU W 11 1.18 -74.75 27.26
N LEU W 12 2.08 -73.97 27.85
CA LEU W 12 1.71 -73.04 28.89
C LEU W 12 1.12 -71.74 28.33
N ILE W 13 0.37 -71.02 29.15
CA ILE W 13 -0.11 -69.69 28.78
C ILE W 13 0.55 -68.63 29.66
N GLY W 14 1.36 -67.78 29.06
CA GLY W 14 2.01 -66.71 29.81
C GLY W 14 3.45 -67.03 30.18
N LYS W 15 4.17 -66.04 30.67
CA LYS W 15 5.59 -66.20 30.99
C LYS W 15 5.81 -67.22 32.09
N PRO W 16 6.64 -68.23 31.81
CA PRO W 16 6.99 -69.23 32.83
C PRO W 16 7.81 -68.59 33.93
N LYS W 17 7.31 -68.63 35.16
CA LYS W 17 8.00 -68.05 36.30
C LYS W 17 8.87 -69.09 36.98
N PRO W 18 10.07 -68.68 37.43
CA PRO W 18 11.02 -69.60 38.08
C PRO W 18 10.43 -70.22 39.34
N TYR W 19 9.54 -69.48 40.00
CA TYR W 19 8.92 -69.98 41.24
C TYR W 19 7.45 -69.57 41.34
N TYR W 20 6.62 -70.56 41.68
CA TYR W 20 5.21 -70.31 41.91
C TYR W 20 4.88 -70.56 43.38
N GLU W 21 4.11 -69.64 43.95
CA GLU W 21 3.65 -69.73 45.32
C GLU W 21 2.90 -71.04 45.51
N ILE W 22 2.26 -71.17 46.67
CA ILE W 22 1.43 -72.32 46.94
C ILE W 22 -0.02 -71.95 46.64
N GLY W 23 -0.76 -72.87 46.03
CA GLY W 23 -2.15 -72.63 45.68
C GLY W 23 -2.31 -71.82 44.41
N GLU W 24 -1.18 -71.42 43.84
CA GLU W 24 -1.12 -70.62 42.62
C GLU W 24 -1.43 -71.51 41.41
N ARG W 25 -2.20 -70.99 40.46
CA ARG W 25 -2.72 -71.81 39.36
C ARG W 25 -2.09 -71.47 38.03
N VAL W 26 -1.93 -72.50 37.19
CA VAL W 26 -1.30 -72.33 35.90
C VAL W 26 -2.18 -72.93 34.81
N ASP W 27 -2.24 -72.26 33.66
CA ASP W 27 -3.15 -72.66 32.59
C ASP W 27 -2.45 -73.11 31.31
N TYR W 28 -3.06 -74.08 30.62
CA TYR W 28 -2.53 -74.60 29.37
C TYR W 28 -3.48 -74.37 28.20
N LYS W 29 -2.91 -74.25 27.00
CA LYS W 29 -3.70 -74.21 25.77
C LYS W 29 -3.14 -75.26 24.82
N CYS W 30 -3.95 -75.67 23.85
CA CYS W 30 -3.52 -76.69 22.91
C CYS W 30 -2.51 -76.13 21.91
N LYS W 31 -1.49 -76.92 21.59
CA LYS W 31 -0.46 -76.50 20.66
C LYS W 31 -1.01 -76.36 19.25
N LYS W 32 -0.31 -75.60 18.41
CA LYS W 32 -0.66 -75.51 17.00
C LYS W 32 -0.73 -76.92 16.46
N GLY W 33 -1.87 -77.28 15.88
CA GLY W 33 -2.05 -78.61 15.33
C GLY W 33 -3.01 -79.47 16.12
N TYR W 34 -3.20 -79.18 17.39
CA TYR W 34 -4.16 -79.91 18.22
C TYR W 34 -5.35 -79.03 18.57
N PHE W 35 -6.43 -79.65 19.02
CA PHE W 35 -7.60 -78.90 19.47
C PHE W 35 -8.24 -79.47 20.73
N TYR W 36 -8.92 -78.61 21.48
CA TYR W 36 -9.47 -78.96 22.79
C TYR W 36 -10.88 -79.56 22.72
N ILE W 37 -11.07 -80.62 23.50
CA ILE W 37 -12.39 -81.22 23.71
C ILE W 37 -12.63 -81.38 25.21
N PRO W 38 -13.79 -80.89 25.68
CA PRO W 38 -14.18 -81.02 27.09
C PRO W 38 -14.37 -82.47 27.52
N PRO W 39 -14.52 -82.70 28.84
CA PRO W 39 -14.39 -81.67 29.86
C PRO W 39 -13.13 -81.89 30.70
N LEU W 40 -12.20 -82.68 30.19
CA LEU W 40 -10.94 -82.95 30.88
C LEU W 40 -10.20 -81.67 31.24
N ALA W 41 -9.20 -81.85 32.08
CA ALA W 41 -8.45 -80.76 32.69
C ALA W 41 -7.31 -80.25 31.82
N THR W 42 -7.15 -78.94 31.81
CA THR W 42 -6.06 -78.27 31.11
C THR W 42 -5.40 -77.26 32.04
N HIS W 43 -5.38 -77.57 33.33
CA HIS W 43 -4.75 -76.71 34.31
C HIS W 43 -4.12 -77.53 35.44
N THR W 44 -3.29 -76.87 36.23
CA THR W 44 -2.74 -77.45 37.44
C THR W 44 -2.50 -76.38 38.48
N ILE W 45 -2.59 -76.76 39.74
CA ILE W 45 -2.34 -75.84 40.84
C ILE W 45 -1.17 -76.36 41.66
N CYS W 46 -0.58 -75.49 42.47
CA CYS W 46 0.51 -75.87 43.33
C CYS W 46 -0.04 -76.31 44.68
N ASP W 47 0.06 -77.60 44.98
CA ASP W 47 -0.57 -78.17 46.18
C ASP W 47 0.11 -77.76 47.48
N ARG W 48 -0.49 -78.16 48.61
CA ARG W 48 0.05 -77.83 49.94
C ARG W 48 1.51 -78.23 50.05
N ASN W 49 1.91 -79.22 49.26
CA ASN W 49 3.32 -79.59 49.12
C ASN W 49 4.02 -78.56 48.25
N HIS W 50 4.97 -79.01 47.42
CA HIS W 50 5.59 -78.14 46.42
C HIS W 50 5.83 -78.87 45.10
N THR W 51 4.80 -79.57 44.65
CA THR W 51 4.78 -80.24 43.35
C THR W 51 3.39 -80.04 42.74
N TRP W 52 3.33 -79.92 41.41
CA TRP W 52 2.07 -79.62 40.74
C TRP W 52 1.07 -80.77 40.80
N LEU W 53 -0.21 -80.44 40.88
CA LEU W 53 -1.26 -81.44 40.80
C LEU W 53 -1.08 -82.27 39.54
N PRO W 54 -1.61 -83.50 39.54
CA PRO W 54 -1.50 -84.33 38.33
C PRO W 54 -2.34 -83.71 37.21
N VAL W 55 -1.82 -83.72 35.99
CA VAL W 55 -2.56 -83.20 34.85
C VAL W 55 -2.03 -83.79 33.56
N SER W 56 -2.92 -83.99 32.59
CA SER W 56 -2.54 -84.61 31.33
C SER W 56 -2.94 -83.77 30.11
N ASP W 57 -2.38 -84.10 28.96
CA ASP W 57 -2.76 -83.43 27.72
C ASP W 57 -3.74 -84.29 26.92
N ASP W 58 -4.59 -85.03 27.63
CA ASP W 58 -5.61 -85.86 26.97
C ASP W 58 -6.69 -84.97 26.37
N ALA W 59 -6.83 -83.78 26.93
CA ALA W 59 -7.86 -82.85 26.50
C ALA W 59 -7.60 -82.34 25.09
N CYS W 60 -6.36 -82.45 24.64
CA CYS W 60 -5.97 -82.01 23.31
C CYS W 60 -5.81 -83.18 22.34
N TYR W 61 -6.71 -83.28 21.36
CA TYR W 61 -6.58 -84.31 20.33
C TYR W 61 -5.96 -83.68 19.09
N ARG W 62 -5.26 -84.48 18.29
CA ARG W 62 -4.52 -83.95 17.14
C ARG W 62 -5.38 -83.75 15.91
N GLU W 63 -4.99 -82.79 15.09
CA GLU W 63 -5.79 -82.36 13.94
C GLU W 63 -6.00 -83.50 12.96
N THR W 64 -7.24 -83.65 12.49
CA THR W 64 -7.56 -84.72 11.56
C THR W 64 -7.59 -84.22 10.12
N CYS W 65 -7.53 -85.16 9.18
CA CYS W 65 -7.64 -84.84 7.76
C CYS W 65 -9.06 -85.11 7.29
N PRO W 66 -9.44 -84.45 6.18
CA PRO W 66 -10.80 -84.57 5.64
C PRO W 66 -11.14 -86.01 5.22
N TYR W 67 -12.41 -86.38 5.36
CA TYR W 67 -12.86 -87.70 4.95
C TYR W 67 -12.62 -87.91 3.47
N ILE W 68 -12.21 -89.11 3.08
CA ILE W 68 -11.95 -89.45 1.69
C ILE W 68 -12.84 -90.59 1.20
N ARG W 69 -13.76 -90.30 0.31
CA ARG W 69 -14.67 -91.32 -0.22
C ARG W 69 -13.91 -92.35 -1.03
N ASP W 70 -14.32 -93.61 -0.94
CA ASP W 70 -13.71 -94.66 -1.74
C ASP W 70 -13.75 -94.22 -3.20
N PRO W 71 -12.59 -94.31 -3.89
CA PRO W 71 -12.60 -93.92 -5.30
C PRO W 71 -13.69 -94.72 -6.00
N LEU W 72 -14.29 -94.17 -7.06
CA LEU W 72 -15.28 -94.94 -7.79
C LEU W 72 -14.67 -96.25 -8.26
N ASN W 73 -15.37 -97.34 -8.03
CA ASN W 73 -14.90 -98.68 -8.39
C ASN W 73 -13.68 -99.10 -7.58
N GLY W 74 -13.45 -98.41 -6.46
CA GLY W 74 -12.31 -98.72 -5.62
C GLY W 74 -12.63 -98.71 -4.13
N GLN W 75 -11.59 -98.48 -3.33
CA GLN W 75 -11.71 -98.54 -1.87
C GLN W 75 -10.68 -97.67 -1.18
N ALA W 76 -11.14 -96.83 -0.27
CA ALA W 76 -10.25 -96.01 0.54
C ALA W 76 -10.22 -96.53 1.97
N VAL W 77 -9.18 -97.28 2.30
CA VAL W 77 -9.03 -97.83 3.65
C VAL W 77 -7.91 -97.13 4.40
N PRO W 78 -8.22 -96.59 5.59
CA PRO W 78 -7.15 -96.04 6.44
C PRO W 78 -6.20 -97.15 6.91
N ALA W 79 -4.90 -96.95 6.76
CA ALA W 79 -3.91 -97.99 7.04
C ALA W 79 -3.25 -97.89 8.43
N ASN W 80 -3.89 -97.15 9.33
CA ASN W 80 -3.42 -97.03 10.72
C ASN W 80 -4.57 -96.86 11.71
N THR W 82 -6.06 -93.26 10.43
CA THR W 82 -6.90 -92.79 11.55
C THR W 82 -7.25 -91.32 11.40
N TYR W 83 -6.84 -90.75 10.27
CA TYR W 83 -7.12 -89.34 9.92
C TYR W 83 -6.31 -88.30 10.70
N GLU W 84 -5.99 -88.62 11.95
CA GLU W 84 -5.05 -87.81 12.71
C GLU W 84 -3.74 -87.72 11.93
N PHE W 85 -3.17 -86.53 11.85
CA PHE W 85 -1.91 -86.39 11.14
C PHE W 85 -0.91 -87.41 11.68
N GLY W 86 0.05 -87.77 10.83
CA GLY W 86 1.06 -88.75 11.16
C GLY W 86 0.77 -90.07 10.47
N TYR W 87 -0.51 -90.38 10.28
CA TYR W 87 -0.92 -91.67 9.74
C TYR W 87 -1.34 -91.56 8.28
N GLN W 88 -1.47 -92.70 7.60
CA GLN W 88 -1.68 -92.68 6.15
C GLN W 88 -2.88 -93.49 5.66
N MET W 89 -3.16 -93.33 4.37
CA MET W 89 -4.33 -93.92 3.72
C MET W 89 -3.91 -94.84 2.59
N HIS W 90 -4.59 -95.99 2.49
CA HIS W 90 -4.27 -97.00 1.49
C HIS W 90 -5.39 -97.07 0.45
N PHE W 91 -5.02 -97.27 -0.82
CA PHE W 91 -6.01 -97.33 -1.88
C PHE W 91 -6.00 -98.64 -2.65
N ILE W 92 -7.19 -99.23 -2.81
CA ILE W 92 -7.33 -100.53 -3.42
C ILE W 92 -8.33 -100.46 -4.57
N CYS W 93 -8.01 -101.11 -5.67
CA CYS W 93 -8.92 -101.17 -6.81
C CYS W 93 -9.60 -102.54 -6.95
N ASN W 94 -10.90 -102.53 -7.23
CA ASN W 94 -11.69 -103.76 -7.32
C ASN W 94 -11.26 -104.67 -8.48
N GLU W 95 -11.96 -105.78 -8.65
CA GLU W 95 -11.64 -106.72 -9.72
C GLU W 95 -11.94 -106.11 -11.07
N GLY W 96 -11.02 -106.26 -12.00
CA GLY W 96 -11.20 -105.72 -13.33
C GLY W 96 -10.94 -104.22 -13.38
N TYR W 97 -10.22 -103.74 -12.36
CA TYR W 97 -9.88 -102.31 -12.28
C TYR W 97 -8.45 -102.13 -11.80
N TYR W 98 -7.81 -101.06 -12.27
CA TYR W 98 -6.45 -100.76 -11.83
C TYR W 98 -6.34 -99.32 -11.36
N LEU W 99 -5.45 -99.10 -10.40
CA LEU W 99 -5.25 -97.79 -9.80
C LEU W 99 -4.32 -96.96 -10.66
N ILE W 100 -4.56 -95.66 -10.74
CA ILE W 100 -3.60 -94.73 -11.33
C ILE W 100 -3.21 -93.66 -10.30
N GLY W 101 -1.92 -93.59 -9.97
CA GLY W 101 -1.35 -92.48 -9.22
C GLY W 101 -1.40 -92.51 -7.69
N GLU W 102 -0.40 -93.15 -7.09
CA GLU W 102 -0.23 -93.11 -5.63
C GLU W 102 -1.23 -93.96 -4.86
N GLU W 103 -0.84 -95.18 -4.50
CA GLU W 103 -1.75 -96.04 -3.74
C GLU W 103 -1.65 -95.78 -2.25
N ILE W 104 -0.82 -94.82 -1.87
CA ILE W 104 -0.76 -94.37 -0.48
C ILE W 104 -0.65 -92.86 -0.38
N LEU W 105 -1.37 -92.29 0.58
CA LEU W 105 -1.36 -90.85 0.77
C LEU W 105 -1.12 -90.54 2.24
N TYR W 106 -0.04 -89.81 2.53
CA TYR W 106 0.24 -89.43 3.90
C TYR W 106 -0.64 -88.28 4.34
N CYS W 107 -1.10 -88.36 5.58
CA CYS W 107 -1.78 -87.22 6.20
C CYS W 107 -0.77 -86.49 7.06
N GLU W 108 -0.23 -85.40 6.52
CA GLU W 108 0.81 -84.65 7.22
C GLU W 108 0.26 -83.37 7.84
N LEU W 109 0.98 -82.86 8.84
CA LEU W 109 0.60 -81.60 9.44
C LEU W 109 1.36 -80.47 8.76
N LYS W 110 0.62 -79.51 8.22
CA LYS W 110 1.22 -78.32 7.63
C LYS W 110 0.71 -77.07 8.32
N GLY W 111 1.52 -76.49 9.18
CA GLY W 111 1.10 -75.34 9.96
C GLY W 111 0.13 -75.73 11.06
N SER W 112 -1.09 -75.20 10.98
CA SER W 112 -2.12 -75.51 11.96
C SER W 112 -3.08 -76.56 11.44
N VAL W 113 -3.04 -76.79 10.13
CA VAL W 113 -4.00 -77.68 9.48
C VAL W 113 -3.37 -78.99 9.06
N ALA W 114 -4.16 -80.06 9.11
CA ALA W 114 -3.73 -81.36 8.64
C ALA W 114 -4.36 -81.64 7.28
N ILE W 115 -3.52 -82.03 6.31
CA ILE W 115 -3.97 -82.24 4.94
C ILE W 115 -3.35 -83.49 4.33
N TRP W 116 -3.86 -83.90 3.17
CA TRP W 116 -3.33 -85.06 2.46
C TRP W 116 -2.19 -84.69 1.51
N SER W 117 -1.22 -85.58 1.39
CA SER W 117 -0.03 -85.32 0.59
C SER W 117 -0.29 -85.51 -0.90
N GLY W 118 -1.55 -85.53 -1.30
CA GLY W 118 -1.85 -85.71 -2.71
C GLY W 118 -3.31 -85.93 -3.03
N LYS W 119 -3.61 -85.98 -4.31
CA LYS W 119 -4.97 -86.18 -4.78
C LYS W 119 -5.28 -87.67 -4.78
N PRO W 120 -6.44 -88.04 -4.23
CA PRO W 120 -6.86 -89.45 -4.22
C PRO W 120 -6.79 -90.02 -5.63
N PRO W 121 -6.38 -91.29 -5.76
CA PRO W 121 -6.16 -91.95 -7.05
C PRO W 121 -7.45 -92.33 -7.76
N ILE W 122 -7.33 -92.76 -9.00
CA ILE W 122 -8.48 -93.19 -9.79
C ILE W 122 -8.46 -94.70 -9.93
N CYS W 123 -9.64 -95.30 -10.09
CA CYS W 123 -9.74 -96.71 -10.42
C CYS W 123 -10.25 -96.91 -11.86
N GLU W 124 -9.38 -97.45 -12.72
CA GLU W 124 -9.67 -97.54 -14.15
C GLU W 124 -10.15 -98.92 -14.60
N LYS W 125 -10.92 -98.95 -15.68
CA LYS W 125 -11.71 -100.12 -16.05
C LYS W 125 -10.94 -101.30 -16.69
N VAL W 126 -9.62 -101.19 -16.77
CA VAL W 126 -8.80 -102.26 -17.35
C VAL W 126 -9.03 -102.44 -18.85
N CYS X 1 -61.78 -79.66 -17.74
CA CYS X 1 -61.03 -79.88 -18.97
C CYS X 1 -59.82 -80.77 -18.71
N GLU X 2 -59.23 -81.28 -19.78
CA GLU X 2 -58.04 -82.11 -19.66
C GLU X 2 -56.79 -81.25 -19.54
N GLU X 3 -55.62 -81.86 -19.75
CA GLU X 3 -54.36 -81.13 -19.71
C GLU X 3 -54.44 -79.87 -20.56
N PRO X 4 -53.89 -78.76 -20.03
CA PRO X 4 -53.89 -77.48 -20.75
C PRO X 4 -53.04 -77.61 -22.02
N PRO X 5 -53.24 -76.69 -22.97
CA PRO X 5 -52.48 -76.74 -24.23
C PRO X 5 -50.99 -76.62 -23.99
N THR X 6 -50.18 -77.07 -24.95
CA THR X 6 -48.73 -76.93 -24.88
C THR X 6 -48.27 -75.93 -25.92
N PHE X 7 -47.14 -75.27 -25.66
CA PHE X 7 -46.64 -74.24 -26.56
C PHE X 7 -45.15 -74.36 -26.78
N GLU X 8 -44.64 -73.71 -27.83
CA GLU X 8 -43.21 -73.72 -28.11
C GLU X 8 -42.45 -72.74 -27.23
N ALA X 9 -42.98 -71.53 -27.08
CA ALA X 9 -42.29 -70.46 -26.37
C ALA X 9 -42.46 -70.52 -24.84
N MET X 10 -43.62 -70.96 -24.38
CA MET X 10 -43.89 -71.01 -22.95
C MET X 10 -44.30 -72.41 -22.50
N GLU X 11 -44.25 -72.66 -21.20
CA GLU X 11 -44.69 -73.93 -20.62
C GLU X 11 -45.57 -73.70 -19.40
N LEU X 12 -46.03 -74.79 -18.81
CA LEU X 12 -46.92 -74.71 -17.66
C LEU X 12 -46.16 -74.45 -16.35
N ILE X 13 -46.87 -73.92 -15.35
CA ILE X 13 -46.31 -73.79 -14.01
C ILE X 13 -47.03 -74.71 -13.03
N GLY X 14 -46.31 -75.70 -12.52
CA GLY X 14 -46.88 -76.63 -11.56
C GLY X 14 -47.32 -77.94 -12.18
N LYS X 15 -47.65 -78.92 -11.34
CA LYS X 15 -48.01 -80.25 -11.80
C LYS X 15 -49.25 -80.22 -12.68
N PRO X 16 -49.14 -80.76 -13.90
CA PRO X 16 -50.29 -80.87 -14.80
C PRO X 16 -51.29 -81.87 -14.23
N LYS X 17 -52.51 -81.42 -13.98
CA LYS X 17 -53.56 -82.27 -13.42
C LYS X 17 -54.41 -82.87 -14.53
N PRO X 18 -54.79 -84.14 -14.39
CA PRO X 18 -55.57 -84.85 -15.41
C PRO X 18 -56.90 -84.17 -15.67
N TYR X 19 -57.45 -83.52 -14.65
CA TYR X 19 -58.73 -82.83 -14.77
C TYR X 19 -58.77 -81.51 -14.00
N TYR X 20 -59.27 -80.48 -14.67
CA TYR X 20 -59.46 -79.17 -14.05
C TYR X 20 -60.94 -78.82 -14.06
N GLU X 21 -61.40 -78.15 -13.02
CA GLU X 21 -62.81 -77.76 -12.92
C GLU X 21 -63.09 -76.43 -13.61
N ILE X 22 -64.36 -76.07 -13.70
CA ILE X 22 -64.79 -74.82 -14.33
C ILE X 22 -64.34 -73.59 -13.55
N GLY X 23 -63.74 -72.63 -14.26
CA GLY X 23 -63.33 -71.37 -13.65
C GLY X 23 -61.91 -71.41 -13.13
N GLU X 24 -61.35 -72.61 -13.04
CA GLU X 24 -60.00 -72.81 -12.57
C GLU X 24 -59.01 -72.16 -13.53
N ARG X 25 -57.98 -71.52 -13.00
CA ARG X 25 -57.00 -70.82 -13.83
C ARG X 25 -55.66 -71.52 -13.84
N VAL X 26 -55.06 -71.57 -15.02
CA VAL X 26 -53.76 -72.19 -15.22
C VAL X 26 -52.74 -71.15 -15.73
N ASP X 27 -51.51 -71.22 -15.22
CA ASP X 27 -50.50 -70.21 -15.51
C ASP X 27 -49.30 -70.74 -16.30
N TYR X 28 -48.77 -69.89 -17.19
CA TYR X 28 -47.62 -70.24 -18.00
C TYR X 28 -46.41 -69.35 -17.69
N LYS X 29 -45.22 -69.89 -17.91
CA LYS X 29 -44.00 -69.10 -17.85
C LYS X 29 -43.22 -69.32 -19.13
N CYS X 30 -42.31 -68.40 -19.46
CA CYS X 30 -41.53 -68.52 -20.68
C CYS X 30 -40.46 -69.59 -20.55
N LYS X 31 -40.27 -70.36 -21.63
CA LYS X 31 -39.29 -71.45 -21.61
C LYS X 31 -37.88 -70.89 -21.54
N LYS X 32 -36.95 -71.73 -21.10
CA LYS X 32 -35.53 -71.37 -21.14
C LYS X 32 -35.20 -70.91 -22.55
N GLY X 33 -34.67 -69.71 -22.68
CA GLY X 33 -34.32 -69.18 -23.99
C GLY X 33 -35.22 -68.06 -24.46
N TYR X 34 -36.45 -68.02 -23.94
CA TYR X 34 -37.37 -66.93 -24.27
C TYR X 34 -37.58 -66.01 -23.08
N PHE X 35 -38.13 -64.82 -23.33
CA PHE X 35 -38.44 -63.89 -22.25
C PHE X 35 -39.77 -63.16 -22.46
N TYR X 36 -40.38 -62.75 -21.35
CA TYR X 36 -41.73 -62.19 -21.35
C TYR X 36 -41.76 -60.69 -21.58
N ILE X 37 -42.69 -60.25 -22.44
CA ILE X 37 -42.97 -58.83 -22.64
C ILE X 37 -44.48 -58.60 -22.50
N PRO X 38 -44.86 -57.62 -21.68
CA PRO X 38 -46.28 -57.27 -21.49
C PRO X 38 -46.90 -56.72 -22.77
N PRO X 39 -48.24 -56.55 -22.76
CA PRO X 39 -49.11 -56.98 -21.67
C PRO X 39 -49.98 -58.17 -22.07
N LEU X 40 -49.60 -58.86 -23.13
CA LEU X 40 -50.33 -60.03 -23.60
C LEU X 40 -50.46 -61.07 -22.49
N ALA X 41 -51.31 -62.06 -22.73
CA ALA X 41 -51.68 -63.03 -21.70
C ALA X 41 -50.73 -64.23 -21.58
N THR X 42 -50.56 -64.70 -20.36
CA THR X 42 -49.77 -65.90 -20.08
C THR X 42 -50.55 -66.85 -19.16
N HIS X 43 -51.87 -66.91 -19.36
CA HIS X 43 -52.74 -67.79 -18.58
C HIS X 43 -54.00 -68.14 -19.34
N THR X 44 -54.70 -69.16 -18.86
CA THR X 44 -56.01 -69.49 -19.40
C THR X 44 -56.95 -70.02 -18.32
N ILE X 45 -58.24 -69.96 -18.58
CA ILE X 45 -59.25 -70.34 -17.60
C ILE X 45 -60.25 -71.30 -18.23
N CYS X 46 -60.68 -72.30 -17.47
CA CYS X 46 -61.63 -73.29 -17.96
C CYS X 46 -63.02 -72.67 -18.04
N ASP X 47 -63.52 -72.46 -19.26
CA ASP X 47 -64.79 -71.74 -19.47
C ASP X 47 -66.02 -72.55 -19.07
N ARG X 48 -67.19 -71.91 -19.13
CA ARG X 48 -68.45 -72.56 -18.76
C ARG X 48 -68.64 -73.87 -19.50
N ASN X 49 -67.99 -73.99 -20.66
CA ASN X 49 -67.91 -75.25 -21.39
C ASN X 49 -66.89 -76.16 -20.72
N HIS X 50 -66.16 -76.94 -21.51
CA HIS X 50 -65.05 -77.71 -20.97
C HIS X 50 -63.86 -77.72 -21.93
N THR X 51 -63.51 -76.52 -22.39
CA THR X 51 -62.33 -76.29 -23.21
C THR X 51 -61.69 -74.98 -22.77
N TRP X 52 -60.36 -74.92 -22.80
CA TRP X 52 -59.63 -73.76 -22.30
C TRP X 52 -59.86 -72.51 -23.14
N LEU X 53 -59.88 -71.35 -22.49
CA LEU X 53 -59.96 -70.09 -23.20
C LEU X 53 -58.83 -70.02 -24.23
N PRO X 54 -59.00 -69.18 -25.26
CA PRO X 54 -57.93 -69.02 -26.24
C PRO X 54 -56.73 -68.33 -25.62
N VAL X 55 -55.53 -68.81 -25.93
CA VAL X 55 -54.31 -68.19 -25.41
C VAL X 55 -53.12 -68.50 -26.31
N SER X 56 -52.19 -67.57 -26.42
CA SER X 56 -51.03 -67.76 -27.29
C SER X 56 -49.71 -67.53 -26.56
N ASP X 57 -48.62 -67.94 -27.19
CA ASP X 57 -47.31 -67.70 -26.62
C ASP X 57 -46.63 -66.51 -27.30
N ASP X 58 -47.42 -65.53 -27.70
CA ASP X 58 -46.90 -64.31 -28.33
C ASP X 58 -46.18 -63.47 -27.30
N ALA X 59 -46.56 -63.66 -26.03
CA ALA X 59 -45.98 -62.88 -24.95
C ALA X 59 -44.52 -63.23 -24.73
N CYS X 60 -44.11 -64.39 -25.23
CA CYS X 60 -42.72 -64.81 -25.09
C CYS X 60 -41.94 -64.64 -26.39
N TYR X 61 -40.98 -63.71 -26.38
CA TYR X 61 -40.12 -63.52 -27.54
C TYR X 61 -38.79 -64.20 -27.31
N ARG X 62 -38.09 -64.45 -28.40
CA ARG X 62 -36.76 -65.05 -28.34
C ARG X 62 -35.79 -64.07 -27.72
N GLU X 63 -34.82 -64.58 -26.98
CA GLU X 63 -33.75 -63.76 -26.44
C GLU X 63 -32.99 -63.12 -27.59
N THR X 64 -32.61 -61.86 -27.42
CA THR X 64 -31.91 -61.13 -28.48
C THR X 64 -30.43 -60.98 -28.17
N CYS X 65 -29.66 -60.65 -29.21
CA CYS X 65 -28.24 -60.37 -29.05
C CYS X 65 -28.01 -58.87 -28.99
N PRO X 66 -26.88 -58.46 -28.41
CA PRO X 66 -26.55 -57.04 -28.26
C PRO X 66 -26.41 -56.31 -29.59
N TYR X 67 -26.78 -55.04 -29.61
CA TYR X 67 -26.66 -54.23 -30.82
C TYR X 67 -25.19 -54.16 -31.24
N ILE X 68 -24.96 -54.20 -32.55
CA ILE X 68 -23.62 -54.15 -33.11
C ILE X 68 -23.46 -52.96 -34.04
N ARG X 69 -22.66 -51.98 -33.64
CA ARG X 69 -22.44 -50.79 -34.46
C ARG X 69 -21.70 -51.15 -35.74
N ASP X 70 -22.04 -50.48 -36.83
CA ASP X 70 -21.32 -50.68 -38.09
C ASP X 70 -19.83 -50.50 -37.84
N PRO X 71 -19.02 -51.45 -38.29
CA PRO X 71 -17.57 -51.29 -38.10
C PRO X 71 -17.16 -49.95 -38.67
N LEU X 72 -16.12 -49.33 -38.13
CA LEU X 72 -15.68 -48.08 -38.69
C LEU X 72 -15.34 -48.28 -40.16
N ASN X 73 -15.84 -47.38 -41.01
CA ASN X 73 -15.63 -47.47 -42.44
C ASN X 73 -16.31 -48.68 -43.06
N GLY X 74 -17.27 -49.23 -42.33
CA GLY X 74 -17.99 -50.41 -42.79
C GLY X 74 -19.48 -50.38 -42.53
N GLN X 75 -20.08 -51.56 -42.46
CA GLN X 75 -21.54 -51.69 -42.34
C GLN X 75 -21.95 -53.00 -41.69
N ALA X 76 -22.76 -52.90 -40.64
CA ALA X 76 -23.29 -54.07 -39.98
C ALA X 76 -24.76 -54.23 -40.32
N VAL X 77 -25.07 -55.12 -41.26
CA VAL X 77 -26.45 -55.37 -41.66
C VAL X 77 -26.93 -56.74 -41.19
N PRO X 78 -28.04 -56.76 -40.44
CA PRO X 78 -28.64 -58.04 -40.06
C PRO X 78 -29.14 -58.81 -41.29
N ALA X 79 -28.84 -60.10 -41.33
CA ALA X 79 -29.06 -60.92 -42.52
C ALA X 79 -30.33 -61.76 -42.47
N ASN X 80 -31.05 -61.68 -41.37
CA ASN X 80 -32.34 -62.35 -41.27
C ASN X 80 -33.43 -61.42 -40.72
N GLY X 81 -33.12 -60.13 -40.68
CA GLY X 81 -34.05 -59.11 -40.23
C GLY X 81 -34.31 -59.13 -38.73
N THR X 82 -33.33 -59.62 -37.97
CA THR X 82 -33.50 -59.77 -36.52
C THR X 82 -32.19 -60.11 -35.76
N TYR X 83 -32.16 -59.67 -34.50
CA TYR X 83 -31.06 -59.96 -33.56
C TYR X 83 -31.42 -61.12 -32.64
N GLU X 84 -32.56 -61.76 -32.91
CA GLU X 84 -33.01 -62.91 -32.15
C GLU X 84 -32.09 -64.10 -32.38
N PHE X 85 -31.95 -64.95 -31.36
CA PHE X 85 -31.11 -66.14 -31.52
C PHE X 85 -31.61 -67.02 -32.67
N GLY X 86 -30.66 -67.58 -33.40
CA GLY X 86 -30.96 -68.40 -34.56
C GLY X 86 -30.54 -67.71 -35.85
N TYR X 87 -30.54 -66.39 -35.83
CA TYR X 87 -30.29 -65.59 -37.04
C TYR X 87 -28.92 -64.95 -37.00
N GLN X 88 -28.45 -64.46 -38.15
CA GLN X 88 -27.07 -64.02 -38.25
C GLN X 88 -26.87 -62.61 -38.79
N MET X 89 -25.62 -62.15 -38.72
CA MET X 89 -25.25 -60.79 -39.07
C MET X 89 -24.22 -60.78 -40.20
N HIS X 90 -24.40 -59.86 -41.14
CA HIS X 90 -23.54 -59.76 -42.31
C HIS X 90 -22.69 -58.48 -42.23
N PHE X 91 -21.44 -58.57 -42.67
CA PHE X 91 -20.54 -57.42 -42.60
C PHE X 91 -19.99 -56.99 -43.96
N ILE X 92 -20.11 -55.70 -44.24
CA ILE X 92 -19.73 -55.14 -45.53
C ILE X 92 -18.75 -54.01 -45.35
N CYS X 93 -17.72 -53.97 -46.19
CA CYS X 93 -16.75 -52.89 -46.14
C CYS X 93 -16.92 -51.93 -47.31
N ASN X 94 -16.82 -50.62 -47.02
CA ASN X 94 -17.03 -49.57 -48.00
C ASN X 94 -15.99 -49.57 -49.13
N GLU X 95 -16.10 -48.62 -50.04
CA GLU X 95 -15.15 -48.54 -51.16
C GLU X 95 -13.77 -48.15 -50.64
N GLY X 96 -12.75 -48.84 -51.15
CA GLY X 96 -11.38 -48.58 -50.75
C GLY X 96 -11.08 -49.16 -49.38
N TYR X 97 -11.89 -50.13 -48.96
CA TYR X 97 -11.69 -50.78 -47.68
C TYR X 97 -11.94 -52.28 -47.79
N TYR X 98 -11.23 -53.06 -46.98
CA TYR X 98 -11.42 -54.51 -46.97
C TYR X 98 -11.64 -55.03 -45.55
N LEU X 99 -12.41 -56.10 -45.46
CA LEU X 99 -12.75 -56.69 -44.18
C LEU X 99 -11.64 -57.61 -43.72
N ILE X 100 -11.41 -57.66 -42.41
CA ILE X 100 -10.57 -58.70 -41.82
C ILE X 100 -11.34 -59.49 -40.76
N GLY X 101 -11.48 -60.78 -40.98
CA GLY X 101 -11.97 -61.70 -39.96
C GLY X 101 -13.47 -61.93 -39.80
N GLU X 102 -14.02 -62.83 -40.59
CA GLU X 102 -15.41 -63.27 -40.42
C GLU X 102 -16.44 -62.24 -40.90
N GLU X 103 -16.91 -62.40 -42.13
CA GLU X 103 -17.92 -61.47 -42.64
C GLU X 103 -19.34 -61.88 -42.23
N ILE X 104 -19.44 -62.97 -41.47
CA ILE X 104 -20.72 -63.37 -40.90
C ILE X 104 -20.56 -63.85 -39.46
N LEU X 105 -21.50 -63.44 -38.61
CA LEU X 105 -21.47 -63.82 -37.21
C LEU X 105 -22.82 -64.37 -36.80
N TYR X 106 -22.84 -65.61 -36.33
CA TYR X 106 -24.08 -66.21 -35.89
C TYR X 106 -24.44 -65.71 -34.50
N CYS X 107 -25.73 -65.45 -34.31
CA CYS X 107 -26.26 -65.17 -32.99
C CYS X 107 -26.85 -66.47 -32.45
N GLU X 108 -26.10 -67.14 -31.58
CA GLU X 108 -26.52 -68.43 -31.05
C GLU X 108 -26.98 -68.30 -29.61
N LEU X 109 -27.78 -69.27 -29.18
CA LEU X 109 -28.22 -69.31 -27.80
C LEU X 109 -27.28 -70.17 -26.99
N LYS X 110 -26.71 -69.59 -25.93
CA LYS X 110 -25.86 -70.33 -25.02
C LYS X 110 -26.41 -70.23 -23.60
N GLY X 111 -27.06 -71.30 -23.15
CA GLY X 111 -27.69 -71.32 -21.84
C GLY X 111 -28.95 -70.49 -21.84
N SER X 112 -28.96 -69.43 -21.03
CA SER X 112 -30.11 -68.53 -20.95
C SER X 112 -29.90 -67.27 -21.79
N VAL X 113 -28.65 -67.02 -22.17
CA VAL X 113 -28.30 -65.79 -22.86
C VAL X 113 -27.99 -66.02 -24.32
N ALA X 114 -28.31 -65.03 -25.15
CA ALA X 114 -27.99 -65.07 -26.58
C ALA X 114 -26.80 -64.17 -26.87
N ILE X 115 -25.81 -64.73 -27.55
CA ILE X 115 -24.57 -64.00 -27.81
C ILE X 115 -24.09 -64.22 -29.24
N TRP X 116 -23.09 -63.43 -29.63
CA TRP X 116 -22.49 -63.54 -30.97
C TRP X 116 -21.35 -64.56 -31.01
N SER X 117 -21.23 -65.26 -32.13
CA SER X 117 -20.24 -66.32 -32.26
C SER X 117 -18.85 -65.79 -32.55
N GLY X 118 -18.63 -64.51 -32.30
CA GLY X 118 -17.33 -63.91 -32.57
C GLY X 118 -17.26 -62.40 -32.46
N LYS X 119 -16.05 -61.89 -32.60
CA LYS X 119 -15.80 -60.47 -32.50
C LYS X 119 -16.10 -59.83 -33.85
N PRO X 120 -16.84 -58.70 -33.85
CA PRO X 120 -17.13 -57.98 -35.08
C PRO X 120 -15.84 -57.66 -35.83
N PRO X 121 -15.85 -57.77 -37.16
CA PRO X 121 -14.66 -57.61 -38.00
C PRO X 121 -14.22 -56.18 -38.12
N ILE X 122 -13.04 -55.97 -38.72
CA ILE X 122 -12.50 -54.64 -38.96
C ILE X 122 -12.61 -54.29 -40.43
N CYS X 123 -12.71 -53.00 -40.72
CA CYS X 123 -12.60 -52.52 -42.10
C CYS X 123 -11.31 -51.73 -42.33
N GLU X 124 -10.44 -52.28 -43.17
CA GLU X 124 -9.09 -51.74 -43.36
C GLU X 124 -8.93 -50.89 -44.62
N LYS X 125 -7.99 -49.96 -44.58
CA LYS X 125 -7.93 -48.86 -45.54
C LYS X 125 -7.40 -49.21 -46.94
N VAL X 126 -7.13 -50.50 -47.18
CA VAL X 126 -6.62 -50.95 -48.48
C VAL X 126 -5.19 -50.43 -48.78
C1 NAG Y . 52.10 35.91 -40.87
C2 NAG Y . 53.37 36.24 -40.09
C3 NAG Y . 53.06 37.38 -39.13
C4 NAG Y . 52.56 38.57 -39.92
C5 NAG Y . 51.41 38.17 -40.84
C6 NAG Y . 50.94 39.34 -41.69
C7 NAG Y . 55.17 34.74 -39.43
C8 NAG Y . 55.57 33.58 -38.58
N2 NAG Y . 53.89 35.12 -39.33
O3 NAG Y . 54.18 37.72 -38.35
O4 NAG Y . 52.15 39.58 -39.03
O5 NAG Y . 51.71 37.04 -41.64
O6 NAG Y . 50.09 40.17 -40.92
O7 NAG Y . 55.98 35.29 -40.18
C1 NAG Z . -12.93 23.14 0.48
C2 NAG Z . -12.95 22.08 1.55
C3 NAG Z . -12.37 20.81 0.93
C4 NAG Z . -13.18 20.47 -0.32
C5 NAG Z . -13.37 21.64 -1.27
C6 NAG Z . -14.39 21.27 -2.34
C7 NAG Z . -12.76 22.47 3.96
C8 NAG Z . -11.84 22.87 5.08
N2 NAG Z . -12.20 22.43 2.75
O3 NAG Z . -12.39 19.74 1.84
O4 NAG Z . -12.54 19.41 -0.99
O5 NAG Z . -13.80 22.80 -0.59
O6 NAG Z . -14.15 21.96 -3.55
O7 NAG Z . -13.95 22.23 4.19
C1 NAG AA . -60.15 -23.57 51.43
C2 NAG AA . -61.52 -23.65 50.75
C3 NAG AA . -62.46 -22.70 51.51
C4 NAG AA . -62.43 -23.03 53.00
C5 NAG AA . -61.01 -23.14 53.54
C6 NAG AA . -61.00 -23.56 55.01
C7 NAG AA . -62.08 -24.07 48.44
C8 NAG AA . -62.01 -23.62 47.01
N2 NAG AA . -61.50 -23.29 49.35
O3 NAG AA . -63.78 -22.82 51.01
O4 NAG AA . -63.12 -22.02 53.69
O5 NAG AA . -60.23 -24.04 52.76
O6 NAG AA . -60.40 -22.53 55.77
O7 NAG AA . -62.66 -25.12 48.74
C1 NAG BA . 20.90 -35.93 -10.87
C2 NAG BA . 20.95 -35.00 -12.07
C3 NAG BA . 21.68 -35.72 -13.19
C4 NAG BA . 23.07 -36.11 -12.70
C5 NAG BA . 22.99 -36.87 -11.37
C6 NAG BA . 24.38 -37.21 -10.83
C7 NAG BA . 19.35 -33.29 -12.64
C8 NAG BA . 17.97 -32.97 -13.14
N2 NAG BA . 19.65 -34.59 -12.52
O3 NAG BA . 21.75 -34.94 -14.35
O4 NAG BA . 23.67 -36.92 -13.70
O5 NAG BA . 22.22 -36.18 -10.40
O6 NAG BA . 24.76 -38.52 -11.23
O7 NAG BA . 20.15 -32.39 -12.36
#